data_7ZFA
#
_entry.id   7ZFA
#
_cell.length_a   82.816
_cell.length_b   114.783
_cell.length_c   144.549
_cell.angle_alpha   82.007
_cell.angle_beta   80.620
_cell.angle_gamma   86.166
#
_symmetry.space_group_name_H-M   'P 1'
#
loop_
_entity.id
_entity.type
_entity.pdbx_description
1 polymer 'Spike protein S1'
2 polymer 'Omi-6 heavy chain'
3 polymer 'Omi-6 light chain'
4 polymer 'COVOX-150 heavy chain'
5 polymer 'COVOX-150 light chain'
#
loop_
_entity_poly.entity_id
_entity_poly.type
_entity_poly.pdbx_seq_one_letter_code
_entity_poly.pdbx_strand_id
1 'polypeptide(L)'
;HHHHHHTNLCPFDEVFNATRFASVYAWNRKRISNCVADYSVLYNLAPFFTFKCYGVSPTKLNDLCFTNVYADSFVIRGDE
VRQIAPGQTGNIADYNYKLPDDFTGCVIAWNSNKLDSKVSGNYNYLYRLFRKSNLKPFERDISTEIYQAGNKPCNGVAGF
NCYFPLRSYSFRPTYGVGHQPYRVVVLSFELLHAPATVCGKK
;
D,B,C,A
2 'polypeptide(L)'
;EVQLLESGPGLVKPSETLSLTCTVSGGSISRYSWSWIRQPAGRGLEWIGRMYSSGGTNYNPSLESRVTMSLDTSKKQFSL
KLSSVTAADTAVYYCAAASIDQVWGTYRDAFDIWGQGTMVTVSSASTKGPSVFPLAPSSKSTSGGTAALGCLVKDYFPEP
VTVSWNSGALTSGVHTFPAVLQSSGLYSLSSVVTVPSSSLGTQTYICNVNHKPSNTKVDKRVEPKSCDK
;
E,M,J,H
3 'polypeptide(L)'
;AIRMTQSPSSLAASVGDRVTISCRAGQSISSFLHWYQQKVGKAPKLLIYDASSLQSGVPSRFSGSGSGTDFTLTISSLQP
EDFAAYYCQQSYENPLTFGGGTKVDIKRTVAAPSVFIFPPSDEQLKSGTASVVCLLNNFYPREAKVQWKVDNALQSGNSQ
ESVTEQDSKDSTYSLSSTLTLSKADYEKHKVYACEVTHQGLSSPVTKSFNRGEC
;
F,K,N,L
4 'polypeptide(L)'
;QVQLVESGGGLIQPGGSLRLSCAASGVTVSSNYMSWVRQAPGKGLEWVSIIYSGGTTYYADSVKGRFTISRDSSMNTLYL
QMNSLRAEDTAVYYCARDLMVYGIDVWGQGTTVTVSSASTKGPSVFPLAPSSKSTSGGTAALGCLVKDYFPEPVTVSWNS
GALTSGVHTFPAVLQSSGLYSLSSVVTVPSSSLGTQTYICNVNHKPSNTKVDKKVEPKSCDK
;
X,S,O,Q
5 'polypeptide(L)'
;EIVMTQSPSSLSASVGDRVTITCRASQGISSYLAWYQQKPGKAPKLLIYAASTLQSGVPSRFSGSGSGTDFTLTISSLQP
EDFATYYCQQLDSYPPGYTFGQGTKVDIKRTVAAPSVFIFPPSDEQLKSGTASVVCLLNNFYPREAKVQWKVDNALQSGN
SQESVTEQDSKDSTYSLSSTLTLSKADYEKHKVYACEVTHQGLSSPVTKSFNRGEC
;
Y,T,P,R
#
# COMPACT_ATOMS: atom_id res chain seq x y z
N THR A 7 -19.73 -9.71 -47.07
CA THR A 7 -21.18 -9.55 -47.10
C THR A 7 -21.76 -9.65 -45.69
N ASN A 8 -21.42 -8.69 -44.85
CA ASN A 8 -21.96 -8.64 -43.50
C ASN A 8 -23.38 -8.05 -43.53
N LEU A 9 -24.26 -8.64 -42.73
CA LEU A 9 -25.63 -8.15 -42.62
C LEU A 9 -25.75 -7.27 -41.39
N CYS A 10 -26.50 -6.17 -41.53
CA CYS A 10 -26.62 -5.21 -40.45
C CYS A 10 -27.27 -5.86 -39.23
N PRO A 11 -26.68 -5.71 -38.04
CA PRO A 11 -27.23 -6.39 -36.86
C PRO A 11 -28.53 -5.76 -36.35
N PHE A 12 -29.63 -6.04 -37.04
CA PHE A 12 -30.94 -5.57 -36.61
C PHE A 12 -31.61 -6.56 -35.65
N ASP A 13 -31.32 -7.85 -35.77
CA ASP A 13 -31.90 -8.83 -34.87
C ASP A 13 -31.44 -8.60 -33.43
N GLU A 14 -30.19 -8.18 -33.25
CA GLU A 14 -29.68 -7.91 -31.92
C GLU A 14 -30.38 -6.75 -31.23
N VAL A 15 -31.02 -5.86 -31.99
CA VAL A 15 -31.66 -4.68 -31.43
C VAL A 15 -33.13 -4.94 -31.11
N PHE A 16 -33.87 -5.55 -32.05
CA PHE A 16 -35.28 -5.82 -31.83
C PHE A 16 -35.50 -7.04 -30.94
N ASN A 17 -34.73 -8.11 -31.19
CA ASN A 17 -34.89 -9.37 -30.46
C ASN A 17 -34.08 -9.41 -29.17
N ALA A 18 -33.62 -8.27 -28.68
CA ALA A 18 -32.90 -8.23 -27.42
C ALA A 18 -33.81 -8.66 -26.27
N THR A 19 -33.27 -9.48 -25.36
CA THR A 19 -34.06 -9.96 -24.24
C THR A 19 -34.28 -8.88 -23.19
N ARG A 20 -33.32 -7.98 -22.99
CA ARG A 20 -33.44 -6.90 -22.03
C ARG A 20 -33.18 -5.57 -22.72
N PHE A 21 -34.03 -4.60 -22.46
CA PHE A 21 -33.91 -3.25 -23.00
C PHE A 21 -33.37 -2.31 -21.94
N ALA A 22 -32.92 -1.13 -22.39
CA ALA A 22 -32.37 -0.13 -21.50
C ALA A 22 -33.46 0.79 -20.97
N SER A 23 -33.15 1.48 -19.88
CA SER A 23 -34.05 2.52 -19.39
C SER A 23 -33.97 3.74 -20.31
N VAL A 24 -35.03 4.55 -20.28
CA VAL A 24 -35.14 5.67 -21.20
C VAL A 24 -34.08 6.72 -20.90
N TYR A 25 -33.68 6.89 -19.64
CA TYR A 25 -32.68 7.89 -19.32
C TYR A 25 -31.29 7.46 -19.75
N ALA A 26 -31.02 6.16 -19.76
CA ALA A 26 -29.75 5.62 -20.22
C ALA A 26 -29.96 4.79 -21.48
N TRP A 27 -30.58 5.38 -22.49
CA TRP A 27 -30.95 4.65 -23.70
C TRP A 27 -29.70 4.15 -24.41
N ASN A 28 -29.77 2.90 -24.89
CA ASN A 28 -28.66 2.29 -25.60
C ASN A 28 -28.72 2.61 -27.08
N ARG A 29 -27.55 2.79 -27.69
CA ARG A 29 -27.43 3.09 -29.10
C ARG A 29 -26.42 2.13 -29.73
N LYS A 30 -26.84 1.47 -30.80
CA LYS A 30 -26.01 0.54 -31.55
C LYS A 30 -25.59 1.20 -32.87
N ARG A 31 -24.29 1.45 -33.03
CA ARG A 31 -23.79 2.06 -34.25
C ARG A 31 -23.65 0.98 -35.33
N ILE A 32 -24.43 1.11 -36.40
CA ILE A 32 -24.49 0.12 -37.46
C ILE A 32 -23.90 0.76 -38.72
N SER A 33 -22.86 0.14 -39.27
CA SER A 33 -22.19 0.68 -40.45
C SER A 33 -21.50 -0.46 -41.19
N ASN A 34 -21.25 -0.22 -42.48
CA ASN A 34 -20.54 -1.16 -43.36
C ASN A 34 -21.22 -2.53 -43.33
N CYS A 35 -22.44 -2.56 -43.86
CA CYS A 35 -23.25 -3.77 -43.85
C CYS A 35 -24.33 -3.67 -44.92
N VAL A 36 -24.97 -4.80 -45.17
CA VAL A 36 -26.10 -4.88 -46.09
C VAL A 36 -27.37 -4.97 -45.25
N ALA A 37 -28.28 -4.01 -45.47
CA ALA A 37 -29.45 -3.86 -44.61
C ALA A 37 -30.60 -4.71 -45.16
N ASP A 38 -30.92 -5.78 -44.46
CA ASP A 38 -32.09 -6.60 -44.77
C ASP A 38 -33.29 -5.98 -44.06
N TYR A 39 -33.78 -4.89 -44.65
CA TYR A 39 -34.98 -4.24 -44.15
C TYR A 39 -36.16 -5.21 -44.29
N SER A 40 -36.53 -5.87 -43.19
CA SER A 40 -37.64 -6.80 -43.20
C SER A 40 -38.33 -6.77 -41.84
N VAL A 41 -37.56 -6.42 -40.79
CA VAL A 41 -38.17 -6.22 -39.49
C VAL A 41 -39.14 -5.04 -39.52
N LEU A 42 -38.86 -4.02 -40.34
CA LEU A 42 -39.73 -2.89 -40.50
C LEU A 42 -40.45 -2.86 -41.84
N TYR A 43 -40.04 -3.70 -42.79
CA TYR A 43 -40.66 -3.70 -44.11
C TYR A 43 -42.15 -3.99 -44.00
N ASN A 44 -42.51 -5.17 -43.53
CA ASN A 44 -43.90 -5.54 -43.31
C ASN A 44 -44.11 -5.72 -41.81
N LEU A 45 -44.60 -4.67 -41.14
CA LEU A 45 -44.93 -4.71 -39.74
C LEU A 45 -46.43 -4.87 -39.55
N ALA A 46 -46.81 -5.61 -38.52
CA ALA A 46 -48.20 -5.88 -38.23
C ALA A 46 -48.89 -4.63 -37.69
N PRO A 47 -50.24 -4.60 -37.72
CA PRO A 47 -50.95 -3.42 -37.22
C PRO A 47 -50.66 -3.08 -35.77
N PHE A 48 -50.35 -4.07 -34.91
CA PHE A 48 -50.10 -3.78 -33.50
C PHE A 48 -48.72 -3.18 -33.25
N PHE A 49 -48.07 -2.67 -34.29
CA PHE A 49 -46.79 -1.97 -34.19
C PHE A 49 -46.98 -0.51 -34.51
N THR A 50 -46.51 0.36 -33.63
CA THR A 50 -46.50 1.79 -33.90
C THR A 50 -45.30 2.11 -34.79
N PHE A 51 -45.58 2.57 -36.02
CA PHE A 51 -44.54 2.80 -37.02
C PHE A 51 -44.74 4.19 -37.61
N LYS A 52 -43.82 5.11 -37.30
CA LYS A 52 -43.88 6.47 -37.81
C LYS A 52 -42.49 6.85 -38.33
N CYS A 53 -42.42 7.22 -39.60
CA CYS A 53 -41.17 7.65 -40.22
C CYS A 53 -41.21 9.15 -40.48
N TYR A 54 -40.03 9.78 -40.39
CA TYR A 54 -39.91 11.22 -40.53
C TYR A 54 -38.73 11.53 -41.45
N GLY A 55 -38.96 12.41 -42.43
CA GLY A 55 -37.93 12.82 -43.35
C GLY A 55 -37.54 11.83 -44.42
N VAL A 56 -37.97 10.57 -44.30
CA VAL A 56 -37.63 9.54 -45.28
C VAL A 56 -38.78 8.56 -45.38
N SER A 57 -38.96 7.99 -46.56
CA SER A 57 -40.00 7.01 -46.84
C SER A 57 -39.46 5.59 -46.66
N PRO A 58 -40.24 4.69 -46.05
CA PRO A 58 -39.74 3.33 -45.84
C PRO A 58 -39.58 2.54 -47.13
N THR A 59 -40.48 2.71 -48.10
CA THR A 59 -40.36 2.00 -49.36
C THR A 59 -39.14 2.41 -50.17
N LYS A 60 -38.47 3.50 -49.78
CA LYS A 60 -37.28 3.99 -50.46
C LYS A 60 -36.00 3.67 -49.72
N LEU A 61 -36.07 3.06 -48.54
CA LEU A 61 -34.87 2.79 -47.75
C LEU A 61 -33.98 1.75 -48.42
N ASN A 62 -34.56 0.81 -49.16
CA ASN A 62 -33.75 -0.19 -49.87
C ASN A 62 -32.95 0.42 -51.00
N ASP A 63 -33.31 1.62 -51.46
CA ASP A 63 -32.66 2.27 -52.59
C ASP A 63 -31.73 3.40 -52.15
N LEU A 64 -31.40 3.48 -50.87
CA LEU A 64 -30.58 4.56 -50.33
C LEU A 64 -29.40 3.99 -49.56
N CYS A 65 -28.25 4.62 -49.71
CA CYS A 65 -27.06 4.31 -48.92
C CYS A 65 -26.82 5.43 -47.92
N PHE A 66 -26.50 5.06 -46.68
CA PHE A 66 -26.25 6.01 -45.62
C PHE A 66 -24.84 5.84 -45.07
N THR A 67 -24.32 6.90 -44.46
CA THR A 67 -23.00 6.84 -43.87
C THR A 67 -23.02 6.01 -42.59
N ASN A 68 -23.94 6.31 -41.67
CA ASN A 68 -24.11 5.55 -40.45
C ASN A 68 -25.60 5.49 -40.11
N VAL A 69 -26.02 4.39 -39.52
CA VAL A 69 -27.39 4.20 -39.06
C VAL A 69 -27.35 3.87 -37.57
N TYR A 70 -28.00 4.71 -36.77
CA TYR A 70 -27.98 4.57 -35.32
C TYR A 70 -29.28 3.94 -34.84
N ALA A 71 -29.17 2.92 -33.99
CA ALA A 71 -30.31 2.16 -33.48
C ALA A 71 -30.43 2.42 -31.98
N ASP A 72 -31.34 3.31 -31.60
CA ASP A 72 -31.58 3.65 -30.21
C ASP A 72 -32.74 2.83 -29.68
N SER A 73 -32.52 2.17 -28.54
CA SER A 73 -33.55 1.32 -27.92
C SER A 73 -33.66 1.64 -26.44
N PHE A 74 -34.88 1.62 -25.93
CA PHE A 74 -35.20 1.93 -24.54
C PHE A 74 -36.63 1.49 -24.27
N VAL A 75 -37.15 1.84 -23.10
CA VAL A 75 -38.48 1.43 -22.68
C VAL A 75 -39.17 2.60 -21.99
N ILE A 76 -40.41 2.89 -22.40
CA ILE A 76 -41.28 3.87 -21.76
C ILE A 76 -42.66 3.23 -21.62
N ARG A 77 -43.60 4.01 -21.08
CA ARG A 77 -44.98 3.56 -20.99
C ARG A 77 -45.80 4.10 -22.16
N GLY A 78 -47.00 3.53 -22.33
CA GLY A 78 -47.76 3.77 -23.55
C GLY A 78 -48.09 5.23 -23.77
N ASP A 79 -48.43 5.95 -22.71
CA ASP A 79 -48.81 7.35 -22.83
C ASP A 79 -47.63 8.25 -23.22
N GLU A 80 -46.41 7.73 -23.26
CA GLU A 80 -45.23 8.52 -23.52
C GLU A 80 -44.61 8.25 -24.89
N VAL A 81 -45.17 7.32 -25.67
CA VAL A 81 -44.61 7.02 -26.99
C VAL A 81 -44.82 8.19 -27.94
N ARG A 82 -45.90 8.96 -27.75
CA ARG A 82 -46.18 10.11 -28.60
C ARG A 82 -45.09 11.17 -28.51
N GLN A 83 -44.25 11.13 -27.47
CA GLN A 83 -43.20 12.11 -27.31
C GLN A 83 -41.94 11.75 -28.10
N ILE A 84 -41.72 10.46 -28.37
CA ILE A 84 -40.58 10.03 -29.17
C ILE A 84 -40.83 10.42 -30.62
N ALA A 85 -40.71 11.72 -30.91
CA ALA A 85 -41.00 12.25 -32.24
C ALA A 85 -40.37 13.63 -32.33
N PRO A 86 -40.09 14.11 -33.54
CA PRO A 86 -39.53 15.46 -33.69
C PRO A 86 -40.52 16.52 -33.21
N GLY A 87 -39.98 17.52 -32.52
CA GLY A 87 -40.79 18.63 -32.05
C GLY A 87 -41.82 18.25 -31.02
N GLN A 88 -41.40 17.50 -30.00
CA GLN A 88 -42.28 17.08 -28.92
C GLN A 88 -41.72 17.52 -27.58
N THR A 89 -42.60 17.80 -26.64
CA THR A 89 -42.23 18.20 -25.29
C THR A 89 -42.88 17.27 -24.27
N GLY A 90 -42.31 17.26 -23.06
CA GLY A 90 -42.76 16.37 -22.01
C GLY A 90 -41.59 15.88 -21.18
N ASN A 91 -41.85 15.06 -20.16
CA ASN A 91 -40.77 14.59 -19.30
C ASN A 91 -39.80 13.69 -20.06
N ILE A 92 -40.31 12.85 -20.95
CA ILE A 92 -39.44 11.96 -21.72
C ILE A 92 -38.66 12.74 -22.76
N ALA A 93 -39.35 13.61 -23.51
CA ALA A 93 -38.68 14.34 -24.59
C ALA A 93 -37.65 15.31 -24.04
N ASP A 94 -37.99 16.04 -22.97
CA ASP A 94 -37.12 17.09 -22.48
C ASP A 94 -35.99 16.56 -21.60
N TYR A 95 -36.23 15.47 -20.87
CA TYR A 95 -35.31 15.04 -19.83
C TYR A 95 -34.74 13.64 -20.00
N ASN A 96 -35.10 12.92 -21.07
CA ASN A 96 -34.63 11.55 -21.22
C ASN A 96 -34.09 11.27 -22.62
N TYR A 97 -34.93 11.42 -23.64
CA TYR A 97 -34.51 11.12 -25.02
C TYR A 97 -35.21 12.11 -25.95
N LYS A 98 -34.43 13.01 -26.55
CA LYS A 98 -34.94 14.04 -27.43
C LYS A 98 -34.56 13.74 -28.87
N LEU A 99 -35.51 13.94 -29.79
CA LEU A 99 -35.25 13.86 -31.21
C LEU A 99 -35.24 15.26 -31.82
N PRO A 100 -34.34 15.51 -32.78
CA PRO A 100 -34.24 16.86 -33.36
C PRO A 100 -35.46 17.20 -34.20
N ASP A 101 -35.57 18.49 -34.54
CA ASP A 101 -36.70 18.95 -35.35
C ASP A 101 -36.60 18.47 -36.79
N ASP A 102 -35.38 18.32 -37.32
CA ASP A 102 -35.16 17.80 -38.67
C ASP A 102 -34.75 16.32 -38.64
N PHE A 103 -35.36 15.55 -37.75
CA PHE A 103 -35.00 14.14 -37.59
C PHE A 103 -35.33 13.36 -38.85
N THR A 104 -34.34 12.60 -39.33
CA THR A 104 -34.48 11.78 -40.53
C THR A 104 -34.38 10.32 -40.10
N GLY A 105 -35.53 9.66 -40.01
CA GLY A 105 -35.56 8.27 -39.60
C GLY A 105 -36.96 7.85 -39.18
N CYS A 106 -37.05 6.65 -38.65
CA CYS A 106 -38.31 6.06 -38.24
C CYS A 106 -38.26 5.71 -36.75
N VAL A 107 -39.46 5.64 -36.15
CA VAL A 107 -39.63 5.22 -34.76
C VAL A 107 -40.53 4.00 -34.75
N ILE A 108 -40.14 3.00 -33.96
CA ILE A 108 -40.89 1.75 -33.86
C ILE A 108 -41.17 1.48 -32.39
N ALA A 109 -42.42 1.15 -32.07
CA ALA A 109 -42.81 0.89 -30.69
C ALA A 109 -43.89 -0.17 -30.67
N TRP A 110 -43.79 -1.09 -29.70
CA TRP A 110 -44.76 -2.16 -29.55
C TRP A 110 -45.00 -2.43 -28.08
N ASN A 111 -46.22 -2.89 -27.76
CA ASN A 111 -46.59 -3.18 -26.38
C ASN A 111 -45.84 -4.41 -25.89
N SER A 112 -45.03 -4.24 -24.86
CA SER A 112 -44.26 -5.34 -24.29
C SER A 112 -44.73 -5.65 -22.87
N ASN A 113 -46.05 -5.72 -22.69
CA ASN A 113 -46.57 -5.98 -21.35
C ASN A 113 -46.33 -7.42 -20.91
N LYS A 114 -46.17 -8.34 -21.86
CA LYS A 114 -45.89 -9.74 -21.53
C LYS A 114 -44.42 -10.00 -21.25
N LEU A 115 -43.55 -8.99 -21.36
CA LEU A 115 -42.11 -9.18 -21.20
C LEU A 115 -41.51 -8.37 -20.07
N ASP A 116 -41.93 -7.11 -19.88
CA ASP A 116 -41.28 -6.20 -18.96
C ASP A 116 -42.18 -5.85 -17.76
N SER A 117 -43.24 -6.61 -17.52
CA SER A 117 -44.15 -6.34 -16.42
C SER A 117 -44.28 -7.57 -15.53
N LYS A 118 -43.96 -7.42 -14.26
CA LYS A 118 -44.08 -8.48 -13.27
C LYS A 118 -45.29 -8.23 -12.39
N VAL A 119 -45.77 -9.30 -11.75
CA VAL A 119 -46.95 -9.19 -10.91
C VAL A 119 -46.66 -8.32 -9.69
N SER A 120 -45.48 -8.48 -9.10
CA SER A 120 -45.07 -7.68 -7.95
C SER A 120 -44.43 -6.34 -8.36
N GLY A 121 -44.51 -5.97 -9.63
CA GLY A 121 -43.96 -4.71 -10.09
C GLY A 121 -42.53 -4.83 -10.58
N ASN A 122 -42.26 -4.31 -11.78
CA ASN A 122 -40.92 -4.36 -12.36
C ASN A 122 -40.31 -2.96 -12.26
N TYR A 123 -39.72 -2.69 -11.10
CA TYR A 123 -39.10 -1.39 -10.81
C TYR A 123 -37.72 -1.24 -11.44
N ASN A 124 -37.31 -2.17 -12.30
CA ASN A 124 -35.96 -2.12 -12.87
C ASN A 124 -35.83 -0.96 -13.86
N TYR A 125 -36.86 -0.70 -14.65
CA TYR A 125 -36.82 0.37 -15.63
C TYR A 125 -37.00 1.72 -14.93
N LEU A 126 -36.15 2.69 -15.30
CA LEU A 126 -36.12 3.99 -14.64
C LEU A 126 -36.34 5.11 -15.65
N TYR A 127 -36.57 6.31 -15.12
CA TYR A 127 -36.72 7.51 -15.93
C TYR A 127 -36.29 8.71 -15.10
N ARG A 128 -35.94 9.79 -15.78
CA ARG A 128 -35.53 11.02 -15.13
C ARG A 128 -36.72 11.95 -14.97
N LEU A 129 -36.93 12.45 -13.76
CA LEU A 129 -38.04 13.34 -13.46
C LEU A 129 -37.63 14.80 -13.37
N PHE A 130 -36.48 15.10 -12.78
CA PHE A 130 -36.02 16.46 -12.60
C PHE A 130 -34.73 16.70 -13.38
N ARG A 131 -34.65 17.86 -14.03
CA ARG A 131 -33.44 18.30 -14.70
C ARG A 131 -33.49 19.81 -14.84
N LYS A 132 -32.34 20.46 -14.69
CA LYS A 132 -32.31 21.92 -14.65
C LYS A 132 -32.66 22.53 -16.00
N SER A 133 -32.35 21.86 -17.10
CA SER A 133 -32.63 22.37 -18.43
C SER A 133 -33.08 21.21 -19.32
N ASN A 134 -33.46 21.53 -20.55
CA ASN A 134 -33.90 20.51 -21.50
C ASN A 134 -32.70 19.83 -22.15
N LEU A 135 -32.94 18.63 -22.66
CA LEU A 135 -31.91 17.87 -23.36
C LEU A 135 -31.77 18.35 -24.79
N LYS A 136 -30.53 18.41 -25.26
CA LYS A 136 -30.28 18.62 -26.68
C LYS A 136 -30.63 17.34 -27.43
N PRO A 137 -30.82 17.43 -28.76
CA PRO A 137 -31.12 16.23 -29.53
C PRO A 137 -30.01 15.20 -29.41
N PHE A 138 -30.40 13.95 -29.14
CA PHE A 138 -29.47 12.82 -29.01
C PHE A 138 -28.51 13.03 -27.83
N GLU A 139 -29.03 13.53 -26.72
CA GLU A 139 -28.25 13.72 -25.51
C GLU A 139 -28.63 12.66 -24.49
N ARG A 140 -27.61 12.06 -23.85
CA ARG A 140 -27.81 11.02 -22.86
C ARG A 140 -27.19 11.47 -21.55
N ASP A 141 -28.03 11.66 -20.53
CA ASP A 141 -27.60 12.11 -19.21
C ASP A 141 -27.83 10.99 -18.21
N ILE A 142 -26.75 10.37 -17.75
CA ILE A 142 -26.83 9.31 -16.75
C ILE A 142 -26.45 9.82 -15.37
N SER A 143 -26.41 11.14 -15.16
CA SER A 143 -26.05 11.68 -13.86
C SER A 143 -27.14 11.40 -12.84
N THR A 144 -26.72 11.05 -11.63
CA THR A 144 -27.62 10.76 -10.53
C THR A 144 -27.37 11.70 -9.36
N GLU A 145 -27.03 12.95 -9.66
CA GLU A 145 -26.77 13.94 -8.62
C GLU A 145 -28.09 14.46 -8.06
N ILE A 146 -28.10 14.71 -6.75
CA ILE A 146 -29.32 15.18 -6.08
C ILE A 146 -29.74 16.51 -6.69
N TYR A 147 -30.96 16.54 -7.24
CA TYR A 147 -31.47 17.72 -7.91
C TYR A 147 -31.85 18.79 -6.89
N GLN A 148 -31.36 20.01 -7.11
CA GLN A 148 -31.64 21.13 -6.22
C GLN A 148 -32.88 21.87 -6.71
N ALA A 149 -33.97 21.76 -5.96
CA ALA A 149 -35.22 22.46 -6.28
C ALA A 149 -35.46 23.67 -5.40
N GLY A 150 -34.56 23.97 -4.46
CA GLY A 150 -34.72 25.13 -3.60
C GLY A 150 -33.55 26.08 -3.62
N ASN A 151 -33.31 26.78 -2.51
CA ASN A 151 -32.25 27.76 -2.44
C ASN A 151 -31.00 27.25 -1.73
N LYS A 152 -31.15 26.30 -0.81
CA LYS A 152 -30.03 25.76 -0.04
C LYS A 152 -29.37 24.60 -0.81
N PRO A 153 -28.04 24.50 -0.75
CA PRO A 153 -27.36 23.43 -1.49
C PRO A 153 -27.65 22.06 -0.91
N CYS A 154 -27.73 21.06 -1.78
CA CYS A 154 -28.10 19.72 -1.35
C CYS A 154 -26.91 18.99 -0.74
N ASN A 155 -25.76 19.00 -1.42
CA ASN A 155 -24.56 18.29 -0.97
C ASN A 155 -24.82 16.81 -0.82
N GLY A 156 -25.54 16.23 -1.77
CA GLY A 156 -25.83 14.80 -1.74
C GLY A 156 -26.75 14.37 -0.62
N VAL A 157 -27.65 15.24 -0.18
CA VAL A 157 -28.59 14.94 0.89
C VAL A 157 -30.00 14.94 0.32
N ALA A 158 -30.69 13.81 0.45
CA ALA A 158 -32.08 13.71 0.05
C ALA A 158 -32.94 14.36 1.13
N GLY A 159 -33.47 15.55 0.83
CA GLY A 159 -34.29 16.26 1.80
C GLY A 159 -35.27 17.20 1.14
N PHE A 160 -35.74 18.19 1.90
CA PHE A 160 -36.68 19.15 1.34
C PHE A 160 -36.02 19.96 0.22
N ASN A 161 -36.67 19.98 -0.94
CA ASN A 161 -36.16 20.63 -2.15
C ASN A 161 -34.84 20.04 -2.63
N CYS A 162 -34.57 18.77 -2.27
CA CYS A 162 -33.37 18.06 -2.70
C CYS A 162 -33.76 16.60 -2.92
N TYR A 163 -34.05 16.24 -4.16
CA TYR A 163 -34.62 14.94 -4.48
C TYR A 163 -33.72 14.19 -5.45
N PHE A 164 -33.86 12.87 -5.44
CA PHE A 164 -33.12 12.02 -6.38
C PHE A 164 -33.76 12.14 -7.76
N PRO A 165 -32.97 12.36 -8.81
CA PRO A 165 -33.53 12.71 -10.11
C PRO A 165 -34.10 11.55 -10.90
N LEU A 166 -34.05 10.32 -10.39
CA LEU A 166 -34.54 9.15 -11.12
C LEU A 166 -35.64 8.45 -10.33
N ARG A 167 -36.63 7.94 -11.06
CA ARG A 167 -37.75 7.21 -10.47
C ARG A 167 -37.99 5.93 -11.25
N SER A 168 -38.80 5.04 -10.66
CA SER A 168 -39.11 3.75 -11.26
C SER A 168 -40.48 3.79 -11.92
N TYR A 169 -40.66 2.89 -12.89
CA TYR A 169 -41.92 2.80 -13.64
C TYR A 169 -42.92 1.90 -12.96
N SER A 170 -42.48 0.82 -12.34
CA SER A 170 -43.34 -0.15 -11.65
C SER A 170 -44.41 -0.69 -12.61
N PHE A 171 -43.93 -1.45 -13.60
CA PHE A 171 -44.79 -2.02 -14.62
C PHE A 171 -45.49 -3.26 -14.07
N ARG A 172 -46.80 -3.16 -13.85
CA ARG A 172 -47.63 -4.27 -13.45
C ARG A 172 -48.65 -4.60 -14.54
N PRO A 173 -48.87 -5.88 -14.82
CA PRO A 173 -49.73 -6.24 -15.96
C PRO A 173 -51.17 -5.79 -15.82
N THR A 174 -51.64 -5.55 -14.59
CA THR A 174 -53.02 -5.15 -14.35
C THR A 174 -53.27 -3.67 -14.60
N TYR A 175 -52.26 -2.91 -15.02
CA TYR A 175 -52.45 -1.50 -15.28
C TYR A 175 -53.09 -1.28 -16.64
N GLY A 176 -53.51 -0.04 -16.89
CA GLY A 176 -54.06 0.32 -18.19
C GLY A 176 -53.00 0.32 -19.27
N VAL A 177 -53.47 0.41 -20.51
CA VAL A 177 -52.55 0.40 -21.66
C VAL A 177 -51.61 1.59 -21.63
N GLY A 178 -52.07 2.72 -21.09
CA GLY A 178 -51.21 3.90 -21.00
C GLY A 178 -50.10 3.77 -19.98
N HIS A 179 -50.17 2.79 -19.08
CA HIS A 179 -49.17 2.56 -18.06
C HIS A 179 -48.43 1.24 -18.25
N GLN A 180 -48.63 0.57 -19.41
CA GLN A 180 -47.93 -0.66 -19.75
C GLN A 180 -46.65 -0.36 -20.51
N PRO A 181 -45.62 -1.21 -20.37
CA PRO A 181 -44.34 -0.91 -21.00
C PRO A 181 -44.40 -1.04 -22.51
N TYR A 182 -43.72 -0.12 -23.19
CA TYR A 182 -43.57 -0.15 -24.64
C TYR A 182 -42.09 -0.06 -24.98
N ARG A 183 -41.60 -1.03 -25.75
CA ARG A 183 -40.22 -1.03 -26.21
C ARG A 183 -40.12 -0.20 -27.49
N VAL A 184 -39.22 0.78 -27.48
CA VAL A 184 -39.07 1.73 -28.58
C VAL A 184 -37.72 1.49 -29.24
N VAL A 185 -37.71 1.52 -30.57
CA VAL A 185 -36.48 1.42 -31.37
C VAL A 185 -36.48 2.57 -32.36
N VAL A 186 -35.56 3.50 -32.19
CA VAL A 186 -35.45 4.68 -33.05
C VAL A 186 -34.27 4.47 -33.99
N LEU A 187 -34.54 4.48 -35.29
CA LEU A 187 -33.52 4.28 -36.31
C LEU A 187 -33.23 5.61 -36.98
N SER A 188 -32.02 6.14 -36.77
CA SER A 188 -31.58 7.38 -37.37
C SER A 188 -30.76 7.07 -38.61
N PHE A 189 -31.02 7.81 -39.70
CA PHE A 189 -30.33 7.63 -40.96
C PHE A 189 -29.50 8.87 -41.25
N GLU A 190 -28.18 8.73 -41.15
CA GLU A 190 -27.26 9.85 -41.26
C GLU A 190 -26.57 9.82 -42.63
N LEU A 191 -26.40 11.01 -43.23
CA LEU A 191 -25.77 11.15 -44.54
C LEU A 191 -24.92 12.42 -44.53
N LEU A 192 -23.68 12.29 -44.04
CA LEU A 192 -22.73 13.39 -43.98
C LEU A 192 -21.65 13.19 -45.04
N HIS A 193 -20.72 14.15 -45.09
CA HIS A 193 -19.59 14.06 -46.01
C HIS A 193 -18.70 12.88 -45.62
N ALA A 194 -19.05 11.69 -46.12
CA ALA A 194 -18.37 10.46 -45.75
C ALA A 194 -18.75 9.39 -46.76
N PRO A 195 -18.00 8.29 -46.83
CA PRO A 195 -18.40 7.19 -47.71
C PRO A 195 -19.66 6.51 -47.20
N ALA A 196 -20.66 6.38 -48.08
CA ALA A 196 -21.89 5.71 -47.73
C ALA A 196 -21.68 4.20 -47.74
N THR A 197 -21.96 3.54 -46.61
CA THR A 197 -21.69 2.12 -46.47
C THR A 197 -22.90 1.28 -46.11
N VAL A 198 -23.95 1.86 -45.52
CA VAL A 198 -25.13 1.11 -45.12
C VAL A 198 -26.12 1.20 -46.27
N CYS A 199 -26.04 0.23 -47.18
CA CYS A 199 -26.92 0.17 -48.34
C CYS A 199 -27.93 -0.97 -48.17
N GLY A 200 -28.96 -0.94 -49.01
CA GLY A 200 -30.03 -1.90 -48.93
C GLY A 200 -29.94 -2.99 -49.99
N LYS A 201 -30.73 -4.05 -49.78
CA LYS A 201 -30.79 -5.17 -50.70
C LYS A 201 -32.05 -5.99 -50.48
N ASN B 8 35.98 -70.66 34.47
CA ASN B 8 35.71 -69.24 34.47
C ASN B 8 35.29 -68.77 33.09
N LEU B 9 34.30 -67.90 33.03
CA LEU B 9 33.83 -67.32 31.78
C LEU B 9 34.48 -65.96 31.57
N CYS B 10 34.87 -65.68 30.33
CA CYS B 10 35.58 -64.45 30.04
C CYS B 10 34.69 -63.25 30.35
N PRO B 11 35.19 -62.24 31.08
CA PRO B 11 34.34 -61.12 31.46
C PRO B 11 34.04 -60.17 30.30
N PHE B 12 33.12 -60.57 29.43
CA PHE B 12 32.69 -59.71 28.33
C PHE B 12 31.52 -58.82 28.73
N ASP B 13 30.69 -59.26 29.67
CA ASP B 13 29.57 -58.44 30.12
C ASP B 13 30.06 -57.16 30.79
N GLU B 14 31.17 -57.25 31.52
CA GLU B 14 31.73 -56.08 32.19
C GLU B 14 32.21 -55.02 31.21
N VAL B 15 32.49 -55.40 29.97
CA VAL B 15 33.04 -54.46 28.98
C VAL B 15 31.93 -53.82 28.16
N PHE B 16 30.99 -54.63 27.67
CA PHE B 16 29.90 -54.08 26.85
C PHE B 16 28.82 -53.43 27.71
N ASN B 17 28.45 -54.05 28.82
CA ASN B 17 27.38 -53.57 29.69
C ASN B 17 27.87 -52.58 30.74
N ALA B 18 29.07 -52.02 30.56
CA ALA B 18 29.57 -51.02 31.50
C ALA B 18 28.68 -49.78 31.45
N THR B 19 28.39 -49.22 32.63
CA THR B 19 27.54 -48.03 32.70
C THR B 19 28.28 -46.78 32.25
N ARG B 20 29.59 -46.69 32.49
CA ARG B 20 30.38 -45.54 32.08
C ARG B 20 31.57 -46.01 31.27
N PHE B 21 31.81 -45.35 30.14
CA PHE B 21 32.94 -45.64 29.27
C PHE B 21 34.03 -44.60 29.47
N ALA B 22 35.21 -44.92 28.95
CA ALA B 22 36.37 -44.03 29.07
C ALA B 22 36.42 -43.07 27.89
N SER B 23 37.17 -41.99 28.06
CA SER B 23 37.44 -41.09 26.96
C SER B 23 38.44 -41.74 25.99
N VAL B 24 38.40 -41.28 24.74
CA VAL B 24 39.20 -41.91 23.70
C VAL B 24 40.70 -41.72 23.96
N TYR B 25 41.09 -40.60 24.58
CA TYR B 25 42.51 -40.37 24.82
C TYR B 25 43.02 -41.24 25.96
N ALA B 26 42.17 -41.56 26.93
CA ALA B 26 42.54 -42.45 28.02
C ALA B 26 41.73 -43.74 27.95
N TRP B 27 41.78 -44.40 26.80
CA TRP B 27 40.96 -45.58 26.57
C TRP B 27 41.32 -46.70 27.54
N ASN B 28 40.29 -47.36 28.07
CA ASN B 28 40.48 -48.45 29.02
C ASN B 28 40.67 -49.77 28.29
N ARG B 29 41.53 -50.62 28.85
CA ARG B 29 41.81 -51.94 28.30
C ARG B 29 41.66 -52.99 29.40
N LYS B 30 40.86 -54.02 29.12
CA LYS B 30 40.65 -55.13 30.03
C LYS B 30 41.39 -56.34 29.51
N ARG B 31 42.39 -56.80 30.28
CA ARG B 31 43.15 -57.98 29.89
C ARG B 31 42.38 -59.23 30.27
N ILE B 32 41.97 -60.01 29.26
CA ILE B 32 41.14 -61.19 29.45
C ILE B 32 41.98 -62.42 29.09
N SER B 33 42.13 -63.33 30.05
CA SER B 33 42.94 -64.52 29.83
C SER B 33 42.46 -65.63 30.76
N ASN B 34 42.78 -66.87 30.37
CA ASN B 34 42.46 -68.07 31.15
C ASN B 34 40.96 -68.12 31.47
N CYS B 35 40.18 -68.29 30.42
CA CYS B 35 38.73 -68.30 30.55
C CYS B 35 38.12 -68.98 29.34
N VAL B 36 36.82 -69.27 29.44
CA VAL B 36 36.04 -69.85 28.37
C VAL B 36 35.21 -68.73 27.76
N ALA B 37 35.39 -68.50 26.45
CA ALA B 37 34.80 -67.35 25.78
C ALA B 37 33.42 -67.72 25.25
N ASP B 38 32.38 -67.17 25.88
CA ASP B 38 31.01 -67.31 25.40
C ASP B 38 30.78 -66.20 24.37
N TYR B 39 31.31 -66.41 23.17
CA TYR B 39 31.08 -65.48 22.08
C TYR B 39 29.59 -65.49 21.74
N SER B 40 28.87 -64.47 22.21
CA SER B 40 27.44 -64.35 21.94
C SER B 40 27.07 -62.88 21.86
N VAL B 41 27.84 -62.04 22.56
CA VAL B 41 27.64 -60.60 22.43
C VAL B 41 27.97 -60.15 21.02
N LEU B 42 28.93 -60.81 20.36
CA LEU B 42 29.28 -60.49 18.98
C LEU B 42 28.83 -61.57 17.99
N TYR B 43 28.41 -62.73 18.48
CA TYR B 43 28.00 -63.80 17.59
C TYR B 43 26.86 -63.36 16.69
N ASN B 44 25.70 -63.05 17.28
CA ASN B 44 24.56 -62.53 16.55
C ASN B 44 24.32 -61.09 17.00
N LEU B 45 24.86 -60.14 16.24
CA LEU B 45 24.64 -58.72 16.49
C LEU B 45 23.60 -58.17 15.54
N ALA B 46 22.79 -57.24 16.04
CA ALA B 46 21.72 -56.64 15.26
C ALA B 46 22.28 -55.71 14.18
N PRO B 47 21.48 -55.37 13.18
CA PRO B 47 21.98 -54.47 12.12
C PRO B 47 22.44 -53.11 12.61
N PHE B 48 21.88 -52.57 13.70
CA PHE B 48 22.29 -51.26 14.18
C PHE B 48 23.63 -51.29 14.92
N PHE B 49 24.40 -52.35 14.76
CA PHE B 49 25.74 -52.46 15.33
C PHE B 49 26.77 -52.44 14.21
N THR B 50 27.77 -51.56 14.35
CA THR B 50 28.89 -51.55 13.42
C THR B 50 29.86 -52.66 13.81
N PHE B 51 30.02 -53.65 12.95
CA PHE B 51 30.83 -54.83 13.24
C PHE B 51 31.78 -55.07 12.07
N LYS B 52 33.08 -54.85 12.31
CA LYS B 52 34.11 -55.05 11.30
C LYS B 52 35.25 -55.85 11.92
N CYS B 53 35.57 -57.00 11.34
CA CYS B 53 36.66 -57.84 11.80
C CYS B 53 37.82 -57.79 10.81
N TYR B 54 39.03 -57.90 11.32
CA TYR B 54 40.24 -57.80 10.53
C TYR B 54 41.20 -58.92 10.91
N GLY B 55 41.73 -59.61 9.90
CA GLY B 55 42.68 -60.68 10.11
C GLY B 55 42.11 -61.98 10.62
N VAL B 56 40.86 -62.00 11.09
CA VAL B 56 40.25 -63.21 11.63
C VAL B 56 38.75 -63.17 11.33
N SER B 57 38.17 -64.36 11.15
CA SER B 57 36.75 -64.52 10.85
C SER B 57 35.97 -64.78 12.15
N PRO B 58 34.81 -64.16 12.30
CA PRO B 58 34.04 -64.36 13.54
C PRO B 58 33.51 -65.76 13.71
N THR B 59 33.06 -66.40 12.62
CA THR B 59 32.55 -67.77 12.71
C THR B 59 33.62 -68.77 13.10
N LYS B 60 34.90 -68.38 13.08
CA LYS B 60 36.00 -69.25 13.44
C LYS B 60 36.57 -68.96 14.82
N LEU B 61 36.05 -67.94 15.51
CA LEU B 61 36.60 -67.58 16.82
C LEU B 61 36.33 -68.66 17.88
N ASN B 62 35.21 -69.38 17.76
CA ASN B 62 34.92 -70.45 18.70
C ASN B 62 35.87 -71.62 18.55
N ASP B 63 36.58 -71.73 17.44
CA ASP B 63 37.47 -72.84 17.16
C ASP B 63 38.94 -72.47 17.32
N LEU B 64 39.23 -71.33 17.94
CA LEU B 64 40.60 -70.84 18.09
C LEU B 64 40.89 -70.54 19.55
N CYS B 65 42.10 -70.87 19.98
CA CYS B 65 42.61 -70.51 21.30
C CYS B 65 43.66 -69.42 21.15
N PHE B 66 43.58 -68.41 22.00
CA PHE B 66 44.51 -67.28 21.97
C PHE B 66 45.26 -67.19 23.30
N THR B 67 46.43 -66.54 23.26
CA THR B 67 47.21 -66.35 24.47
C THR B 67 46.57 -65.30 25.37
N ASN B 68 46.26 -64.13 24.81
CA ASN B 68 45.57 -63.08 25.54
C ASN B 68 44.62 -62.36 24.59
N VAL B 69 43.49 -61.90 25.12
CA VAL B 69 42.51 -61.14 24.38
C VAL B 69 42.30 -59.81 25.09
N TYR B 70 42.58 -58.71 24.38
CA TYR B 70 42.51 -57.38 24.97
C TYR B 70 41.21 -56.69 24.53
N ALA B 71 40.50 -56.10 25.49
CA ALA B 71 39.21 -55.46 25.27
C ALA B 71 39.36 -53.96 25.53
N ASP B 72 39.51 -53.20 24.45
CA ASP B 72 39.66 -51.76 24.54
C ASP B 72 38.30 -51.09 24.34
N SER B 73 37.94 -50.20 25.27
CA SER B 73 36.66 -49.51 25.22
C SER B 73 36.86 -48.02 25.44
N PHE B 74 36.09 -47.21 24.71
CA PHE B 74 36.18 -45.75 24.77
C PHE B 74 34.94 -45.20 24.05
N VAL B 75 34.92 -43.88 23.84
CA VAL B 75 33.78 -43.20 23.24
C VAL B 75 34.28 -42.14 22.27
N ILE B 76 33.74 -42.14 21.06
CA ILE B 76 33.98 -41.12 20.05
C ILE B 76 32.63 -40.72 19.46
N ARG B 77 32.67 -39.82 18.48
CA ARG B 77 31.46 -39.43 17.77
C ARG B 77 31.36 -40.22 16.46
N GLY B 78 30.17 -40.17 15.86
CA GLY B 78 29.86 -41.06 14.74
C GLY B 78 30.79 -40.91 13.56
N ASP B 79 31.16 -39.67 13.23
CA ASP B 79 32.04 -39.43 12.09
C ASP B 79 33.46 -39.94 12.30
N GLU B 80 33.80 -40.40 13.50
CA GLU B 80 35.15 -40.83 13.81
C GLU B 80 35.29 -42.33 13.98
N VAL B 81 34.20 -43.09 13.86
CA VAL B 81 34.30 -44.54 14.01
C VAL B 81 35.06 -45.17 12.85
N ARG B 82 35.00 -44.54 11.66
CA ARG B 82 35.72 -45.06 10.50
C ARG B 82 37.23 -45.06 10.70
N GLN B 83 37.73 -44.32 11.70
CA GLN B 83 39.17 -44.27 11.95
C GLN B 83 39.64 -45.41 12.83
N ILE B 84 38.76 -45.99 13.65
CA ILE B 84 39.12 -47.12 14.49
C ILE B 84 39.24 -48.35 13.59
N ALA B 85 40.31 -48.40 12.81
CA ALA B 85 40.54 -49.48 11.86
C ALA B 85 42.01 -49.48 11.48
N PRO B 86 42.53 -50.60 11.00
CA PRO B 86 43.93 -50.63 10.57
C PRO B 86 44.17 -49.72 9.37
N GLY B 87 45.30 -49.01 9.40
CA GLY B 87 45.68 -48.14 8.31
C GLY B 87 44.76 -46.96 8.12
N GLN B 88 44.45 -46.25 9.21
CA GLN B 88 43.59 -45.08 9.16
C GLN B 88 44.32 -43.89 9.77
N THR B 89 44.00 -42.70 9.25
CA THR B 89 44.58 -41.46 9.73
C THR B 89 43.47 -40.50 10.14
N GLY B 90 43.83 -39.51 10.95
CA GLY B 90 42.88 -38.57 11.51
C GLY B 90 43.23 -38.19 12.94
N ASN B 91 42.43 -37.32 13.55
CA ASN B 91 42.77 -36.89 14.92
C ASN B 91 42.64 -38.03 15.91
N ILE B 92 41.65 -38.91 15.74
CA ILE B 92 41.47 -40.03 16.65
C ILE B 92 42.55 -41.08 16.42
N ALA B 93 42.79 -41.43 15.16
CA ALA B 93 43.75 -42.48 14.86
C ALA B 93 45.17 -42.06 15.22
N ASP B 94 45.55 -40.82 14.90
CA ASP B 94 46.92 -40.40 15.09
C ASP B 94 47.22 -39.97 16.52
N TYR B 95 46.23 -39.44 17.24
CA TYR B 95 46.48 -38.78 18.51
C TYR B 95 45.74 -39.37 19.69
N ASN B 96 44.93 -40.41 19.50
CA ASN B 96 44.14 -40.94 20.61
C ASN B 96 44.22 -42.46 20.71
N TYR B 97 43.81 -43.18 19.66
CA TYR B 97 43.81 -44.63 19.69
C TYR B 97 44.13 -45.15 18.29
N LYS B 98 45.30 -45.75 18.13
CA LYS B 98 45.78 -46.24 16.85
C LYS B 98 45.76 -47.77 16.84
N LEU B 99 45.31 -48.33 15.71
CA LEU B 99 45.38 -49.76 15.47
C LEU B 99 46.47 -50.08 14.46
N PRO B 100 47.21 -51.17 14.65
CA PRO B 100 48.31 -51.49 13.74
C PRO B 100 47.81 -51.89 12.37
N ASP B 101 48.75 -51.94 11.42
CA ASP B 101 48.39 -52.30 10.05
C ASP B 101 48.05 -53.78 9.93
N ASP B 102 48.68 -54.64 10.73
CA ASP B 102 48.38 -56.07 10.76
C ASP B 102 47.48 -56.44 11.94
N PHE B 103 46.51 -55.58 12.25
CA PHE B 103 45.64 -55.79 13.39
C PHE B 103 44.78 -57.04 13.19
N THR B 104 44.80 -57.91 14.20
CA THR B 104 44.04 -59.16 14.19
C THR B 104 42.96 -59.06 15.27
N GLY B 105 41.74 -58.78 14.85
CA GLY B 105 40.63 -58.66 15.77
C GLY B 105 39.46 -57.96 15.13
N CYS B 106 38.46 -57.67 15.95
CA CYS B 106 37.23 -57.05 15.51
C CYS B 106 37.00 -55.72 16.23
N VAL B 107 36.23 -54.86 15.59
CA VAL B 107 35.83 -53.58 16.18
C VAL B 107 34.30 -53.54 16.24
N ILE B 108 33.77 -53.10 17.37
CA ILE B 108 32.33 -53.04 17.59
C ILE B 108 31.97 -51.62 18.03
N ALA B 109 30.95 -51.05 17.41
CA ALA B 109 30.53 -49.70 17.73
C ALA B 109 29.02 -49.59 17.57
N TRP B 110 28.38 -48.87 18.49
CA TRP B 110 26.94 -48.67 18.46
C TRP B 110 26.61 -47.26 18.93
N ASN B 111 25.51 -46.73 18.41
CA ASN B 111 25.08 -45.38 18.76
C ASN B 111 24.58 -45.37 20.21
N SER B 112 25.24 -44.57 21.05
CA SER B 112 24.85 -44.45 22.45
C SER B 112 24.36 -43.05 22.75
N ASN B 113 23.49 -42.51 21.88
CA ASN B 113 22.98 -41.16 22.09
C ASN B 113 22.01 -41.09 23.26
N LYS B 114 21.37 -42.20 23.62
CA LYS B 114 20.46 -42.24 24.75
C LYS B 114 21.16 -42.43 26.08
N LEU B 115 22.48 -42.56 26.09
CA LEU B 115 23.23 -42.84 27.31
C LEU B 115 24.26 -41.78 27.65
N ASP B 116 24.99 -41.26 26.67
CA ASP B 116 26.13 -40.38 26.90
C ASP B 116 25.88 -38.94 26.44
N SER B 117 24.62 -38.57 26.20
CA SER B 117 24.30 -37.23 25.72
C SER B 117 23.27 -36.61 26.63
N LYS B 118 23.61 -35.46 27.21
CA LYS B 118 22.72 -34.70 28.07
C LYS B 118 22.18 -33.49 27.32
N VAL B 119 21.05 -32.96 27.81
CA VAL B 119 20.42 -31.82 27.16
C VAL B 119 21.32 -30.59 27.26
N SER B 120 21.94 -30.38 28.41
CA SER B 120 22.84 -29.26 28.63
C SER B 120 24.27 -29.55 28.18
N GLY B 121 24.49 -30.66 27.47
CA GLY B 121 25.81 -31.01 26.98
C GLY B 121 26.59 -31.89 27.95
N ASN B 122 27.15 -32.97 27.44
CA ASN B 122 27.93 -33.91 28.26
C ASN B 122 29.40 -33.71 27.93
N TYR B 123 30.01 -32.72 28.59
CA TYR B 123 31.41 -32.37 28.38
C TYR B 123 32.37 -33.31 29.09
N ASN B 124 31.88 -34.41 29.67
CA ASN B 124 32.75 -35.30 30.43
C ASN B 124 33.72 -36.06 29.53
N TYR B 125 33.26 -36.47 28.35
CA TYR B 125 34.13 -37.20 27.43
C TYR B 125 35.08 -36.23 26.73
N LEU B 126 36.36 -36.63 26.66
CA LEU B 126 37.41 -35.77 26.14
C LEU B 126 38.14 -36.45 24.98
N TYR B 127 38.93 -35.66 24.28
CA TYR B 127 39.77 -36.15 23.19
C TYR B 127 41.00 -35.25 23.08
N ARG B 128 42.05 -35.79 22.46
CA ARG B 128 43.29 -35.05 22.27
C ARG B 128 43.28 -34.40 20.89
N LEU B 129 43.57 -33.10 20.85
CA LEU B 129 43.58 -32.35 19.60
C LEU B 129 44.98 -32.10 19.06
N PHE B 130 45.94 -31.81 19.94
CA PHE B 130 47.31 -31.49 19.53
C PHE B 130 48.27 -32.53 20.08
N ARG B 131 49.22 -32.95 19.24
CA ARG B 131 50.30 -33.82 19.65
C ARG B 131 51.45 -33.65 18.67
N LYS B 132 52.68 -33.70 19.20
CA LYS B 132 53.84 -33.39 18.37
C LYS B 132 54.08 -34.46 17.30
N SER B 133 53.73 -35.71 17.57
CA SER B 133 53.92 -36.79 16.62
C SER B 133 52.72 -37.72 16.68
N ASN B 134 52.71 -38.73 15.80
CA ASN B 134 51.63 -39.69 15.77
C ASN B 134 51.82 -40.77 16.83
N LEU B 135 50.72 -41.41 17.19
CA LEU B 135 50.75 -42.49 18.17
C LEU B 135 51.17 -43.79 17.52
N LYS B 136 51.99 -44.56 18.24
CA LYS B 136 52.28 -45.92 17.85
C LYS B 136 51.04 -46.79 18.09
N PRO B 137 50.97 -47.95 17.46
CA PRO B 137 49.82 -48.84 17.69
C PRO B 137 49.71 -49.22 19.15
N PHE B 138 48.49 -49.11 19.69
CA PHE B 138 48.18 -49.44 21.08
C PHE B 138 48.97 -48.56 22.06
N GLU B 139 49.06 -47.27 21.75
CA GLU B 139 49.71 -46.30 22.61
C GLU B 139 48.66 -45.44 23.30
N ARG B 140 48.84 -45.23 24.60
CA ARG B 140 47.91 -44.44 25.41
C ARG B 140 48.68 -43.28 26.03
N ASP B 141 48.33 -42.06 25.63
CA ASP B 141 48.97 -40.84 26.11
C ASP B 141 47.97 -40.05 26.93
N ILE B 142 48.16 -40.02 28.25
CA ILE B 142 47.31 -39.26 29.15
C ILE B 142 47.97 -37.95 29.59
N SER B 143 49.02 -37.53 28.91
CA SER B 143 49.71 -36.29 29.28
C SER B 143 48.82 -35.09 28.98
N THR B 144 48.83 -34.13 29.90
CA THR B 144 48.07 -32.89 29.76
C THR B 144 48.98 -31.68 29.78
N GLU B 145 50.17 -31.82 29.20
CA GLU B 145 51.13 -30.72 29.15
C GLU B 145 50.73 -29.74 28.05
N ILE B 146 50.94 -28.45 28.33
CA ILE B 146 50.58 -27.40 27.38
C ILE B 146 51.34 -27.61 26.08
N TYR B 147 50.60 -27.79 24.99
CA TYR B 147 51.20 -28.06 23.69
C TYR B 147 51.83 -26.80 23.12
N GLN B 148 53.07 -26.90 22.68
CA GLN B 148 53.80 -25.77 22.11
C GLN B 148 53.60 -25.76 20.61
N ALA B 149 52.85 -24.77 20.11
CA ALA B 149 52.62 -24.61 18.69
C ALA B 149 53.45 -23.48 18.07
N GLY B 150 54.26 -22.78 18.86
CA GLY B 150 55.08 -21.70 18.35
C GLY B 150 56.56 -21.87 18.65
N ASN B 151 57.27 -20.74 18.79
CA ASN B 151 58.71 -20.77 19.01
C ASN B 151 59.08 -20.54 20.46
N LYS B 152 58.26 -19.81 21.22
CA LYS B 152 58.55 -19.50 22.62
C LYS B 152 58.04 -20.61 23.53
N PRO B 153 58.77 -20.94 24.59
CA PRO B 153 58.34 -22.04 25.47
C PRO B 153 57.10 -21.66 26.26
N CYS B 154 56.25 -22.65 26.50
CA CYS B 154 54.98 -22.40 27.17
C CYS B 154 55.15 -22.28 28.68
N ASN B 155 55.86 -23.24 29.29
CA ASN B 155 56.06 -23.27 30.74
C ASN B 155 54.74 -23.34 31.48
N GLY B 156 53.81 -24.16 30.98
CA GLY B 156 52.52 -24.32 31.61
C GLY B 156 51.63 -23.10 31.56
N VAL B 157 51.76 -22.28 30.52
CA VAL B 157 50.97 -21.06 30.36
C VAL B 157 50.09 -21.23 29.14
N ALA B 158 48.77 -21.12 29.34
CA ALA B 158 47.82 -21.15 28.23
C ALA B 158 47.83 -19.78 27.58
N GLY B 159 48.42 -19.68 26.39
CA GLY B 159 48.49 -18.42 25.68
C GLY B 159 48.62 -18.59 24.19
N PHE B 160 49.11 -17.56 23.50
CA PHE B 160 49.28 -17.65 22.06
C PHE B 160 50.30 -18.73 21.71
N ASN B 161 49.89 -19.64 20.83
CA ASN B 161 50.69 -20.80 20.43
C ASN B 161 51.02 -21.73 21.59
N CYS B 162 50.21 -21.70 22.65
CA CYS B 162 50.39 -22.57 23.81
C CYS B 162 49.01 -22.94 24.32
N TYR B 163 48.51 -24.10 23.90
CA TYR B 163 47.14 -24.50 24.15
C TYR B 163 47.08 -25.80 24.93
N PHE B 164 45.95 -26.00 25.61
CA PHE B 164 45.72 -27.24 26.34
C PHE B 164 45.40 -28.36 25.35
N PRO B 165 46.04 -29.53 25.46
CA PRO B 165 45.94 -30.54 24.40
C PRO B 165 44.66 -31.35 24.41
N LEU B 166 43.73 -31.11 25.33
CA LEU B 166 42.51 -31.89 25.42
C LEU B 166 41.30 -30.98 25.28
N ARG B 167 40.26 -31.50 24.62
CA ARG B 167 39.01 -30.77 24.40
C ARG B 167 37.84 -31.69 24.73
N SER B 168 36.65 -31.09 24.86
CA SER B 168 35.44 -31.81 25.19
C SER B 168 34.60 -32.05 23.94
N TYR B 169 33.77 -33.09 24.01
CA TYR B 169 32.92 -33.48 22.90
C TYR B 169 31.59 -32.73 22.90
N SER B 170 31.03 -32.48 24.09
CA SER B 170 29.75 -31.79 24.23
C SER B 170 28.64 -32.51 23.45
N PHE B 171 28.32 -33.71 23.93
CA PHE B 171 27.32 -34.55 23.29
C PHE B 171 25.93 -34.07 23.69
N ARG B 172 25.20 -33.49 22.73
CA ARG B 172 23.82 -33.09 22.91
C ARG B 172 22.92 -33.92 22.01
N PRO B 173 21.76 -34.36 22.49
CA PRO B 173 20.92 -35.28 21.69
C PRO B 173 20.39 -34.66 20.42
N THR B 174 20.32 -33.33 20.34
CA THR B 174 19.78 -32.67 19.16
C THR B 174 20.77 -32.54 18.02
N TYR B 175 21.99 -33.06 18.18
CA TYR B 175 22.98 -33.00 17.12
C TYR B 175 22.72 -34.07 16.07
N GLY B 176 23.44 -33.95 14.96
CA GLY B 176 23.35 -34.96 13.91
C GLY B 176 23.99 -36.26 14.33
N VAL B 177 23.75 -37.29 13.52
CA VAL B 177 24.28 -38.63 13.83
C VAL B 177 25.81 -38.63 13.82
N GLY B 178 26.42 -37.78 13.00
CA GLY B 178 27.87 -37.70 12.97
C GLY B 178 28.49 -37.06 14.19
N HIS B 179 27.69 -36.38 15.01
CA HIS B 179 28.15 -35.73 16.23
C HIS B 179 27.56 -36.37 17.48
N GLN B 180 26.89 -37.55 17.35
CA GLN B 180 26.34 -38.28 18.48
C GLN B 180 27.36 -39.28 19.01
N PRO B 181 27.34 -39.59 20.30
CA PRO B 181 28.35 -40.47 20.87
C PRO B 181 28.18 -41.91 20.41
N TYR B 182 29.31 -42.56 20.13
CA TYR B 182 29.36 -43.97 19.78
C TYR B 182 30.33 -44.67 20.70
N ARG B 183 29.86 -45.73 21.39
CA ARG B 183 30.70 -46.52 22.25
C ARG B 183 31.39 -47.61 21.42
N VAL B 184 32.72 -47.66 21.50
CA VAL B 184 33.53 -48.55 20.69
C VAL B 184 34.18 -49.58 21.60
N VAL B 185 34.18 -50.84 21.16
CA VAL B 185 34.84 -51.93 21.86
C VAL B 185 35.72 -52.65 20.85
N VAL B 186 37.04 -52.57 21.04
CA VAL B 186 38.01 -53.19 20.14
C VAL B 186 38.56 -54.44 20.82
N LEU B 187 38.37 -55.58 20.19
CA LEU B 187 38.83 -56.87 20.71
C LEU B 187 40.05 -57.32 19.92
N SER B 188 41.20 -57.35 20.58
CA SER B 188 42.45 -57.80 19.97
C SER B 188 42.70 -59.25 20.35
N PHE B 189 43.07 -60.07 19.36
CA PHE B 189 43.34 -61.49 19.56
C PHE B 189 44.83 -61.74 19.34
N GLU B 190 45.54 -62.03 20.43
CA GLU B 190 46.98 -62.18 20.41
C GLU B 190 47.36 -63.65 20.49
N LEU B 191 48.38 -64.04 19.71
CA LEU B 191 48.86 -65.42 19.67
C LEU B 191 50.39 -65.40 19.55
N LEU B 192 51.06 -65.30 20.69
CA LEU B 192 52.52 -65.29 20.77
C LEU B 192 53.01 -66.62 21.33
N HIS B 193 54.34 -66.74 21.43
CA HIS B 193 54.95 -67.92 22.02
C HIS B 193 54.58 -68.03 23.50
N ALA B 194 53.43 -68.62 23.78
CA ALA B 194 52.89 -68.70 25.12
C ALA B 194 51.79 -69.75 25.14
N PRO B 195 51.38 -70.23 26.32
CA PRO B 195 50.25 -71.16 26.38
C PRO B 195 48.96 -70.47 26.02
N ALA B 196 48.22 -71.05 25.07
CA ALA B 196 46.93 -70.51 24.67
C ALA B 196 45.88 -70.88 25.72
N THR B 197 45.21 -69.86 26.27
CA THR B 197 44.26 -70.07 27.37
C THR B 197 42.86 -69.56 27.09
N VAL B 198 42.68 -68.61 26.16
CA VAL B 198 41.37 -68.05 25.87
C VAL B 198 40.80 -68.85 24.71
N CYS B 199 40.08 -69.91 25.04
CA CYS B 199 39.46 -70.78 24.04
C CYS B 199 37.95 -70.57 24.03
N GLY B 200 37.31 -71.08 22.97
CA GLY B 200 35.89 -70.90 22.77
C GLY B 200 35.08 -72.13 23.13
N LYS B 201 33.77 -71.92 23.24
CA LYS B 201 32.83 -72.99 23.55
C LYS B 201 31.41 -72.60 23.17
N THR C 7 14.31 2.82 -55.54
CA THR C 7 13.41 1.69 -55.58
C THR C 7 14.16 0.39 -55.27
N ASN C 8 14.66 0.28 -54.04
CA ASN C 8 15.33 -0.94 -53.60
C ASN C 8 14.30 -1.99 -53.23
N LEU C 9 14.59 -3.24 -53.62
CA LEU C 9 13.72 -4.37 -53.29
C LEU C 9 14.26 -5.08 -52.06
N CYS C 10 13.36 -5.49 -51.18
CA CYS C 10 13.76 -6.11 -49.93
C CYS C 10 14.53 -7.40 -50.21
N PRO C 11 15.69 -7.60 -49.58
CA PRO C 11 16.50 -8.80 -49.88
C PRO C 11 15.92 -10.07 -49.28
N PHE C 12 14.87 -10.60 -49.91
CA PHE C 12 14.29 -11.87 -49.48
C PHE C 12 14.96 -13.06 -50.16
N ASP C 13 15.48 -12.89 -51.37
CA ASP C 13 16.16 -13.98 -52.06
C ASP C 13 17.41 -14.41 -51.29
N GLU C 14 18.12 -13.45 -50.68
CA GLU C 14 19.31 -13.77 -49.92
C GLU C 14 19.02 -14.62 -48.70
N VAL C 15 17.78 -14.61 -48.21
CA VAL C 15 17.43 -15.34 -46.99
C VAL C 15 16.92 -16.74 -47.31
N PHE C 16 16.01 -16.86 -48.27
CA PHE C 16 15.46 -18.16 -48.63
C PHE C 16 16.42 -18.96 -49.49
N ASN C 17 17.05 -18.32 -50.47
CA ASN C 17 17.92 -19.00 -51.42
C ASN C 17 19.36 -19.08 -50.92
N ALA C 18 19.60 -18.87 -49.63
CA ALA C 18 20.94 -19.01 -49.09
C ALA C 18 21.42 -20.45 -49.21
N THR C 19 22.68 -20.62 -49.60
CA THR C 19 23.25 -21.96 -49.76
C THR C 19 23.53 -22.62 -48.42
N ARG C 20 23.90 -21.86 -47.40
CA ARG C 20 24.18 -22.40 -46.08
C ARG C 20 23.36 -21.65 -45.05
N PHE C 21 22.73 -22.40 -44.15
CA PHE C 21 21.94 -21.84 -43.06
C PHE C 21 22.71 -21.92 -41.76
N ALA C 22 22.22 -21.18 -40.76
CA ALA C 22 22.85 -21.14 -39.45
C ALA C 22 22.30 -22.23 -38.55
N SER C 23 23.05 -22.53 -37.50
CA SER C 23 22.55 -23.44 -36.47
C SER C 23 21.49 -22.72 -35.64
N VAL C 24 20.63 -23.52 -35.01
CA VAL C 24 19.49 -22.95 -34.29
C VAL C 24 19.95 -22.16 -33.07
N TYR C 25 21.06 -22.54 -32.44
CA TYR C 25 21.53 -21.81 -31.27
C TYR C 25 22.15 -20.48 -31.66
N ALA C 26 22.74 -20.39 -32.84
CA ALA C 26 23.31 -19.14 -33.33
C ALA C 26 22.54 -18.68 -34.57
N TRP C 27 21.23 -18.56 -34.43
CA TRP C 27 20.37 -18.23 -35.56
C TRP C 27 20.72 -16.85 -36.13
N ASN C 28 20.76 -16.77 -37.47
CA ASN C 28 21.08 -15.52 -38.15
C ASN C 28 19.82 -14.68 -38.36
N ARG C 29 19.99 -13.37 -38.24
CA ARG C 29 18.89 -12.42 -38.43
C ARG C 29 19.33 -11.35 -39.42
N LYS C 30 18.52 -11.13 -40.45
CA LYS C 30 18.76 -10.12 -41.47
C LYS C 30 17.78 -8.98 -41.24
N ARG C 31 18.32 -7.80 -40.91
CA ARG C 31 17.48 -6.61 -40.70
C ARG C 31 17.13 -6.00 -42.05
N ILE C 32 15.85 -6.01 -42.39
CA ILE C 32 15.35 -5.54 -43.68
C ILE C 32 14.54 -4.27 -43.44
N SER C 33 14.93 -3.18 -44.08
CA SER C 33 14.26 -1.91 -43.90
C SER C 33 14.48 -1.03 -45.13
N ASN C 34 13.58 -0.07 -45.31
CA ASN C 34 13.65 0.91 -46.40
C ASN C 34 13.76 0.21 -47.75
N CYS C 35 12.68 -0.49 -48.11
CA CYS C 35 12.66 -1.26 -49.33
C CYS C 35 11.21 -1.53 -49.74
N VAL C 36 11.04 -2.01 -50.95
CA VAL C 36 9.74 -2.42 -51.49
C VAL C 36 9.67 -3.94 -51.42
N ALA C 37 8.67 -4.46 -50.73
CA ALA C 37 8.58 -5.88 -50.43
C ALA C 37 7.81 -6.59 -51.54
N ASP C 38 8.52 -7.37 -52.35
CA ASP C 38 7.91 -8.22 -53.36
C ASP C 38 7.53 -9.53 -52.68
N TYR C 39 6.43 -9.49 -51.92
CA TYR C 39 5.90 -10.69 -51.31
C TYR C 39 5.47 -11.67 -52.39
N SER C 40 6.30 -12.66 -52.67
CA SER C 40 5.99 -13.65 -53.69
C SER C 40 6.60 -14.99 -53.28
N VAL C 41 7.68 -14.93 -52.51
CA VAL C 41 8.24 -16.15 -51.95
C VAL C 41 7.26 -16.80 -50.98
N LEU C 42 6.47 -15.99 -50.28
CA LEU C 42 5.45 -16.50 -49.37
C LEU C 42 4.04 -16.31 -49.89
N TYR C 43 3.84 -15.51 -50.95
CA TYR C 43 2.51 -15.27 -51.48
C TYR C 43 1.84 -16.57 -51.89
N ASN C 44 2.40 -17.25 -52.88
CA ASN C 44 1.90 -18.55 -53.31
C ASN C 44 2.96 -19.59 -52.99
N LEU C 45 2.80 -20.26 -51.86
CA LEU C 45 3.69 -21.34 -51.45
C LEU C 45 3.03 -22.69 -51.72
N ALA C 46 3.84 -23.67 -52.11
CA ALA C 46 3.35 -24.99 -52.43
C ALA C 46 2.91 -25.73 -51.17
N PRO C 47 2.13 -26.81 -51.31
CA PRO C 47 1.69 -27.56 -50.12
C PRO C 47 2.82 -28.11 -49.28
N PHE C 48 3.97 -28.46 -49.87
CA PHE C 48 5.06 -29.03 -49.10
C PHE C 48 5.82 -27.98 -48.28
N PHE C 49 5.24 -26.80 -48.08
CA PHE C 49 5.81 -25.76 -47.24
C PHE C 49 4.95 -25.58 -46.01
N THR C 50 5.58 -25.61 -44.83
CA THR C 50 4.90 -25.30 -43.59
C THR C 50 4.79 -23.78 -43.45
N PHE C 51 3.57 -23.26 -43.48
CA PHE C 51 3.33 -21.81 -43.47
C PHE C 51 2.30 -21.51 -42.40
N LYS C 52 2.73 -20.84 -41.33
CA LYS C 52 1.85 -20.45 -40.23
C LYS C 52 2.12 -18.99 -39.89
N CYS C 53 1.09 -18.16 -39.96
CA CYS C 53 1.19 -16.75 -39.63
C CYS C 53 0.47 -16.47 -38.32
N TYR C 54 0.98 -15.51 -37.57
CA TYR C 54 0.45 -15.17 -36.25
C TYR C 54 0.32 -13.66 -36.13
N GLY C 55 -0.84 -13.20 -35.67
CA GLY C 55 -1.08 -11.79 -35.46
C GLY C 55 -1.30 -10.96 -36.71
N VAL C 56 -1.04 -11.51 -37.90
CA VAL C 56 -1.21 -10.77 -39.14
C VAL C 56 -1.60 -11.76 -40.24
N SER C 57 -2.39 -11.27 -41.20
CA SER C 57 -2.85 -12.06 -42.34
C SER C 57 -1.93 -11.87 -43.54
N PRO C 58 -1.61 -12.95 -44.26
CA PRO C 58 -0.69 -12.81 -45.40
C PRO C 58 -1.28 -12.01 -46.55
N THR C 59 -2.57 -12.17 -46.83
CA THR C 59 -3.21 -11.42 -47.91
C THR C 59 -3.25 -9.92 -47.63
N LYS C 60 -2.95 -9.49 -46.42
CA LYS C 60 -2.96 -8.08 -46.05
C LYS C 60 -1.56 -7.50 -45.93
N LEU C 61 -0.51 -8.31 -46.11
CA LEU C 61 0.85 -7.80 -45.95
C LEU C 61 1.21 -6.79 -47.04
N ASN C 62 0.67 -6.95 -48.24
CA ASN C 62 0.94 -5.98 -49.31
C ASN C 62 0.33 -4.62 -49.03
N ASP C 63 -0.63 -4.53 -48.12
CA ASP C 63 -1.31 -3.29 -47.82
C ASP C 63 -0.85 -2.66 -46.50
N LEU C 64 0.27 -3.13 -45.95
CA LEU C 64 0.76 -2.65 -44.66
C LEU C 64 2.20 -2.20 -44.79
N CYS C 65 2.54 -1.11 -44.10
CA CYS C 65 3.91 -0.63 -43.98
C CYS C 65 4.40 -0.89 -42.57
N PHE C 66 5.63 -1.39 -42.46
CA PHE C 66 6.23 -1.69 -41.16
C PHE C 66 7.51 -0.88 -40.98
N THR C 67 7.90 -0.71 -39.72
CA THR C 67 9.12 0.03 -39.41
C THR C 67 10.35 -0.81 -39.75
N ASN C 68 10.39 -2.05 -39.27
CA ASN C 68 11.47 -2.97 -39.60
C ASN C 68 10.90 -4.37 -39.71
N VAL C 69 11.48 -5.18 -40.59
CA VAL C 69 11.10 -6.57 -40.77
C VAL C 69 12.34 -7.42 -40.57
N TYR C 70 12.29 -8.33 -39.60
CA TYR C 70 13.43 -9.15 -39.23
C TYR C 70 13.26 -10.55 -39.82
N ALA C 71 14.32 -11.06 -40.47
CA ALA C 71 14.30 -12.35 -41.14
C ALA C 71 15.27 -13.29 -40.41
N ASP C 72 14.72 -14.15 -39.56
CA ASP C 72 15.51 -15.10 -38.79
C ASP C 72 15.52 -16.44 -39.52
N SER C 73 16.72 -16.99 -39.72
CA SER C 73 16.89 -18.25 -40.43
C SER C 73 17.83 -19.17 -39.64
N PHE C 74 17.50 -20.45 -39.64
CA PHE C 74 18.26 -21.47 -38.91
C PHE C 74 17.80 -22.84 -39.41
N VAL C 75 18.24 -23.90 -38.74
CA VAL C 75 17.94 -25.27 -39.15
C VAL C 75 17.66 -26.10 -37.91
N ILE C 76 16.55 -26.84 -37.93
CA ILE C 76 16.19 -27.81 -36.91
C ILE C 76 15.74 -29.09 -37.61
N ARG C 77 15.34 -30.08 -36.82
CA ARG C 77 14.77 -31.31 -37.38
C ARG C 77 13.25 -31.23 -37.38
N GLY C 78 12.63 -32.16 -38.10
CA GLY C 78 11.21 -32.06 -38.39
C GLY C 78 10.34 -32.05 -37.14
N ASP C 79 10.69 -32.87 -36.15
CA ASP C 79 9.90 -32.95 -34.93
C ASP C 79 9.97 -31.69 -34.09
N GLU C 80 10.82 -30.73 -34.44
CA GLU C 80 11.02 -29.53 -33.64
C GLU C 80 10.45 -28.27 -34.29
N VAL C 81 9.86 -28.38 -35.49
CA VAL C 81 9.31 -27.19 -36.13
C VAL C 81 8.08 -26.71 -35.40
N ARG C 82 7.34 -27.61 -34.75
CA ARG C 82 6.15 -27.22 -34.00
C ARG C 82 6.47 -26.29 -32.85
N GLN C 83 7.74 -26.20 -32.43
CA GLN C 83 8.12 -25.33 -31.33
C GLN C 83 8.37 -23.90 -31.79
N ILE C 84 8.73 -23.70 -33.05
CA ILE C 84 8.95 -22.36 -33.58
C ILE C 84 7.58 -21.68 -33.74
N ALA C 85 6.99 -21.30 -32.62
CA ALA C 85 5.65 -20.71 -32.61
C ALA C 85 5.46 -20.00 -31.28
N PRO C 86 4.55 -19.02 -31.21
CA PRO C 86 4.29 -18.36 -29.93
C PRO C 86 3.72 -19.32 -28.90
N GLY C 87 4.19 -19.19 -27.66
CA GLY C 87 3.71 -19.99 -26.57
C GLY C 87 4.02 -21.46 -26.69
N GLN C 88 5.27 -21.78 -27.00
CA GLN C 88 5.72 -23.16 -27.14
C GLN C 88 6.90 -23.42 -26.20
N THR C 89 6.99 -24.66 -25.72
CA THR C 89 8.06 -25.08 -24.85
C THR C 89 8.78 -26.29 -25.45
N GLY C 90 10.00 -26.52 -24.97
CA GLY C 90 10.84 -27.58 -25.51
C GLY C 90 12.30 -27.16 -25.53
N ASN C 91 13.19 -28.05 -26.00
CA ASN C 91 14.61 -27.71 -26.00
C ASN C 91 14.91 -26.58 -26.98
N ILE C 92 14.24 -26.56 -28.13
CA ILE C 92 14.48 -25.52 -29.12
C ILE C 92 13.88 -24.20 -28.65
N ALA C 93 12.63 -24.24 -28.18
CA ALA C 93 11.96 -23.01 -27.78
C ALA C 93 12.61 -22.38 -26.56
N ASP C 94 12.96 -23.20 -25.57
CA ASP C 94 13.46 -22.66 -24.31
C ASP C 94 14.94 -22.31 -24.36
N TYR C 95 15.73 -23.03 -25.17
CA TYR C 95 17.19 -22.92 -25.10
C TYR C 95 17.86 -22.50 -26.39
N ASN C 96 17.10 -22.26 -27.47
CA ASN C 96 17.74 -21.93 -28.75
C ASN C 96 17.10 -20.72 -29.42
N TYR C 97 15.80 -20.79 -29.73
CA TYR C 97 15.12 -19.70 -30.42
C TYR C 97 13.69 -19.62 -29.90
N LYS C 98 13.38 -18.56 -29.16
CA LYS C 98 12.07 -18.37 -28.57
C LYS C 98 11.31 -17.25 -29.29
N LEU C 99 10.02 -17.47 -29.53
CA LEU C 99 9.13 -16.47 -30.06
C LEU C 99 8.20 -15.96 -28.97
N PRO C 100 7.92 -14.66 -28.93
CA PRO C 100 7.07 -14.11 -27.86
C PRO C 100 5.63 -14.57 -27.98
N ASP C 101 4.86 -14.33 -26.91
CA ASP C 101 3.47 -14.74 -26.89
C ASP C 101 2.61 -13.88 -27.82
N ASP C 102 2.97 -12.60 -27.99
CA ASP C 102 2.27 -11.71 -28.91
C ASP C 102 3.03 -11.55 -30.22
N PHE C 103 3.61 -12.63 -30.72
CA PHE C 103 4.42 -12.57 -31.93
C PHE C 103 3.57 -12.20 -33.13
N THR C 104 4.03 -11.20 -33.88
CA THR C 104 3.35 -10.70 -35.07
C THR C 104 4.22 -11.02 -36.28
N GLY C 105 3.88 -12.08 -36.99
CA GLY C 105 4.64 -12.47 -38.16
C GLY C 105 4.29 -13.90 -38.57
N CYS C 106 5.06 -14.40 -39.53
CA CYS C 106 4.86 -15.72 -40.10
C CYS C 106 6.10 -16.58 -39.90
N VAL C 107 5.90 -17.89 -39.91
CA VAL C 107 6.98 -18.87 -39.85
C VAL C 107 6.90 -19.73 -41.09
N ILE C 108 8.05 -19.98 -41.72
CA ILE C 108 8.13 -20.77 -42.94
C ILE C 108 9.17 -21.87 -42.73
N ALA C 109 8.81 -23.10 -43.07
CA ALA C 109 9.70 -24.23 -42.90
C ALA C 109 9.47 -25.24 -44.01
N TRP C 110 10.56 -25.82 -44.52
CA TRP C 110 10.49 -26.80 -45.59
C TRP C 110 11.54 -27.87 -45.37
N ASN C 111 11.24 -29.07 -45.84
CA ASN C 111 12.16 -30.20 -45.69
C ASN C 111 13.38 -30.00 -46.58
N SER C 112 14.56 -29.92 -45.97
CA SER C 112 15.79 -29.73 -46.72
C SER C 112 16.69 -30.96 -46.58
N ASN C 113 16.11 -32.15 -46.74
CA ASN C 113 16.89 -33.37 -46.60
C ASN C 113 17.86 -33.56 -47.75
N LYS C 114 17.56 -32.99 -48.91
CA LYS C 114 18.44 -33.08 -50.08
C LYS C 114 19.58 -32.08 -50.04
N LEU C 115 19.65 -31.21 -49.03
CA LEU C 115 20.65 -30.16 -48.98
C LEU C 115 21.56 -30.24 -47.77
N ASP C 116 21.01 -30.54 -46.58
CA ASP C 116 21.76 -30.47 -45.34
C ASP C 116 22.03 -31.83 -44.72
N SER C 117 21.87 -32.92 -45.47
CA SER C 117 22.07 -34.26 -44.95
C SER C 117 23.08 -35.00 -45.81
N LYS C 118 24.17 -35.46 -45.20
CA LYS C 118 25.19 -36.24 -45.88
C LYS C 118 25.07 -37.70 -45.49
N VAL C 119 25.65 -38.56 -46.33
CA VAL C 119 25.57 -40.00 -46.09
C VAL C 119 26.34 -40.36 -44.82
N SER C 120 27.50 -39.76 -44.62
CA SER C 120 28.32 -40.00 -43.44
C SER C 120 27.92 -39.12 -42.26
N GLY C 121 26.79 -38.42 -42.35
CA GLY C 121 26.33 -37.57 -41.27
C GLY C 121 26.82 -36.15 -41.37
N ASN C 122 25.90 -35.18 -41.25
CA ASN C 122 26.24 -33.77 -41.34
C ASN C 122 26.18 -33.19 -39.92
N TYR C 123 27.30 -33.34 -39.20
CA TYR C 123 27.42 -32.87 -37.83
C TYR C 123 27.68 -31.37 -37.73
N ASN C 124 27.59 -30.64 -38.84
CA ASN C 124 27.92 -29.21 -38.81
C ASN C 124 26.86 -28.41 -38.07
N TYR C 125 25.59 -28.77 -38.21
CA TYR C 125 24.52 -28.07 -37.52
C TYR C 125 24.47 -28.48 -36.06
N LEU C 126 24.33 -27.48 -35.18
CA LEU C 126 24.40 -27.69 -33.74
C LEU C 126 23.14 -27.17 -33.07
N TYR C 127 22.98 -27.55 -31.80
CA TYR C 127 21.89 -27.08 -30.97
C TYR C 127 22.34 -27.08 -29.52
N ARG C 128 21.64 -26.29 -28.70
CA ARG C 128 21.95 -26.21 -27.28
C ARG C 128 21.05 -27.18 -26.50
N LEU C 129 21.68 -27.99 -25.65
CA LEU C 129 20.96 -28.98 -24.86
C LEU C 129 20.75 -28.54 -23.41
N PHE C 130 21.74 -27.90 -22.80
CA PHE C 130 21.67 -27.50 -21.40
C PHE C 130 21.73 -25.99 -21.28
N ARG C 131 20.89 -25.43 -20.42
CA ARG C 131 20.94 -24.01 -20.09
C ARG C 131 20.28 -23.82 -18.73
N LYS C 132 20.82 -22.90 -17.94
CA LYS C 132 20.37 -22.74 -16.56
C LYS C 132 18.95 -22.20 -16.48
N SER C 133 18.54 -21.39 -17.45
CA SER C 133 17.21 -20.79 -17.46
C SER C 133 16.69 -20.76 -18.90
N ASN C 134 15.44 -20.34 -19.06
CA ASN C 134 14.85 -20.25 -20.39
C ASN C 134 15.27 -18.98 -21.10
N LEU C 135 15.17 -19.01 -22.43
CA LEU C 135 15.50 -17.85 -23.24
C LEU C 135 14.35 -16.86 -23.28
N LYS C 136 14.69 -15.57 -23.22
CA LYS C 136 13.71 -14.53 -23.48
C LYS C 136 13.38 -14.52 -24.97
N PRO C 137 12.25 -13.91 -25.35
CA PRO C 137 11.92 -13.83 -26.78
C PRO C 137 13.01 -13.10 -27.57
N PHE C 138 13.42 -13.70 -28.68
CA PHE C 138 14.43 -13.15 -29.57
C PHE C 138 15.78 -13.01 -28.87
N GLU C 139 16.14 -14.02 -28.08
CA GLU C 139 17.42 -14.07 -27.40
C GLU C 139 18.33 -15.06 -28.10
N ARG C 140 19.60 -14.67 -28.30
CA ARG C 140 20.58 -15.50 -28.97
C ARG C 140 21.76 -15.71 -28.03
N ASP C 141 21.97 -16.95 -27.61
CA ASP C 141 23.04 -17.31 -26.68
C ASP C 141 24.04 -18.20 -27.41
N ILE C 142 25.22 -17.64 -27.70
CA ILE C 142 26.28 -18.39 -28.36
C ILE C 142 27.36 -18.83 -27.37
N SER C 143 27.07 -18.77 -26.07
CA SER C 143 28.06 -19.17 -25.07
C SER C 143 28.30 -20.66 -25.13
N THR C 144 29.57 -21.06 -24.99
CA THR C 144 29.97 -22.46 -24.99
C THR C 144 30.66 -22.83 -23.68
N GLU C 145 30.20 -22.25 -22.59
CA GLU C 145 30.78 -22.53 -21.28
C GLU C 145 30.26 -23.87 -20.75
N ILE C 146 31.14 -24.60 -20.08
CA ILE C 146 30.79 -25.92 -19.57
C ILE C 146 29.63 -25.79 -18.58
N TYR C 147 28.52 -26.45 -18.90
CA TYR C 147 27.32 -26.36 -18.08
C TYR C 147 27.50 -27.15 -16.78
N GLN C 148 27.18 -26.50 -15.66
CA GLN C 148 27.31 -27.12 -14.35
C GLN C 148 25.97 -27.77 -13.99
N ALA C 149 25.95 -29.11 -13.96
CA ALA C 149 24.76 -29.86 -13.57
C ALA C 149 24.86 -30.44 -12.16
N GLY C 150 25.96 -30.21 -11.45
CA GLY C 150 26.11 -30.72 -10.11
C GLY C 150 26.44 -29.64 -9.08
N ASN C 151 27.16 -30.02 -8.03
CA ASN C 151 27.49 -29.10 -6.95
C ASN C 151 28.89 -28.55 -7.04
N LYS C 152 29.84 -29.30 -7.63
CA LYS C 152 31.23 -28.88 -7.75
C LYS C 152 31.43 -28.03 -9.00
N PRO C 153 32.27 -26.99 -8.91
CA PRO C 153 32.46 -26.12 -10.08
C PRO C 153 33.22 -26.83 -11.19
N CYS C 154 32.86 -26.50 -12.43
CA CYS C 154 33.44 -27.18 -13.59
C CYS C 154 34.83 -26.65 -13.91
N ASN C 155 34.97 -25.32 -13.99
CA ASN C 155 36.23 -24.67 -14.34
C ASN C 155 36.72 -25.13 -15.72
N GLY C 156 35.79 -25.22 -16.67
CA GLY C 156 36.14 -25.62 -18.02
C GLY C 156 36.61 -27.06 -18.15
N VAL C 157 36.11 -27.95 -17.31
CA VAL C 157 36.48 -29.36 -17.34
C VAL C 157 35.26 -30.17 -17.71
N ALA C 158 35.35 -30.93 -18.80
CA ALA C 158 34.29 -31.85 -19.19
C ALA C 158 34.38 -33.09 -18.33
N GLY C 159 33.45 -33.23 -17.38
CA GLY C 159 33.46 -34.37 -16.49
C GLY C 159 32.08 -34.70 -15.96
N PHE C 160 32.02 -35.42 -14.83
CA PHE C 160 30.74 -35.76 -14.23
C PHE C 160 30.01 -34.50 -13.79
N ASN C 161 28.77 -34.35 -14.24
CA ASN C 161 27.93 -33.18 -13.98
C ASN C 161 28.54 -31.90 -14.55
N CYS C 162 29.39 -32.01 -15.56
CA CYS C 162 30.00 -30.86 -16.22
C CYS C 162 30.13 -31.20 -17.71
N TYR C 163 29.16 -30.76 -18.50
CA TYR C 163 29.05 -31.18 -19.89
C TYR C 163 29.09 -29.97 -20.82
N PHE C 164 29.49 -30.22 -22.07
CA PHE C 164 29.49 -29.18 -23.08
C PHE C 164 28.06 -28.88 -23.52
N PRO C 165 27.66 -27.62 -23.57
CA PRO C 165 26.24 -27.30 -23.76
C PRO C 165 25.73 -27.42 -25.18
N LEU C 166 26.55 -27.81 -26.15
CA LEU C 166 26.14 -27.90 -27.54
C LEU C 166 26.34 -29.32 -28.06
N ARG C 167 25.41 -29.76 -28.91
CA ARG C 167 25.46 -31.08 -29.51
C ARG C 167 25.19 -30.96 -31.01
N SER C 168 25.48 -32.04 -31.73
CA SER C 168 25.30 -32.09 -33.18
C SER C 168 24.01 -32.82 -33.54
N TYR C 169 23.49 -32.50 -34.72
CA TYR C 169 22.26 -33.09 -35.21
C TYR C 169 22.50 -34.41 -35.94
N SER C 170 23.59 -34.50 -36.69
CA SER C 170 23.94 -35.70 -37.47
C SER C 170 22.80 -36.07 -38.42
N PHE C 171 22.61 -35.20 -39.42
CA PHE C 171 21.55 -35.37 -40.40
C PHE C 171 21.99 -36.38 -41.45
N ARG C 172 21.36 -37.56 -41.44
CA ARG C 172 21.58 -38.59 -42.44
C ARG C 172 20.31 -38.81 -43.24
N PRO C 173 20.41 -38.97 -44.56
CA PRO C 173 19.19 -39.05 -45.39
C PRO C 173 18.33 -40.26 -45.08
N THR C 174 18.89 -41.32 -44.51
CA THR C 174 18.14 -42.53 -44.23
C THR C 174 17.30 -42.45 -42.96
N TYR C 175 17.31 -41.30 -42.27
CA TYR C 175 16.52 -41.16 -41.06
C TYR C 175 15.05 -40.87 -41.40
N GLY C 176 14.20 -40.94 -40.38
CA GLY C 176 12.81 -40.62 -40.56
C GLY C 176 12.60 -39.12 -40.79
N VAL C 177 11.37 -38.78 -41.18
CA VAL C 177 11.05 -37.39 -41.48
C VAL C 177 11.19 -36.51 -40.24
N GLY C 178 10.95 -37.08 -39.05
CA GLY C 178 11.10 -36.32 -37.83
C GLY C 178 12.53 -36.01 -37.45
N HIS C 179 13.49 -36.69 -38.07
CA HIS C 179 14.91 -36.48 -37.82
C HIS C 179 15.64 -35.91 -39.03
N GLN C 180 14.89 -35.47 -40.08
CA GLN C 180 15.46 -34.84 -41.25
C GLN C 180 15.53 -33.33 -41.08
N PRO C 181 16.51 -32.67 -41.69
CA PRO C 181 16.68 -31.23 -41.46
C PRO C 181 15.56 -30.42 -42.11
N TYR C 182 15.12 -29.39 -41.40
CA TYR C 182 14.13 -28.44 -41.90
C TYR C 182 14.69 -27.04 -41.76
N ARG C 183 14.73 -26.29 -42.87
CA ARG C 183 15.17 -24.92 -42.85
C ARG C 183 14.00 -24.01 -42.50
N VAL C 184 14.17 -23.19 -41.47
CA VAL C 184 13.11 -22.33 -40.94
C VAL C 184 13.47 -20.87 -41.22
N VAL C 185 12.48 -20.10 -41.65
CA VAL C 185 12.62 -18.66 -41.87
C VAL C 185 11.49 -17.98 -41.13
N VAL C 186 11.81 -17.22 -40.08
CA VAL C 186 10.83 -16.52 -39.27
C VAL C 186 10.87 -15.04 -39.64
N LEU C 187 9.75 -14.51 -40.11
CA LEU C 187 9.63 -13.12 -40.51
C LEU C 187 8.83 -12.37 -39.45
N SER C 188 9.50 -11.46 -38.76
CA SER C 188 8.88 -10.62 -37.74
C SER C 188 8.53 -9.26 -38.34
N PHE C 189 7.31 -8.78 -38.07
CA PHE C 189 6.83 -7.51 -38.59
C PHE C 189 6.66 -6.55 -37.42
N GLU C 190 7.52 -5.54 -37.35
CA GLU C 190 7.58 -4.61 -36.24
C GLU C 190 6.97 -3.28 -36.65
N LEU C 191 6.21 -2.67 -35.72
CA LEU C 191 5.55 -1.38 -35.97
C LEU C 191 5.60 -0.58 -34.66
N LEU C 192 6.71 0.13 -34.47
CA LEU C 192 6.92 0.99 -33.31
C LEU C 192 6.81 2.45 -33.72
N HIS C 193 6.98 3.33 -32.74
CA HIS C 193 6.96 4.77 -32.99
C HIS C 193 8.16 5.16 -33.85
N ALA C 194 8.01 5.03 -35.17
CA ALA C 194 9.10 5.25 -36.10
C ALA C 194 8.50 5.41 -37.50
N PRO C 195 9.26 5.94 -38.45
CA PRO C 195 8.75 6.01 -39.83
C PRO C 195 8.64 4.62 -40.44
N ALA C 196 7.48 4.30 -40.99
CA ALA C 196 7.26 3.02 -41.65
C ALA C 196 7.89 3.05 -43.02
N THR C 197 8.80 2.11 -43.30
CA THR C 197 9.55 2.10 -44.54
C THR C 197 9.42 0.83 -45.35
N VAL C 198 9.07 -0.30 -44.73
CA VAL C 198 8.96 -1.58 -45.44
C VAL C 198 7.49 -1.71 -45.87
N CYS C 199 7.20 -1.22 -47.07
CA CYS C 199 5.85 -1.28 -47.63
C CYS C 199 5.80 -2.31 -48.75
N GLY C 200 4.58 -2.66 -49.14
CA GLY C 200 4.36 -3.68 -50.14
C GLY C 200 3.99 -3.10 -51.50
N LYS C 201 4.06 -3.97 -52.51
CA LYS C 201 3.73 -3.61 -53.88
C LYS C 201 3.46 -4.85 -54.73
N THR D 7 -57.90 62.61 41.84
CA THR D 7 -58.17 61.74 40.71
C THR D 7 -57.24 62.06 39.54
N ASN D 8 -55.94 61.83 39.75
CA ASN D 8 -54.96 62.03 38.68
C ASN D 8 -54.98 60.85 37.72
N LEU D 9 -54.88 61.16 36.43
CA LEU D 9 -54.83 60.13 35.39
C LEU D 9 -53.38 59.87 35.01
N CYS D 10 -53.05 58.60 34.81
CA CYS D 10 -51.68 58.22 34.52
C CYS D 10 -51.23 58.87 33.21
N PRO D 11 -50.06 59.51 33.18
CA PRO D 11 -49.61 60.21 31.97
C PRO D 11 -49.16 59.26 30.87
N PHE D 12 -50.12 58.64 30.18
CA PHE D 12 -49.80 57.80 29.05
C PHE D 12 -49.75 58.57 27.74
N ASP D 13 -50.50 59.66 27.63
CA ASP D 13 -50.47 60.46 26.41
C ASP D 13 -49.08 61.09 26.20
N GLU D 14 -48.42 61.47 27.30
CA GLU D 14 -47.09 62.06 27.19
C GLU D 14 -46.06 61.07 26.65
N VAL D 15 -46.32 59.77 26.75
CA VAL D 15 -45.35 58.77 26.34
C VAL D 15 -45.58 58.34 24.90
N PHE D 16 -46.83 58.06 24.53
CA PHE D 16 -47.13 57.62 23.18
C PHE D 16 -47.17 58.80 22.20
N ASN D 17 -47.78 59.91 22.60
CA ASN D 17 -47.94 61.07 21.73
C ASN D 17 -46.75 62.03 21.79
N ALA D 18 -45.61 61.57 22.31
CA ALA D 18 -44.42 62.42 22.34
C ALA D 18 -43.96 62.72 20.92
N THR D 19 -43.57 63.98 20.68
CA THR D 19 -43.12 64.38 19.36
C THR D 19 -41.73 63.85 19.03
N ARG D 20 -40.86 63.73 20.03
CA ARG D 20 -39.51 63.22 19.83
C ARG D 20 -39.26 62.07 20.79
N PHE D 21 -38.70 60.99 20.27
CA PHE D 21 -38.35 59.82 21.06
C PHE D 21 -36.85 59.78 21.31
N ALA D 22 -36.45 58.94 22.26
CA ALA D 22 -35.05 58.81 22.63
C ALA D 22 -34.37 57.74 21.77
N SER D 23 -33.04 57.80 21.74
CA SER D 23 -32.28 56.74 21.11
C SER D 23 -32.31 55.48 21.98
N VAL D 24 -32.07 54.34 21.34
CA VAL D 24 -32.20 53.07 22.04
C VAL D 24 -31.14 52.92 23.13
N TYR D 25 -29.95 53.49 22.92
CA TYR D 25 -28.89 53.36 23.91
C TYR D 25 -29.17 54.24 25.13
N ALA D 26 -29.84 55.37 24.94
CA ALA D 26 -30.22 56.24 26.04
C ALA D 26 -31.73 56.28 26.17
N TRP D 27 -32.34 55.11 26.32
CA TRP D 27 -33.80 55.02 26.34
C TRP D 27 -34.37 55.76 27.55
N ASN D 28 -35.46 56.49 27.31
CA ASN D 28 -36.12 57.25 28.36
C ASN D 28 -37.14 56.39 29.10
N ARG D 29 -37.24 56.62 30.40
CA ARG D 29 -38.18 55.91 31.26
C ARG D 29 -38.99 56.90 32.07
N LYS D 30 -40.31 56.77 32.01
CA LYS D 30 -41.23 57.62 32.76
C LYS D 30 -41.80 56.81 33.91
N ARG D 31 -41.50 57.22 35.14
CA ARG D 31 -42.03 56.53 36.32
C ARG D 31 -43.45 57.01 36.59
N ILE D 32 -44.40 56.10 36.47
CA ILE D 32 -45.82 56.40 36.61
C ILE D 32 -46.33 55.72 37.87
N SER D 33 -46.88 56.52 38.79
CA SER D 33 -47.37 56.00 40.05
C SER D 33 -48.44 56.92 40.61
N ASN D 34 -49.27 56.36 41.49
CA ASN D 34 -50.33 57.10 42.18
C ASN D 34 -51.24 57.81 41.17
N CYS D 35 -51.96 57.00 40.39
CA CYS D 35 -52.81 57.53 39.34
C CYS D 35 -53.85 56.47 38.96
N VAL D 36 -54.83 56.91 38.19
CA VAL D 36 -55.88 56.04 37.65
C VAL D 36 -55.53 55.77 36.19
N ALA D 37 -55.39 54.50 35.84
CA ALA D 37 -54.88 54.11 34.53
C ALA D 37 -56.06 53.96 33.56
N ASP D 38 -56.18 54.90 32.63
CA ASP D 38 -57.15 54.80 31.53
C ASP D 38 -56.51 53.98 30.42
N TYR D 39 -56.48 52.66 30.63
CA TYR D 39 -55.99 51.76 29.60
C TYR D 39 -56.91 51.84 28.39
N SER D 40 -56.49 52.58 27.37
CA SER D 40 -57.27 52.72 26.14
C SER D 40 -56.33 52.88 24.96
N VAL D 41 -55.13 53.40 25.22
CA VAL D 41 -54.12 53.46 24.18
C VAL D 41 -53.71 52.04 23.77
N LEU D 42 -53.72 51.10 24.72
CA LEU D 42 -53.40 49.71 24.42
C LEU D 42 -54.62 48.80 24.46
N TYR D 43 -55.76 49.28 24.97
CA TYR D 43 -56.95 48.45 25.05
C TYR D 43 -57.37 47.95 23.68
N ASN D 44 -57.74 48.85 22.79
CA ASN D 44 -58.08 48.50 21.42
C ASN D 44 -57.03 49.13 20.50
N LEU D 45 -56.04 48.33 20.12
CA LEU D 45 -55.01 48.75 19.19
C LEU D 45 -55.29 48.17 17.80
N ALA D 46 -54.98 48.96 16.78
CA ALA D 46 -55.22 48.56 15.41
C ALA D 46 -54.25 47.45 14.98
N PRO D 47 -54.56 46.74 13.90
CA PRO D 47 -53.65 45.66 13.45
C PRO D 47 -52.24 46.12 13.13
N PHE D 48 -52.05 47.37 12.67
CA PHE D 48 -50.71 47.83 12.32
C PHE D 48 -49.85 48.17 13.55
N PHE D 49 -50.26 47.70 14.72
CA PHE D 49 -49.49 47.87 15.95
C PHE D 49 -48.97 46.52 16.41
N THR D 50 -47.66 46.44 16.67
CA THR D 50 -47.08 45.25 17.27
C THR D 50 -47.34 45.26 18.77
N PHE D 51 -48.12 44.30 19.25
CA PHE D 51 -48.55 44.26 20.65
C PHE D 51 -48.29 42.86 21.20
N LYS D 52 -47.32 42.75 22.10
CA LYS D 52 -46.98 41.48 22.72
C LYS D 52 -46.85 41.69 24.23
N CYS D 53 -47.64 40.95 25.00
CA CYS D 53 -47.62 41.03 26.45
C CYS D 53 -46.99 39.76 27.02
N TYR D 54 -46.30 39.92 28.15
CA TYR D 54 -45.58 38.82 28.78
C TYR D 54 -45.86 38.82 30.28
N GLY D 55 -46.20 37.65 30.82
CA GLY D 55 -46.47 37.50 32.23
C GLY D 55 -47.79 38.05 32.73
N VAL D 56 -48.50 38.83 31.92
CA VAL D 56 -49.77 39.41 32.33
C VAL D 56 -50.66 39.54 31.10
N SER D 57 -51.97 39.43 31.32
CA SER D 57 -52.98 39.53 30.27
C SER D 57 -53.52 40.96 30.19
N PRO D 58 -53.70 41.48 28.97
CA PRO D 58 -54.18 42.87 28.85
C PRO D 58 -55.62 43.05 29.34
N THR D 59 -56.50 42.08 29.08
CA THR D 59 -57.88 42.19 29.55
C THR D 59 -58.01 42.19 31.06
N LYS D 60 -56.93 41.85 31.78
CA LYS D 60 -56.94 41.82 33.24
C LYS D 60 -56.22 43.00 33.86
N LEU D 61 -55.65 43.90 33.05
CA LEU D 61 -54.90 45.02 33.60
C LEU D 61 -55.81 46.01 34.32
N ASN D 62 -57.06 46.14 33.88
CA ASN D 62 -58.00 47.05 34.55
C ASN D 62 -58.37 46.54 35.94
N ASP D 63 -58.16 45.27 36.23
CA ASP D 63 -58.54 44.67 37.49
C ASP D 63 -57.35 44.44 38.43
N LEU D 64 -56.20 45.06 38.14
CA LEU D 64 -54.99 44.86 38.91
C LEU D 64 -54.42 46.21 39.34
N CYS D 65 -53.92 46.25 40.57
CA CYS D 65 -53.20 47.40 41.09
C CYS D 65 -51.71 47.06 41.19
N PHE D 66 -50.87 47.99 40.76
CA PHE D 66 -49.43 47.80 40.78
C PHE D 66 -48.77 48.88 41.64
N THR D 67 -47.57 48.57 42.12
CA THR D 67 -46.82 49.54 42.93
C THR D 67 -46.27 50.65 42.06
N ASN D 68 -45.59 50.31 40.97
CA ASN D 68 -45.08 51.29 40.01
C ASN D 68 -45.18 50.69 38.62
N VAL D 69 -45.43 51.55 37.64
CA VAL D 69 -45.48 51.17 36.23
C VAL D 69 -44.46 52.02 35.47
N TYR D 70 -43.51 51.38 34.84
CA TYR D 70 -42.43 52.05 34.13
C TYR D 70 -42.70 52.06 32.63
N ALA D 71 -42.56 53.23 32.01
CA ALA D 71 -42.84 53.42 30.59
C ALA D 71 -41.53 53.75 29.88
N ASP D 72 -40.94 52.74 29.24
CA ASP D 72 -39.69 52.92 28.50
C ASP D 72 -39.99 53.15 27.03
N SER D 73 -39.40 54.21 26.47
CA SER D 73 -39.62 54.58 25.08
C SER D 73 -38.29 54.86 24.41
N PHE D 74 -38.18 54.45 23.15
CA PHE D 74 -36.97 54.60 22.35
C PHE D 74 -37.33 54.31 20.89
N VAL D 75 -36.32 54.22 20.03
CA VAL D 75 -36.52 54.02 18.60
C VAL D 75 -35.47 53.04 18.09
N ILE D 76 -35.92 52.02 17.35
CA ILE D 76 -35.07 51.08 16.64
C ILE D 76 -35.61 50.92 15.23
N ARG D 77 -34.97 50.05 14.45
CA ARG D 77 -35.46 49.73 13.12
C ARG D 77 -36.28 48.44 13.16
N GLY D 78 -37.01 48.19 12.07
CA GLY D 78 -38.02 47.15 12.08
C GLY D 78 -37.45 45.76 12.36
N ASP D 79 -36.28 45.46 11.82
CA ASP D 79 -35.68 44.14 12.02
C ASP D 79 -35.22 43.90 13.45
N GLU D 80 -35.27 44.92 14.31
CA GLU D 80 -34.77 44.81 15.67
C GLU D 80 -35.86 44.81 16.72
N VAL D 81 -37.13 44.92 16.32
CA VAL D 81 -38.22 44.91 17.30
C VAL D 81 -38.37 43.54 17.93
N ARG D 82 -38.04 42.48 17.20
CA ARG D 82 -38.13 41.13 17.73
C ARG D 82 -37.21 40.90 18.93
N GLN D 83 -36.22 41.78 19.13
CA GLN D 83 -35.30 41.62 20.25
C GLN D 83 -35.84 42.24 21.53
N ILE D 84 -36.74 43.23 21.44
CA ILE D 84 -37.35 43.83 22.61
C ILE D 84 -38.35 42.84 23.20
N ALA D 85 -37.82 41.79 23.83
CA ALA D 85 -38.64 40.72 24.39
C ALA D 85 -37.80 39.95 25.39
N PRO D 86 -38.43 39.25 26.33
CA PRO D 86 -37.67 38.44 27.29
C PRO D 86 -36.92 37.32 26.59
N GLY D 87 -35.68 37.09 27.03
CA GLY D 87 -34.87 36.01 26.50
C GLY D 87 -34.49 36.18 25.05
N GLN D 88 -34.02 37.37 24.69
CA GLN D 88 -33.59 37.67 23.32
C GLN D 88 -32.15 38.15 23.32
N THR D 89 -31.44 37.84 22.23
CA THR D 89 -30.06 38.25 22.05
C THR D 89 -29.93 39.03 20.75
N GLY D 90 -28.84 39.79 20.65
CA GLY D 90 -28.60 40.66 19.52
C GLY D 90 -27.94 41.96 19.95
N ASN D 91 -27.66 42.85 19.00
CA ASN D 91 -26.97 44.10 19.35
C ASN D 91 -27.86 44.99 20.21
N ILE D 92 -29.17 45.02 19.93
CA ILE D 92 -30.08 45.85 20.72
C ILE D 92 -30.29 45.25 22.09
N ALA D 93 -30.56 43.94 22.16
CA ALA D 93 -30.85 43.30 23.43
C ALA D 93 -29.64 43.29 24.35
N ASP D 94 -28.46 42.98 23.80
CA ASP D 94 -27.28 42.82 24.64
C ASP D 94 -26.61 44.15 24.99
N TYR D 95 -26.70 45.15 24.11
CA TYR D 95 -25.90 46.35 24.25
C TYR D 95 -26.70 47.65 24.35
N ASN D 96 -28.03 47.59 24.33
CA ASN D 96 -28.81 48.82 24.34
C ASN D 96 -29.96 48.77 25.35
N TYR D 97 -30.89 47.82 25.18
CA TYR D 97 -32.04 47.72 26.06
C TYR D 97 -32.39 46.25 26.23
N LYS D 98 -32.19 45.73 27.44
CA LYS D 98 -32.43 44.33 27.74
C LYS D 98 -33.66 44.20 28.64
N LEU D 99 -34.49 43.19 28.34
CA LEU D 99 -35.62 42.82 29.18
C LEU D 99 -35.32 41.53 29.91
N PRO D 100 -35.72 41.42 31.18
CA PRO D 100 -35.41 40.21 31.96
C PRO D 100 -36.17 39.00 31.45
N ASP D 101 -35.75 37.82 31.92
CA ASP D 101 -36.39 36.58 31.51
C ASP D 101 -37.78 36.43 32.11
N ASP D 102 -38.01 36.96 33.31
CA ASP D 102 -39.33 36.95 33.95
C ASP D 102 -40.03 38.30 33.80
N PHE D 103 -39.90 38.93 32.64
CA PHE D 103 -40.47 40.24 32.41
C PHE D 103 -42.00 40.19 32.47
N THR D 104 -42.58 41.07 33.28
CA THR D 104 -44.02 41.17 33.46
C THR D 104 -44.47 42.51 32.87
N GLY D 105 -45.03 42.47 31.67
CA GLY D 105 -45.50 43.67 31.01
C GLY D 105 -45.71 43.43 29.53
N CYS D 106 -45.99 44.52 28.82
CA CYS D 106 -46.27 44.49 27.40
C CYS D 106 -45.28 45.35 26.64
N VAL D 107 -45.11 45.03 25.36
CA VAL D 107 -44.28 45.81 24.45
C VAL D 107 -45.16 46.29 23.31
N ILE D 108 -45.00 47.56 22.93
CA ILE D 108 -45.79 48.17 21.88
C ILE D 108 -44.83 48.81 20.87
N ALA D 109 -45.05 48.54 19.59
CA ALA D 109 -44.19 49.09 18.55
C ALA D 109 -45.02 49.35 17.30
N TRP D 110 -44.73 50.48 16.64
CA TRP D 110 -45.44 50.85 15.43
C TRP D 110 -44.47 51.52 14.46
N ASN D 111 -44.75 51.37 13.17
CA ASN D 111 -43.90 51.95 12.14
C ASN D 111 -44.04 53.46 12.14
N SER D 112 -42.92 54.16 12.39
CA SER D 112 -42.92 55.61 12.41
C SER D 112 -42.07 56.15 11.27
N ASN D 113 -42.26 55.62 10.06
CA ASN D 113 -41.45 56.07 8.93
C ASN D 113 -41.85 57.46 8.47
N LYS D 114 -43.09 57.88 8.75
CA LYS D 114 -43.55 59.21 8.39
C LYS D 114 -43.14 60.28 9.40
N LEU D 115 -42.45 59.91 10.48
CA LEU D 115 -42.10 60.85 11.54
C LEU D 115 -40.61 60.98 11.77
N ASP D 116 -39.86 59.88 11.74
CA ASP D 116 -38.46 59.87 12.14
C ASP D 116 -37.52 59.62 10.96
N SER D 117 -37.99 59.76 9.72
CA SER D 117 -37.17 59.50 8.55
C SER D 117 -37.19 60.72 7.64
N LYS D 118 -36.02 61.28 7.37
CA LYS D 118 -35.86 62.41 6.47
C LYS D 118 -35.29 61.94 5.14
N VAL D 119 -35.50 62.76 4.11
CA VAL D 119 -35.02 62.41 2.77
C VAL D 119 -33.50 62.37 2.74
N SER D 120 -32.84 63.32 3.40
CA SER D 120 -31.39 63.36 3.46
C SER D 120 -30.82 62.52 4.59
N GLY D 121 -31.65 61.69 5.23
CA GLY D 121 -31.18 60.83 6.31
C GLY D 121 -31.32 61.46 7.67
N ASN D 122 -31.90 60.73 8.62
CA ASN D 122 -32.10 61.22 9.98
C ASN D 122 -31.10 60.51 10.88
N TYR D 123 -29.89 61.06 10.92
CA TYR D 123 -28.79 60.51 11.71
C TYR D 123 -28.88 60.85 13.19
N ASN D 124 -30.00 61.43 13.64
CA ASN D 124 -30.11 61.86 15.03
C ASN D 124 -30.22 60.66 15.97
N TYR D 125 -30.95 59.62 15.56
CA TYR D 125 -31.11 58.43 16.40
C TYR D 125 -29.84 57.58 16.36
N LEU D 126 -29.41 57.13 17.52
CA LEU D 126 -28.15 56.41 17.67
C LEU D 126 -28.37 55.05 18.31
N TYR D 127 -27.33 54.22 18.25
CA TYR D 127 -27.33 52.91 18.89
C TYR D 127 -25.90 52.54 19.25
N ARG D 128 -25.77 51.62 20.19
CA ARG D 128 -24.46 51.14 20.62
C ARG D 128 -24.08 49.88 19.86
N LEU D 129 -22.89 49.88 19.28
CA LEU D 129 -22.40 48.74 18.50
C LEU D 129 -21.42 47.86 19.28
N PHE D 130 -20.52 48.46 20.05
CA PHE D 130 -19.51 47.72 20.78
C PHE D 130 -19.69 47.89 22.28
N ARG D 131 -19.56 46.80 23.01
CA ARG D 131 -19.56 46.82 24.47
C ARG D 131 -18.84 45.57 24.97
N LYS D 132 -18.10 45.73 26.07
CA LYS D 132 -17.24 44.64 26.54
C LYS D 132 -18.05 43.46 27.06
N SER D 133 -19.23 43.72 27.62
CA SER D 133 -20.08 42.66 28.16
C SER D 133 -21.53 42.98 27.83
N ASN D 134 -22.42 42.05 28.19
CA ASN D 134 -23.84 42.23 27.93
C ASN D 134 -24.47 43.10 29.01
N LEU D 135 -25.61 43.71 28.66
CA LEU D 135 -26.35 44.54 29.59
C LEU D 135 -27.20 43.69 30.53
N LYS D 136 -27.25 44.09 31.79
CA LYS D 136 -28.20 43.52 32.72
C LYS D 136 -29.60 44.02 32.37
N PRO D 137 -30.65 43.33 32.85
CA PRO D 137 -32.01 43.79 32.58
C PRO D 137 -32.24 45.20 33.12
N PHE D 138 -32.81 46.05 32.26
CA PHE D 138 -33.11 47.45 32.62
C PHE D 138 -31.85 48.24 32.94
N GLU D 139 -30.80 48.02 32.16
CA GLU D 139 -29.54 48.75 32.30
C GLU D 139 -29.42 49.77 31.18
N ARG D 140 -29.01 50.98 31.54
CA ARG D 140 -28.86 52.08 30.58
C ARG D 140 -27.42 52.57 30.63
N ASP D 141 -26.69 52.39 29.53
CA ASP D 141 -25.29 52.77 29.42
C ASP D 141 -25.17 53.91 28.41
N ILE D 142 -24.91 55.11 28.89
CA ILE D 142 -24.72 56.28 28.03
C ILE D 142 -23.24 56.63 27.87
N SER D 143 -22.34 55.72 28.22
CA SER D 143 -20.91 55.99 28.10
C SER D 143 -20.51 56.05 26.64
N THR D 144 -19.64 57.00 26.32
CA THR D 144 -19.13 57.19 24.96
C THR D 144 -17.61 57.06 24.93
N GLU D 145 -17.08 56.17 25.75
CA GLU D 145 -15.64 55.94 25.79
C GLU D 145 -15.20 55.09 24.61
N ILE D 146 -14.02 55.40 24.08
CA ILE D 146 -13.50 54.69 22.92
C ILE D 146 -13.34 53.21 23.27
N TYR D 147 -14.05 52.36 22.52
CA TYR D 147 -14.03 50.92 22.79
C TYR D 147 -12.71 50.31 22.35
N GLN D 148 -12.09 49.54 23.24
CA GLN D 148 -10.82 48.89 22.95
C GLN D 148 -11.08 47.50 22.38
N ALA D 149 -10.78 47.32 21.10
CA ALA D 149 -10.94 46.03 20.44
C ALA D 149 -9.61 45.30 20.21
N GLY D 150 -8.49 45.90 20.63
CA GLY D 150 -7.19 45.28 20.46
C GLY D 150 -6.41 45.14 21.75
N ASN D 151 -5.08 45.17 21.65
CA ASN D 151 -4.22 44.98 22.81
C ASN D 151 -3.67 46.29 23.36
N LYS D 152 -3.49 47.30 22.51
CA LYS D 152 -2.94 48.59 22.90
C LYS D 152 -4.04 49.51 23.43
N PRO D 153 -3.75 50.30 24.48
CA PRO D 153 -4.79 51.17 25.05
C PRO D 153 -5.15 52.30 24.10
N CYS D 154 -6.43 52.68 24.11
CA CYS D 154 -6.92 53.69 23.19
C CYS D 154 -6.57 55.09 23.65
N ASN D 155 -6.84 55.40 24.92
CA ASN D 155 -6.60 56.73 25.49
C ASN D 155 -7.38 57.81 24.72
N GLY D 156 -8.62 57.51 24.38
CA GLY D 156 -9.46 58.45 23.69
C GLY D 156 -9.02 58.76 22.27
N VAL D 157 -8.40 57.80 21.59
CA VAL D 157 -7.92 57.97 20.22
C VAL D 157 -8.70 57.02 19.33
N ALA D 158 -9.39 57.58 18.33
CA ALA D 158 -10.08 56.79 17.33
C ALA D 158 -9.05 56.27 16.33
N GLY D 159 -8.74 54.99 16.40
CA GLY D 159 -7.77 54.40 15.51
C GLY D 159 -7.98 52.92 15.29
N PHE D 160 -6.94 52.20 14.87
CA PHE D 160 -7.04 50.77 14.66
C PHE D 160 -7.34 50.06 15.98
N ASN D 161 -8.40 49.26 15.98
CA ASN D 161 -8.89 48.55 17.17
C ASN D 161 -9.30 49.50 18.29
N CYS D 162 -9.66 50.74 17.95
CA CYS D 162 -10.13 51.73 18.92
C CYS D 162 -11.20 52.56 18.23
N TYR D 163 -12.46 52.20 18.45
CA TYR D 163 -13.56 52.78 17.71
C TYR D 163 -14.57 53.43 18.67
N PHE D 164 -15.32 54.38 18.12
CA PHE D 164 -16.38 55.04 18.89
C PHE D 164 -17.55 54.09 19.05
N PRO D 165 -18.09 53.91 20.26
CA PRO D 165 -19.06 52.84 20.50
C PRO D 165 -20.48 53.14 20.02
N LEU D 166 -20.74 54.29 19.42
CA LEU D 166 -22.09 54.65 18.99
C LEU D 166 -22.11 54.93 17.50
N ARG D 167 -23.20 54.54 16.84
CA ARG D 167 -23.39 54.74 15.42
C ARG D 167 -24.78 55.30 15.17
N SER D 168 -25.00 55.80 13.96
CA SER D 168 -26.26 56.39 13.56
C SER D 168 -27.08 55.40 12.73
N TYR D 169 -28.39 55.61 12.76
CA TYR D 169 -29.33 54.75 12.03
C TYR D 169 -29.52 55.18 10.58
N SER D 170 -29.54 56.49 10.33
CA SER D 170 -29.73 57.05 9.00
C SER D 170 -31.05 56.54 8.38
N PHE D 171 -32.14 56.98 8.99
CA PHE D 171 -33.48 56.58 8.56
C PHE D 171 -33.89 57.38 7.33
N ARG D 172 -33.96 56.71 6.19
CA ARG D 172 -34.44 57.30 4.95
C ARG D 172 -35.73 56.61 4.52
N PRO D 173 -36.73 57.36 4.05
CA PRO D 173 -38.03 56.74 3.75
C PRO D 173 -37.99 55.72 2.63
N THR D 174 -36.99 55.78 1.75
CA THR D 174 -36.89 54.86 0.63
C THR D 174 -36.31 53.50 1.01
N TYR D 175 -36.00 53.28 2.27
CA TYR D 175 -35.45 52.00 2.70
C TYR D 175 -36.56 50.97 2.87
N GLY D 176 -36.17 49.72 3.03
CA GLY D 176 -37.12 48.65 3.28
C GLY D 176 -37.74 48.77 4.65
N VAL D 177 -38.79 47.97 4.88
CA VAL D 177 -39.50 48.00 6.16
C VAL D 177 -38.59 47.58 7.31
N GLY D 178 -37.63 46.70 7.04
CA GLY D 178 -36.71 46.27 8.08
C GLY D 178 -35.71 47.33 8.48
N HIS D 179 -35.56 48.40 7.70
CA HIS D 179 -34.64 49.49 7.99
C HIS D 179 -35.37 50.79 8.27
N GLN D 180 -36.72 50.75 8.42
CA GLN D 180 -37.52 51.93 8.76
C GLN D 180 -37.66 52.06 10.27
N PRO D 181 -37.78 53.29 10.79
CA PRO D 181 -37.82 53.47 12.24
C PRO D 181 -39.12 52.95 12.84
N TYR D 182 -38.98 52.32 14.01
CA TYR D 182 -40.12 51.85 14.79
C TYR D 182 -40.01 52.41 16.21
N ARG D 183 -41.05 53.10 16.65
CA ARG D 183 -41.10 53.63 18.01
C ARG D 183 -41.64 52.56 18.95
N VAL D 184 -40.87 52.26 20.00
CA VAL D 184 -41.18 51.18 20.94
C VAL D 184 -41.53 51.79 22.28
N VAL D 185 -42.58 51.27 22.92
CA VAL D 185 -42.99 51.66 24.27
C VAL D 185 -43.13 50.38 25.08
N VAL D 186 -42.26 50.21 26.07
CA VAL D 186 -42.26 49.04 26.94
C VAL D 186 -42.86 49.42 28.28
N LEU D 187 -43.95 48.78 28.66
CA LEU D 187 -44.65 49.05 29.91
C LEU D 187 -44.36 47.91 30.88
N SER D 188 -43.63 48.22 31.95
CA SER D 188 -43.31 47.25 33.00
C SER D 188 -44.28 47.42 34.16
N PHE D 189 -44.79 46.31 34.66
CA PHE D 189 -45.75 46.31 35.77
C PHE D 189 -45.08 45.67 36.98
N GLU D 190 -44.79 46.48 37.98
CA GLU D 190 -44.04 46.06 39.16
C GLU D 190 -44.98 45.90 40.35
N LEU D 191 -44.76 44.85 41.14
CA LEU D 191 -45.58 44.55 42.32
C LEU D 191 -44.66 44.01 43.42
N LEU D 192 -44.07 44.93 44.17
CA LEU D 192 -43.18 44.62 45.29
C LEU D 192 -43.89 44.90 46.61
N HIS D 193 -43.19 44.63 47.71
CA HIS D 193 -43.71 44.91 49.04
C HIS D 193 -43.86 46.41 49.23
N ALA D 194 -44.99 46.96 48.79
CA ALA D 194 -45.23 48.39 48.78
C ALA D 194 -46.73 48.61 48.59
N PRO D 195 -47.23 49.81 48.90
CA PRO D 195 -48.64 50.11 48.62
C PRO D 195 -48.89 50.18 47.13
N ALA D 196 -49.89 49.43 46.67
CA ALA D 196 -50.28 49.45 45.26
C ALA D 196 -51.09 50.70 44.97
N THR D 197 -50.62 51.51 44.00
CA THR D 197 -51.25 52.78 43.71
C THR D 197 -51.70 52.96 42.28
N VAL D 198 -51.14 52.21 41.32
CA VAL D 198 -51.51 52.33 39.90
C VAL D 198 -52.61 51.30 39.65
N CYS D 199 -53.85 51.73 39.83
CA CYS D 199 -55.02 50.88 39.62
C CYS D 199 -55.75 51.30 38.35
N GLY D 200 -56.64 50.41 37.89
CA GLY D 200 -57.35 50.63 36.66
C GLY D 200 -58.79 51.09 36.88
N LYS D 201 -59.39 51.58 35.79
CA LYS D 201 -60.78 52.05 35.82
C LYS D 201 -61.35 52.11 34.40
N GLU E 1 48.78 -27.78 43.62
CA GLU E 1 47.39 -28.00 44.02
C GLU E 1 46.56 -26.85 43.50
N VAL E 2 45.40 -27.12 42.92
CA VAL E 2 44.52 -26.07 42.38
C VAL E 2 43.79 -25.39 43.52
N GLN E 3 43.76 -24.06 43.52
CA GLN E 3 42.99 -23.30 44.50
C GLN E 3 42.02 -22.35 43.80
N LEU E 4 40.89 -22.13 44.47
CA LEU E 4 39.78 -21.32 44.00
C LEU E 4 39.50 -20.21 44.99
N LEU E 5 39.38 -18.99 44.49
CA LEU E 5 39.08 -17.80 45.29
C LEU E 5 37.93 -17.01 44.68
N GLU E 6 36.78 -17.03 45.36
CA GLU E 6 35.62 -16.23 45.01
C GLU E 6 35.82 -14.74 45.36
N SER E 7 35.27 -13.89 44.49
CA SER E 7 35.25 -12.44 44.65
C SER E 7 33.98 -11.87 44.01
N GLY E 8 33.51 -10.73 44.52
CA GLY E 8 32.31 -10.07 44.03
C GLY E 8 31.65 -9.20 45.12
N PRO E 9 30.48 -8.61 44.85
CA PRO E 9 29.80 -7.78 45.82
C PRO E 9 29.21 -8.65 46.94
N GLY E 10 29.51 -8.32 48.20
CA GLY E 10 28.89 -8.97 49.36
C GLY E 10 27.43 -8.52 49.60
N LEU E 11 27.07 -7.34 49.12
CA LEU E 11 25.73 -6.77 49.22
C LEU E 11 25.30 -6.22 47.85
N VAL E 12 24.08 -6.57 47.42
CA VAL E 12 23.48 -6.13 46.15
C VAL E 12 22.05 -5.64 46.39
N LYS E 13 21.56 -4.71 45.58
CA LYS E 13 20.16 -4.27 45.67
C LYS E 13 19.26 -5.20 44.84
N PRO E 14 17.97 -5.31 45.20
CA PRO E 14 17.00 -6.01 44.37
C PRO E 14 17.02 -5.51 42.91
N SER E 15 16.78 -6.41 41.97
CA SER E 15 16.75 -6.16 40.53
C SER E 15 18.09 -5.79 39.87
N GLU E 16 19.18 -5.62 40.64
CA GLU E 16 20.53 -5.47 40.09
C GLU E 16 21.06 -6.79 39.53
N THR E 17 22.24 -6.73 38.91
CA THR E 17 22.96 -7.92 38.42
C THR E 17 24.12 -8.23 39.35
N LEU E 18 24.07 -9.40 39.99
CA LEU E 18 25.20 -9.94 40.75
C LEU E 18 26.28 -10.39 39.76
N SER E 19 27.52 -9.99 40.01
CA SER E 19 28.70 -10.44 39.25
C SER E 19 29.72 -11.04 40.21
N LEU E 20 29.88 -12.36 40.17
CA LEU E 20 30.88 -13.09 40.92
C LEU E 20 32.00 -13.54 39.98
N THR E 21 33.21 -13.62 40.51
CA THR E 21 34.40 -14.12 39.80
C THR E 21 35.14 -15.08 40.70
N CYS E 22 35.52 -16.24 40.17
CA CYS E 22 36.39 -17.20 40.80
C CYS E 22 37.75 -17.19 40.10
N THR E 23 38.80 -16.91 40.87
CA THR E 23 40.18 -16.94 40.39
C THR E 23 40.80 -18.31 40.62
N VAL E 24 41.47 -18.85 39.61
CA VAL E 24 42.09 -20.18 39.62
C VAL E 24 43.61 -20.06 39.69
N SER E 25 44.23 -20.72 40.66
CA SER E 25 45.69 -20.82 40.79
C SER E 25 46.15 -22.28 40.82
N GLY E 26 47.44 -22.54 40.52
CA GLY E 26 48.07 -23.84 40.78
C GLY E 26 47.77 -25.00 39.83
N GLY E 27 47.18 -24.76 38.64
CA GLY E 27 46.95 -25.81 37.62
C GLY E 27 46.57 -25.30 36.22
N SER E 28 46.25 -26.23 35.32
CA SER E 28 45.79 -25.94 33.96
C SER E 28 44.27 -25.80 33.91
N ILE E 29 43.78 -24.69 33.36
CA ILE E 29 42.34 -24.43 33.27
C ILE E 29 41.61 -25.43 32.35
N SER E 30 42.31 -25.99 31.38
CA SER E 30 41.72 -26.86 30.36
C SER E 30 41.40 -28.27 30.85
N ARG E 31 41.90 -28.69 32.01
CA ARG E 31 41.71 -30.06 32.55
C ARG E 31 40.54 -30.19 33.51
N TYR E 32 39.77 -29.13 33.71
CA TYR E 32 38.65 -29.12 34.65
C TYR E 32 37.38 -28.58 34.01
N SER E 33 36.25 -29.07 34.50
CA SER E 33 34.98 -28.38 34.40
C SER E 33 34.81 -27.45 35.60
N TRP E 34 34.22 -26.28 35.38
CA TRP E 34 34.08 -25.23 36.38
C TRP E 34 32.61 -25.02 36.70
N SER E 35 32.23 -25.12 37.97
CA SER E 35 30.84 -25.00 38.39
C SER E 35 30.65 -23.91 39.43
N TRP E 36 29.44 -23.34 39.44
CA TRP E 36 28.94 -22.53 40.54
C TRP E 36 27.85 -23.28 41.29
N ILE E 37 27.92 -23.23 42.61
CA ILE E 37 26.96 -23.83 43.55
C ILE E 37 26.59 -22.76 44.56
N ARG E 38 25.32 -22.67 44.94
CA ARG E 38 24.90 -21.80 46.05
C ARG E 38 24.27 -22.58 47.18
N GLN E 39 24.34 -22.03 48.38
CA GLN E 39 23.75 -22.58 49.59
C GLN E 39 22.95 -21.49 50.31
N PRO E 40 21.63 -21.40 50.04
CA PRO E 40 20.76 -20.51 50.80
C PRO E 40 20.71 -20.94 52.27
N ALA E 41 20.52 -19.97 53.18
CA ALA E 41 20.43 -20.25 54.61
C ALA E 41 19.29 -21.24 54.92
N GLY E 42 19.57 -22.26 55.71
CA GLY E 42 18.60 -23.30 56.07
C GLY E 42 18.23 -24.26 54.93
N ARG E 43 18.93 -24.21 53.79
CA ARG E 43 18.72 -25.11 52.64
C ARG E 43 20.02 -25.85 52.29
N GLY E 44 19.87 -26.92 51.51
CA GLY E 44 21.00 -27.67 50.97
C GLY E 44 21.73 -26.94 49.84
N LEU E 45 22.74 -27.60 49.27
CA LEU E 45 23.49 -27.12 48.12
C LEU E 45 22.61 -27.14 46.85
N GLU E 46 22.70 -26.09 46.05
CA GLU E 46 22.00 -25.94 44.77
C GLU E 46 23.02 -25.64 43.67
N TRP E 47 23.16 -26.57 42.71
CA TRP E 47 24.00 -26.36 41.56
C TRP E 47 23.37 -25.34 40.61
N ILE E 48 24.17 -24.38 40.14
CA ILE E 48 23.73 -23.29 39.26
C ILE E 48 24.04 -23.61 37.80
N GLY E 49 25.25 -24.10 37.55
CA GLY E 49 25.72 -24.37 36.21
C GLY E 49 27.17 -24.79 36.17
N ARG E 50 27.58 -25.30 35.00
CA ARG E 50 28.92 -25.78 34.69
C ARG E 50 29.37 -25.20 33.36
N MET E 51 30.65 -24.94 33.26
CA MET E 51 31.31 -24.58 32.03
C MET E 51 32.59 -25.34 31.79
N TYR E 52 32.92 -25.49 30.52
CA TYR E 52 34.16 -26.12 30.07
C TYR E 52 35.06 -25.10 29.41
N SER E 53 36.36 -25.39 29.35
CA SER E 53 37.32 -24.56 28.61
C SER E 53 37.03 -24.48 27.11
N SER E 54 36.25 -25.42 26.56
CA SER E 54 35.76 -25.39 25.18
C SER E 54 34.64 -24.36 24.93
N GLY E 55 34.13 -23.72 25.99
CA GLY E 55 33.01 -22.76 25.92
C GLY E 55 31.63 -23.39 26.11
N GLY E 56 31.52 -24.72 26.13
CA GLY E 56 30.26 -25.41 26.44
C GLY E 56 29.76 -25.06 27.85
N THR E 57 28.46 -24.79 27.99
CA THR E 57 27.82 -24.48 29.28
C THR E 57 26.60 -25.36 29.49
N ASN E 58 26.30 -25.67 30.75
CA ASN E 58 25.06 -26.33 31.18
C ASN E 58 24.56 -25.57 32.40
N TYR E 59 23.26 -25.32 32.48
CA TYR E 59 22.66 -24.57 33.57
C TYR E 59 21.61 -25.39 34.29
N ASN E 60 21.33 -25.03 35.53
CA ASN E 60 20.11 -25.43 36.19
C ASN E 60 18.93 -24.72 35.50
N PRO E 61 17.96 -25.46 34.92
CA PRO E 61 16.86 -24.86 34.15
C PRO E 61 16.07 -23.79 34.94
N SER E 62 15.99 -23.92 36.26
CA SER E 62 15.29 -22.94 37.12
C SER E 62 16.00 -21.57 37.21
N LEU E 63 17.29 -21.51 36.85
CA LEU E 63 18.12 -20.30 36.90
C LEU E 63 18.60 -19.84 35.52
N GLU E 64 18.44 -20.68 34.49
CA GLU E 64 18.98 -20.50 33.15
C GLU E 64 18.63 -19.14 32.53
N SER E 65 17.40 -18.66 32.70
CA SER E 65 16.96 -17.37 32.16
C SER E 65 17.63 -16.14 32.78
N ARG E 66 18.27 -16.29 33.96
CA ARG E 66 18.92 -15.21 34.69
C ARG E 66 20.44 -15.34 34.77
N VAL E 67 20.99 -16.50 34.40
CA VAL E 67 22.41 -16.84 34.62
C VAL E 67 23.22 -16.71 33.33
N THR E 68 24.43 -16.18 33.45
CA THR E 68 25.44 -16.24 32.40
C THR E 68 26.79 -16.58 33.01
N MET E 69 27.46 -17.60 32.48
CA MET E 69 28.82 -17.96 32.88
C MET E 69 29.83 -17.62 31.78
N SER E 70 31.00 -17.10 32.17
CA SER E 70 32.08 -16.74 31.24
C SER E 70 33.44 -17.18 31.78
N LEU E 71 34.36 -17.58 30.89
CA LEU E 71 35.72 -18.01 31.22
C LEU E 71 36.74 -17.10 30.53
N ASP E 72 37.66 -16.52 31.31
CA ASP E 72 38.80 -15.73 30.86
C ASP E 72 40.09 -16.50 31.19
N THR E 73 40.58 -17.27 30.20
CA THR E 73 41.79 -18.09 30.35
C THR E 73 43.06 -17.25 30.53
N SER E 74 43.06 -16.02 30.01
CA SER E 74 44.20 -15.09 30.13
C SER E 74 44.39 -14.60 31.56
N LYS E 75 43.28 -14.34 32.26
CA LYS E 75 43.27 -13.93 33.68
C LYS E 75 43.16 -15.10 34.65
N LYS E 76 42.99 -16.31 34.12
CA LYS E 76 42.72 -17.52 34.89
C LYS E 76 41.48 -17.39 35.79
N GLN E 77 40.39 -16.89 35.23
CA GLN E 77 39.18 -16.57 35.97
C GLN E 77 37.94 -17.09 35.25
N PHE E 78 36.93 -17.50 36.01
CA PHE E 78 35.58 -17.70 35.49
C PHE E 78 34.56 -16.97 36.35
N SER E 79 33.52 -16.46 35.71
CA SER E 79 32.57 -15.55 36.33
C SER E 79 31.15 -16.04 36.17
N LEU E 80 30.31 -15.67 37.13
CA LEU E 80 28.87 -15.86 37.14
C LEU E 80 28.21 -14.48 37.16
N LYS E 81 27.32 -14.23 36.20
CA LYS E 81 26.38 -13.12 36.27
C LYS E 81 24.98 -13.68 36.53
N LEU E 82 24.29 -13.09 37.49
CA LEU E 82 22.90 -13.40 37.81
C LEU E 82 22.09 -12.10 37.75
N SER E 83 21.21 -11.99 36.76
CA SER E 83 20.38 -10.81 36.53
C SER E 83 19.13 -10.82 37.41
N SER E 84 18.57 -9.63 37.64
CA SER E 84 17.32 -9.44 38.37
C SER E 84 17.30 -10.17 39.72
N VAL E 85 18.30 -9.89 40.56
CA VAL E 85 18.45 -10.57 41.86
C VAL E 85 17.30 -10.26 42.81
N THR E 86 16.96 -11.26 43.63
CA THR E 86 15.88 -11.21 44.61
C THR E 86 16.39 -11.65 45.98
N ALA E 87 15.59 -11.47 47.03
CA ALA E 87 15.94 -11.94 48.37
C ALA E 87 16.28 -13.46 48.41
N ALA E 88 15.65 -14.27 47.54
CA ALA E 88 15.89 -15.71 47.43
C ALA E 88 17.28 -16.07 46.88
N ASP E 89 17.98 -15.11 46.28
CA ASP E 89 19.34 -15.28 45.78
C ASP E 89 20.40 -14.99 46.88
N THR E 90 19.97 -14.63 48.09
CA THR E 90 20.85 -14.53 49.27
C THR E 90 21.34 -15.91 49.69
N ALA E 91 22.64 -16.14 49.55
CA ALA E 91 23.26 -17.44 49.78
C ALA E 91 24.79 -17.30 49.89
N VAL E 92 25.43 -18.36 50.38
CA VAL E 92 26.86 -18.55 50.12
C VAL E 92 27.03 -19.14 48.73
N TYR E 93 27.87 -18.52 47.91
CA TYR E 93 28.20 -18.97 46.56
C TYR E 93 29.60 -19.56 46.57
N TYR E 94 29.70 -20.79 46.08
CA TYR E 94 30.93 -21.56 45.93
C TYR E 94 31.25 -21.71 44.46
N CYS E 95 32.53 -21.53 44.12
CA CYS E 95 33.05 -22.10 42.90
C CYS E 95 33.68 -23.46 43.18
N ALA E 96 33.48 -24.41 42.27
CA ALA E 96 34.01 -25.76 42.39
C ALA E 96 34.52 -26.25 41.03
N ALA E 97 35.44 -27.21 41.06
CA ALA E 97 36.00 -27.82 39.87
C ALA E 97 35.94 -29.34 39.96
N ALA E 98 35.83 -30.01 38.82
CA ALA E 98 35.77 -31.48 38.74
C ALA E 98 37.16 -32.06 38.52
N SER E 99 37.39 -33.22 39.11
CA SER E 99 38.68 -33.89 39.00
C SER E 99 39.03 -34.24 37.56
N ILE E 100 40.32 -34.19 37.25
CA ILE E 100 40.79 -34.51 35.91
C ILE E 100 40.95 -36.02 35.77
N ASP E 101 39.83 -36.71 35.63
CA ASP E 101 39.83 -38.17 35.52
C ASP E 101 40.77 -38.67 34.43
N GLN E 102 41.51 -39.72 34.76
CA GLN E 102 42.44 -40.32 33.82
C GLN E 102 41.81 -41.60 33.30
N VAL E 103 42.03 -42.69 34.03
CA VAL E 103 41.45 -43.97 33.66
C VAL E 103 39.96 -43.94 33.93
N TRP E 104 39.58 -43.25 34.99
CA TRP E 104 38.17 -43.12 35.37
C TRP E 104 37.34 -42.60 34.21
N GLY E 105 37.82 -41.51 33.59
CA GLY E 105 37.14 -40.91 32.46
C GLY E 105 37.82 -39.62 32.04
N THR E 106 37.14 -38.51 32.27
CA THR E 106 37.67 -37.20 31.92
C THR E 106 37.26 -36.20 32.99
N TYR E 107 36.00 -35.78 32.94
CA TYR E 107 35.47 -34.84 33.92
C TYR E 107 34.56 -35.59 34.87
N ARG E 108 35.14 -36.46 35.69
CA ARG E 108 34.40 -37.25 36.65
C ARG E 108 33.56 -36.34 37.51
N ASP E 109 32.25 -36.35 37.25
CA ASP E 109 31.34 -35.48 37.99
C ASP E 109 31.45 -35.64 39.49
N ALA E 110 32.54 -35.11 40.05
CA ALA E 110 32.80 -35.19 41.48
C ALA E 110 33.69 -33.99 41.88
N PHE E 111 33.08 -32.94 42.41
CA PHE E 111 33.80 -31.72 42.80
C PHE E 111 34.87 -32.00 43.87
N ASP E 112 36.10 -32.25 43.48
CA ASP E 112 37.21 -32.47 44.42
C ASP E 112 37.82 -31.15 44.93
N ILE E 113 37.70 -30.08 44.15
CA ILE E 113 38.22 -28.75 44.47
C ILE E 113 37.06 -27.79 44.69
N TRP E 114 37.06 -27.11 45.82
CA TRP E 114 36.08 -26.08 46.19
C TRP E 114 36.80 -24.79 46.63
N GLY E 115 36.24 -23.65 46.25
CA GLY E 115 36.56 -22.38 46.89
C GLY E 115 35.93 -22.30 48.28
N GLN E 116 36.35 -21.32 49.10
CA GLN E 116 35.85 -21.18 50.47
C GLN E 116 34.40 -20.67 50.53
N GLY E 117 33.91 -20.15 49.41
CA GLY E 117 32.60 -19.56 49.28
C GLY E 117 32.60 -18.09 49.69
N THR E 118 31.66 -17.34 49.10
CA THR E 118 31.41 -15.94 49.43
C THR E 118 29.94 -15.70 49.76
N MET E 119 29.68 -14.97 50.85
CA MET E 119 28.32 -14.60 51.22
C MET E 119 27.86 -13.45 50.33
N VAL E 120 26.74 -13.65 49.64
CA VAL E 120 26.04 -12.60 48.91
C VAL E 120 24.70 -12.36 49.59
N THR E 121 24.46 -11.11 49.98
CA THR E 121 23.18 -10.67 50.55
C THR E 121 22.48 -9.74 49.58
N VAL E 122 21.17 -9.95 49.46
CA VAL E 122 20.33 -9.07 48.60
C VAL E 122 19.45 -8.20 49.53
N SER E 123 19.80 -6.93 49.70
CA SER E 123 18.99 -6.02 50.56
C SER E 123 19.30 -4.55 50.22
N SER E 124 18.35 -3.63 50.32
CA SER E 124 18.67 -2.22 50.08
C SER E 124 18.98 -1.37 51.35
N SER E 126 23.46 0.17 51.95
CA SER E 126 23.46 1.35 52.86
C SER E 126 23.74 0.89 54.29
N THR E 127 24.55 1.66 55.03
CA THR E 127 24.89 1.30 56.44
C THR E 127 23.85 1.92 57.38
N LYS E 128 23.37 1.12 58.34
CA LYS E 128 22.38 1.62 59.30
C LYS E 128 22.56 0.90 60.64
N GLY E 129 22.68 1.66 61.73
CA GLY E 129 22.86 1.09 63.04
C GLY E 129 21.57 0.58 63.65
N PRO E 130 21.69 -0.33 64.60
CA PRO E 130 20.50 -0.94 65.21
C PRO E 130 19.87 -0.06 66.29
N SER E 131 18.59 -0.36 66.53
CA SER E 131 17.92 -0.02 67.78
C SER E 131 18.04 -1.22 68.71
N VAL E 132 18.18 -0.97 70.00
CA VAL E 132 18.30 -2.06 70.99
C VAL E 132 17.14 -1.94 71.97
N PHE E 133 16.34 -3.00 72.05
CA PHE E 133 15.16 -3.02 72.92
C PHE E 133 15.32 -4.12 73.96
N PRO E 134 14.80 -3.94 75.17
CA PRO E 134 14.97 -4.98 76.19
C PRO E 134 13.98 -6.11 75.97
N LEU E 135 14.41 -7.33 76.21
CA LEU E 135 13.50 -8.47 76.39
C LEU E 135 13.43 -8.69 77.89
N ALA E 136 12.49 -8.02 78.55
CA ALA E 136 12.50 -7.92 80.00
C ALA E 136 12.06 -9.24 80.64
N PRO E 137 12.72 -9.67 81.72
CA PRO E 137 12.24 -10.84 82.43
C PRO E 137 10.92 -10.53 83.12
N SER E 138 10.04 -11.51 83.08
CA SER E 138 8.72 -11.35 83.68
C SER E 138 8.25 -12.73 84.09
N SER E 139 7.00 -12.80 84.57
CA SER E 139 6.44 -14.09 84.93
C SER E 139 6.37 -15.03 83.73
N LYS E 140 6.18 -14.48 82.52
CA LYS E 140 6.07 -15.27 81.29
C LYS E 140 7.41 -15.74 80.74
N SER E 141 8.52 -15.25 81.31
CA SER E 141 9.85 -15.76 80.97
C SER E 141 10.58 -16.25 82.22
N THR E 142 9.81 -16.68 83.21
CA THR E 142 10.33 -17.21 84.47
C THR E 142 9.59 -18.52 84.73
N SER E 143 10.20 -19.63 84.37
CA SER E 143 9.67 -20.95 84.67
C SER E 143 10.38 -21.46 85.93
N GLY E 144 9.68 -21.37 87.07
CA GLY E 144 10.24 -21.78 88.34
C GLY E 144 11.48 -21.01 88.75
N GLY E 145 12.59 -21.72 88.94
CA GLY E 145 13.83 -21.13 89.39
C GLY E 145 14.71 -20.52 88.31
N THR E 146 14.27 -20.55 87.06
CA THR E 146 15.05 -20.01 85.95
C THR E 146 14.24 -18.92 85.25
N ALA E 147 14.89 -17.80 84.99
CA ALA E 147 14.30 -16.69 84.28
C ALA E 147 15.11 -16.45 83.00
N ALA E 148 14.45 -15.92 81.98
CA ALA E 148 15.15 -15.53 80.77
C ALA E 148 14.97 -14.03 80.54
N LEU E 149 16.03 -13.41 80.05
CA LEU E 149 15.98 -12.00 79.67
C LEU E 149 16.87 -11.83 78.45
N GLY E 150 16.75 -10.68 77.79
CA GLY E 150 17.58 -10.50 76.62
C GLY E 150 17.49 -9.11 76.08
N CYS E 151 18.10 -8.96 74.88
CA CYS E 151 18.05 -7.75 74.09
C CYS E 151 17.66 -8.10 72.67
N LEU E 152 16.84 -7.25 72.07
CA LEU E 152 16.44 -7.36 70.67
C LEU E 152 17.20 -6.27 69.93
N VAL E 153 17.98 -6.67 68.94
CA VAL E 153 18.88 -5.77 68.23
C VAL E 153 18.31 -5.68 66.83
N LYS E 154 17.63 -4.57 66.52
CA LYS E 154 16.69 -4.56 65.41
C LYS E 154 17.04 -3.48 64.39
N ASP E 155 16.81 -3.80 63.11
CA ASP E 155 16.80 -2.84 61.99
C ASP E 155 18.18 -2.27 61.67
N TYR E 156 19.17 -3.16 61.54
CA TYR E 156 20.50 -2.72 61.16
C TYR E 156 20.94 -3.32 59.82
N PHE E 157 21.97 -2.72 59.24
CA PHE E 157 22.50 -3.22 57.98
C PHE E 157 23.91 -2.70 57.79
N PRO E 158 24.84 -3.51 57.28
CA PRO E 158 24.79 -4.95 57.02
C PRO E 158 25.12 -5.71 58.31
N GLU E 159 25.19 -7.04 58.21
CA GLU E 159 25.79 -7.84 59.25
C GLU E 159 27.28 -7.49 59.34
N PRO E 160 27.93 -7.77 60.47
CA PRO E 160 27.42 -8.40 61.69
C PRO E 160 27.24 -7.47 62.85
N VAL E 161 26.50 -7.90 63.85
CA VAL E 161 26.58 -7.30 65.18
C VAL E 161 27.24 -8.33 66.08
N THR E 162 27.86 -7.82 67.13
CA THR E 162 28.33 -8.65 68.23
C THR E 162 27.64 -8.21 69.51
N VAL E 163 27.36 -9.17 70.38
CA VAL E 163 26.70 -8.88 71.65
C VAL E 163 27.48 -9.59 72.75
N SER E 164 27.81 -8.87 73.82
CA SER E 164 28.28 -9.49 75.04
C SER E 164 27.34 -9.08 76.16
N TRP E 165 27.53 -9.68 77.34
CA TRP E 165 26.73 -9.30 78.50
C TRP E 165 27.65 -8.89 79.64
N ASN E 166 27.30 -7.78 80.29
CA ASN E 166 28.01 -7.29 81.47
C ASN E 166 29.51 -7.16 81.16
N SER E 167 29.79 -6.61 79.98
CA SER E 167 31.16 -6.32 79.54
C SER E 167 32.01 -7.59 79.49
N GLY E 168 31.39 -8.72 79.17
CA GLY E 168 32.09 -10.00 79.10
C GLY E 168 32.12 -10.79 80.40
N ALA E 169 31.63 -10.22 81.51
CA ALA E 169 31.64 -10.91 82.79
C ALA E 169 30.55 -11.97 82.90
N LEU E 170 29.53 -11.92 82.04
CA LEU E 170 28.44 -12.88 82.06
C LEU E 170 28.50 -13.69 80.78
N THR E 171 28.89 -14.95 80.89
CA THR E 171 28.89 -15.84 79.73
C THR E 171 28.04 -17.08 79.89
N SER E 172 27.87 -17.59 81.11
CA SER E 172 27.07 -18.81 81.30
C SER E 172 25.60 -18.51 81.00
N GLY E 173 24.99 -19.38 80.20
CA GLY E 173 23.59 -19.26 79.86
C GLY E 173 23.28 -18.25 78.76
N VAL E 174 24.29 -17.63 78.14
CA VAL E 174 24.05 -16.66 77.07
C VAL E 174 23.82 -17.39 75.75
N HIS E 175 22.80 -16.99 75.01
CA HIS E 175 22.53 -17.50 73.68
C HIS E 175 22.34 -16.30 72.75
N THR E 176 23.26 -16.10 71.83
CA THR E 176 23.09 -15.05 70.82
C THR E 176 22.77 -15.72 69.50
N PHE E 177 21.61 -15.41 68.96
CA PHE E 177 21.09 -16.14 67.82
C PHE E 177 21.58 -15.55 66.52
N PRO E 178 21.60 -16.35 65.47
CA PRO E 178 21.86 -15.83 64.12
C PRO E 178 20.85 -14.74 63.77
N ALA E 179 21.33 -13.69 63.12
CA ALA E 179 20.41 -12.66 62.68
C ALA E 179 19.46 -13.21 61.61
N VAL E 180 18.30 -12.57 61.48
CA VAL E 180 17.38 -12.89 60.40
C VAL E 180 17.25 -11.64 59.53
N LEU E 181 17.15 -11.85 58.23
CA LEU E 181 16.92 -10.77 57.29
C LEU E 181 15.42 -10.52 57.17
N GLN E 182 14.98 -9.34 57.58
CA GLN E 182 13.57 -9.03 57.53
C GLN E 182 13.14 -8.61 56.13
N SER E 183 11.82 -8.60 55.92
CA SER E 183 11.32 -8.22 54.60
C SER E 183 11.63 -6.77 54.27
N SER E 184 12.02 -5.94 55.25
CA SER E 184 12.49 -4.58 55.00
C SER E 184 13.88 -4.53 54.41
N GLY E 185 14.60 -5.65 54.41
CA GLY E 185 16.00 -5.67 54.04
C GLY E 185 16.97 -5.29 55.13
N LEU E 186 16.50 -5.11 56.36
CA LEU E 186 17.31 -4.87 57.54
C LEU E 186 17.35 -6.15 58.36
N TYR E 187 18.42 -6.33 59.11
CA TYR E 187 18.56 -7.49 59.98
C TYR E 187 17.99 -7.22 61.35
N SER E 188 17.64 -8.31 62.05
CA SER E 188 17.26 -8.31 63.44
C SER E 188 17.90 -9.50 64.10
N LEU E 189 18.31 -9.34 65.36
CA LEU E 189 18.91 -10.43 66.11
C LEU E 189 18.51 -10.34 67.57
N SER E 190 18.39 -11.49 68.21
CA SER E 190 18.14 -11.51 69.65
C SER E 190 19.33 -12.16 70.36
N SER E 191 19.62 -11.67 71.56
CA SER E 191 20.57 -12.29 72.48
C SER E 191 19.86 -12.46 73.81
N VAL E 192 19.88 -13.67 74.35
CA VAL E 192 19.18 -13.92 75.61
C VAL E 192 20.14 -14.57 76.60
N VAL E 193 19.79 -14.48 77.88
CA VAL E 193 20.49 -15.18 78.94
C VAL E 193 19.45 -15.79 79.86
N THR E 194 19.72 -17.01 80.32
CA THR E 194 18.93 -17.58 81.41
C THR E 194 19.68 -17.40 82.72
N VAL E 195 18.97 -16.99 83.75
CA VAL E 195 19.60 -16.65 85.02
C VAL E 195 18.71 -17.17 86.16
N PRO E 196 19.28 -17.30 87.36
CA PRO E 196 18.45 -17.62 88.53
C PRO E 196 17.41 -16.53 88.75
N SER E 197 16.18 -16.97 89.06
CA SER E 197 15.10 -16.02 89.30
C SER E 197 15.40 -15.07 90.46
N SER E 198 16.10 -15.55 91.50
CA SER E 198 16.47 -14.69 92.62
C SER E 198 17.43 -13.56 92.24
N SER E 199 18.06 -13.63 91.06
CA SER E 199 19.01 -12.60 90.67
C SER E 199 18.36 -11.42 89.97
N LEU E 200 17.06 -11.52 89.66
CA LEU E 200 16.35 -10.40 89.06
C LEU E 200 16.24 -9.23 90.04
N GLY E 201 16.62 -8.03 89.58
CA GLY E 201 16.69 -6.87 90.45
C GLY E 201 17.90 -6.81 91.34
N THR E 202 18.69 -7.88 91.39
CA THR E 202 19.90 -7.97 92.19
C THR E 202 21.14 -7.84 91.33
N GLN E 203 21.28 -8.71 90.36
CA GLN E 203 22.31 -8.58 89.35
C GLN E 203 21.82 -7.57 88.32
N THR E 204 22.67 -6.61 87.99
CA THR E 204 22.38 -5.75 86.84
C THR E 204 22.77 -6.51 85.59
N TYR E 205 21.89 -6.49 84.59
CA TYR E 205 22.11 -7.16 83.33
C TYR E 205 22.15 -6.11 82.24
N ILE E 206 23.29 -6.03 81.54
CA ILE E 206 23.48 -5.04 80.49
C ILE E 206 23.97 -5.79 79.27
N CYS E 207 23.29 -5.65 78.14
CA CYS E 207 23.82 -6.21 76.91
C CYS E 207 24.67 -5.17 76.19
N ASN E 208 25.85 -5.59 75.76
CA ASN E 208 26.77 -4.70 75.06
C ASN E 208 26.72 -5.01 73.56
N VAL E 209 26.18 -4.08 72.79
CA VAL E 209 25.95 -4.25 71.36
C VAL E 209 26.97 -3.43 70.59
N ASN E 210 27.62 -4.05 69.61
CA ASN E 210 28.55 -3.38 68.71
C ASN E 210 28.16 -3.72 67.28
N HIS E 211 27.85 -2.70 66.49
CA HIS E 211 27.64 -2.82 65.05
C HIS E 211 28.79 -2.08 64.40
N LYS E 212 29.87 -2.79 64.13
CA LYS E 212 31.06 -2.13 63.60
C LYS E 212 30.84 -1.41 62.27
N PRO E 213 30.04 -1.90 61.33
CA PRO E 213 29.90 -1.17 60.05
C PRO E 213 29.42 0.28 60.22
N SER E 214 28.58 0.55 61.22
CA SER E 214 28.04 1.89 61.43
C SER E 214 28.71 2.58 62.61
N ASN E 215 29.67 1.93 63.23
CA ASN E 215 30.33 2.42 64.43
C ASN E 215 29.30 2.73 65.52
N THR E 216 28.28 1.88 65.64
CA THR E 216 27.24 2.05 66.67
C THR E 216 27.51 1.09 67.82
N LYS E 217 27.66 1.64 69.02
CA LYS E 217 27.80 0.83 70.23
C LYS E 217 26.76 1.27 71.25
N VAL E 218 26.06 0.30 71.83
CA VAL E 218 25.00 0.56 72.79
C VAL E 218 25.14 -0.41 73.95
N ASP E 219 25.07 0.10 75.18
CA ASP E 219 24.99 -0.74 76.39
C ASP E 219 23.57 -0.56 76.95
N LYS E 220 22.75 -1.60 76.85
CA LYS E 220 21.33 -1.52 77.22
C LYS E 220 21.10 -2.29 78.52
N ARG E 221 20.65 -1.59 79.55
CA ARG E 221 20.28 -2.27 80.79
C ARG E 221 18.89 -2.89 80.65
N VAL E 222 18.76 -4.13 81.09
CA VAL E 222 17.53 -4.89 80.97
C VAL E 222 17.01 -5.14 82.37
N GLU E 223 15.86 -4.57 82.67
CA GLU E 223 15.29 -4.68 84.00
C GLU E 223 13.96 -5.42 83.94
N PRO E 224 13.54 -6.06 85.04
CA PRO E 224 12.28 -6.79 85.04
C PRO E 224 11.09 -5.87 84.84
N LYS E 225 9.96 -6.49 84.48
CA LYS E 225 8.68 -5.79 84.38
C LYS E 225 8.73 -4.70 83.31
N ALA F 1 13.13 -32.64 36.75
CA ALA F 1 14.31 -32.87 37.58
C ALA F 1 14.16 -34.15 38.43
N ILE F 2 15.20 -34.99 38.45
CA ILE F 2 15.21 -36.19 39.30
C ILE F 2 15.21 -35.74 40.76
N ARG F 3 14.14 -36.03 41.49
CA ARG F 3 14.05 -35.67 42.91
C ARG F 3 14.86 -36.65 43.76
N MET F 4 15.73 -36.11 44.61
CA MET F 4 16.48 -36.88 45.61
C MET F 4 15.86 -36.67 46.99
N THR F 5 15.61 -37.75 47.72
CA THR F 5 15.02 -37.72 49.07
C THR F 5 15.96 -38.40 50.06
N GLN F 6 16.36 -37.69 51.12
CA GLN F 6 17.19 -38.25 52.18
C GLN F 6 16.38 -38.53 53.44
N SER F 7 16.75 -39.58 54.16
CA SER F 7 16.17 -39.91 55.46
C SER F 7 17.22 -40.49 56.40
N PRO F 8 17.24 -40.09 57.68
CA PRO F 8 16.42 -39.00 58.27
C PRO F 8 16.95 -37.61 57.86
N SER F 9 16.21 -36.53 58.13
CA SER F 9 16.70 -35.16 57.93
C SER F 9 17.71 -34.72 59.00
N SER F 10 17.62 -35.31 60.19
CA SER F 10 18.54 -35.11 61.30
C SER F 10 18.56 -36.33 62.20
N LEU F 11 19.71 -36.65 62.79
CA LEU F 11 19.84 -37.70 63.80
C LEU F 11 20.93 -37.33 64.81
N ALA F 12 20.72 -37.69 66.07
CA ALA F 12 21.71 -37.55 67.13
C ALA F 12 22.34 -38.91 67.43
N ALA F 13 23.67 -38.97 67.51
CA ALA F 13 24.43 -40.19 67.76
C ALA F 13 25.67 -39.91 68.63
N SER F 14 26.17 -40.93 69.30
CA SER F 14 27.38 -40.87 70.12
C SER F 14 28.60 -41.32 69.31
N VAL F 15 29.78 -40.86 69.72
CA VAL F 15 31.05 -41.35 69.17
C VAL F 15 31.13 -42.88 69.34
N GLY F 16 31.50 -43.57 68.28
CA GLY F 16 31.51 -45.04 68.22
C GLY F 16 30.25 -45.65 67.61
N ASP F 17 29.13 -44.92 67.56
CA ASP F 17 27.88 -45.42 66.99
C ASP F 17 28.01 -45.66 65.47
N ARG F 18 27.19 -46.60 64.98
CA ARG F 18 26.98 -46.79 63.55
C ARG F 18 25.85 -45.86 63.08
N VAL F 19 26.14 -45.03 62.09
CA VAL F 19 25.16 -44.14 61.46
C VAL F 19 24.86 -44.62 60.04
N THR F 20 23.58 -44.62 59.67
CA THR F 20 23.12 -44.96 58.33
C THR F 20 22.17 -43.90 57.82
N ILE F 21 22.43 -43.42 56.61
CA ILE F 21 21.65 -42.38 55.93
C ILE F 21 21.18 -42.93 54.59
N SER F 22 19.88 -42.93 54.36
CA SER F 22 19.31 -43.38 53.09
C SER F 22 19.12 -42.20 52.15
N CYS F 23 19.36 -42.44 50.85
CA CYS F 23 19.02 -41.51 49.78
C CYS F 23 18.29 -42.26 48.67
N ARG F 24 17.09 -41.77 48.31
CA ARG F 24 16.25 -42.34 47.26
C ARG F 24 16.09 -41.35 46.11
N ALA F 25 16.38 -41.81 44.90
CA ALA F 25 16.08 -41.13 43.66
C ALA F 25 14.64 -41.41 43.20
N GLY F 26 13.99 -40.43 42.59
CA GLY F 26 12.65 -40.58 42.00
C GLY F 26 12.58 -41.52 40.79
N GLN F 27 13.73 -41.82 40.18
CA GLN F 27 13.89 -42.78 39.08
C GLN F 27 15.26 -43.44 39.18
N SER F 28 15.50 -44.49 38.39
CA SER F 28 16.80 -45.16 38.36
C SER F 28 17.89 -44.22 37.85
N ILE F 29 18.96 -44.08 38.62
CA ILE F 29 20.17 -43.30 38.27
C ILE F 29 21.40 -44.20 38.15
N SER F 30 21.20 -45.51 37.93
CA SER F 30 22.28 -46.51 37.91
C SER F 30 23.18 -46.37 39.17
N SER F 31 24.46 -46.05 39.02
CA SER F 31 25.38 -45.77 40.13
C SER F 31 25.80 -44.29 40.20
N PHE F 32 25.17 -43.37 39.46
CA PHE F 32 25.56 -41.95 39.38
C PHE F 32 25.11 -41.15 40.61
N LEU F 33 25.50 -41.62 41.80
CA LEU F 33 25.24 -40.99 43.08
C LEU F 33 26.55 -40.67 43.80
N HIS F 34 26.64 -39.45 44.32
CA HIS F 34 27.80 -38.96 45.07
C HIS F 34 27.37 -38.48 46.45
N TRP F 35 28.21 -38.70 47.46
CA TRP F 35 28.00 -38.25 48.82
C TRP F 35 28.99 -37.15 49.20
N TYR F 36 28.48 -36.14 49.89
CA TYR F 36 29.23 -34.99 50.36
C TYR F 36 29.10 -34.85 51.87
N GLN F 37 30.20 -34.49 52.52
CA GLN F 37 30.20 -34.06 53.92
C GLN F 37 30.39 -32.54 53.96
N GLN F 38 29.55 -31.84 54.71
CA GLN F 38 29.63 -30.40 54.93
C GLN F 38 29.65 -30.09 56.42
N LYS F 39 30.81 -29.62 56.90
CA LYS F 39 30.95 -29.10 58.26
C LYS F 39 30.34 -27.70 58.36
N VAL F 40 29.92 -27.31 59.56
CA VAL F 40 29.33 -25.99 59.81
C VAL F 40 30.30 -24.89 59.35
N GLY F 41 29.81 -23.97 58.51
CA GLY F 41 30.60 -22.85 57.99
C GLY F 41 31.70 -23.26 57.00
N LYS F 42 31.67 -24.47 56.46
CA LYS F 42 32.60 -24.96 55.44
C LYS F 42 31.88 -25.33 54.15
N ALA F 43 32.62 -25.34 53.06
CA ALA F 43 32.15 -25.89 51.80
C ALA F 43 31.95 -27.42 51.90
N PRO F 44 31.05 -27.99 51.08
CA PRO F 44 30.95 -29.44 50.94
C PRO F 44 32.27 -30.06 50.47
N LYS F 45 32.54 -31.28 50.92
CA LYS F 45 33.68 -32.10 50.50
C LYS F 45 33.18 -33.44 50.00
N LEU F 46 33.66 -33.86 48.83
CA LEU F 46 33.34 -35.18 48.27
C LEU F 46 33.84 -36.29 49.19
N LEU F 47 32.95 -37.23 49.50
CA LEU F 47 33.20 -38.37 50.38
C LEU F 47 33.22 -39.67 49.58
N ILE F 48 32.16 -39.90 48.80
CA ILE F 48 31.95 -41.12 48.01
C ILE F 48 31.43 -40.70 46.64
N TYR F 49 31.91 -41.34 45.59
CA TYR F 49 31.41 -41.16 44.23
C TYR F 49 31.00 -42.51 43.64
N ASP F 50 30.19 -42.47 42.59
CA ASP F 50 29.66 -43.64 41.90
C ASP F 50 29.04 -44.69 42.85
N ALA F 51 28.23 -44.20 43.80
CA ALA F 51 27.52 -44.90 44.86
C ALA F 51 28.37 -45.59 45.93
N SER F 52 29.56 -46.12 45.61
CA SER F 52 30.36 -46.95 46.52
C SER F 52 31.86 -46.63 46.59
N SER F 53 32.40 -45.83 45.67
CA SER F 53 33.84 -45.56 45.60
C SER F 53 34.25 -44.44 46.55
N LEU F 54 35.18 -44.70 47.46
CA LEU F 54 35.67 -43.69 48.40
C LEU F 54 36.60 -42.70 47.70
N GLN F 55 36.40 -41.40 47.96
CA GLN F 55 37.35 -40.39 47.53
C GLN F 55 38.68 -40.55 48.28
N SER F 56 39.79 -40.21 47.62
CA SER F 56 41.13 -40.29 48.21
C SER F 56 41.22 -39.55 49.55
N GLY F 57 41.81 -40.20 50.55
CA GLY F 57 41.95 -39.67 51.91
C GLY F 57 40.70 -39.78 52.79
N VAL F 58 39.59 -40.33 52.29
CA VAL F 58 38.41 -40.60 53.10
C VAL F 58 38.61 -41.89 53.92
N PRO F 59 38.40 -41.87 55.25
CA PRO F 59 38.55 -43.05 56.09
C PRO F 59 37.60 -44.20 55.71
N SER F 60 38.08 -45.44 55.82
CA SER F 60 37.31 -46.66 55.51
C SER F 60 36.10 -46.92 56.41
N ARG F 61 35.92 -46.15 57.50
CA ARG F 61 34.68 -46.16 58.29
C ARG F 61 33.49 -45.64 57.51
N PHE F 62 33.72 -44.84 56.47
CA PHE F 62 32.67 -44.44 55.53
C PHE F 62 32.52 -45.51 54.44
N SER F 63 31.28 -45.79 54.06
CA SER F 63 30.97 -46.69 52.96
C SER F 63 29.66 -46.27 52.31
N GLY F 64 29.60 -46.43 50.99
CA GLY F 64 28.42 -46.16 50.19
C GLY F 64 27.94 -47.46 49.56
N SER F 65 26.64 -47.61 49.43
CA SER F 65 26.03 -48.74 48.75
C SER F 65 24.75 -48.32 48.04
N GLY F 66 24.32 -49.14 47.08
CA GLY F 66 23.09 -48.94 46.34
C GLY F 66 23.29 -48.84 44.85
N SER F 67 22.18 -48.98 44.13
CA SER F 67 22.10 -48.82 42.68
C SER F 67 20.65 -48.60 42.29
N GLY F 68 20.42 -48.07 41.09
CA GLY F 68 19.09 -47.76 40.61
C GLY F 68 18.50 -46.58 41.37
N THR F 69 17.55 -46.84 42.27
CA THR F 69 16.80 -45.80 43.00
C THR F 69 17.25 -45.63 44.45
N ASP F 70 17.85 -46.65 45.07
CA ASP F 70 18.03 -46.70 46.51
C ASP F 70 19.52 -46.78 46.87
N PHE F 71 19.95 -45.84 47.71
CA PHE F 71 21.33 -45.66 48.11
C PHE F 71 21.45 -45.43 49.60
N THR F 72 22.62 -45.77 50.14
CA THR F 72 22.90 -45.67 51.57
C THR F 72 24.33 -45.20 51.78
N LEU F 73 24.50 -44.24 52.70
CA LEU F 73 25.77 -43.91 53.32
C LEU F 73 25.81 -44.54 54.71
N THR F 74 26.88 -45.25 55.03
CA THR F 74 27.14 -45.83 56.35
C THR F 74 28.43 -45.29 56.91
N ILE F 75 28.38 -44.85 58.18
CA ILE F 75 29.53 -44.56 59.02
C ILE F 75 29.58 -45.68 60.07
N SER F 76 30.58 -46.56 59.99
CA SER F 76 30.63 -47.76 60.83
C SER F 76 30.96 -47.48 62.30
N SER F 77 31.75 -46.44 62.55
CA SER F 77 32.13 -45.98 63.89
C SER F 77 32.34 -44.47 63.87
N LEU F 78 31.32 -43.73 64.30
CA LEU F 78 31.26 -42.27 64.26
C LEU F 78 32.40 -41.64 65.08
N GLN F 79 33.11 -40.67 64.50
CA GLN F 79 34.16 -39.90 65.18
C GLN F 79 33.74 -38.44 65.41
N PRO F 80 34.38 -37.69 66.33
CA PRO F 80 34.06 -36.28 66.58
C PRO F 80 34.10 -35.39 65.33
N GLU F 81 35.01 -35.67 64.39
CA GLU F 81 35.13 -34.91 63.15
C GLU F 81 34.05 -35.25 62.09
N ASP F 82 33.22 -36.26 62.35
CA ASP F 82 32.15 -36.72 61.46
C ASP F 82 30.82 -36.00 61.72
N PHE F 83 30.68 -35.27 62.82
CA PHE F 83 29.49 -34.44 63.08
C PHE F 83 29.39 -33.30 62.06
N ALA F 84 28.47 -33.47 61.11
CA ALA F 84 28.35 -32.66 59.90
C ALA F 84 26.97 -32.86 59.24
N ALA F 85 26.67 -32.05 58.23
CA ALA F 85 25.59 -32.33 57.30
C ALA F 85 26.10 -33.19 56.14
N TYR F 86 25.30 -34.16 55.72
CA TYR F 86 25.62 -35.07 54.62
C TYR F 86 24.61 -34.93 53.49
N TYR F 87 25.07 -34.82 52.26
CA TYR F 87 24.21 -34.64 51.08
C TYR F 87 24.50 -35.71 50.04
N CYS F 88 23.47 -36.33 49.50
CA CYS F 88 23.59 -37.09 48.27
C CYS F 88 23.33 -36.19 47.07
N GLN F 89 23.99 -36.47 45.94
CA GLN F 89 23.79 -35.81 44.66
C GLN F 89 23.62 -36.88 43.59
N GLN F 90 22.66 -36.69 42.68
CA GLN F 90 22.63 -37.47 41.44
C GLN F 90 23.34 -36.71 40.31
N SER F 91 24.02 -37.47 39.45
CA SER F 91 24.66 -36.93 38.25
C SER F 91 24.34 -37.73 36.98
N TYR F 92 23.20 -38.41 36.97
CA TYR F 92 22.74 -39.21 35.84
C TYR F 92 22.20 -38.31 34.72
N GLU F 93 21.40 -37.31 35.08
CA GLU F 93 20.72 -36.43 34.15
C GLU F 93 20.72 -34.98 34.67
N ASN F 94 20.70 -34.02 33.74
CA ASN F 94 20.50 -32.62 34.08
C ASN F 94 19.00 -32.31 34.28
N PRO F 95 18.65 -31.42 35.22
CA PRO F 95 19.53 -30.72 36.14
C PRO F 95 20.10 -31.66 37.22
N LEU F 96 21.34 -31.41 37.63
CA LEU F 96 21.91 -32.07 38.80
C LEU F 96 21.10 -31.71 40.04
N THR F 97 20.85 -32.67 40.91
CA THR F 97 20.01 -32.46 42.11
C THR F 97 20.64 -33.06 43.35
N PHE F 98 20.43 -32.38 44.47
CA PHE F 98 20.85 -32.82 45.80
C PHE F 98 19.65 -33.31 46.59
N GLY F 99 19.92 -34.24 47.52
CA GLY F 99 18.99 -34.55 48.59
C GLY F 99 18.88 -33.38 49.58
N GLY F 100 17.86 -33.41 50.44
CA GLY F 100 17.62 -32.37 51.43
C GLY F 100 18.69 -32.22 52.51
N GLY F 101 19.65 -33.14 52.56
CA GLY F 101 20.67 -33.20 53.59
C GLY F 101 20.22 -33.99 54.83
N THR F 102 21.19 -34.57 55.52
CA THR F 102 21.01 -35.22 56.82
C THR F 102 22.02 -34.64 57.80
N LYS F 103 21.55 -33.99 58.86
CA LYS F 103 22.40 -33.45 59.91
C LYS F 103 22.69 -34.53 60.95
N VAL F 104 23.96 -34.89 61.13
CA VAL F 104 24.41 -35.80 62.18
C VAL F 104 24.95 -34.97 63.33
N ASP F 105 24.18 -34.98 64.42
CA ASP F 105 24.50 -34.20 65.64
C ASP F 105 24.97 -35.14 66.75
N ILE F 106 25.68 -34.60 67.75
CA ILE F 106 26.16 -35.43 68.89
C ILE F 106 24.94 -36.12 69.51
N ARG F 108 22.69 -37.08 71.65
CA ARG F 108 22.49 -36.98 73.12
C ARG F 108 21.07 -37.41 73.45
N THR F 109 20.79 -37.56 74.75
CA THR F 109 19.43 -37.92 75.14
C THR F 109 18.46 -36.76 74.87
N VAL F 110 17.19 -37.13 74.71
CA VAL F 110 16.15 -36.14 74.50
C VAL F 110 16.11 -35.19 75.69
N ALA F 111 15.94 -33.89 75.40
CA ALA F 111 15.76 -32.86 76.42
C ALA F 111 14.68 -31.91 75.92
N ALA F 112 13.61 -31.75 76.72
CA ALA F 112 12.54 -30.84 76.37
C ALA F 112 12.97 -29.38 76.56
N PRO F 113 12.46 -28.48 75.73
CA PRO F 113 12.77 -27.06 75.87
C PRO F 113 12.10 -26.45 77.08
N SER F 114 12.80 -25.50 77.72
CA SER F 114 12.16 -24.49 78.55
C SER F 114 11.66 -23.36 77.64
N VAL F 115 10.46 -22.89 77.90
CA VAL F 115 9.80 -21.94 77.01
C VAL F 115 9.61 -20.62 77.74
N PHE F 116 10.03 -19.53 77.09
CA PHE F 116 9.88 -18.19 77.61
C PHE F 116 9.27 -17.28 76.55
N ILE F 117 8.51 -16.29 76.99
CA ILE F 117 7.91 -15.35 76.04
C ILE F 117 8.17 -13.92 76.48
N PHE F 118 8.42 -13.06 75.50
CA PHE F 118 8.74 -11.66 75.71
C PHE F 118 7.75 -10.78 74.95
N PRO F 119 6.99 -9.95 75.63
CA PRO F 119 6.16 -8.97 74.93
C PRO F 119 7.04 -7.91 74.29
N PRO F 120 6.50 -7.11 73.37
CA PRO F 120 7.26 -5.96 72.87
C PRO F 120 7.60 -5.00 74.01
N SER F 121 8.81 -4.45 73.94
CA SER F 121 9.20 -3.40 74.88
C SER F 121 8.40 -2.12 74.65
N ASP F 122 8.30 -1.33 75.71
CA ASP F 122 7.65 -0.03 75.58
C ASP F 122 8.45 0.86 74.63
N GLU F 123 9.77 0.72 74.64
CA GLU F 123 10.61 1.51 73.74
C GLU F 123 10.29 1.21 72.28
N GLN F 124 10.12 -0.07 71.94
CA GLN F 124 9.81 -0.42 70.56
C GLN F 124 8.41 0.03 70.19
N LEU F 125 7.46 -0.15 71.11
CA LEU F 125 6.10 0.33 70.86
C LEU F 125 6.08 1.83 70.59
N LYS F 126 6.86 2.60 71.37
CA LYS F 126 6.92 4.04 71.13
C LYS F 126 7.33 4.35 69.70
N SER F 127 8.10 3.46 69.07
CA SER F 127 8.59 3.71 67.72
C SER F 127 7.64 3.23 66.63
N GLY F 128 6.58 2.51 67.00
CA GLY F 128 5.53 2.17 66.04
C GLY F 128 5.39 0.71 65.66
N THR F 129 6.22 -0.19 66.20
CA THR F 129 6.15 -1.61 65.86
C THR F 129 6.18 -2.46 67.12
N ALA F 130 5.74 -3.70 66.97
CA ALA F 130 5.71 -4.66 68.07
C ALA F 130 6.33 -5.98 67.63
N SER F 131 7.42 -6.37 68.29
CA SER F 131 8.02 -7.69 68.08
C SER F 131 7.76 -8.53 69.33
N VAL F 132 7.14 -9.70 69.15
CA VAL F 132 6.91 -10.65 70.24
C VAL F 132 7.89 -11.80 70.05
N VAL F 133 8.60 -12.17 71.11
CA VAL F 133 9.65 -13.18 70.98
C VAL F 133 9.37 -14.39 71.87
N CYS F 134 9.47 -15.58 71.27
CA CYS F 134 9.35 -16.83 71.98
C CYS F 134 10.72 -17.52 71.99
N LEU F 135 11.18 -17.90 73.17
CA LEU F 135 12.46 -18.58 73.34
C LEU F 135 12.27 -20.02 73.79
N LEU F 136 12.93 -20.95 73.09
CA LEU F 136 13.02 -22.36 73.50
C LEU F 136 14.46 -22.59 73.90
N ASN F 137 14.68 -22.98 75.15
CA ASN F 137 16.05 -23.07 75.66
C ASN F 137 16.43 -24.52 75.94
N ASN F 138 17.63 -24.89 75.47
CA ASN F 138 18.36 -26.07 75.92
C ASN F 138 17.59 -27.38 75.66
N PHE F 139 17.32 -27.65 74.38
CA PHE F 139 16.55 -28.83 73.99
C PHE F 139 17.34 -29.67 72.99
N TYR F 140 16.92 -30.94 72.85
CA TYR F 140 17.51 -31.88 71.91
C TYR F 140 16.44 -32.92 71.64
N PRO F 141 16.20 -33.33 70.40
CA PRO F 141 16.92 -32.96 69.18
C PRO F 141 16.50 -31.61 68.66
N ARG F 142 17.12 -31.21 67.55
CA ARG F 142 16.93 -29.86 67.02
C ARG F 142 15.51 -29.61 66.52
N GLU F 143 14.83 -30.65 66.04
CA GLU F 143 13.50 -30.49 65.45
C GLU F 143 12.51 -29.99 66.48
N ALA F 144 11.78 -28.94 66.12
CA ALA F 144 10.78 -28.37 67.01
C ALA F 144 9.77 -27.64 66.16
N LYS F 145 8.52 -27.62 66.60
CA LYS F 145 7.52 -26.82 65.94
C LYS F 145 7.06 -25.72 66.89
N VAL F 146 7.11 -24.49 66.41
CA VAL F 146 6.72 -23.35 67.21
C VAL F 146 5.66 -22.58 66.45
N GLN F 147 4.48 -22.47 67.03
CA GLN F 147 3.39 -21.76 66.38
C GLN F 147 2.92 -20.62 67.26
N TRP F 148 2.51 -19.56 66.60
CA TRP F 148 1.98 -18.38 67.27
C TRP F 148 0.48 -18.37 67.21
N LYS F 149 -0.15 -18.03 68.32
CA LYS F 149 -1.59 -17.81 68.32
C LYS F 149 -1.88 -16.44 68.92
N VAL F 150 -2.72 -15.68 68.26
CA VAL F 150 -3.09 -14.32 68.67
C VAL F 150 -4.60 -14.30 68.84
N ASP F 151 -5.06 -14.15 70.09
CA ASP F 151 -6.48 -14.35 70.40
C ASP F 151 -6.99 -15.62 69.73
N ASN F 152 -6.19 -16.69 69.82
CA ASN F 152 -6.47 -18.04 69.36
C ASN F 152 -6.47 -18.22 67.85
N ALA F 153 -6.08 -17.20 67.10
CA ALA F 153 -5.92 -17.35 65.67
C ALA F 153 -4.50 -17.83 65.39
N LEU F 154 -4.39 -18.97 64.70
CA LEU F 154 -3.09 -19.47 64.30
C LEU F 154 -2.46 -18.53 63.27
N GLN F 155 -1.24 -18.06 63.55
CA GLN F 155 -0.49 -17.25 62.59
C GLN F 155 0.25 -18.16 61.62
N SER F 156 0.23 -17.80 60.34
CA SER F 156 0.94 -18.58 59.34
C SER F 156 1.66 -17.61 58.42
N GLY F 157 2.99 -17.68 58.40
CA GLY F 157 3.77 -16.81 57.54
C GLY F 157 4.13 -15.45 58.14
N ASN F 158 3.87 -15.26 59.44
CA ASN F 158 4.01 -13.97 60.11
C ASN F 158 5.20 -13.94 61.05
N SER F 159 5.98 -15.01 61.13
CA SER F 159 7.03 -15.11 62.12
C SER F 159 8.26 -15.70 61.48
N GLN F 160 9.41 -15.43 62.08
CA GLN F 160 10.67 -15.99 61.63
C GLN F 160 11.40 -16.56 62.83
N GLU F 161 12.15 -17.64 62.61
CA GLU F 161 12.87 -18.25 63.71
C GLU F 161 14.31 -18.54 63.30
N SER F 162 15.15 -18.72 64.31
CA SER F 162 16.51 -19.17 64.06
C SER F 162 17.00 -19.93 65.28
N VAL F 163 18.07 -20.66 65.09
CA VAL F 163 18.52 -21.68 66.03
C VAL F 163 20.02 -21.52 66.25
N THR F 164 20.45 -21.66 67.51
CA THR F 164 21.87 -21.62 67.79
C THR F 164 22.59 -22.88 67.30
N GLU F 165 23.93 -22.79 67.26
CA GLU F 165 24.79 -23.96 67.18
C GLU F 165 24.56 -24.84 68.42
N GLN F 166 24.91 -26.10 68.30
CA GLN F 166 24.89 -26.98 69.47
C GLN F 166 25.82 -26.45 70.55
N ASP F 167 25.39 -26.59 71.80
CA ASP F 167 26.20 -26.15 72.93
C ASP F 167 27.38 -27.11 73.16
N SER F 168 28.56 -26.54 73.45
CA SER F 168 29.73 -27.39 73.52
C SER F 168 29.82 -28.16 74.82
N LYS F 169 29.03 -27.81 75.82
CA LYS F 169 29.01 -28.51 77.10
C LYS F 169 27.89 -29.55 77.16
N ASP F 170 26.63 -29.14 76.91
CA ASP F 170 25.52 -30.06 77.10
C ASP F 170 24.89 -30.51 75.79
N SER F 171 25.44 -30.10 74.64
CA SER F 171 24.98 -30.59 73.33
C SER F 171 23.51 -30.27 73.02
N THR F 172 22.94 -29.23 73.62
CA THR F 172 21.58 -28.84 73.33
C THR F 172 21.52 -27.68 72.33
N TYR F 173 20.31 -27.37 71.90
CA TYR F 173 20.03 -26.25 71.03
C TYR F 173 19.15 -25.26 71.76
N SER F 174 19.15 -24.03 71.29
CA SER F 174 18.12 -23.07 71.64
C SER F 174 17.58 -22.43 70.37
N LEU F 175 16.35 -21.95 70.45
CA LEU F 175 15.64 -21.42 69.29
C LEU F 175 14.87 -20.19 69.71
N SER F 176 14.86 -19.17 68.85
CA SER F 176 13.95 -18.04 69.08
C SER F 176 13.06 -17.85 67.86
N SER F 177 11.81 -17.52 68.13
CA SER F 177 10.84 -17.18 67.10
C SER F 177 10.29 -15.79 67.39
N THR F 178 10.16 -14.99 66.34
CA THR F 178 9.74 -13.60 66.45
C THR F 178 8.53 -13.36 65.56
N LEU F 179 7.48 -12.86 66.18
CA LEU F 179 6.26 -12.43 65.51
C LEU F 179 6.26 -10.91 65.48
N THR F 180 6.21 -10.31 64.28
CA THR F 180 6.23 -8.85 64.23
C THR F 180 4.91 -8.31 63.68
N LEU F 181 4.35 -7.31 64.38
CA LEU F 181 3.10 -6.65 64.01
C LEU F 181 3.28 -5.14 64.05
N SER F 182 2.42 -4.43 63.33
CA SER F 182 2.36 -3.01 63.59
C SER F 182 1.79 -2.76 64.98
N LYS F 183 2.13 -1.60 65.54
CA LYS F 183 1.57 -1.22 66.83
C LYS F 183 0.04 -1.24 66.80
N ALA F 184 -0.56 -0.72 65.72
CA ALA F 184 -2.01 -0.71 65.65
C ALA F 184 -2.58 -2.12 65.69
N ASP F 185 -1.94 -3.07 64.99
CA ASP F 185 -2.44 -4.45 65.02
C ASP F 185 -2.18 -5.10 66.39
N TYR F 186 -1.02 -4.83 66.98
CA TYR F 186 -0.74 -5.32 68.33
C TYR F 186 -1.82 -4.88 69.30
N GLU F 187 -2.23 -3.62 69.23
CA GLU F 187 -3.24 -3.10 70.15
C GLU F 187 -4.64 -3.60 69.87
N LYS F 188 -4.87 -4.34 68.79
CA LYS F 188 -6.21 -4.88 68.55
C LYS F 188 -6.45 -6.21 69.24
N HIS F 189 -5.44 -6.82 69.81
CA HIS F 189 -5.57 -8.18 70.34
C HIS F 189 -5.07 -8.24 71.77
N LYS F 190 -5.52 -9.26 72.48
CA LYS F 190 -5.23 -9.43 73.89
C LYS F 190 -4.22 -10.55 74.16
N VAL F 191 -4.49 -11.78 73.72
CA VAL F 191 -3.74 -12.95 74.17
C VAL F 191 -2.71 -13.31 73.10
N TYR F 192 -1.44 -13.25 73.48
CA TYR F 192 -0.32 -13.62 72.60
C TYR F 192 0.30 -14.88 73.15
N ALA F 193 0.31 -15.96 72.35
CA ALA F 193 0.73 -17.25 72.83
C ALA F 193 1.70 -17.91 71.86
N CYS F 194 2.76 -18.55 72.34
CA CYS F 194 3.50 -19.43 71.43
C CYS F 194 3.31 -20.85 71.91
N GLU F 195 2.95 -21.71 71.04
CA GLU F 195 2.72 -23.15 71.20
C GLU F 195 3.92 -23.91 70.69
N VAL F 196 4.39 -24.88 71.47
CA VAL F 196 5.63 -25.59 71.20
C VAL F 196 5.33 -27.09 71.15
N THR F 197 5.78 -27.74 70.10
CA THR F 197 5.75 -29.20 69.96
C THR F 197 7.18 -29.71 69.87
N HIS F 198 7.52 -30.71 70.70
CA HIS F 198 8.87 -31.26 70.74
C HIS F 198 8.83 -32.69 71.27
N GLN F 199 9.74 -33.52 70.76
CA GLN F 199 9.81 -34.92 71.20
C GLN F 199 9.92 -35.06 72.72
N GLY F 200 10.56 -34.10 73.39
CA GLY F 200 10.77 -34.19 74.83
C GLY F 200 9.55 -33.87 75.65
N LEU F 201 8.50 -33.38 75.02
CA LEU F 201 7.27 -32.99 75.68
C LEU F 201 6.21 -34.05 75.45
N SER F 202 5.45 -34.38 76.52
CA SER F 202 4.36 -35.36 76.39
C SER F 202 3.34 -34.91 75.35
N SER F 203 3.04 -33.62 75.32
CA SER F 203 2.03 -33.04 74.45
C SER F 203 2.47 -31.61 74.15
N PRO F 204 1.92 -30.99 73.09
CA PRO F 204 2.25 -29.59 72.85
C PRO F 204 1.94 -28.74 74.07
N VAL F 205 2.76 -27.71 74.27
CA VAL F 205 2.61 -26.81 75.41
C VAL F 205 2.43 -25.38 74.89
N THR F 206 1.87 -24.53 75.74
CA THR F 206 1.65 -23.14 75.35
C THR F 206 2.04 -22.21 76.48
N LYS F 207 2.71 -21.12 76.12
CA LYS F 207 3.01 -20.04 77.04
C LYS F 207 2.46 -18.76 76.45
N SER F 208 1.75 -17.97 77.25
CA SER F 208 1.14 -16.75 76.74
C SER F 208 1.28 -15.59 77.71
N PHE F 209 0.98 -14.40 77.19
CA PHE F 209 0.72 -13.24 78.01
C PHE F 209 -0.48 -12.49 77.44
N ASN F 210 -1.06 -11.62 78.29
CA ASN F 210 -2.09 -10.68 77.87
C ASN F 210 -1.48 -9.29 77.72
N ARG F 211 -1.71 -8.68 76.56
CA ARG F 211 -1.23 -7.32 76.33
C ARG F 211 -1.72 -6.39 77.44
N GLY F 212 -0.79 -5.61 77.99
CA GLY F 212 -1.13 -4.75 79.11
C GLY F 212 -1.03 -5.39 80.47
N GLU F 213 -0.43 -6.58 80.56
CA GLU F 213 -0.18 -7.30 81.82
C GLU F 213 -1.47 -7.64 82.57
N ALA G 1 33.11 -38.65 -57.29
CA ALA G 1 33.83 -37.56 -56.64
C ALA G 1 33.89 -36.31 -57.52
N ILE G 2 33.60 -35.14 -56.94
CA ILE G 2 33.72 -33.86 -57.66
C ILE G 2 35.20 -33.63 -57.98
N ARG G 3 35.54 -33.63 -59.27
CA ARG G 3 36.92 -33.40 -59.70
C ARG G 3 37.25 -31.90 -59.65
N MET G 4 38.34 -31.56 -58.98
CA MET G 4 38.89 -30.20 -58.96
C MET G 4 40.11 -30.11 -59.88
N THR G 5 40.15 -29.11 -60.75
CA THR G 5 41.25 -28.89 -61.70
C THR G 5 41.85 -27.51 -61.46
N GLN G 6 43.16 -27.45 -61.22
CA GLN G 6 43.90 -26.19 -61.07
C GLN G 6 44.73 -25.87 -62.31
N SER G 7 44.85 -24.57 -62.62
CA SER G 7 45.72 -24.09 -63.68
C SER G 7 46.36 -22.75 -63.29
N PRO G 8 47.66 -22.55 -63.57
CA PRO G 8 48.60 -23.55 -64.08
C PRO G 8 49.03 -24.55 -62.97
N SER G 9 49.72 -25.64 -63.32
CA SER G 9 50.31 -26.56 -62.32
C SER G 9 51.56 -25.98 -61.64
N SER G 10 52.27 -25.10 -62.34
CA SER G 10 53.43 -24.36 -61.85
C SER G 10 53.57 -23.05 -62.59
N LEU G 11 54.05 -22.00 -61.91
CA LEU G 11 54.39 -20.73 -62.52
C LEU G 11 55.58 -20.08 -61.79
N ALA G 12 56.45 -19.40 -62.54
CA ALA G 12 57.54 -18.61 -61.98
C ALA G 12 57.17 -17.12 -62.03
N ALA G 13 57.38 -16.41 -60.94
CA ALA G 13 57.06 -14.98 -60.80
C ALA G 13 58.10 -14.27 -59.92
N SER G 14 58.21 -12.95 -60.10
CA SER G 14 59.08 -12.09 -59.29
C SER G 14 58.31 -11.46 -58.13
N VAL G 15 59.03 -11.09 -57.08
CA VAL G 15 58.47 -10.31 -55.97
C VAL G 15 57.85 -9.03 -56.52
N GLY G 16 56.63 -8.72 -56.09
CA GLY G 16 55.84 -7.59 -56.60
C GLY G 16 54.86 -7.97 -57.70
N ASP G 17 55.05 -9.10 -58.39
CA ASP G 17 54.15 -9.55 -59.46
C ASP G 17 52.76 -9.89 -58.93
N ARG G 18 51.77 -9.75 -59.81
CA ARG G 18 50.42 -10.28 -59.58
C ARG G 18 50.36 -11.73 -60.05
N VAL G 19 49.97 -12.63 -59.16
CA VAL G 19 49.77 -14.05 -59.47
C VAL G 19 48.28 -14.38 -59.43
N THR G 20 47.82 -15.16 -60.40
CA THR G 20 46.44 -15.64 -60.48
C THR G 20 46.42 -17.14 -60.74
N ILE G 21 45.67 -17.87 -59.93
CA ILE G 21 45.53 -19.32 -59.99
C ILE G 21 44.04 -19.64 -60.14
N SER G 22 43.70 -20.37 -61.19
CA SER G 22 42.32 -20.80 -61.42
C SER G 22 42.08 -22.19 -60.83
N CYS G 23 40.90 -22.40 -60.28
CA CYS G 23 40.41 -23.71 -59.86
C CYS G 23 38.99 -23.92 -60.40
N ARG G 24 38.79 -25.02 -61.13
CA ARG G 24 37.51 -25.40 -61.71
C ARG G 24 37.01 -26.71 -61.10
N ALA G 25 35.77 -26.68 -60.61
CA ALA G 25 35.03 -27.86 -60.18
C ALA G 25 34.32 -28.52 -61.39
N GLY G 26 34.22 -29.85 -61.38
CA GLY G 26 33.48 -30.61 -62.40
C GLY G 26 31.97 -30.39 -62.38
N GLN G 27 31.44 -29.84 -61.30
CA GLN G 27 30.03 -29.45 -61.14
C GLN G 27 29.93 -28.23 -60.22
N SER G 28 28.76 -27.61 -60.13
CA SER G 28 28.55 -26.46 -59.24
C SER G 28 28.72 -26.88 -57.77
N ILE G 29 29.58 -26.17 -57.05
CA ILE G 29 29.83 -26.33 -55.62
C ILE G 29 29.41 -25.08 -54.83
N SER G 30 28.54 -24.24 -55.40
CA SER G 30 28.14 -22.94 -54.82
C SER G 30 29.37 -22.11 -54.43
N SER G 31 29.58 -21.79 -53.15
CA SER G 31 30.77 -21.14 -52.62
C SER G 31 31.64 -22.06 -51.75
N PHE G 32 31.40 -23.37 -51.71
CA PHE G 32 32.10 -24.33 -50.83
C PHE G 32 33.51 -24.68 -51.34
N LEU G 33 34.32 -23.65 -51.57
CA LEU G 33 35.71 -23.76 -52.00
C LEU G 33 36.64 -23.10 -51.00
N HIS G 34 37.72 -23.79 -50.64
CA HIS G 34 38.73 -23.32 -49.72
C HIS G 34 40.12 -23.35 -50.38
N TRP G 35 40.96 -22.37 -50.08
CA TRP G 35 42.33 -22.28 -50.56
C TRP G 35 43.32 -22.51 -49.43
N TYR G 36 44.37 -23.27 -49.73
CA TYR G 36 45.45 -23.61 -48.83
C TYR G 36 46.79 -23.18 -49.40
N GLN G 37 47.66 -22.68 -48.54
CA GLN G 37 49.07 -22.46 -48.85
C GLN G 37 49.90 -23.55 -48.15
N GLN G 38 50.80 -24.20 -48.88
CA GLN G 38 51.72 -25.19 -48.35
C GLN G 38 53.15 -24.83 -48.72
N LYS G 39 53.94 -24.45 -47.72
CA LYS G 39 55.38 -24.24 -47.87
C LYS G 39 56.10 -25.59 -47.92
N VAL G 40 57.27 -25.62 -48.55
CA VAL G 40 58.09 -26.84 -48.66
C VAL G 40 58.38 -27.41 -47.26
N GLY G 41 58.07 -28.70 -47.07
CA GLY G 41 58.29 -29.39 -45.79
C GLY G 41 57.37 -28.94 -44.65
N LYS G 42 56.29 -28.22 -44.94
CA LYS G 42 55.28 -27.79 -43.97
C LYS G 42 53.91 -28.37 -44.29
N ALA G 43 53.06 -28.42 -43.28
CA ALA G 43 51.64 -28.72 -43.46
C ALA G 43 50.92 -27.60 -44.22
N PRO G 44 49.84 -27.90 -44.94
CA PRO G 44 48.96 -26.89 -45.51
C PRO G 44 48.41 -25.94 -44.43
N LYS G 45 48.21 -24.69 -44.79
CA LYS G 45 47.57 -23.66 -43.96
C LYS G 45 46.39 -23.05 -44.71
N LEU G 46 45.24 -22.95 -44.06
CA LEU G 46 44.06 -22.31 -44.63
C LEU G 46 44.34 -20.83 -44.91
N LEU G 47 44.02 -20.41 -46.13
CA LEU G 47 44.22 -19.05 -46.62
C LEU G 47 42.87 -18.34 -46.81
N ILE G 48 41.97 -18.98 -47.56
CA ILE G 48 40.65 -18.46 -47.92
C ILE G 48 39.64 -19.57 -47.74
N TYR G 49 38.47 -19.27 -47.20
CA TYR G 49 37.34 -20.18 -47.11
C TYR G 49 36.11 -19.56 -47.76
N ASP G 50 35.14 -20.40 -48.08
CA ASP G 50 33.88 -20.01 -48.74
C ASP G 50 34.10 -19.12 -49.98
N ALA G 51 35.04 -19.53 -50.83
CA ALA G 51 35.50 -18.90 -52.07
C ALA G 51 36.17 -17.52 -51.95
N SER G 52 35.77 -16.66 -50.99
CA SER G 52 36.22 -15.27 -50.92
C SER G 52 36.62 -14.77 -49.53
N SER G 53 36.32 -15.49 -48.45
CA SER G 53 36.56 -15.03 -47.08
C SER G 53 37.99 -15.34 -46.63
N LEU G 54 38.75 -14.31 -46.24
CA LEU G 54 40.12 -14.49 -45.77
C LEU G 54 40.15 -15.08 -44.35
N GLN G 55 40.99 -16.09 -44.15
CA GLN G 55 41.27 -16.59 -42.80
C GLN G 55 41.98 -15.52 -41.96
N SER G 56 41.73 -15.51 -40.66
CA SER G 56 42.35 -14.57 -39.73
C SER G 56 43.88 -14.58 -39.83
N GLY G 57 44.47 -13.39 -39.90
CA GLY G 57 45.92 -13.19 -40.04
C GLY G 57 46.46 -13.37 -41.46
N VAL G 58 45.62 -13.67 -42.46
CA VAL G 58 46.03 -13.70 -43.86
C VAL G 58 46.10 -12.28 -44.43
N PRO G 59 47.21 -11.88 -45.06
CA PRO G 59 47.36 -10.55 -45.65
C PRO G 59 46.32 -10.26 -46.76
N SER G 60 45.85 -9.01 -46.84
CA SER G 60 44.86 -8.56 -47.84
C SER G 60 45.36 -8.59 -49.29
N ARG G 61 46.66 -8.84 -49.53
CA ARG G 61 47.18 -9.12 -50.88
C ARG G 61 46.64 -10.42 -51.47
N PHE G 62 46.18 -11.34 -50.62
CA PHE G 62 45.46 -12.52 -51.04
C PHE G 62 43.98 -12.20 -51.21
N SER G 63 43.36 -12.73 -52.26
CA SER G 63 41.92 -12.63 -52.48
C SER G 63 41.42 -13.84 -53.25
N GLY G 64 40.22 -14.27 -52.90
CA GLY G 64 39.52 -15.37 -53.55
C GLY G 64 38.27 -14.84 -54.23
N SER G 65 37.92 -15.41 -55.38
CA SER G 65 36.69 -15.09 -56.09
C SER G 65 36.14 -16.32 -56.79
N GLY G 66 34.87 -16.25 -57.14
CA GLY G 66 34.19 -17.30 -57.89
C GLY G 66 32.99 -17.88 -57.16
N SER G 67 32.17 -18.60 -57.92
CA SER G 67 31.01 -19.33 -57.46
C SER G 67 30.61 -20.37 -58.49
N GLY G 68 29.83 -21.37 -58.09
CA GLY G 68 29.42 -22.44 -58.98
C GLY G 68 30.60 -23.34 -59.31
N THR G 69 31.12 -23.26 -60.54
CA THR G 69 32.18 -24.13 -61.04
C THR G 69 33.56 -23.47 -61.10
N ASP G 70 33.64 -22.14 -61.16
CA ASP G 70 34.87 -21.44 -61.50
C ASP G 70 35.31 -20.51 -60.37
N PHE G 71 36.55 -20.71 -59.95
CA PHE G 71 37.15 -20.01 -58.81
C PHE G 71 38.56 -19.55 -59.13
N THR G 72 38.98 -18.51 -58.43
CA THR G 72 40.28 -17.88 -58.63
C THR G 72 40.88 -17.47 -57.29
N LEU G 73 42.17 -17.77 -57.10
CA LEU G 73 43.03 -17.16 -56.09
C LEU G 73 43.90 -16.10 -56.76
N THR G 74 43.92 -14.90 -56.19
CA THR G 74 44.79 -13.81 -56.64
C THR G 74 45.71 -13.37 -55.51
N ILE G 75 46.99 -13.24 -55.82
CA ILE G 75 48.00 -12.57 -55.00
C ILE G 75 48.33 -11.27 -55.73
N SER G 76 47.94 -10.12 -55.16
CA SER G 76 48.05 -8.82 -55.85
C SER G 76 49.48 -8.31 -55.95
N SER G 77 50.32 -8.63 -54.97
CA SER G 77 51.74 -8.28 -54.93
C SER G 77 52.52 -9.35 -54.19
N LEU G 78 53.14 -10.26 -54.95
CA LEU G 78 53.83 -11.44 -54.44
C LEU G 78 54.99 -11.07 -53.52
N GLN G 79 55.08 -11.70 -52.35
CA GLN G 79 56.18 -11.52 -51.39
C GLN G 79 57.07 -12.77 -51.30
N PRO G 80 58.31 -12.68 -50.78
CA PRO G 80 59.20 -13.84 -50.62
C PRO G 80 58.59 -15.00 -49.84
N GLU G 81 57.76 -14.72 -48.84
CA GLU G 81 57.09 -15.75 -48.03
C GLU G 81 55.89 -16.42 -48.74
N ASP G 82 55.50 -15.93 -49.91
CA ASP G 82 54.38 -16.44 -50.70
C ASP G 82 54.81 -17.56 -51.68
N PHE G 83 56.11 -17.76 -51.91
CA PHE G 83 56.61 -18.87 -52.72
C PHE G 83 56.30 -20.21 -52.05
N ALA G 84 55.29 -20.90 -52.59
CA ALA G 84 54.66 -22.07 -51.99
C ALA G 84 53.82 -22.84 -53.03
N ALA G 85 53.34 -24.03 -52.65
CA ALA G 85 52.28 -24.71 -53.37
C ALA G 85 50.91 -24.24 -52.85
N TYR G 86 49.96 -24.04 -53.76
CA TYR G 86 48.61 -23.62 -53.43
C TYR G 86 47.60 -24.65 -53.88
N TYR G 87 46.65 -25.01 -53.01
CA TYR G 87 45.64 -26.04 -53.30
C TYR G 87 44.24 -25.47 -53.07
N CYS G 88 43.34 -25.70 -54.03
CA CYS G 88 41.91 -25.54 -53.77
C CYS G 88 41.32 -26.85 -53.26
N GLN G 89 40.30 -26.75 -52.42
CA GLN G 89 39.52 -27.88 -51.91
C GLN G 89 38.04 -27.56 -52.09
N GLN G 90 37.24 -28.52 -52.54
CA GLN G 90 35.79 -28.42 -52.42
C GLN G 90 35.29 -29.11 -51.15
N SER G 91 34.25 -28.54 -50.55
CA SER G 91 33.57 -29.12 -49.38
C SER G 91 32.05 -29.16 -49.52
N TYR G 92 31.57 -29.18 -50.75
CA TYR G 92 30.14 -29.24 -51.06
C TYR G 92 29.58 -30.64 -50.82
N GLU G 93 30.30 -31.66 -51.27
CA GLU G 93 29.86 -33.05 -51.22
C GLU G 93 31.04 -33.97 -50.87
N ASN G 94 30.74 -35.10 -50.21
CA ASN G 94 31.72 -36.15 -49.99
C ASN G 94 31.86 -37.04 -51.25
N PRO G 95 33.07 -37.53 -51.56
CA PRO G 95 34.32 -37.28 -50.84
C PRO G 95 34.83 -35.86 -51.06
N LEU G 96 35.47 -35.28 -50.03
CA LEU G 96 36.19 -34.02 -50.17
C LEU G 96 37.34 -34.21 -51.17
N THR G 97 37.56 -33.23 -52.04
CA THR G 97 38.59 -33.33 -53.09
C THR G 97 39.42 -32.06 -53.17
N PHE G 98 40.69 -32.25 -53.50
CA PHE G 98 41.64 -31.19 -53.74
C PHE G 98 41.94 -31.06 -55.23
N GLY G 99 42.27 -29.84 -55.66
CA GLY G 99 42.93 -29.63 -56.95
C GLY G 99 44.35 -30.20 -56.94
N GLY G 100 44.94 -30.32 -58.13
CA GLY G 100 46.29 -30.87 -58.30
C GLY G 100 47.43 -30.03 -57.68
N GLY G 101 47.11 -28.82 -57.20
CA GLY G 101 48.08 -27.87 -56.70
C GLY G 101 48.68 -26.99 -57.80
N THR G 102 49.09 -25.80 -57.40
CA THR G 102 49.85 -24.86 -58.24
C THR G 102 51.09 -24.43 -57.47
N LYS G 103 52.27 -24.75 -58.02
CA LYS G 103 53.55 -24.33 -57.43
C LYS G 103 53.93 -22.94 -57.93
N VAL G 104 54.12 -22.02 -56.98
CA VAL G 104 54.53 -20.63 -57.32
C VAL G 104 56.05 -20.49 -57.08
N ASP G 105 56.83 -20.32 -58.16
CA ASP G 105 58.32 -20.27 -58.09
C ASP G 105 58.85 -18.83 -58.19
N ILE G 106 60.12 -18.65 -57.79
CA ILE G 106 60.87 -17.35 -57.74
C ILE G 106 61.54 -17.07 -59.09
N THR G 109 66.77 -11.21 -59.57
CA THR G 109 68.03 -10.89 -60.28
C THR G 109 69.01 -12.05 -60.12
N VAL G 110 69.82 -12.27 -61.14
CA VAL G 110 70.82 -13.33 -61.11
C VAL G 110 71.74 -13.13 -59.91
N ALA G 111 72.06 -14.23 -59.23
CA ALA G 111 73.03 -14.25 -58.13
C ALA G 111 73.89 -15.49 -58.28
N ALA G 112 75.21 -15.29 -58.36
CA ALA G 112 76.14 -16.41 -58.47
C ALA G 112 76.27 -17.13 -57.13
N PRO G 113 76.48 -18.44 -57.16
CA PRO G 113 76.68 -19.20 -55.93
C PRO G 113 78.03 -18.91 -55.30
N SER G 114 78.05 -18.94 -53.97
CA SER G 114 79.28 -19.17 -53.22
C SER G 114 79.50 -20.68 -53.12
N VAL G 115 80.74 -21.11 -53.31
CA VAL G 115 81.05 -22.53 -53.43
C VAL G 115 81.93 -22.93 -52.26
N PHE G 116 81.54 -24.01 -51.57
CA PHE G 116 82.30 -24.56 -50.46
C PHE G 116 82.47 -26.07 -50.66
N ILE G 117 83.58 -26.60 -50.16
CA ILE G 117 83.81 -28.04 -50.28
C ILE G 117 84.22 -28.61 -48.93
N PHE G 118 83.72 -29.82 -48.66
CA PHE G 118 83.94 -30.51 -47.40
C PHE G 118 84.58 -31.88 -47.67
N PRO G 119 85.78 -32.13 -47.19
CA PRO G 119 86.34 -33.48 -47.27
C PRO G 119 85.58 -34.42 -46.36
N PRO G 120 85.72 -35.74 -46.53
CA PRO G 120 85.16 -36.67 -45.54
C PRO G 120 85.73 -36.41 -44.16
N SER G 121 84.88 -36.52 -43.14
CA SER G 121 85.34 -36.46 -41.77
C SER G 121 86.19 -37.66 -41.41
N ASP G 122 87.06 -37.47 -40.41
CA ASP G 122 87.86 -38.58 -39.91
C ASP G 122 86.95 -39.65 -39.31
N GLU G 123 85.85 -39.23 -38.68
CA GLU G 123 84.91 -40.18 -38.10
C GLU G 123 84.32 -41.08 -39.17
N GLN G 124 83.94 -40.52 -40.32
CA GLN G 124 83.36 -41.35 -41.38
C GLN G 124 84.41 -42.25 -41.98
N LEU G 125 85.62 -41.72 -42.20
CA LEU G 125 86.71 -42.54 -42.71
C LEU G 125 86.98 -43.72 -41.80
N LYS G 126 86.98 -43.50 -40.48
CA LYS G 126 87.17 -44.60 -39.54
C LYS G 126 86.18 -45.72 -39.78
N SER G 127 84.99 -45.40 -40.28
CA SER G 127 83.94 -46.39 -40.48
C SER G 127 84.00 -47.07 -41.83
N GLY G 128 84.86 -46.61 -42.74
CA GLY G 128 85.10 -47.31 -43.99
C GLY G 128 84.64 -46.63 -45.26
N THR G 129 84.01 -45.47 -45.19
CA THR G 129 83.51 -44.78 -46.38
C THR G 129 83.92 -43.32 -46.37
N ALA G 130 83.87 -42.71 -47.55
CA ALA G 130 84.22 -41.31 -47.72
C ALA G 130 83.14 -40.58 -48.50
N SER G 131 82.50 -39.59 -47.89
CA SER G 131 81.56 -38.73 -48.59
C SER G 131 82.20 -37.35 -48.73
N VAL G 132 82.30 -36.85 -49.97
CA VAL G 132 82.81 -35.51 -50.25
C VAL G 132 81.61 -34.63 -50.61
N VAL G 133 81.50 -33.47 -49.99
CA VAL G 133 80.31 -32.63 -50.19
C VAL G 133 80.69 -31.28 -50.78
N CYS G 134 79.97 -30.89 -51.83
CA CYS G 134 80.10 -29.57 -52.45
C CYS G 134 78.82 -28.79 -52.18
N LEU G 135 78.98 -27.57 -51.65
CA LEU G 135 77.85 -26.70 -51.35
C LEU G 135 77.87 -25.46 -52.25
N LEU G 136 76.73 -25.18 -52.88
CA LEU G 136 76.49 -23.94 -53.62
C LEU G 136 75.48 -23.15 -52.82
N ASN G 137 75.85 -21.95 -52.38
CA ASN G 137 75.00 -21.20 -51.47
C ASN G 137 74.45 -19.95 -52.15
N ASN G 138 73.14 -19.74 -51.99
CA ASN G 138 72.47 -18.46 -52.21
C ASN G 138 72.61 -17.97 -53.65
N PHE G 139 72.08 -18.75 -54.59
CA PHE G 139 72.17 -18.44 -56.01
C PHE G 139 70.78 -18.40 -56.65
N TYR G 140 70.72 -17.76 -57.82
CA TYR G 140 69.50 -17.66 -58.61
C TYR G 140 69.94 -17.41 -60.04
N PRO G 141 69.35 -18.08 -61.04
CA PRO G 141 68.23 -19.01 -60.96
C PRO G 141 68.66 -20.38 -60.49
N ARG G 142 67.67 -21.28 -60.39
CA ARG G 142 67.92 -22.59 -59.79
C ARG G 142 68.86 -23.47 -60.63
N GLU G 143 68.89 -23.26 -61.93
CA GLU G 143 69.66 -24.13 -62.82
C GLU G 143 71.16 -23.98 -62.55
N ALA G 144 71.83 -25.10 -62.35
CA ALA G 144 73.25 -25.09 -62.07
C ALA G 144 73.81 -26.43 -62.51
N LYS G 145 75.06 -26.43 -62.96
CA LYS G 145 75.74 -27.69 -63.24
C LYS G 145 76.90 -27.85 -62.28
N VAL G 146 76.93 -28.99 -61.62
CA VAL G 146 77.98 -29.27 -60.65
C VAL G 146 78.62 -30.59 -61.05
N GLN G 147 79.92 -30.55 -61.34
CA GLN G 147 80.64 -31.73 -61.73
C GLN G 147 81.79 -31.99 -60.77
N TRP G 148 82.06 -33.26 -60.56
CA TRP G 148 83.14 -33.69 -59.70
C TRP G 148 84.32 -34.11 -60.54
N LYS G 149 85.51 -33.70 -60.12
CA LYS G 149 86.73 -34.20 -60.73
C LYS G 149 87.64 -34.75 -59.64
N VAL G 150 88.17 -35.95 -59.89
CA VAL G 150 89.05 -36.63 -58.93
C VAL G 150 90.36 -36.90 -59.66
N ASP G 151 91.44 -36.23 -59.22
CA ASP G 151 92.68 -36.22 -59.98
C ASP G 151 92.42 -35.98 -61.46
N ASN G 152 91.52 -35.02 -61.73
CA ASN G 152 91.15 -34.51 -63.04
C ASN G 152 90.30 -35.46 -63.87
N ALA G 153 89.86 -36.57 -63.31
CA ALA G 153 88.94 -37.45 -64.00
C ALA G 153 87.51 -36.97 -63.70
N LEU G 154 86.76 -36.69 -64.75
CA LEU G 154 85.37 -36.31 -64.59
C LEU G 154 84.57 -37.51 -64.08
N GLN G 155 83.86 -37.33 -62.96
CA GLN G 155 82.96 -38.35 -62.44
C GLN G 155 81.61 -38.27 -63.14
N SER G 156 81.05 -39.41 -63.49
CA SER G 156 79.74 -39.43 -64.12
C SER G 156 78.92 -40.54 -63.49
N GLY G 157 77.83 -40.19 -62.83
CA GLY G 157 76.97 -41.18 -62.19
C GLY G 157 77.36 -41.56 -60.78
N ASN G 158 78.31 -40.84 -60.17
CA ASN G 158 78.90 -41.18 -58.87
C ASN G 158 78.45 -40.25 -57.76
N SER G 159 77.58 -39.28 -58.07
CA SER G 159 77.23 -38.27 -57.11
C SER G 159 75.73 -38.04 -57.16
N GLN G 160 75.20 -37.49 -56.08
CA GLN G 160 73.80 -37.14 -55.99
C GLN G 160 73.69 -35.72 -55.44
N GLU G 161 72.69 -34.99 -55.89
CA GLU G 161 72.53 -33.63 -55.41
C GLU G 161 71.08 -33.38 -55.04
N SER G 162 70.87 -32.33 -54.23
CA SER G 162 69.52 -31.88 -53.94
C SER G 162 69.58 -30.39 -53.63
N VAL G 163 68.42 -29.78 -53.65
CA VAL G 163 68.28 -28.32 -53.68
C VAL G 163 67.24 -27.91 -52.66
N THR G 164 67.52 -26.82 -51.94
CA THR G 164 66.53 -26.30 -51.00
C THR G 164 65.35 -25.63 -51.73
N GLU G 165 64.29 -25.37 -50.97
CA GLU G 165 63.24 -24.50 -51.46
C GLU G 165 63.70 -23.05 -51.37
N GLN G 166 63.16 -22.22 -52.27
CA GLN G 166 63.55 -20.82 -52.34
C GLN G 166 63.52 -20.16 -50.96
N ASP G 167 64.50 -19.30 -50.71
CA ASP G 167 64.56 -18.59 -49.43
C ASP G 167 63.48 -17.51 -49.36
N SER G 168 62.83 -17.40 -48.20
CA SER G 168 61.69 -16.50 -48.13
C SER G 168 62.09 -15.04 -48.01
N LYS G 169 63.36 -14.76 -47.71
CA LYS G 169 63.86 -13.39 -47.62
C LYS G 169 64.52 -12.95 -48.92
N ASP G 170 65.51 -13.69 -49.43
CA ASP G 170 66.26 -13.23 -50.59
C ASP G 170 65.96 -14.01 -51.86
N SER G 171 65.03 -14.97 -51.81
CA SER G 171 64.56 -15.68 -53.01
C SER G 171 65.67 -16.46 -53.73
N THR G 172 66.72 -16.86 -53.03
CA THR G 172 67.77 -17.67 -53.63
C THR G 172 67.60 -19.16 -53.30
N TYR G 173 68.43 -19.97 -53.95
CA TYR G 173 68.50 -21.39 -53.72
C TYR G 173 69.86 -21.74 -53.17
N SER G 174 69.93 -22.90 -52.52
CA SER G 174 71.21 -23.54 -52.23
C SER G 174 71.13 -25.00 -52.68
N LEU G 175 72.30 -25.55 -52.97
CA LEU G 175 72.39 -26.90 -53.52
C LEU G 175 73.56 -27.61 -52.88
N SER G 176 73.39 -28.88 -52.57
CA SER G 176 74.54 -29.70 -52.17
C SER G 176 74.68 -30.90 -53.08
N SER G 177 75.92 -31.24 -53.40
CA SER G 177 76.25 -32.44 -54.17
C SER G 177 77.21 -33.29 -53.36
N THR G 178 76.96 -34.59 -53.36
CA THR G 178 77.73 -35.54 -52.56
C THR G 178 78.31 -36.62 -53.46
N LEU G 179 79.61 -36.77 -53.39
CA LEU G 179 80.36 -37.83 -54.06
C LEU G 179 80.73 -38.86 -53.01
N THR G 180 80.31 -40.12 -53.18
CA THR G 180 80.65 -41.12 -52.17
C THR G 180 81.58 -42.19 -52.76
N LEU G 181 82.65 -42.50 -52.03
CA LEU G 181 83.65 -43.49 -52.42
C LEU G 181 83.92 -44.42 -51.25
N SER G 182 84.43 -45.61 -51.55
CA SER G 182 85.00 -46.40 -50.47
C SER G 182 86.25 -45.71 -49.95
N LYS G 183 86.59 -46.00 -48.69
CA LYS G 183 87.82 -45.47 -48.12
C LYS G 183 89.02 -45.86 -48.97
N ALA G 184 89.08 -47.11 -49.43
CA ALA G 184 90.21 -47.52 -50.25
C ALA G 184 90.31 -46.70 -51.53
N ASP G 185 89.18 -46.41 -52.18
CA ASP G 185 89.24 -45.60 -53.39
C ASP G 185 89.57 -44.14 -53.07
N TYR G 186 89.02 -43.62 -51.97
CA TYR G 186 89.37 -42.27 -51.54
C TYR G 186 90.88 -42.13 -51.35
N GLU G 187 91.50 -43.12 -50.72
CA GLU G 187 92.95 -43.07 -50.47
C GLU G 187 93.79 -43.26 -51.71
N LYS G 188 93.21 -43.60 -52.87
CA LYS G 188 94.02 -43.74 -54.07
C LYS G 188 94.23 -42.44 -54.81
N HIS G 189 93.54 -41.37 -54.43
CA HIS G 189 93.57 -40.14 -55.19
C HIS G 189 93.91 -38.96 -54.30
N LYS G 190 94.38 -37.89 -54.93
CA LYS G 190 94.84 -36.70 -54.22
C LYS G 190 93.87 -35.53 -54.34
N VAL G 191 93.53 -35.09 -55.56
CA VAL G 191 92.85 -33.81 -55.75
C VAL G 191 91.36 -34.07 -55.95
N TYR G 192 90.55 -33.53 -55.04
CA TYR G 192 89.08 -33.64 -55.11
C TYR G 192 88.54 -32.26 -55.40
N ALA G 193 87.83 -32.11 -56.53
CA ALA G 193 87.39 -30.81 -56.98
C ALA G 193 85.93 -30.83 -57.37
N CYS G 194 85.26 -29.71 -57.08
CA CYS G 194 83.90 -29.41 -57.50
C CYS G 194 83.96 -28.31 -58.55
N GLU G 195 83.46 -28.58 -59.74
CA GLU G 195 83.36 -27.58 -60.80
C GLU G 195 81.91 -27.14 -60.93
N VAL G 196 81.69 -25.82 -60.98
CA VAL G 196 80.36 -25.24 -60.95
C VAL G 196 80.18 -24.36 -62.18
N THR G 197 79.09 -24.56 -62.89
CA THR G 197 78.66 -23.69 -63.98
C THR G 197 77.32 -23.07 -63.62
N HIS G 198 77.21 -21.73 -63.74
CA HIS G 198 76.00 -21.02 -63.38
C HIS G 198 75.93 -19.70 -64.15
N GLN G 199 74.72 -19.28 -64.48
CA GLN G 199 74.51 -18.03 -65.22
C GLN G 199 75.18 -16.83 -64.55
N GLY G 200 75.28 -16.84 -63.22
CA GLY G 200 75.85 -15.70 -62.49
C GLY G 200 77.36 -15.63 -62.54
N LEU G 201 77.99 -16.67 -63.06
CA LEU G 201 79.43 -16.76 -63.14
C LEU G 201 79.90 -16.48 -64.56
N SER G 202 80.97 -15.70 -64.70
CA SER G 202 81.53 -15.41 -66.02
C SER G 202 81.91 -16.69 -66.75
N SER G 203 82.49 -17.64 -66.02
CA SER G 203 83.00 -18.89 -66.58
C SER G 203 82.86 -19.94 -65.49
N PRO G 204 82.91 -21.22 -65.84
CA PRO G 204 82.89 -22.26 -64.79
C PRO G 204 84.02 -22.02 -63.79
N VAL G 205 83.74 -22.36 -62.53
CA VAL G 205 84.70 -22.20 -61.45
C VAL G 205 84.95 -23.54 -60.79
N THR G 206 86.08 -23.66 -60.10
CA THR G 206 86.42 -24.91 -59.43
C THR G 206 86.95 -24.63 -58.03
N LYS G 207 86.50 -25.44 -57.08
CA LYS G 207 87.04 -25.43 -55.73
C LYS G 207 87.52 -26.83 -55.41
N SER G 208 88.72 -26.96 -54.87
CA SER G 208 89.26 -28.28 -54.57
C SER G 208 89.97 -28.33 -53.24
N PHE G 209 90.25 -29.56 -52.81
CA PHE G 209 91.21 -29.81 -51.74
C PHE G 209 92.08 -31.00 -52.14
N ASN G 210 93.22 -31.13 -51.46
CA ASN G 210 94.09 -32.29 -51.54
C ASN G 210 93.89 -33.17 -50.31
N ARG G 211 93.61 -34.45 -50.55
CA ARG G 211 93.48 -35.40 -49.45
C ARG G 211 94.70 -35.36 -48.54
N GLY G 212 94.45 -35.26 -47.24
CA GLY G 212 95.54 -35.12 -46.30
C GLY G 212 96.01 -33.70 -46.06
N GLU G 213 95.26 -32.70 -46.52
CA GLU G 213 95.53 -31.27 -46.29
C GLU G 213 96.87 -30.83 -46.86
N GLU H 1 -17.88 3.74 -0.24
CA GLU H 1 -18.39 2.36 -0.35
C GLU H 1 -19.62 2.25 0.49
N VAL H 2 -20.69 1.61 -0.02
CA VAL H 2 -21.94 1.45 0.73
C VAL H 2 -21.77 0.34 1.75
N GLN H 3 -22.20 0.56 2.99
CA GLN H 3 -22.20 -0.48 4.02
C GLN H 3 -23.59 -0.63 4.61
N LEU H 4 -23.87 -1.87 5.01
CA LEU H 4 -25.15 -2.30 5.54
C LEU H 4 -24.94 -2.90 6.93
N LEU H 5 -25.76 -2.46 7.89
CA LEU H 5 -25.73 -2.95 9.26
C LEU H 5 -27.14 -3.33 9.72
N GLU H 6 -27.34 -4.63 9.91
CA GLU H 6 -28.55 -5.19 10.49
C GLU H 6 -28.65 -4.95 12.00
N SER H 7 -29.87 -4.70 12.47
CA SER H 7 -30.21 -4.53 13.87
C SER H 7 -31.63 -5.04 14.12
N GLY H 8 -31.91 -5.48 15.34
CA GLY H 8 -33.22 -6.02 15.73
C GLY H 8 -33.09 -7.01 16.90
N PRO H 9 -34.20 -7.66 17.31
CA PRO H 9 -34.16 -8.61 18.41
C PRO H 9 -33.45 -9.90 17.98
N GLY H 10 -32.45 -10.33 18.76
CA GLY H 10 -31.79 -11.63 18.55
C GLY H 10 -32.65 -12.83 18.99
N LEU H 11 -33.60 -12.61 19.91
CA LEU H 11 -34.53 -13.60 20.42
C LEU H 11 -35.95 -13.04 20.41
N VAL H 12 -36.89 -13.81 19.89
CA VAL H 12 -38.33 -13.45 19.80
C VAL H 12 -39.17 -14.62 20.29
N LYS H 13 -40.36 -14.35 20.84
CA LYS H 13 -41.30 -15.42 21.21
C LYS H 13 -42.17 -15.82 20.02
N PRO H 14 -42.67 -17.08 19.99
CA PRO H 14 -43.65 -17.48 19.00
C PRO H 14 -44.84 -16.52 18.95
N SER H 15 -45.39 -16.34 17.75
CA SER H 15 -46.54 -15.47 17.46
C SER H 15 -46.30 -13.95 17.63
N GLU H 16 -45.13 -13.52 18.11
CA GLU H 16 -44.74 -12.10 18.11
C GLU H 16 -44.41 -11.61 16.68
N THR H 17 -44.15 -10.30 16.56
CA THR H 17 -43.70 -9.68 15.31
C THR H 17 -42.21 -9.38 15.40
N LEU H 18 -41.41 -10.02 14.55
CA LEU H 18 -40.01 -9.68 14.36
C LEU H 18 -39.91 -8.34 13.63
N SER H 19 -39.10 -7.42 14.15
CA SER H 19 -38.78 -6.14 13.50
C SER H 19 -37.27 -6.02 13.34
N LEU H 20 -36.80 -6.12 12.09
CA LEU H 20 -35.40 -5.91 11.72
C LEU H 20 -35.26 -4.57 11.00
N THR H 21 -34.11 -3.95 11.18
CA THR H 21 -33.74 -2.70 10.51
C THR H 21 -32.33 -2.81 9.97
N CYS H 22 -32.14 -2.43 8.71
CA CYS H 22 -30.83 -2.31 8.09
C CYS H 22 -30.50 -0.82 7.90
N THR H 23 -29.39 -0.39 8.48
CA THR H 23 -28.88 0.98 8.33
C THR H 23 -27.90 1.04 7.17
N VAL H 24 -28.06 2.08 6.32
CA VAL H 24 -27.26 2.29 5.11
C VAL H 24 -26.31 3.47 5.31
N SER H 25 -25.02 3.26 5.07
CA SER H 25 -23.99 4.31 5.09
C SER H 25 -23.24 4.39 3.76
N GLY H 26 -22.58 5.51 3.47
CA GLY H 26 -21.60 5.60 2.38
C GLY H 26 -22.12 5.71 0.93
N GLY H 27 -23.41 5.98 0.70
CA GLY H 27 -23.96 6.19 -0.65
C GLY H 27 -25.37 6.81 -0.70
N SER H 28 -25.93 6.91 -1.92
CA SER H 28 -27.30 7.40 -2.15
C SER H 28 -28.31 6.26 -2.10
N ILE H 29 -29.36 6.41 -1.28
CA ILE H 29 -30.39 5.38 -1.14
C ILE H 29 -31.19 5.15 -2.42
N SER H 30 -31.30 6.18 -3.27
CA SER H 30 -32.12 6.12 -4.48
C SER H 30 -31.53 5.31 -5.64
N ARG H 31 -30.25 4.95 -5.58
CA ARG H 31 -29.55 4.22 -6.67
C ARG H 31 -29.53 2.70 -6.48
N TYR H 32 -30.20 2.19 -5.46
CA TYR H 32 -30.21 0.77 -5.16
C TYR H 32 -31.62 0.24 -4.93
N SER H 33 -31.81 -1.03 -5.25
CA SER H 33 -32.89 -1.84 -4.71
C SER H 33 -32.40 -2.49 -3.42
N TRP H 34 -33.29 -2.61 -2.42
CA TRP H 34 -32.96 -3.09 -1.09
C TRP H 34 -33.71 -4.39 -0.84
N SER H 35 -32.99 -5.46 -0.49
CA SER H 35 -33.58 -6.78 -0.28
C SER H 35 -33.28 -7.33 1.10
N TRP H 36 -34.19 -8.17 1.58
CA TRP H 36 -33.95 -9.05 2.73
C TRP H 36 -33.85 -10.49 2.24
N ILE H 37 -32.87 -11.20 2.78
CA ILE H 37 -32.60 -12.62 2.52
C ILE H 37 -32.43 -13.30 3.87
N ARG H 38 -32.94 -14.50 4.04
CA ARG H 38 -32.67 -15.32 5.24
C ARG H 38 -32.00 -16.63 4.90
N GLN H 39 -31.25 -17.16 5.85
CA GLN H 39 -30.58 -18.45 5.75
C GLN H 39 -30.89 -19.28 6.99
N PRO H 40 -31.91 -20.15 6.93
CA PRO H 40 -32.18 -21.10 8.00
C PRO H 40 -31.01 -22.10 8.13
N ALA H 41 -30.77 -22.57 9.35
CA ALA H 41 -29.71 -23.54 9.60
C ALA H 41 -29.89 -24.81 8.76
N GLY H 42 -28.81 -25.26 8.11
CA GLY H 42 -28.84 -26.43 7.22
C GLY H 42 -29.59 -26.24 5.90
N ARG H 43 -30.00 -25.02 5.56
CA ARG H 43 -30.68 -24.67 4.30
C ARG H 43 -29.90 -23.60 3.53
N GLY H 44 -30.24 -23.47 2.25
CA GLY H 44 -29.70 -22.40 1.40
C GLY H 44 -30.30 -21.03 1.70
N LEU H 45 -29.87 -20.03 0.92
CA LEU H 45 -30.40 -18.67 0.98
C LEU H 45 -31.85 -18.63 0.47
N GLU H 46 -32.70 -17.88 1.15
CA GLU H 46 -34.10 -17.65 0.80
C GLU H 46 -34.37 -16.15 0.72
N TRP H 47 -34.69 -15.66 -0.47
CA TRP H 47 -35.07 -14.28 -0.68
C TRP H 47 -36.47 -14.02 -0.09
N ILE H 48 -36.61 -12.92 0.66
CA ILE H 48 -37.86 -12.55 1.34
C ILE H 48 -38.62 -11.51 0.52
N GLY H 49 -37.91 -10.50 0.02
CA GLY H 49 -38.51 -9.40 -0.70
C GLY H 49 -37.51 -8.33 -1.04
N ARG H 50 -37.94 -7.42 -1.91
CA ARG H 50 -37.20 -6.27 -2.42
C ARG H 50 -38.07 -5.04 -2.35
N MET H 51 -37.43 -3.90 -2.09
CA MET H 51 -38.04 -2.60 -2.17
C MET H 51 -37.18 -1.60 -2.92
N TYR H 52 -37.85 -0.62 -3.50
CA TYR H 52 -37.22 0.48 -4.21
C TYR H 52 -37.46 1.79 -3.46
N SER H 53 -36.62 2.78 -3.70
CA SER H 53 -36.82 4.14 -3.15
C SER H 53 -38.11 4.80 -3.64
N SER H 54 -38.69 4.33 -4.74
CA SER H 54 -40.01 4.76 -5.24
C SER H 54 -41.19 4.23 -4.41
N GLY H 55 -40.94 3.32 -3.46
CA GLY H 55 -41.97 2.67 -2.64
C GLY H 55 -42.49 1.35 -3.21
N GLY H 56 -42.12 0.99 -4.44
CA GLY H 56 -42.47 -0.31 -5.02
C GLY H 56 -41.86 -1.46 -4.21
N THR H 57 -42.64 -2.51 -3.96
CA THR H 57 -42.20 -3.72 -3.24
C THR H 57 -42.53 -4.98 -4.03
N ASN H 58 -41.70 -6.01 -3.87
CA ASN H 58 -41.95 -7.35 -4.37
C ASN H 58 -41.61 -8.32 -3.24
N TYR H 59 -42.43 -9.34 -3.03
CA TYR H 59 -42.23 -10.31 -1.96
C TYR H 59 -42.11 -11.72 -2.52
N ASN H 60 -41.50 -12.58 -1.73
CA ASN H 60 -41.63 -14.02 -1.91
C ASN H 60 -43.08 -14.39 -1.55
N PRO H 61 -43.88 -14.97 -2.49
CA PRO H 61 -45.29 -15.27 -2.25
C PRO H 61 -45.55 -16.14 -1.01
N SER H 62 -44.60 -17.00 -0.65
CA SER H 62 -44.70 -17.86 0.55
C SER H 62 -44.64 -17.10 1.88
N LEU H 63 -44.13 -15.86 1.86
CA LEU H 63 -43.96 -15.00 3.04
C LEU H 63 -44.79 -13.72 2.98
N GLU H 64 -45.38 -13.42 1.82
CA GLU H 64 -46.08 -12.17 1.52
C GLU H 64 -47.16 -11.81 2.56
N SER H 65 -47.94 -12.79 3.01
CA SER H 65 -49.01 -12.57 4.00
C SER H 65 -48.51 -12.16 5.39
N ARG H 66 -47.23 -12.38 5.69
CA ARG H 66 -46.62 -12.09 7.01
C ARG H 66 -45.60 -10.96 6.97
N VAL H 67 -45.17 -10.54 5.78
CA VAL H 67 -44.04 -9.62 5.60
C VAL H 67 -44.50 -8.21 5.29
N THR H 68 -43.84 -7.22 5.89
CA THR H 68 -43.96 -5.81 5.48
C THR H 68 -42.58 -5.18 5.44
N MET H 69 -42.23 -4.54 4.33
CA MET H 69 -41.00 -3.78 4.18
C MET H 69 -41.27 -2.28 4.15
N SER H 70 -40.44 -1.47 4.82
CA SER H 70 -40.55 0.00 4.86
C SER H 70 -39.19 0.66 4.71
N LEU H 71 -39.15 1.84 4.05
CA LEU H 71 -37.93 2.62 3.83
C LEU H 71 -38.08 4.00 4.47
N ASP H 72 -37.14 4.39 5.32
CA ASP H 72 -37.00 5.70 5.94
C ASP H 72 -35.74 6.37 5.39
N THR H 73 -35.91 7.18 4.35
CA THR H 73 -34.80 7.89 3.68
C THR H 73 -34.16 8.94 4.58
N SER H 74 -34.91 9.49 5.54
CA SER H 74 -34.41 10.50 6.49
C SER H 74 -33.40 9.90 7.47
N LYS H 75 -33.67 8.67 7.93
CA LYS H 75 -32.77 7.91 8.82
C LYS H 75 -31.77 7.04 8.07
N LYS H 76 -31.88 6.97 6.75
CA LYS H 76 -31.12 6.07 5.89
C LYS H 76 -31.26 4.60 6.29
N GLN H 77 -32.50 4.16 6.51
CA GLN H 77 -32.81 2.84 7.02
C GLN H 77 -33.93 2.18 6.23
N PHE H 78 -33.87 0.86 6.09
CA PHE H 78 -35.03 0.08 5.66
C PHE H 78 -35.25 -1.09 6.61
N SER H 79 -36.51 -1.44 6.81
CA SER H 79 -36.93 -2.38 7.84
C SER H 79 -37.78 -3.50 7.26
N LEU H 80 -37.71 -4.65 7.93
CA LEU H 80 -38.53 -5.83 7.70
C LEU H 80 -39.35 -6.09 8.96
N LYS H 81 -40.67 -6.18 8.80
CA LYS H 81 -41.54 -6.75 9.82
C LYS H 81 -42.03 -8.10 9.35
N LEU H 82 -41.95 -9.10 10.21
CA LEU H 82 -42.48 -10.44 9.98
C LEU H 82 -43.42 -10.78 11.13
N SER H 83 -44.72 -10.87 10.84
CA SER H 83 -45.76 -11.17 11.83
C SER H 83 -45.89 -12.67 12.08
N SER H 84 -46.44 -13.01 13.26
CA SER H 84 -46.74 -14.39 13.65
C SER H 84 -45.54 -15.33 13.46
N VAL H 85 -44.40 -14.98 14.07
CA VAL H 85 -43.16 -15.76 13.91
C VAL H 85 -43.27 -17.16 14.50
N THR H 86 -42.59 -18.09 13.85
CA THR H 86 -42.56 -19.52 14.20
C THR H 86 -41.11 -20.00 14.31
N ALA H 87 -40.90 -21.21 14.84
CA ALA H 87 -39.56 -21.81 14.89
C ALA H 87 -38.87 -21.87 13.51
N ALA H 88 -39.62 -22.02 12.41
CA ALA H 88 -39.11 -22.03 11.04
C ALA H 88 -38.54 -20.69 10.56
N ASP H 89 -38.85 -19.59 11.27
CA ASP H 89 -38.31 -18.27 10.99
C ASP H 89 -36.96 -18.02 11.69
N THR H 90 -36.45 -19.00 12.46
CA THR H 90 -35.09 -18.98 13.01
C THR H 90 -34.06 -19.11 11.90
N ALA H 91 -33.28 -18.05 11.69
CA ALA H 91 -32.33 -17.94 10.59
C ALA H 91 -31.35 -16.79 10.82
N VAL H 92 -30.28 -16.77 10.03
CA VAL H 92 -29.53 -15.53 9.82
C VAL H 92 -30.25 -14.69 8.78
N TYR H 93 -30.52 -13.43 9.10
CA TYR H 93 -31.15 -12.47 8.20
C TYR H 93 -30.11 -11.49 7.70
N TYR H 94 -30.01 -11.36 6.38
CA TYR H 94 -29.13 -10.46 5.67
C TYR H 94 -29.95 -9.36 5.01
N CYS H 95 -29.46 -8.14 5.10
CA CYS H 95 -29.85 -7.10 4.15
C CYS H 95 -28.84 -7.05 3.01
N ALA H 96 -29.33 -6.86 1.78
CA ALA H 96 -28.50 -6.77 0.59
C ALA H 96 -29.01 -5.67 -0.34
N ALA H 97 -28.13 -5.15 -1.18
CA ALA H 97 -28.46 -4.13 -2.16
C ALA H 97 -27.96 -4.52 -3.54
N ALA H 98 -28.66 -4.07 -4.58
CA ALA H 98 -28.29 -4.35 -5.97
C ALA H 98 -27.40 -3.26 -6.54
N SER H 99 -26.48 -3.64 -7.41
CA SER H 99 -25.57 -2.69 -8.01
C SER H 99 -26.28 -1.64 -8.85
N ILE H 100 -25.72 -0.43 -8.86
CA ILE H 100 -26.30 0.66 -9.63
C ILE H 100 -25.83 0.57 -11.08
N ASP H 101 -26.42 -0.36 -11.82
CA ASP H 101 -26.05 -0.58 -13.21
C ASP H 101 -26.10 0.71 -14.03
N GLN H 102 -25.09 0.90 -14.86
CA GLN H 102 -25.01 2.06 -15.73
C GLN H 102 -25.37 1.61 -17.14
N VAL H 103 -24.38 1.15 -17.87
CA VAL H 103 -24.60 0.67 -19.23
C VAL H 103 -25.34 -0.67 -19.17
N TRP H 104 -25.01 -1.45 -18.14
CA TRP H 104 -25.65 -2.76 -17.94
C TRP H 104 -27.16 -2.62 -17.91
N GLY H 105 -27.64 -1.68 -17.11
CA GLY H 105 -29.07 -1.43 -16.98
C GLY H 105 -29.36 -0.40 -15.92
N THR H 106 -29.96 -0.86 -14.82
CA THR H 106 -30.29 0.02 -13.70
C THR H 106 -30.07 -0.73 -12.41
N TYR H 107 -31.01 -1.61 -12.08
CA TYR H 107 -30.92 -2.42 -10.88
C TYR H 107 -30.56 -3.84 -11.26
N ARG H 108 -29.34 -4.02 -11.75
CA ARG H 108 -28.84 -5.33 -12.17
C ARG H 108 -29.04 -6.32 -11.04
N ASP H 109 -30.02 -7.20 -11.20
CA ASP H 109 -30.33 -8.17 -10.16
C ASP H 109 -29.10 -9.00 -9.76
N ALA H 110 -28.19 -8.38 -9.02
CA ALA H 110 -26.98 -9.02 -8.56
C ALA H 110 -26.52 -8.32 -7.27
N PHE H 111 -26.83 -8.91 -6.12
CA PHE H 111 -26.47 -8.33 -4.82
C PHE H 111 -24.97 -8.18 -4.64
N ASP H 112 -24.41 -7.02 -4.95
CA ASP H 112 -22.98 -6.75 -4.79
C ASP H 112 -22.65 -6.31 -3.36
N ILE H 113 -23.61 -5.73 -2.64
CA ILE H 113 -23.47 -5.26 -1.26
C ILE H 113 -24.33 -6.11 -0.34
N TRP H 114 -23.71 -6.65 0.71
CA TRP H 114 -24.37 -7.43 1.76
C TRP H 114 -24.01 -6.87 3.14
N GLY H 115 -24.97 -6.87 4.06
CA GLY H 115 -24.71 -6.74 5.48
C GLY H 115 -24.12 -8.05 6.04
N GLN H 116 -23.56 -7.99 7.26
CA GLN H 116 -22.93 -9.17 7.86
C GLN H 116 -23.93 -10.24 8.30
N GLY H 117 -25.20 -9.87 8.36
CA GLY H 117 -26.29 -10.72 8.82
C GLY H 117 -26.45 -10.67 10.33
N THR H 118 -27.69 -10.92 10.78
CA THR H 118 -28.03 -11.03 12.19
C THR H 118 -28.77 -12.34 12.47
N MET H 119 -28.38 -13.03 13.53
CA MET H 119 -29.06 -14.26 13.97
C MET H 119 -30.35 -13.88 14.70
N VAL H 120 -31.47 -14.38 14.20
CA VAL H 120 -32.75 -14.31 14.89
C VAL H 120 -33.16 -15.71 15.31
N THR H 121 -33.42 -15.89 16.60
CA THR H 121 -33.92 -17.14 17.16
C THR H 121 -35.34 -16.95 17.64
N VAL H 122 -36.17 -17.95 17.36
CA VAL H 122 -37.58 -17.94 17.83
C VAL H 122 -37.72 -19.00 18.94
N SER H 123 -37.78 -18.59 20.21
CA SER H 123 -37.94 -19.55 21.33
C SER H 123 -38.44 -18.82 22.58
N SER H 124 -39.24 -19.45 23.44
CA SER H 124 -39.66 -18.78 24.67
C SER H 124 -38.81 -19.10 25.95
N SER H 126 -35.69 -16.91 28.40
CA SER H 126 -34.88 -15.68 28.63
C SER H 126 -33.49 -15.87 28.02
N THR H 127 -32.91 -14.79 27.50
CA THR H 127 -31.55 -14.81 26.89
C THR H 127 -30.59 -14.91 28.07
N LYS H 128 -29.47 -15.61 27.89
CA LYS H 128 -28.54 -15.89 28.98
C LYS H 128 -27.10 -15.73 28.50
N GLY H 129 -26.30 -14.94 29.21
CA GLY H 129 -24.93 -14.72 28.84
C GLY H 129 -24.02 -15.87 29.24
N PRO H 130 -22.87 -15.96 28.58
CA PRO H 130 -21.94 -17.06 28.85
C PRO H 130 -21.08 -16.84 30.07
N SER H 131 -20.56 -17.96 30.58
CA SER H 131 -19.37 -17.97 31.42
C SER H 131 -18.17 -18.23 30.52
N VAL H 132 -17.03 -17.63 30.85
CA VAL H 132 -15.82 -17.80 30.03
C VAL H 132 -14.74 -18.42 30.92
N PHE H 133 -14.24 -19.59 30.53
CA PHE H 133 -13.24 -20.32 31.30
C PHE H 133 -11.98 -20.46 30.47
N PRO H 134 -10.80 -20.45 31.08
CA PRO H 134 -9.56 -20.55 30.30
C PRO H 134 -9.31 -22.00 29.91
N LEU H 135 -8.79 -22.20 28.70
CA LEU H 135 -8.17 -23.46 28.31
C LEU H 135 -6.67 -23.20 28.39
N ALA H 136 -6.11 -23.46 29.58
CA ALA H 136 -4.76 -22.99 29.86
C ALA H 136 -3.72 -23.83 29.14
N PRO H 137 -2.68 -23.21 28.58
CA PRO H 137 -1.59 -24.00 27.99
C PRO H 137 -0.84 -24.72 29.09
N SER H 138 -0.45 -25.96 28.79
CA SER H 138 0.27 -26.78 29.75
C SER H 138 1.11 -27.75 28.95
N SER H 139 1.78 -28.66 29.65
CA SER H 139 2.58 -29.68 28.97
C SER H 139 1.70 -30.54 28.06
N LYS H 140 0.43 -30.76 28.44
CA LYS H 140 -0.50 -31.60 27.67
C LYS H 140 -1.08 -30.89 26.45
N SER H 141 -0.86 -29.58 26.31
CA SER H 141 -1.23 -28.85 25.11
C SER H 141 -0.02 -28.16 24.49
N THR H 142 1.15 -28.72 24.72
CA THR H 142 2.41 -28.22 24.18
C THR H 142 3.14 -29.42 23.58
N SER H 143 3.02 -29.59 22.27
CA SER H 143 3.75 -30.62 21.53
C SER H 143 4.98 -29.93 20.92
N GLY H 144 6.14 -30.14 21.55
CA GLY H 144 7.37 -29.53 21.09
C GLY H 144 7.36 -28.01 21.08
N GLY H 145 7.56 -27.41 19.91
CA GLY H 145 7.64 -25.98 19.77
C GLY H 145 6.32 -25.26 19.62
N THR H 146 5.20 -25.98 19.64
CA THR H 146 3.88 -25.38 19.48
C THR H 146 3.04 -25.69 20.71
N ALA H 147 2.38 -24.65 21.22
CA ALA H 147 1.48 -24.78 22.35
C ALA H 147 0.08 -24.35 21.91
N ALA H 148 -0.93 -24.90 22.55
CA ALA H 148 -2.30 -24.49 22.30
C ALA H 148 -2.91 -23.93 23.57
N LEU H 149 -3.71 -22.88 23.42
CA LEU H 149 -4.45 -22.32 24.55
C LEU H 149 -5.80 -21.85 24.00
N GLY H 150 -6.72 -21.55 24.90
CA GLY H 150 -8.02 -21.12 24.40
C GLY H 150 -8.89 -20.62 25.51
N CYS H 151 -10.16 -20.39 25.12
CA CYS H 151 -11.25 -20.04 26.01
C CYS H 151 -12.44 -20.93 25.72
N LEU H 152 -13.11 -21.34 26.78
CA LEU H 152 -14.34 -22.11 26.71
C LEU H 152 -15.47 -21.15 27.06
N VAL H 153 -16.42 -20.99 26.15
CA VAL H 153 -17.48 -20.00 26.27
C VAL H 153 -18.75 -20.81 26.45
N LYS H 154 -19.25 -20.89 27.69
CA LYS H 154 -20.16 -21.96 28.05
C LYS H 154 -21.48 -21.41 28.59
N ASP H 155 -22.57 -22.12 28.26
CA ASP H 155 -23.89 -21.96 28.89
C ASP H 155 -24.58 -20.63 28.52
N TYR H 156 -24.60 -20.31 27.22
CA TYR H 156 -25.29 -19.11 26.77
C TYR H 156 -26.45 -19.44 25.85
N PHE H 157 -27.32 -18.45 25.66
CA PHE H 157 -28.46 -18.63 24.77
C PHE H 157 -29.00 -17.27 24.38
N PRO H 158 -29.39 -17.06 23.11
CA PRO H 158 -29.23 -17.91 21.94
C PRO H 158 -27.86 -17.66 21.32
N GLU H 159 -27.59 -18.32 20.19
CA GLU H 159 -26.46 -17.93 19.36
C GLU H 159 -26.71 -16.52 18.82
N PRO H 160 -25.64 -15.81 18.40
CA PRO H 160 -24.23 -16.20 18.35
C PRO H 160 -23.38 -15.56 19.40
N VAL H 161 -22.19 -16.10 19.60
CA VAL H 161 -21.12 -15.35 20.25
C VAL H 161 -20.07 -15.08 19.18
N THR H 162 -19.30 -14.03 19.40
CA THR H 162 -18.10 -13.75 18.63
C THR H 162 -16.91 -13.74 19.57
N VAL H 163 -15.78 -14.22 19.07
CA VAL H 163 -14.55 -14.24 19.86
C VAL H 163 -13.43 -13.66 19.01
N SER H 164 -12.67 -12.73 19.60
CA SER H 164 -11.41 -12.33 19.00
C SER H 164 -10.32 -12.57 20.03
N TRP H 165 -9.07 -12.39 19.61
CA TRP H 165 -7.94 -12.52 20.54
C TRP H 165 -7.12 -11.24 20.54
N ASN H 166 -6.76 -10.78 21.73
CA ASN H 166 -5.88 -9.61 21.91
C ASN H 166 -6.44 -8.42 21.13
N SER H 167 -7.76 -8.24 21.24
CA SER H 167 -8.47 -7.11 20.64
C SER H 167 -8.29 -7.07 19.13
N GLY H 168 -8.18 -8.24 18.50
CA GLY H 168 -8.00 -8.34 17.06
C GLY H 168 -6.55 -8.35 16.61
N ALA H 169 -5.59 -8.16 17.50
CA ALA H 169 -4.18 -8.14 17.12
C ALA H 169 -3.61 -9.53 16.89
N LEU H 170 -4.28 -10.57 17.37
CA LEU H 170 -3.83 -11.94 17.22
C LEU H 170 -4.83 -12.67 16.33
N THR H 171 -4.43 -12.96 15.09
CA THR H 171 -5.28 -13.73 14.20
C THR H 171 -4.64 -15.01 13.68
N SER H 172 -3.32 -15.07 13.55
CA SER H 172 -2.69 -16.28 13.03
C SER H 172 -2.83 -17.42 14.05
N GLY H 173 -3.25 -18.58 13.56
CA GLY H 173 -3.40 -19.76 14.40
C GLY H 173 -4.68 -19.80 15.22
N VAL H 174 -5.59 -18.84 15.07
CA VAL H 174 -6.84 -18.84 15.84
C VAL H 174 -7.85 -19.77 15.17
N HIS H 175 -8.50 -20.60 15.96
CA HIS H 175 -9.60 -21.46 15.48
C HIS H 175 -10.78 -21.26 16.43
N THR H 176 -11.85 -20.67 15.94
CA THR H 176 -13.06 -20.55 16.74
C THR H 176 -14.09 -21.53 16.19
N PHE H 177 -14.51 -22.46 17.00
CA PHE H 177 -15.31 -23.59 16.51
C PHE H 177 -16.78 -23.25 16.53
N PRO H 178 -17.56 -23.94 15.70
CA PRO H 178 -19.02 -23.84 15.79
C PRO H 178 -19.50 -24.20 17.18
N ALA H 179 -20.48 -23.45 17.68
CA ALA H 179 -21.05 -23.81 18.97
C ALA H 179 -21.77 -25.16 18.88
N VAL H 180 -21.90 -25.82 20.03
CA VAL H 180 -22.70 -27.03 20.14
C VAL H 180 -23.84 -26.74 21.09
N LEU H 181 -25.00 -27.30 20.78
CA LEU H 181 -26.16 -27.19 21.64
C LEU H 181 -26.11 -28.32 22.66
N GLN H 182 -25.99 -27.97 23.93
CA GLN H 182 -25.90 -28.99 24.97
C GLN H 182 -27.29 -29.51 25.34
N SER H 183 -27.29 -30.63 26.06
CA SER H 183 -28.56 -31.22 26.46
C SER H 183 -29.35 -30.31 27.41
N SER H 184 -28.70 -29.31 28.00
CA SER H 184 -29.38 -28.30 28.82
C SER H 184 -30.17 -27.30 28.00
N GLY H 185 -29.97 -27.30 26.69
CA GLY H 185 -30.52 -26.28 25.82
C GLY H 185 -29.74 -24.98 25.76
N LEU H 186 -28.56 -24.93 26.35
CA LEU H 186 -27.63 -23.81 26.28
C LEU H 186 -26.50 -24.21 25.34
N TYR H 187 -25.90 -23.21 24.70
CA TYR H 187 -24.78 -23.44 23.81
C TYR H 187 -23.46 -23.38 24.55
N SER H 188 -22.45 -24.03 23.97
CA SER H 188 -21.06 -23.95 24.40
C SER H 188 -20.21 -23.84 23.15
N LEU H 189 -19.12 -23.08 23.24
CA LEU H 189 -18.19 -22.92 22.13
C LEU H 189 -16.78 -22.81 22.66
N SER H 190 -15.82 -23.31 21.89
CA SER H 190 -14.41 -23.11 22.21
C SER H 190 -13.74 -22.29 21.13
N SER H 191 -12.79 -21.46 21.55
CA SER H 191 -11.88 -20.74 20.64
C SER H 191 -10.47 -21.04 21.11
N VAL H 192 -9.62 -21.47 20.20
CA VAL H 192 -8.25 -21.82 20.56
C VAL H 192 -7.28 -21.09 19.65
N VAL H 193 -6.04 -20.98 20.12
CA VAL H 193 -4.94 -20.46 19.32
C VAL H 193 -3.74 -21.36 19.53
N THR H 194 -3.00 -21.64 18.46
CA THR H 194 -1.70 -22.26 18.60
C THR H 194 -0.62 -21.20 18.52
N VAL H 195 0.36 -21.28 19.42
CA VAL H 195 1.38 -20.23 19.53
C VAL H 195 2.72 -20.90 19.78
N PRO H 196 3.82 -20.17 19.53
CA PRO H 196 5.15 -20.68 19.91
C PRO H 196 5.21 -20.92 21.42
N SER H 197 5.80 -22.05 21.80
CA SER H 197 5.94 -22.38 23.21
C SER H 197 6.73 -21.32 23.98
N SER H 198 7.74 -20.71 23.36
CA SER H 198 8.51 -19.65 24.02
C SER H 198 7.68 -18.41 24.35
N SER H 199 6.49 -18.25 23.76
CA SER H 199 5.68 -17.07 24.01
C SER H 199 4.79 -17.21 25.24
N LEU H 200 4.72 -18.39 25.83
CA LEU H 200 3.94 -18.58 27.05
C LEU H 200 4.56 -17.80 28.21
N GLY H 201 3.74 -17.01 28.91
CA GLY H 201 4.23 -16.12 29.95
C GLY H 201 4.87 -14.85 29.45
N THR H 202 5.09 -14.73 28.14
CA THR H 202 5.71 -13.57 27.52
C THR H 202 4.66 -12.73 26.80
N GLN H 203 3.96 -13.34 25.86
CA GLN H 203 2.81 -12.71 25.25
C GLN H 203 1.63 -12.89 26.19
N THR H 204 0.91 -11.80 26.44
CA THR H 204 -0.36 -11.92 27.13
C THR H 204 -1.41 -12.34 26.11
N TYR H 205 -2.22 -13.33 26.46
CA TYR H 205 -3.26 -13.84 25.59
C TYR H 205 -4.60 -13.59 26.27
N ILE H 206 -5.46 -12.80 25.59
CA ILE H 206 -6.76 -12.45 26.13
C ILE H 206 -7.78 -12.77 25.06
N CYS H 207 -8.78 -13.57 25.39
CA CYS H 207 -9.88 -13.77 24.45
C CYS H 207 -10.97 -12.74 24.71
N ASN H 208 -11.45 -12.12 23.65
CA ASN H 208 -12.50 -11.11 23.75
C ASN H 208 -13.82 -11.72 23.31
N VAL H 209 -14.73 -11.92 24.25
CA VAL H 209 -16.00 -12.59 24.01
C VAL H 209 -17.12 -11.56 24.01
N ASN H 210 -17.97 -11.62 22.98
CA ASN H 210 -19.16 -10.77 22.88
C ASN H 210 -20.37 -11.66 22.60
N HIS H 211 -21.35 -11.62 23.50
CA HIS H 211 -22.64 -12.25 23.28
C HIS H 211 -23.65 -11.12 23.15
N LYS H 212 -23.87 -10.67 21.92
CA LYS H 212 -24.74 -9.53 21.72
C LYS H 212 -26.16 -9.70 22.22
N PRO H 213 -26.80 -10.88 22.13
CA PRO H 213 -28.19 -10.96 22.61
C PRO H 213 -28.36 -10.59 24.08
N SER H 214 -27.36 -10.85 24.94
CA SER H 214 -27.46 -10.55 26.35
C SER H 214 -26.64 -9.33 26.72
N ASN H 215 -26.01 -8.70 25.73
CA ASN H 215 -25.11 -7.58 25.96
C ASN H 215 -24.00 -7.95 26.94
N THR H 216 -23.49 -9.17 26.85
CA THR H 216 -22.42 -9.65 27.72
C THR H 216 -21.09 -9.60 26.97
N LYS H 217 -20.13 -8.86 27.51
CA LYS H 217 -18.78 -8.83 26.95
C LYS H 217 -17.78 -9.16 28.04
N VAL H 218 -16.86 -10.06 27.73
CA VAL H 218 -15.86 -10.52 28.69
C VAL H 218 -14.50 -10.57 27.99
N ASP H 219 -13.47 -10.02 28.64
CA ASP H 219 -12.09 -10.19 28.18
C ASP H 219 -11.39 -11.08 29.19
N LYS H 220 -11.07 -12.32 28.80
CA LYS H 220 -10.51 -13.32 29.71
C LYS H 220 -9.04 -13.54 29.42
N ARG H 221 -8.18 -13.26 30.39
CA ARG H 221 -6.76 -13.56 30.24
C ARG H 221 -6.52 -15.04 30.48
N VAL H 222 -5.72 -15.66 29.61
CA VAL H 222 -5.44 -17.08 29.65
C VAL H 222 -3.96 -17.23 29.96
N GLU H 223 -3.66 -17.80 31.11
CA GLU H 223 -2.29 -17.94 31.55
C GLU H 223 -1.94 -19.43 31.68
N PRO H 224 -0.65 -19.77 31.55
CA PRO H 224 -0.25 -21.18 31.66
C PRO H 224 -0.53 -21.74 33.05
N LYS H 225 -0.53 -23.07 33.12
CA LYS H 225 -0.62 -23.79 34.40
C LYS H 225 -1.94 -23.49 35.10
N ALA I 1 -42.93 -20.97 -8.05
CA ALA I 1 -41.53 -20.58 -7.98
C ALA I 1 -40.66 -21.45 -8.90
N ILE I 2 -39.76 -20.82 -9.66
CA ILE I 2 -38.81 -21.54 -10.51
C ILE I 2 -37.86 -22.31 -9.60
N ARG I 3 -37.91 -23.64 -9.67
CA ARG I 3 -37.03 -24.48 -8.85
C ARG I 3 -35.63 -24.55 -9.47
N MET I 4 -34.62 -24.26 -8.67
CA MET I 4 -33.21 -24.42 -9.05
C MET I 4 -32.63 -25.68 -8.40
N THR I 5 -31.96 -26.52 -9.19
CA THR I 5 -31.35 -27.77 -8.71
C THR I 5 -29.85 -27.76 -9.01
N GLN I 6 -29.02 -27.93 -7.99
CA GLN I 6 -27.57 -28.02 -8.13
C GLN I 6 -27.08 -29.46 -8.00
N SER I 7 -26.03 -29.80 -8.75
CA SER I 7 -25.36 -31.09 -8.64
C SER I 7 -23.84 -30.93 -8.85
N PRO I 8 -23.01 -31.61 -8.04
CA PRO I 8 -23.38 -32.38 -6.84
C PRO I 8 -23.73 -31.46 -5.66
N SER I 9 -24.28 -32.00 -4.56
CA SER I 9 -24.50 -31.23 -3.32
C SER I 9 -23.20 -30.98 -2.54
N SER I 10 -22.23 -31.87 -2.69
CA SER I 10 -20.89 -31.77 -2.12
C SER I 10 -19.89 -32.54 -2.97
N LEU I 11 -18.66 -32.04 -3.05
CA LEU I 11 -17.55 -32.74 -3.71
C LEU I 11 -16.24 -32.42 -2.99
N ALA I 12 -15.34 -33.40 -2.92
CA ALA I 12 -13.98 -33.23 -2.42
C ALA I 12 -13.00 -33.18 -3.59
N ALA I 13 -12.10 -32.20 -3.59
CA ALA I 13 -11.10 -31.98 -4.64
C ALA I 13 -9.78 -31.47 -4.06
N SER I 14 -8.69 -31.69 -4.80
CA SER I 14 -7.36 -31.20 -4.44
C SER I 14 -7.06 -29.86 -5.11
N VAL I 15 -6.15 -29.09 -4.51
CA VAL I 15 -5.63 -27.86 -5.13
C VAL I 15 -5.04 -28.19 -6.50
N GLY I 16 -5.40 -27.41 -7.52
CA GLY I 16 -5.05 -27.64 -8.92
C GLY I 16 -6.10 -28.39 -9.72
N ASP I 17 -7.04 -29.09 -9.07
CA ASP I 17 -8.10 -29.83 -9.76
C ASP I 17 -9.07 -28.88 -10.49
N ARG I 18 -9.68 -29.40 -11.56
CA ARG I 18 -10.82 -28.76 -12.21
C ARG I 18 -12.11 -29.18 -11.53
N VAL I 19 -12.88 -28.20 -11.05
CA VAL I 19 -14.20 -28.43 -10.44
C VAL I 19 -15.29 -27.91 -11.37
N THR I 20 -16.36 -28.69 -11.52
CA THR I 20 -17.54 -28.33 -12.31
C THR I 20 -18.80 -28.56 -11.49
N ILE I 21 -19.66 -27.55 -11.43
CA ILE I 21 -20.92 -27.56 -10.69
C ILE I 21 -22.03 -27.23 -11.67
N SER I 22 -23.02 -28.10 -11.77
CA SER I 22 -24.19 -27.90 -12.63
C SER I 22 -25.32 -27.26 -11.84
N CYS I 23 -26.05 -26.35 -12.48
CA CYS I 23 -27.30 -25.79 -11.97
C CYS I 23 -28.37 -25.86 -13.06
N ARG I 24 -29.51 -26.48 -12.74
CA ARG I 24 -30.65 -26.64 -13.64
C ARG I 24 -31.86 -25.88 -13.10
N ALA I 25 -32.44 -25.03 -13.94
CA ALA I 25 -33.72 -24.39 -13.70
C ALA I 25 -34.89 -25.30 -14.15
N GLY I 26 -36.01 -25.25 -13.45
CA GLY I 26 -37.22 -25.99 -13.81
C GLY I 26 -37.91 -25.50 -15.10
N GLN I 27 -37.55 -24.29 -15.56
CA GLN I 27 -37.99 -23.70 -16.83
C GLN I 27 -36.89 -22.81 -17.39
N SER I 28 -37.03 -22.36 -18.64
CA SER I 28 -36.07 -21.45 -19.26
C SER I 28 -36.02 -20.12 -18.51
N ILE I 29 -34.82 -19.71 -18.10
CA ILE I 29 -34.54 -18.42 -17.45
C ILE I 29 -33.62 -17.55 -18.32
N SER I 30 -33.54 -17.83 -19.63
CA SER I 30 -32.61 -17.16 -20.56
C SER I 30 -31.18 -17.18 -20.00
N SER I 31 -30.56 -16.04 -19.71
CA SER I 31 -29.26 -15.91 -19.06
C SER I 31 -29.35 -15.35 -17.64
N PHE I 32 -30.53 -15.23 -17.04
CA PHE I 32 -30.74 -14.60 -15.71
C PHE I 32 -30.33 -15.52 -14.55
N LEU I 33 -29.09 -16.01 -14.59
CA LEU I 33 -28.48 -16.87 -13.58
C LEU I 33 -27.22 -16.20 -13.01
N HIS I 34 -27.12 -16.20 -11.68
CA HIS I 34 -25.98 -15.64 -10.96
C HIS I 34 -25.36 -16.70 -10.05
N TRP I 35 -24.04 -16.70 -9.91
CA TRP I 35 -23.29 -17.58 -9.02
C TRP I 35 -22.70 -16.82 -7.85
N TYR I 36 -22.79 -17.43 -6.68
CA TYR I 36 -22.29 -16.91 -5.42
C TYR I 36 -21.30 -17.88 -4.79
N GLN I 37 -20.23 -17.34 -4.21
CA GLN I 37 -19.32 -18.07 -3.34
C GLN I 37 -19.59 -17.67 -1.88
N GLN I 38 -19.76 -18.64 -0.99
CA GLN I 38 -19.94 -18.42 0.43
C GLN I 38 -18.91 -19.23 1.22
N LYS I 39 -17.97 -18.52 1.85
CA LYS I 39 -17.03 -19.12 2.80
C LYS I 39 -17.72 -19.39 4.14
N VAL I 40 -17.20 -20.35 4.89
CA VAL I 40 -17.74 -20.70 6.21
C VAL I 40 -17.77 -19.46 7.11
N GLY I 41 -18.94 -19.18 7.70
CA GLY I 41 -19.14 -18.03 8.59
C GLY I 41 -19.08 -16.65 7.90
N LYS I 42 -19.16 -16.60 6.57
CA LYS I 42 -19.20 -15.36 5.79
C LYS I 42 -20.49 -15.23 5.01
N ALA I 43 -20.82 -14.00 4.64
CA ALA I 43 -21.90 -13.73 3.70
C ALA I 43 -21.52 -14.24 2.29
N PRO I 44 -22.53 -14.57 1.45
CA PRO I 44 -22.31 -14.84 0.05
C PRO I 44 -21.66 -13.64 -0.67
N LYS I 45 -20.83 -13.94 -1.67
CA LYS I 45 -20.21 -12.95 -2.55
C LYS I 45 -20.51 -13.31 -4.00
N LEU I 46 -20.95 -12.32 -4.78
CA LEU I 46 -21.21 -12.49 -6.20
C LEU I 46 -19.92 -12.86 -6.94
N LEU I 47 -19.99 -13.92 -7.74
CA LEU I 47 -18.89 -14.46 -8.52
C LEU I 47 -19.10 -14.22 -10.02
N ILE I 48 -20.27 -14.63 -10.52
CA ILE I 48 -20.65 -14.56 -11.92
C ILE I 48 -22.09 -14.08 -12.00
N TYR I 49 -22.39 -13.20 -12.93
CA TYR I 49 -23.74 -12.75 -13.22
C TYR I 49 -24.07 -12.98 -14.70
N ASP I 50 -25.35 -12.98 -15.03
CA ASP I 50 -25.86 -13.21 -16.38
C ASP I 50 -25.26 -14.46 -17.06
N ALA I 51 -25.22 -15.56 -16.31
CA ALA I 51 -24.70 -16.89 -16.64
C ALA I 51 -23.19 -16.98 -16.91
N SER I 52 -22.55 -15.97 -17.48
CA SER I 52 -21.15 -16.04 -17.96
C SER I 52 -20.25 -14.85 -17.60
N SER I 53 -20.80 -13.73 -17.13
CA SER I 53 -20.03 -12.51 -16.87
C SER I 53 -19.39 -12.53 -15.49
N LEU I 54 -18.06 -12.40 -15.42
CA LEU I 54 -17.34 -12.39 -14.14
C LEU I 54 -17.54 -11.05 -13.43
N GLN I 55 -17.84 -11.11 -12.12
CA GLN I 55 -17.84 -9.92 -11.28
C GLN I 55 -16.41 -9.35 -11.17
N SER I 56 -16.29 -8.03 -11.04
CA SER I 56 -15.01 -7.35 -10.89
C SER I 56 -14.18 -7.92 -9.74
N GLY I 57 -12.89 -8.19 -10.01
CA GLY I 57 -11.94 -8.78 -9.05
C GLY I 57 -12.05 -10.30 -8.89
N VAL I 58 -12.96 -10.97 -9.60
CA VAL I 58 -13.04 -12.44 -9.61
C VAL I 58 -11.95 -13.00 -10.55
N PRO I 59 -11.12 -13.96 -10.09
CA PRO I 59 -10.09 -14.57 -10.92
C PRO I 59 -10.65 -15.31 -12.15
N SER I 60 -9.92 -15.24 -13.27
CA SER I 60 -10.30 -15.88 -14.55
C SER I 60 -10.33 -17.42 -14.52
N ARG I 61 -9.85 -18.04 -13.43
CA ARG I 61 -10.03 -19.49 -13.21
C ARG I 61 -11.49 -19.87 -13.00
N PHE I 62 -12.34 -18.91 -12.59
CA PHE I 62 -13.78 -19.09 -12.54
C PHE I 62 -14.38 -18.77 -13.91
N SER I 63 -15.35 -19.57 -14.33
CA SER I 63 -16.12 -19.33 -15.55
C SER I 63 -17.53 -19.90 -15.41
N GLY I 64 -18.49 -19.19 -15.99
CA GLY I 64 -19.88 -19.58 -16.02
C GLY I 64 -20.28 -19.83 -17.47
N SER I 65 -21.16 -20.81 -17.68
CA SER I 65 -21.72 -21.09 -18.98
C SER I 65 -23.16 -21.59 -18.85
N GLY I 66 -23.90 -21.51 -19.96
CA GLY I 66 -25.27 -22.00 -20.04
C GLY I 66 -26.27 -20.93 -20.43
N SER I 67 -27.44 -21.40 -20.82
CA SER I 67 -28.60 -20.58 -21.16
C SER I 67 -29.86 -21.43 -21.11
N GLY I 68 -31.02 -20.79 -21.01
CA GLY I 68 -32.29 -21.50 -20.91
C GLY I 68 -32.42 -22.20 -19.56
N THR I 69 -32.28 -23.52 -19.53
CA THR I 69 -32.48 -24.33 -18.32
C THR I 69 -31.20 -24.81 -17.67
N ASP I 70 -30.09 -24.90 -18.41
CA ASP I 70 -28.90 -25.62 -17.97
C ASP I 70 -27.69 -24.70 -17.90
N PHE I 71 -27.07 -24.68 -16.73
CA PHE I 71 -25.96 -23.80 -16.40
C PHE I 71 -24.85 -24.54 -15.68
N THR I 72 -23.64 -24.02 -15.80
CA THR I 72 -22.44 -24.62 -15.22
C THR I 72 -21.52 -23.54 -14.67
N LEU I 73 -21.01 -23.76 -13.46
CA LEU I 73 -19.84 -23.08 -12.91
C LEU I 73 -18.63 -24.00 -13.05
N THR I 74 -17.54 -23.48 -13.60
CA THR I 74 -16.26 -24.17 -13.69
C THR I 74 -15.17 -23.39 -12.97
N ILE I 75 -14.41 -24.10 -12.13
CA ILE I 75 -13.14 -23.65 -11.56
C ILE I 75 -12.05 -24.43 -12.26
N SER I 76 -11.23 -23.79 -13.10
CA SER I 76 -10.26 -24.48 -13.96
C SER I 76 -9.06 -25.03 -13.19
N SER I 77 -8.66 -24.36 -12.11
CA SER I 77 -7.57 -24.78 -11.23
C SER I 77 -7.86 -24.31 -9.80
N LEU I 78 -8.39 -25.22 -8.99
CA LEU I 78 -8.86 -24.96 -7.63
C LEU I 78 -7.72 -24.44 -6.73
N GLN I 79 -7.96 -23.35 -5.99
CA GLN I 79 -7.02 -22.79 -5.02
C GLN I 79 -7.51 -22.97 -3.58
N PRO I 80 -6.63 -22.87 -2.56
CA PRO I 80 -7.03 -23.00 -1.15
C PRO I 80 -8.16 -22.05 -0.72
N GLU I 81 -8.21 -20.84 -1.29
CA GLU I 81 -9.26 -19.87 -0.98
C GLU I 81 -10.61 -20.15 -1.67
N ASP I 82 -10.66 -21.15 -2.55
CA ASP I 82 -11.85 -21.54 -3.31
C ASP I 82 -12.69 -22.60 -2.56
N PHE I 83 -12.16 -23.22 -1.51
CA PHE I 83 -12.95 -24.15 -0.67
C PHE I 83 -14.07 -23.40 0.06
N ALA I 84 -15.29 -23.58 -0.43
CA ALA I 84 -16.48 -22.81 -0.08
C ALA I 84 -17.76 -23.54 -0.51
N ALA I 85 -18.91 -23.01 -0.09
CA ALA I 85 -20.19 -23.36 -0.67
C ALA I 85 -20.49 -22.44 -1.86
N TYR I 86 -21.03 -23.00 -2.94
CA TYR I 86 -21.39 -22.27 -4.16
C TYR I 86 -22.89 -22.38 -4.42
N TYR I 87 -23.54 -21.25 -4.71
CA TYR I 87 -24.98 -21.19 -4.96
C TYR I 87 -25.27 -20.55 -6.30
N CYS I 88 -26.15 -21.17 -7.09
CA CYS I 88 -26.76 -20.48 -8.22
C CYS I 88 -28.06 -19.79 -7.76
N GLN I 89 -28.39 -18.67 -8.38
CA GLN I 89 -29.64 -17.94 -8.20
C GLN I 89 -30.23 -17.64 -9.56
N GLN I 90 -31.55 -17.81 -9.71
CA GLN I 90 -32.27 -17.24 -10.85
C GLN I 90 -32.85 -15.88 -10.51
N SER I 91 -32.86 -14.98 -11.49
CA SER I 91 -33.50 -13.67 -11.37
C SER I 91 -34.40 -13.31 -12.54
N TYR I 92 -34.93 -14.34 -13.21
CA TYR I 92 -35.84 -14.18 -14.35
C TYR I 92 -37.23 -13.75 -13.89
N GLU I 93 -37.74 -14.42 -12.84
CA GLU I 93 -39.09 -14.22 -12.34
C GLU I 93 -39.10 -14.25 -10.81
N ASN I 94 -40.06 -13.52 -10.20
CA ASN I 94 -40.32 -13.61 -8.77
C ASN I 94 -41.18 -14.85 -8.45
N PRO I 95 -40.96 -15.51 -7.31
CA PRO I 95 -39.92 -15.24 -6.32
C PRO I 95 -38.52 -15.61 -6.83
N LEU I 96 -37.51 -14.84 -6.43
CA LEU I 96 -36.12 -15.21 -6.66
C LEU I 96 -35.82 -16.51 -5.92
N THR I 97 -35.07 -17.41 -6.55
CA THR I 97 -34.78 -18.73 -5.97
C THR I 97 -33.31 -19.09 -6.11
N PHE I 98 -32.81 -19.80 -5.09
CA PHE I 98 -31.46 -20.33 -5.06
C PHE I 98 -31.47 -21.84 -5.29
N GLY I 99 -30.38 -22.36 -5.85
CA GLY I 99 -30.09 -23.78 -5.79
C GLY I 99 -29.74 -24.23 -4.37
N GLY I 100 -29.75 -25.54 -4.15
CA GLY I 100 -29.45 -26.12 -2.83
C GLY I 100 -28.03 -25.89 -2.31
N GLY I 101 -27.14 -25.34 -3.14
CA GLY I 101 -25.73 -25.18 -2.84
C GLY I 101 -24.90 -26.42 -3.18
N THR I 102 -23.63 -26.18 -3.47
CA THR I 102 -22.61 -27.21 -3.66
C THR I 102 -21.43 -26.89 -2.77
N LYS I 103 -21.12 -27.76 -1.82
CA LYS I 103 -19.96 -27.62 -0.94
C LYS I 103 -18.71 -28.22 -1.60
N VAL I 104 -17.70 -27.40 -1.85
CA VAL I 104 -16.40 -27.85 -2.35
C VAL I 104 -15.45 -27.96 -1.18
N ASP I 105 -15.11 -29.18 -0.82
CA ASP I 105 -14.25 -29.52 0.31
C ASP I 105 -12.85 -29.92 -0.17
N THR I 109 -3.49 -31.96 -0.53
CA THR I 109 -2.71 -33.14 -0.06
C THR I 109 -3.09 -33.47 1.37
N VAL I 110 -3.06 -34.76 1.69
CA VAL I 110 -3.38 -35.22 3.03
C VAL I 110 -2.45 -34.53 4.04
N ALA I 111 -3.02 -34.12 5.17
CA ALA I 111 -2.27 -33.56 6.29
C ALA I 111 -2.84 -34.13 7.58
N ALA I 112 -1.99 -34.78 8.38
CA ALA I 112 -2.42 -35.33 9.65
C ALA I 112 -2.64 -34.22 10.68
N PRO I 113 -3.60 -34.40 11.58
CA PRO I 113 -3.83 -33.42 12.64
C PRO I 113 -2.73 -33.44 13.68
N SER I 114 -2.43 -32.25 14.21
CA SER I 114 -1.80 -32.13 15.52
C SER I 114 -2.88 -32.21 16.59
N VAL I 115 -2.61 -32.93 17.66
CA VAL I 115 -3.62 -33.25 18.66
C VAL I 115 -3.21 -32.60 19.99
N PHE I 116 -4.14 -31.87 20.59
CA PHE I 116 -3.94 -31.23 21.88
C PHE I 116 -5.11 -31.54 22.80
N ILE I 117 -4.84 -31.62 24.10
CA ILE I 117 -5.90 -31.89 25.05
C ILE I 117 -5.86 -30.89 26.20
N PHE I 118 -7.03 -30.48 26.65
CA PHE I 118 -7.20 -29.47 27.70
C PHE I 118 -8.03 -30.05 28.83
N PRO I 119 -7.48 -30.17 30.03
CA PRO I 119 -8.30 -30.55 31.18
C PRO I 119 -9.27 -29.44 31.53
N PRO I 120 -10.28 -29.71 32.34
CA PRO I 120 -11.14 -28.62 32.85
C PRO I 120 -10.30 -27.62 33.65
N SER I 121 -10.63 -26.34 33.48
CA SER I 121 -10.02 -25.31 34.30
C SER I 121 -10.46 -25.42 35.76
N ASP I 122 -9.61 -24.89 36.64
CA ASP I 122 -9.98 -24.85 38.05
C ASP I 122 -11.19 -23.95 38.25
N GLU I 123 -11.30 -22.89 37.46
CA GLU I 123 -12.45 -22.00 37.55
C GLU I 123 -13.75 -22.74 37.25
N GLN I 124 -13.75 -23.57 36.21
CA GLN I 124 -14.96 -24.30 35.87
C GLN I 124 -15.26 -25.35 36.93
N LEU I 125 -14.23 -26.04 37.39
CA LEU I 125 -14.43 -27.02 38.46
C LEU I 125 -15.05 -26.38 39.69
N LYS I 126 -14.58 -25.18 40.06
CA LYS I 126 -15.15 -24.48 41.20
C LYS I 126 -16.65 -24.30 41.05
N SER I 127 -17.14 -24.22 39.81
CA SER I 127 -18.56 -23.97 39.56
C SER I 127 -19.37 -25.24 39.48
N GLY I 128 -18.75 -26.42 39.48
CA GLY I 128 -19.45 -27.68 39.59
C GLY I 128 -19.46 -28.58 38.38
N THR I 129 -18.82 -28.19 37.28
CA THR I 129 -18.81 -29.00 36.06
C THR I 129 -17.38 -29.11 35.51
N ALA I 130 -17.18 -30.11 34.66
CA ALA I 130 -15.89 -30.36 34.05
C ALA I 130 -16.07 -30.56 32.54
N SER I 131 -15.47 -29.68 31.74
CA SER I 131 -15.42 -29.86 30.29
C SER I 131 -13.99 -30.21 29.90
N VAL I 132 -13.81 -31.33 29.21
CA VAL I 132 -12.50 -31.75 28.69
C VAL I 132 -12.53 -31.51 27.19
N VAL I 133 -11.50 -30.85 26.66
CA VAL I 133 -11.51 -30.47 25.24
C VAL I 133 -10.34 -31.10 24.51
N CYS I 134 -10.63 -31.71 23.37
CA CYS I 134 -9.64 -32.27 22.46
C CYS I 134 -9.62 -31.43 21.18
N LEU I 135 -8.44 -30.97 20.79
CA LEU I 135 -8.27 -30.15 19.58
C LEU I 135 -7.45 -30.92 18.54
N LEU I 136 -7.98 -30.97 17.31
CA LEU I 136 -7.27 -31.47 16.12
C LEU I 136 -6.99 -30.28 15.26
N ASN I 137 -5.72 -30.00 14.99
CA ASN I 137 -5.37 -28.77 14.29
C ASN I 137 -4.79 -29.08 12.91
N ASN I 138 -5.30 -28.35 11.91
CA ASN I 138 -4.66 -28.19 10.60
C ASN I 138 -4.51 -29.53 9.86
N PHE I 139 -5.64 -30.17 9.58
CA PHE I 139 -5.65 -31.47 8.93
C PHE I 139 -6.51 -31.43 7.66
N TYR I 140 -6.29 -32.42 6.79
CA TYR I 140 -7.04 -32.58 5.55
C TYR I 140 -6.93 -34.05 5.18
N PRO I 141 -8.01 -34.73 4.77
CA PRO I 141 -9.35 -34.20 4.53
C PRO I 141 -10.13 -34.01 5.82
N ARG I 142 -11.37 -33.54 5.68
CA ARG I 142 -12.17 -33.18 6.83
C ARG I 142 -12.56 -34.38 7.70
N GLU I 143 -12.70 -35.55 7.10
CA GLU I 143 -13.16 -36.73 7.83
C GLU I 143 -12.16 -37.11 8.92
N ALA I 144 -12.68 -37.30 10.13
CA ALA I 144 -11.84 -37.68 11.26
C ALA I 144 -12.72 -38.37 12.27
N LYS I 145 -12.16 -39.33 12.99
CA LYS I 145 -12.87 -39.95 14.10
C LYS I 145 -12.17 -39.59 15.39
N VAL I 146 -12.93 -39.06 16.34
CA VAL I 146 -12.37 -38.67 17.62
C VAL I 146 -13.19 -39.37 18.70
N GLN I 147 -12.51 -40.19 19.49
CA GLN I 147 -13.17 -40.92 20.55
C GLN I 147 -12.55 -40.58 21.89
N TRP I 148 -13.40 -40.57 22.90
CA TRP I 148 -12.97 -40.29 24.26
C TRP I 148 -12.87 -41.59 25.04
N LYS I 149 -11.80 -41.71 25.81
CA LYS I 149 -11.68 -42.83 26.74
C LYS I 149 -11.40 -42.28 28.13
N VAL I 150 -12.13 -42.78 29.11
CA VAL I 150 -12.01 -42.34 30.51
C VAL I 150 -11.68 -43.58 31.33
N ASP I 151 -10.46 -43.63 31.87
CA ASP I 151 -9.95 -44.86 32.48
C ASP I 151 -10.23 -46.06 31.58
N ASN I 152 -9.99 -45.86 30.28
CA ASN I 152 -10.07 -46.85 29.22
C ASN I 152 -11.49 -47.26 28.84
N ALA I 153 -12.50 -46.62 29.38
CA ALA I 153 -13.87 -46.86 28.97
C ALA I 153 -14.17 -45.96 27.79
N LEU I 154 -14.59 -46.55 26.68
CA LEU I 154 -15.00 -45.77 25.51
C LEU I 154 -16.28 -45.02 25.83
N GLN I 155 -16.28 -43.70 25.64
CA GLN I 155 -17.48 -42.88 25.80
C GLN I 155 -18.28 -42.90 24.51
N SER I 156 -19.60 -43.03 24.63
CA SER I 156 -20.45 -43.01 23.45
C SER I 156 -21.66 -42.13 23.77
N GLY I 157 -21.80 -41.05 23.02
CA GLY I 157 -22.93 -40.15 23.23
C GLY I 157 -22.72 -39.06 24.27
N ASN I 158 -21.48 -38.90 24.77
CA ASN I 158 -21.16 -38.02 25.88
C ASN I 158 -20.39 -36.79 25.44
N SER I 159 -20.15 -36.63 24.14
CA SER I 159 -19.29 -35.56 23.67
C SER I 159 -19.91 -34.95 22.44
N GLN I 160 -19.51 -33.71 22.16
CA GLN I 160 -19.97 -33.00 20.97
C GLN I 160 -18.76 -32.40 20.29
N GLU I 161 -18.80 -32.32 18.96
CA GLU I 161 -17.68 -31.77 18.23
C GLU I 161 -18.17 -30.78 17.19
N SER I 162 -17.25 -29.92 16.74
CA SER I 162 -17.54 -29.04 15.63
C SER I 162 -16.23 -28.73 14.92
N VAL I 163 -16.36 -28.20 13.72
CA VAL I 163 -15.26 -28.11 12.77
C VAL I 163 -15.26 -26.71 12.17
N THR I 164 -14.07 -26.16 11.94
CA THR I 164 -13.95 -24.85 11.35
C THR I 164 -14.09 -24.84 9.82
N GLU I 165 -13.70 -23.70 9.26
CA GLU I 165 -13.67 -23.41 7.84
C GLU I 165 -12.39 -23.91 7.25
N GLN I 166 -12.45 -24.25 5.98
CA GLN I 166 -11.25 -24.65 5.29
C GLN I 166 -10.44 -23.38 5.28
N ASP I 167 -9.31 -23.38 5.97
CA ASP I 167 -8.41 -22.22 6.06
C ASP I 167 -8.09 -21.63 4.67
N SER I 168 -8.09 -20.30 4.59
CA SER I 168 -7.96 -19.69 3.27
C SER I 168 -6.53 -19.70 2.76
N LYS I 169 -5.56 -19.99 3.62
CA LYS I 169 -4.15 -20.06 3.23
C LYS I 169 -3.72 -21.50 2.95
N ASP I 170 -3.91 -22.42 3.89
CA ASP I 170 -3.38 -23.77 3.72
C ASP I 170 -4.47 -24.81 3.48
N SER I 171 -5.74 -24.40 3.37
CA SER I 171 -6.83 -25.31 3.00
C SER I 171 -7.03 -26.47 3.97
N THR I 172 -6.63 -26.32 5.23
CA THR I 172 -6.87 -27.36 6.23
C THR I 172 -8.09 -27.07 7.09
N TYR I 173 -8.45 -28.04 7.91
CA TYR I 173 -9.53 -27.93 8.87
C TYR I 173 -8.96 -28.05 10.27
N SER I 174 -9.70 -27.56 11.24
CA SER I 174 -9.48 -27.89 12.63
C SER I 174 -10.80 -28.32 13.26
N LEU I 175 -10.69 -29.13 14.31
CA LEU I 175 -11.86 -29.71 14.95
C LEU I 175 -11.66 -29.68 16.45
N SER I 176 -12.72 -29.39 17.19
CA SER I 176 -12.67 -29.58 18.64
C SER I 176 -13.78 -30.51 19.08
N SER I 177 -13.46 -31.35 20.05
CA SER I 177 -14.43 -32.24 20.68
C SER I 177 -14.43 -31.97 22.19
N THR I 178 -15.61 -31.92 22.77
CA THR I 178 -15.78 -31.59 24.18
C THR I 178 -16.55 -32.70 24.87
N LEU I 179 -15.96 -33.22 25.93
CA LEU I 179 -16.57 -34.19 26.82
C LEU I 179 -16.97 -33.46 28.09
N THR I 180 -18.25 -33.48 28.45
CA THR I 180 -18.66 -32.78 29.66
C THR I 180 -19.16 -33.76 30.72
N LEU I 181 -18.67 -33.59 31.95
CA LEU I 181 -19.03 -34.42 33.10
C LEU I 181 -19.38 -33.54 34.28
N SER I 182 -20.14 -34.08 35.23
CA SER I 182 -20.23 -33.40 36.50
C SER I 182 -18.87 -33.46 37.20
N LYS I 183 -18.65 -32.49 38.10
CA LYS I 183 -17.42 -32.50 38.89
C LYS I 183 -17.29 -33.80 39.66
N ALA I 184 -18.38 -34.30 40.25
CA ALA I 184 -18.29 -35.54 41.00
C ALA I 184 -17.84 -36.70 40.09
N ASP I 185 -18.37 -36.77 38.87
CA ASP I 185 -17.95 -37.85 37.98
C ASP I 185 -16.52 -37.64 37.49
N TYR I 186 -16.14 -36.39 37.21
CA TYR I 186 -14.75 -36.11 36.85
C TYR I 186 -13.80 -36.60 37.91
N GLU I 187 -14.12 -36.34 39.18
CA GLU I 187 -13.25 -36.75 40.28
C GLU I 187 -13.23 -38.25 40.53
N LYS I 188 -14.07 -39.04 39.86
CA LYS I 188 -14.03 -40.49 40.07
C LYS I 188 -13.02 -41.18 39.18
N HIS I 189 -12.43 -40.49 38.21
CA HIS I 189 -11.58 -41.13 37.22
C HIS I 189 -10.24 -40.43 37.13
N LYS I 190 -9.26 -41.15 36.59
CA LYS I 190 -7.90 -40.66 36.50
C LYS I 190 -7.48 -40.30 35.09
N VAL I 191 -7.59 -41.21 34.12
CA VAL I 191 -6.96 -41.03 32.81
C VAL I 191 -8.02 -40.57 31.82
N TYR I 192 -7.82 -39.37 31.27
CA TYR I 192 -8.70 -38.80 30.25
C TYR I 192 -7.94 -38.75 28.94
N ALA I 193 -8.46 -39.44 27.92
CA ALA I 193 -7.73 -39.60 26.68
C ALA I 193 -8.62 -39.31 25.49
N CYS I 194 -8.13 -38.61 24.47
CA CYS I 194 -8.88 -38.60 23.22
C CYS I 194 -8.06 -39.35 22.17
N GLU I 195 -8.66 -40.25 21.51
CA GLU I 195 -8.14 -41.10 20.44
C GLU I 195 -8.58 -40.56 19.10
N VAL I 196 -7.64 -40.45 18.15
CA VAL I 196 -7.88 -39.80 16.88
C VAL I 196 -7.53 -40.79 15.76
N THR I 197 -8.45 -40.96 14.82
CA THR I 197 -8.23 -41.71 13.59
C THR I 197 -8.35 -40.75 12.40
N HIS I 198 -7.36 -40.77 11.51
CA HIS I 198 -7.35 -39.87 10.36
C HIS I 198 -6.49 -40.49 9.26
N GLN I 199 -6.87 -40.23 8.01
CA GLN I 199 -6.13 -40.74 6.85
C GLN I 199 -4.64 -40.38 6.90
N GLY I 200 -4.30 -39.23 7.47
CA GLY I 200 -2.91 -38.78 7.50
C GLY I 200 -2.05 -39.48 8.52
N LEU I 201 -2.66 -40.28 9.38
CA LEU I 201 -1.98 -40.98 10.45
C LEU I 201 -1.82 -42.45 10.07
N SER I 202 -0.64 -43.02 10.34
CA SER I 202 -0.41 -44.44 10.06
C SER I 202 -1.39 -45.31 10.80
N SER I 203 -1.70 -44.96 12.04
CA SER I 203 -2.56 -45.74 12.93
C SER I 203 -3.24 -44.74 13.86
N PRO I 204 -4.34 -45.14 14.51
CA PRO I 204 -4.95 -44.23 15.49
C PRO I 204 -3.94 -43.81 16.55
N VAL I 205 -4.08 -42.59 17.02
CA VAL I 205 -3.19 -42.03 18.03
C VAL I 205 -4.00 -41.61 19.24
N THR I 206 -3.32 -41.49 20.39
CA THR I 206 -4.00 -41.11 21.62
C THR I 206 -3.18 -40.06 22.37
N LYS I 207 -3.87 -39.05 22.88
CA LYS I 207 -3.27 -38.08 23.78
C LYS I 207 -4.07 -38.07 25.06
N SER I 208 -3.41 -38.11 26.20
CA SER I 208 -4.14 -38.14 27.47
C SER I 208 -3.49 -37.26 28.52
N PHE I 209 -4.24 -37.07 29.61
CA PHE I 209 -3.69 -36.54 30.84
C PHE I 209 -4.28 -37.33 32.00
N ASN I 210 -3.61 -37.23 33.16
CA ASN I 210 -4.12 -37.73 34.43
C ASN I 210 -4.66 -36.59 35.26
N ARG I 211 -5.90 -36.73 35.72
CA ARG I 211 -6.50 -35.72 36.59
C ARG I 211 -5.60 -35.46 37.79
N GLY I 212 -5.36 -34.18 38.06
CA GLY I 212 -4.45 -33.79 39.12
C GLY I 212 -2.99 -33.73 38.73
N GLU I 213 -2.69 -33.77 37.43
CA GLU I 213 -1.33 -33.63 36.88
C GLU I 213 -0.38 -34.72 37.36
N ALA J 1 -39.08 74.46 1.62
CA ALA J 1 -38.45 74.84 2.88
C ALA J 1 -39.47 75.52 3.82
N ILE J 2 -39.50 75.13 5.09
CA ILE J 2 -40.35 75.78 6.09
C ILE J 2 -39.86 77.21 6.29
N ARG J 3 -40.68 78.20 5.92
CA ARG J 3 -40.32 79.60 6.08
C ARG J 3 -40.51 80.03 7.53
N MET J 4 -39.48 80.64 8.11
CA MET J 4 -39.54 81.26 9.44
C MET J 4 -39.61 82.77 9.30
N THR J 5 -40.55 83.40 10.00
CA THR J 5 -40.75 84.86 9.98
C THR J 5 -40.63 85.42 11.39
N GLN J 6 -39.72 86.39 11.59
CA GLN J 6 -39.55 87.07 12.87
C GLN J 6 -40.15 88.47 12.84
N SER J 7 -40.69 88.90 13.98
CA SER J 7 -41.18 90.26 14.17
C SER J 7 -40.90 90.76 15.59
N PRO J 8 -40.45 92.02 15.76
CA PRO J 8 -40.05 92.95 14.69
C PRO J 8 -38.66 92.58 14.10
N SER J 9 -38.25 93.20 13.00
CA SER J 9 -36.88 93.04 12.46
C SER J 9 -35.82 93.78 13.27
N SER J 10 -36.23 94.86 13.93
CA SER J 10 -35.39 95.65 14.84
C SER J 10 -36.27 96.35 15.88
N LEU J 11 -35.76 96.51 17.10
CA LEU J 11 -36.41 97.29 18.15
C LEU J 11 -35.36 97.96 19.04
N ALA J 12 -35.65 99.17 19.51
CA ALA J 12 -34.84 99.89 20.48
C ALA J 12 -35.49 99.80 21.86
N ALA J 13 -34.72 99.47 22.89
CA ALA J 13 -35.19 99.32 24.27
C ALA J 13 -34.12 99.79 25.27
N SER J 14 -34.57 100.16 26.47
CA SER J 14 -33.70 100.55 27.58
C SER J 14 -33.39 99.37 28.49
N VAL J 15 -32.26 99.45 29.20
CA VAL J 15 -31.92 98.47 30.26
C VAL J 15 -33.05 98.43 31.28
N GLY J 16 -33.48 97.22 31.64
CA GLY J 16 -34.63 96.97 32.51
C GLY J 16 -35.93 96.71 31.77
N ASP J 17 -36.05 97.10 30.49
CA ASP J 17 -37.26 96.87 29.71
C ASP J 17 -37.52 95.38 29.47
N ARG J 18 -38.80 95.05 29.28
CA ARG J 18 -39.21 93.74 28.79
C ARG J 18 -39.23 93.75 27.26
N VAL J 19 -38.48 92.83 26.64
CA VAL J 19 -38.44 92.65 25.19
C VAL J 19 -39.14 91.35 24.82
N THR J 20 -39.94 91.39 23.76
CA THR J 20 -40.63 90.22 23.22
C THR J 20 -40.42 90.16 21.71
N ILE J 21 -40.00 89.00 21.22
CA ILE J 21 -39.72 88.73 19.82
C ILE J 21 -40.57 87.54 19.39
N SER J 22 -41.37 87.71 18.36
CA SER J 22 -42.21 86.64 17.81
C SER J 22 -41.49 85.95 16.66
N CYS J 23 -41.64 84.63 16.56
CA CYS J 23 -41.22 83.84 15.43
C CYS J 23 -42.36 82.92 14.98
N ARG J 24 -42.74 83.00 13.71
CA ARG J 24 -43.80 82.21 13.10
C ARG J 24 -43.24 81.29 12.02
N ALA J 25 -43.54 80.00 12.14
CA ALA J 25 -43.29 79.00 11.10
C ALA J 25 -44.45 78.98 10.08
N GLY J 26 -44.12 78.71 8.82
CA GLY J 26 -45.11 78.56 7.74
C GLY J 26 -46.00 77.31 7.88
N GLN J 27 -45.60 76.36 8.70
CA GLN J 27 -46.35 75.15 9.05
C GLN J 27 -46.03 74.73 10.49
N SER J 28 -46.79 73.78 11.05
CA SER J 28 -46.52 73.27 12.40
C SER J 28 -45.16 72.58 12.45
N ILE J 29 -44.32 73.00 13.40
CA ILE J 29 -43.01 72.40 13.69
C ILE J 29 -42.98 71.80 15.10
N SER J 30 -44.14 71.48 15.68
CA SER J 30 -44.26 71.01 17.07
C SER J 30 -43.50 71.94 18.03
N SER J 31 -42.48 71.46 18.73
CA SER J 31 -41.59 72.24 19.58
C SER J 31 -40.16 72.37 19.01
N PHE J 32 -39.89 71.98 17.76
CA PHE J 32 -38.55 71.97 17.16
C PHE J 32 -38.07 73.36 16.74
N LEU J 33 -38.09 74.31 17.68
CA LEU J 33 -37.64 75.68 17.53
C LEU J 33 -36.51 75.99 18.51
N HIS J 34 -35.45 76.61 18.01
CA HIS J 34 -34.29 77.02 18.80
C HIS J 34 -34.05 78.51 18.63
N TRP J 35 -33.62 79.18 19.69
CA TRP J 35 -33.26 80.59 19.70
C TRP J 35 -31.76 80.79 19.87
N TYR J 36 -31.21 81.71 19.10
CA TYR J 36 -29.80 82.08 19.11
C TYR J 36 -29.63 83.56 19.40
N GLN J 37 -28.61 83.89 20.19
CA GLN J 37 -28.14 85.25 20.37
C GLN J 37 -26.82 85.43 19.60
N GLN J 38 -26.72 86.48 18.80
CA GLN J 38 -25.52 86.83 18.06
C GLN J 38 -25.12 88.28 18.37
N LYS J 39 -24.00 88.43 19.08
CA LYS J 39 -23.39 89.75 19.29
C LYS J 39 -22.65 90.20 18.03
N VAL J 40 -22.48 91.51 17.88
CA VAL J 40 -21.77 92.09 16.72
C VAL J 40 -20.37 91.49 16.62
N GLY J 41 -20.02 90.97 15.44
CA GLY J 41 -18.70 90.38 15.17
C GLY J 41 -18.44 89.06 15.90
N LYS J 42 -19.49 88.40 16.45
CA LYS J 42 -19.38 87.09 17.11
C LYS J 42 -20.24 86.06 16.38
N ALA J 43 -19.90 84.79 16.60
CA ALA J 43 -20.74 83.68 16.18
C ALA J 43 -22.05 83.64 17.00
N PRO J 44 -23.13 83.08 16.43
CA PRO J 44 -24.34 82.79 17.17
C PRO J 44 -24.06 81.87 18.37
N LYS J 45 -24.81 82.06 19.45
CA LYS J 45 -24.79 81.21 20.65
C LYS J 45 -26.21 80.72 20.93
N LEU J 46 -26.36 79.41 21.18
CA LEU J 46 -27.63 78.82 21.56
C LEU J 46 -28.12 79.40 22.90
N LEU J 47 -29.37 79.85 22.91
CA LEU J 47 -30.03 80.45 24.06
C LEU J 47 -31.12 79.52 24.61
N ILE J 48 -32.02 79.09 23.73
CA ILE J 48 -33.18 78.26 24.06
C ILE J 48 -33.29 77.18 22.99
N TYR J 49 -33.60 75.96 23.39
CA TYR J 49 -33.89 74.85 22.49
C TYR J 49 -35.26 74.25 22.83
N ASP J 50 -35.81 73.51 21.88
CA ASP J 50 -37.14 72.88 21.99
C ASP J 50 -38.24 73.84 22.47
N ALA J 51 -38.27 75.03 21.87
CA ALA J 51 -39.16 76.16 22.12
C ALA J 51 -39.07 76.83 23.51
N SER J 52 -38.79 76.09 24.58
CA SER J 52 -38.88 76.61 25.96
C SER J 52 -37.70 76.25 26.88
N SER J 53 -36.82 75.33 26.50
CA SER J 53 -35.74 74.85 27.37
C SER J 53 -34.51 75.76 27.28
N LEU J 54 -34.07 76.31 28.42
CA LEU J 54 -32.89 77.17 28.46
C LEU J 54 -31.61 76.35 28.32
N GLN J 55 -30.69 76.81 27.46
CA GLN J 55 -29.34 76.25 27.41
C GLN J 55 -28.59 76.53 28.72
N SER J 56 -27.71 75.62 29.11
CA SER J 56 -26.90 75.74 30.32
C SER J 56 -26.13 77.07 30.36
N GLY J 57 -26.19 77.76 31.50
CA GLY J 57 -25.56 79.06 31.72
C GLY J 57 -26.32 80.26 31.15
N VAL J 58 -27.48 80.06 30.51
CA VAL J 58 -28.34 81.16 30.08
C VAL J 58 -29.15 81.71 31.27
N PRO J 59 -29.14 83.02 31.51
CA PRO J 59 -29.90 83.63 32.60
C PRO J 59 -31.42 83.41 32.49
N SER J 60 -32.09 83.22 33.62
CA SER J 60 -33.55 83.00 33.70
C SER J 60 -34.41 84.19 33.26
N ARG J 61 -33.80 85.37 33.01
CA ARG J 61 -34.50 86.49 32.37
C ARG J 61 -34.90 86.19 30.93
N PHE J 62 -34.23 85.24 30.28
CA PHE J 62 -34.63 84.71 28.98
C PHE J 62 -35.67 83.60 29.17
N SER J 63 -36.69 83.60 28.32
CA SER J 63 -37.68 82.54 28.28
C SER J 63 -38.23 82.37 26.87
N GLY J 64 -38.50 81.14 26.50
CA GLY J 64 -39.09 80.77 25.23
C GLY J 64 -40.46 80.16 25.47
N SER J 65 -41.40 80.42 24.55
CA SER J 65 -42.72 79.81 24.59
C SER J 65 -43.24 79.58 23.18
N GLY J 66 -44.23 78.71 23.06
CA GLY J 66 -44.90 78.42 21.81
C GLY J 66 -44.83 76.96 21.41
N SER J 67 -45.69 76.59 20.46
CA SER J 67 -45.74 75.27 19.85
C SER J 67 -46.50 75.37 18.52
N GLY J 68 -46.33 74.38 17.66
CA GLY J 68 -46.96 74.37 16.34
C GLY J 68 -46.31 75.42 15.45
N THR J 69 -47.02 76.52 15.19
CA THR J 69 -46.58 77.58 14.26
C THR J 69 -46.05 78.83 14.93
N ASP J 70 -46.42 79.11 16.18
CA ASP J 70 -46.21 80.41 16.81
C ASP J 70 -45.34 80.28 18.06
N PHE J 71 -44.26 81.06 18.06
CA PHE J 71 -43.23 81.03 19.09
C PHE J 71 -42.83 82.43 19.51
N THR J 72 -42.34 82.54 20.74
CA THR J 72 -41.95 83.82 21.34
C THR J 72 -40.68 83.64 22.16
N LEU J 73 -39.74 84.57 21.99
CA LEU J 73 -38.64 84.82 22.92
C LEU J 73 -38.99 86.04 23.77
N THR J 74 -38.87 85.91 25.09
CA THR J 74 -39.04 87.02 26.03
C THR J 74 -37.76 87.22 26.84
N ILE J 75 -37.33 88.48 26.93
CA ILE J 75 -36.32 88.96 27.87
C ILE J 75 -37.08 89.79 28.91
N SER J 76 -37.16 89.31 30.16
CA SER J 76 -38.01 89.94 31.18
C SER J 76 -37.44 91.26 31.71
N SER J 77 -36.12 91.38 31.75
CA SER J 77 -35.40 92.59 32.16
C SER J 77 -34.08 92.70 31.40
N LEU J 78 -34.09 93.50 30.34
CA LEU J 78 -32.98 93.66 29.40
C LEU J 78 -31.71 94.16 30.10
N GLN J 79 -30.57 93.52 29.86
CA GLN J 79 -29.26 93.94 30.37
C GLN J 79 -28.34 94.47 29.26
N PRO J 80 -27.28 95.23 29.56
CA PRO J 80 -26.34 95.74 28.56
C PRO J 80 -25.73 94.66 27.65
N GLU J 81 -25.49 93.47 28.18
CA GLU J 81 -24.94 92.35 27.41
C GLU J 81 -25.96 91.64 26.50
N ASP J 82 -27.24 92.02 26.58
CA ASP J 82 -28.34 91.44 25.81
C ASP J 82 -28.55 92.18 24.48
N PHE J 83 -27.96 93.37 24.28
CA PHE J 83 -28.01 94.08 23.00
C PHE J 83 -27.28 93.28 21.91
N ALA J 84 -28.06 92.64 21.04
CA ALA J 84 -27.62 91.64 20.07
C ALA J 84 -28.68 91.42 18.98
N ALA J 85 -28.32 90.66 17.95
CA ALA J 85 -29.29 90.08 17.03
C ALA J 85 -29.76 88.72 17.56
N TYR J 86 -31.05 88.44 17.44
CA TYR J 86 -31.67 87.19 17.87
C TYR J 86 -32.29 86.46 16.69
N TYR J 87 -32.03 85.16 16.57
CA TYR J 87 -32.52 84.34 15.46
C TYR J 87 -33.29 83.13 15.99
N CYS J 88 -34.47 82.86 15.44
CA CYS J 88 -35.11 81.56 15.61
C CYS J 88 -34.66 80.63 14.48
N GLN J 89 -34.58 79.32 14.77
CA GLN J 89 -34.30 78.26 13.83
C GLN J 89 -35.35 77.17 14.00
N GLN J 90 -35.87 76.62 12.91
CA GLN J 90 -36.62 75.37 12.97
C GLN J 90 -35.70 74.18 12.67
N SER J 91 -35.96 73.06 13.34
CA SER J 91 -35.26 71.79 13.11
C SER J 91 -36.20 70.60 12.96
N TYR J 92 -37.43 70.85 12.53
CA TYR J 92 -38.45 69.83 12.32
C TYR J 92 -38.18 69.05 11.03
N GLU J 93 -37.85 69.76 9.96
CA GLU J 93 -37.65 69.19 8.63
C GLU J 93 -36.48 69.87 7.91
N ASN J 94 -35.81 69.12 7.03
CA ASN J 94 -34.81 69.67 6.14
C ASN J 94 -35.47 70.36 4.93
N PRO J 95 -34.90 71.47 4.42
CA PRO J 95 -33.72 72.16 4.93
C PRO J 95 -34.01 72.88 6.26
N LEU J 96 -33.00 72.93 7.14
CA LEU J 96 -33.08 73.77 8.34
C LEU J 96 -33.16 75.23 7.91
N THR J 97 -34.00 76.02 8.59
CA THR J 97 -34.22 77.42 8.23
C THR J 97 -34.19 78.32 9.45
N PHE J 98 -33.69 79.53 9.23
CA PHE J 98 -33.64 80.59 10.23
C PHE J 98 -34.69 81.67 9.91
N GLY J 99 -35.18 82.33 10.96
CA GLY J 99 -35.88 83.60 10.80
C GLY J 99 -34.93 84.70 10.33
N GLY J 100 -35.51 85.82 9.88
CA GLY J 100 -34.74 86.98 9.37
C GLY J 100 -33.87 87.67 10.42
N GLY J 101 -34.00 87.31 11.70
CA GLY J 101 -33.33 87.97 12.80
C GLY J 101 -34.11 89.18 13.33
N THR J 102 -33.91 89.46 14.62
CA THR J 102 -34.41 90.66 15.29
C THR J 102 -33.24 91.34 15.99
N LYS J 103 -32.92 92.57 15.58
CA LYS J 103 -31.87 93.37 16.22
C LYS J 103 -32.44 94.13 17.41
N VAL J 104 -31.85 93.91 18.59
CA VAL J 104 -32.28 94.61 19.83
C VAL J 104 -31.29 95.75 20.11
N ASP J 105 -31.73 96.99 19.95
CA ASP J 105 -30.85 98.13 20.19
C ASP J 105 -31.44 99.06 21.23
N ARG J 108 -31.26 104.24 25.58
CA ARG J 108 -30.70 104.80 26.85
C ARG J 108 -30.76 106.34 26.95
N THR J 109 -29.83 106.92 27.73
CA THR J 109 -29.76 108.40 27.94
C THR J 109 -28.80 109.00 26.92
N VAL J 110 -29.10 110.23 26.50
CA VAL J 110 -28.26 110.93 25.54
C VAL J 110 -26.84 111.04 26.10
N ALA J 111 -25.86 110.82 25.21
CA ALA J 111 -24.45 111.00 25.54
C ALA J 111 -23.77 111.69 24.35
N ALA J 112 -23.15 112.84 24.61
CA ALA J 112 -22.45 113.56 23.55
C ALA J 112 -21.13 112.85 23.19
N PRO J 113 -20.72 112.93 21.93
CA PRO J 113 -19.45 112.33 21.52
C PRO J 113 -18.26 113.12 22.03
N SER J 114 -17.20 112.38 22.35
CA SER J 114 -15.86 112.96 22.39
C SER J 114 -15.30 112.94 20.96
N VAL J 115 -14.65 114.03 20.58
CA VAL J 115 -14.21 114.23 19.20
C VAL J 115 -12.70 114.27 19.16
N PHE J 116 -12.13 113.47 18.26
CA PHE J 116 -10.69 113.41 18.04
C PHE J 116 -10.38 113.53 16.56
N ILE J 117 -9.24 114.11 16.22
CA ILE J 117 -8.86 114.24 14.82
C ILE J 117 -7.42 113.77 14.63
N PHE J 118 -7.20 113.09 13.50
CA PHE J 118 -5.92 112.52 13.15
C PHE J 118 -5.44 113.06 11.81
N PRO J 119 -4.32 113.76 11.76
CA PRO J 119 -3.75 114.14 10.46
C PRO J 119 -3.24 112.92 9.74
N PRO J 120 -2.96 113.02 8.44
CA PRO J 120 -2.28 111.91 7.74
C PRO J 120 -0.92 111.63 8.38
N SER J 121 -0.58 110.36 8.46
CA SER J 121 0.75 109.97 8.90
C SER J 121 1.81 110.37 7.88
N ASP J 122 3.04 110.54 8.37
CA ASP J 122 4.14 110.82 7.46
C ASP J 122 4.36 109.63 6.53
N GLU J 123 4.14 108.42 7.02
CA GLU J 123 4.30 107.23 6.19
C GLU J 123 3.34 107.25 5.01
N GLN J 124 2.09 107.63 5.24
CA GLN J 124 1.12 107.68 4.15
C GLN J 124 1.45 108.80 3.19
N LEU J 125 1.83 109.96 3.73
CA LEU J 125 2.24 111.07 2.87
C LEU J 125 3.40 110.68 1.97
N LYS J 126 4.38 109.94 2.51
CA LYS J 126 5.50 109.49 1.69
C LYS J 126 5.02 108.70 0.49
N SER J 127 3.87 108.03 0.61
CA SER J 127 3.37 107.19 -0.47
C SER J 127 2.49 107.93 -1.46
N GLY J 128 2.15 109.19 -1.19
CA GLY J 128 1.46 110.02 -2.16
C GLY J 128 0.03 110.41 -1.86
N THR J 129 -0.54 109.96 -0.74
CA THR J 129 -1.93 110.27 -0.41
C THR J 129 -2.04 110.76 1.03
N ALA J 130 -3.15 111.42 1.33
CA ALA J 130 -3.42 111.93 2.66
C ALA J 130 -4.83 111.54 3.10
N SER J 131 -4.94 110.76 4.17
CA SER J 131 -6.23 110.46 4.78
C SER J 131 -6.31 111.19 6.11
N VAL J 132 -7.35 112.00 6.28
CA VAL J 132 -7.61 112.71 7.55
C VAL J 132 -8.78 112.01 8.23
N VAL J 133 -8.62 111.67 9.51
CA VAL J 133 -9.65 110.88 10.19
C VAL J 133 -10.24 111.64 11.37
N CYS J 134 -11.57 111.68 11.45
CA CYS J 134 -12.29 112.25 12.57
C CYS J 134 -12.99 111.13 13.33
N LEU J 135 -12.77 111.07 14.64
CA LEU J 135 -13.38 110.05 15.49
C LEU J 135 -14.38 110.68 16.45
N LEU J 136 -15.59 110.12 16.50
CA LEU J 136 -16.61 110.45 17.50
C LEU J 136 -16.73 109.24 18.40
N ASN J 137 -16.46 109.41 19.69
CA ASN J 137 -16.40 108.27 20.60
C ASN J 137 -17.54 108.31 21.60
N ASN J 138 -18.21 107.16 21.76
CA ASN J 138 -19.06 106.85 22.90
C ASN J 138 -20.25 107.81 23.03
N PHE J 139 -21.10 107.83 22.01
CA PHE J 139 -22.25 108.73 21.96
C PHE J 139 -23.54 107.95 21.76
N TYR J 140 -24.66 108.61 22.08
CA TYR J 140 -25.99 108.04 21.90
C TYR J 140 -26.93 109.23 21.81
N PRO J 141 -27.90 109.26 20.88
CA PRO J 141 -28.25 108.20 19.93
C PRO J 141 -27.29 108.16 18.75
N ARG J 142 -27.56 107.22 17.84
CA ARG J 142 -26.63 106.96 16.74
C ARG J 142 -26.55 108.11 15.75
N GLU J 143 -27.64 108.89 15.59
CA GLU J 143 -27.68 109.95 14.60
C GLU J 143 -26.65 111.03 14.92
N ALA J 144 -25.85 111.38 13.92
CA ALA J 144 -24.84 112.40 14.09
C ALA J 144 -24.54 112.98 12.72
N LYS J 145 -24.19 114.25 12.68
CA LYS J 145 -23.75 114.87 11.44
C LYS J 145 -22.29 115.27 11.59
N VAL J 146 -21.47 114.82 10.65
CA VAL J 146 -20.05 115.11 10.69
C VAL J 146 -19.69 115.75 9.36
N GLN J 147 -19.18 116.99 9.41
CA GLN J 147 -18.81 117.69 8.20
C GLN J 147 -17.35 118.07 8.27
N TRP J 148 -16.73 118.07 7.11
CA TRP J 148 -15.33 118.44 6.97
C TRP J 148 -15.23 119.84 6.43
N LYS J 149 -14.33 120.63 7.00
CA LYS J 149 -14.00 121.93 6.45
C LYS J 149 -12.50 122.02 6.24
N VAL J 150 -12.10 122.49 5.05
CA VAL J 150 -10.69 122.61 4.68
C VAL J 150 -10.45 124.07 4.33
N ASP J 151 -9.68 124.78 5.16
CA ASP J 151 -9.57 126.22 5.05
C ASP J 151 -10.96 126.86 4.88
N ASN J 152 -11.90 126.36 5.70
CA ASN J 152 -13.27 126.83 5.84
C ASN J 152 -14.17 126.51 4.66
N ALA J 153 -13.71 125.72 3.70
CA ALA J 153 -14.56 125.27 2.62
C ALA J 153 -15.25 123.99 3.07
N LEU J 154 -16.57 123.97 3.04
CA LEU J 154 -17.32 122.76 3.36
C LEU J 154 -17.08 121.71 2.28
N GLN J 155 -16.64 120.52 2.68
CA GLN J 155 -16.48 119.39 1.77
C GLN J 155 -17.82 118.67 1.60
N SER J 156 -18.14 118.31 0.37
CA SER J 156 -19.38 117.58 0.12
C SER J 156 -19.06 116.45 -0.86
N GLY J 157 -19.24 115.21 -0.41
CA GLY J 157 -18.98 114.07 -1.27
C GLY J 157 -17.56 113.56 -1.26
N ASN J 158 -16.71 114.07 -0.35
CA ASN J 158 -15.28 113.80 -0.32
C ASN J 158 -14.87 112.88 0.83
N SER J 159 -15.83 112.42 1.62
CA SER J 159 -15.51 111.70 2.83
C SER J 159 -16.45 110.51 2.96
N GLN J 160 -16.02 109.52 3.71
CA GLN J 160 -16.84 108.34 3.99
C GLN J 160 -16.79 108.08 5.48
N GLU J 161 -17.89 107.57 6.02
CA GLU J 161 -17.94 107.30 7.44
C GLU J 161 -18.51 105.91 7.69
N SER J 162 -18.24 105.39 8.89
CA SER J 162 -18.87 104.16 9.32
C SER J 162 -18.95 104.17 10.84
N VAL J 163 -19.77 103.28 11.35
CA VAL J 163 -20.22 103.32 12.74
C VAL J 163 -20.10 101.93 13.34
N THR J 164 -19.63 101.85 14.59
CA THR J 164 -19.58 100.56 15.27
C THR J 164 -20.97 100.05 15.65
N GLU J 165 -21.03 98.79 16.03
CA GLU J 165 -22.22 98.27 16.68
C GLU J 165 -22.24 98.73 18.14
N GLN J 166 -23.45 98.86 18.68
CA GLN J 166 -23.63 99.35 20.04
C GLN J 166 -22.70 98.62 21.02
N ASP J 167 -22.17 99.35 21.97
CA ASP J 167 -21.30 98.77 22.98
C ASP J 167 -22.10 97.93 23.98
N SER J 168 -21.58 96.75 24.34
CA SER J 168 -22.38 95.86 25.16
C SER J 168 -22.40 96.26 26.62
N LYS J 169 -21.53 97.17 27.04
CA LYS J 169 -21.49 97.65 28.41
C LYS J 169 -22.26 98.97 28.57
N ASP J 170 -21.92 100.00 27.77
CA ASP J 170 -22.53 101.30 27.98
C ASP J 170 -23.52 101.69 26.89
N SER J 171 -23.78 100.81 25.93
CA SER J 171 -24.82 101.04 24.90
C SER J 171 -24.58 102.28 24.04
N THR J 172 -23.32 102.71 23.89
CA THR J 172 -23.02 103.84 23.02
C THR J 172 -22.51 103.39 21.66
N TYR J 173 -22.36 104.36 20.77
CA TYR J 173 -21.80 104.15 19.45
C TYR J 173 -20.51 104.93 19.33
N SER J 174 -19.67 104.52 18.38
CA SER J 174 -18.58 105.36 17.91
C SER J 174 -18.63 105.41 16.38
N LEU J 175 -18.07 106.49 15.85
CA LEU J 175 -18.13 106.75 14.41
C LEU J 175 -16.78 107.29 13.95
N SER J 176 -16.33 106.86 12.79
CA SER J 176 -15.18 107.50 12.17
C SER J 176 -15.53 108.02 10.79
N SER J 177 -15.00 109.18 10.46
CA SER J 177 -15.14 109.77 9.14
C SER J 177 -13.75 110.04 8.57
N THR J 178 -13.57 109.72 7.30
CA THR J 178 -12.29 109.82 6.63
C THR J 178 -12.42 110.69 5.40
N LEU J 179 -11.59 111.72 5.35
CA LEU J 179 -11.45 112.60 4.20
C LEU J 179 -10.15 112.24 3.49
N THR J 180 -10.23 111.87 2.22
CA THR J 180 -9.00 111.50 1.52
C THR J 180 -8.68 112.49 0.39
N LEU J 181 -7.43 112.93 0.34
CA LEU J 181 -6.94 113.89 -0.66
C LEU J 181 -5.65 113.37 -1.25
N SER J 182 -5.30 113.85 -2.45
CA SER J 182 -3.95 113.64 -2.90
C SER J 182 -2.99 114.44 -2.03
N LYS J 183 -1.73 114.00 -1.97
CA LYS J 183 -0.72 114.74 -1.24
C LYS J 183 -0.62 116.18 -1.76
N ALA J 184 -0.66 116.36 -3.08
CA ALA J 184 -0.57 117.71 -3.62
C ALA J 184 -1.71 118.59 -3.13
N ASP J 185 -2.93 118.05 -3.08
CA ASP J 185 -4.06 118.84 -2.60
C ASP J 185 -3.96 119.07 -1.08
N TYR J 186 -3.53 118.06 -0.33
CA TYR J 186 -3.31 118.23 1.10
C TYR J 186 -2.35 119.38 1.37
N GLU J 187 -1.26 119.45 0.60
CA GLU J 187 -0.27 120.50 0.82
C GLU J 187 -0.72 121.87 0.36
N LYS J 188 -1.88 122.01 -0.29
CA LYS J 188 -2.35 123.33 -0.68
C LYS J 188 -3.13 124.04 0.41
N HIS J 189 -3.47 123.35 1.50
CA HIS J 189 -4.35 123.92 2.51
C HIS J 189 -3.73 123.81 3.88
N LYS J 190 -4.23 124.64 4.80
CA LYS J 190 -3.69 124.74 6.15
C LYS J 190 -4.61 124.12 7.19
N VAL J 191 -5.87 124.55 7.29
CA VAL J 191 -6.71 124.22 8.43
C VAL J 191 -7.65 123.09 8.05
N TYR J 192 -7.51 121.96 8.73
CA TYR J 192 -8.37 120.78 8.54
C TYR J 192 -9.23 120.61 9.76
N ALA J 193 -10.56 120.66 9.58
CA ALA J 193 -11.48 120.69 10.70
C ALA J 193 -12.61 119.69 10.49
N CYS J 194 -13.02 118.96 11.51
CA CYS J 194 -14.29 118.25 11.39
C CYS J 194 -15.27 118.87 12.37
N GLU J 195 -16.51 119.03 11.92
CA GLU J 195 -17.54 119.78 12.62
C GLU J 195 -18.69 118.82 12.89
N VAL J 196 -19.05 118.69 14.17
CA VAL J 196 -19.91 117.61 14.67
C VAL J 196 -21.19 118.23 15.20
N THR J 197 -22.33 117.71 14.76
CA THR J 197 -23.65 118.05 15.30
C THR J 197 -24.25 116.79 15.91
N HIS J 198 -24.72 116.91 17.16
CA HIS J 198 -25.30 115.76 17.87
C HIS J 198 -26.26 116.26 18.94
N GLN J 199 -27.31 115.49 19.19
CA GLN J 199 -28.31 115.84 20.20
C GLN J 199 -27.69 116.13 21.57
N GLY J 200 -26.58 115.47 21.90
CA GLY J 200 -25.95 115.63 23.22
C GLY J 200 -25.16 116.90 23.37
N LEU J 201 -24.96 117.63 22.27
CA LEU J 201 -24.19 118.86 22.25
C LEU J 201 -25.12 120.05 22.20
N SER J 202 -24.81 121.09 22.99
CA SER J 202 -25.62 122.31 22.97
C SER J 202 -25.66 122.92 21.58
N SER J 203 -24.54 122.90 20.88
CA SER J 203 -24.39 123.52 19.56
C SER J 203 -23.36 122.70 18.81
N PRO J 204 -23.30 122.82 17.48
CA PRO J 204 -22.24 122.12 16.74
C PRO J 204 -20.87 122.51 17.28
N VAL J 205 -19.95 121.55 17.26
CA VAL J 205 -18.59 121.74 17.75
C VAL J 205 -17.61 121.46 16.62
N THR J 206 -16.39 121.99 16.75
CA THR J 206 -15.38 121.79 15.73
C THR J 206 -14.03 121.47 16.39
N LYS J 207 -13.34 120.50 15.80
CA LYS J 207 -11.97 120.18 16.19
C LYS J 207 -11.12 120.27 14.94
N SER J 208 -9.98 120.95 15.03
CA SER J 208 -9.13 121.11 13.85
C SER J 208 -7.66 120.94 14.19
N PHE J 209 -6.87 120.83 13.12
CA PHE J 209 -5.43 120.99 13.19
C PHE J 209 -4.97 121.82 12.00
N ASN J 210 -3.75 122.37 12.12
CA ASN J 210 -3.05 123.02 11.03
C ASN J 210 -1.98 122.10 10.47
N ARG J 211 -2.01 121.88 9.16
CA ARG J 211 -0.99 121.06 8.51
C ARG J 211 0.41 121.57 8.86
N GLY J 212 1.27 120.65 9.26
CA GLY J 212 2.60 121.03 9.69
C GLY J 212 2.71 121.42 11.15
N GLU J 213 1.67 121.15 11.96
CA GLU J 213 1.67 121.38 13.42
C GLU J 213 1.86 122.85 13.78
N GLN K 1 29.48 -37.92 -2.57
CA GLN K 1 28.21 -38.63 -2.45
C GLN K 1 27.17 -38.12 -3.44
N VAL K 2 27.05 -38.83 -4.56
CA VAL K 2 26.08 -38.51 -5.59
C VAL K 2 24.95 -39.53 -5.49
N GLN K 3 23.78 -39.09 -5.03
CA GLN K 3 22.68 -40.01 -4.81
C GLN K 3 21.36 -39.26 -4.84
N LEU K 4 20.29 -40.02 -5.06
CA LEU K 4 18.92 -39.53 -4.97
C LEU K 4 18.17 -40.40 -3.97
N VAL K 5 17.50 -39.76 -3.01
CA VAL K 5 16.83 -40.45 -1.92
C VAL K 5 15.35 -40.11 -1.98
N GLU K 6 14.53 -41.11 -2.30
CA GLU K 6 13.08 -40.93 -2.36
C GLU K 6 12.45 -41.17 -1.01
N SER K 7 11.31 -40.52 -0.78
CA SER K 7 10.49 -40.74 0.40
C SER K 7 9.08 -40.26 0.08
N GLY K 8 8.16 -40.53 1.01
CA GLY K 8 6.79 -40.08 0.89
C GLY K 8 5.80 -41.13 0.41
N GLY K 9 6.28 -42.27 -0.10
CA GLY K 9 5.39 -43.31 -0.55
C GLY K 9 4.65 -43.98 0.60
N GLY K 10 3.71 -44.83 0.23
CA GLY K 10 2.94 -45.55 1.24
C GLY K 10 1.61 -46.02 0.66
N LEU K 11 0.72 -46.40 1.58
CA LEU K 11 -0.60 -46.89 1.22
C LEU K 11 -1.61 -45.74 1.26
N ILE K 12 -2.51 -45.72 0.28
CA ILE K 12 -3.50 -44.66 0.18
C ILE K 12 -4.69 -45.19 -0.62
N GLN K 13 -5.87 -44.70 -0.31
CA GLN K 13 -7.10 -45.12 -0.98
C GLN K 13 -7.24 -44.40 -2.32
N PRO K 14 -7.99 -45.00 -3.26
CA PRO K 14 -8.20 -44.34 -4.56
C PRO K 14 -8.92 -43.01 -4.40
N GLY K 15 -8.49 -42.03 -5.19
CA GLY K 15 -8.98 -40.67 -5.07
C GLY K 15 -8.16 -39.78 -4.18
N GLY K 16 -7.33 -40.35 -3.31
CA GLY K 16 -6.56 -39.58 -2.36
C GLY K 16 -5.37 -38.90 -2.99
N SER K 17 -4.58 -38.26 -2.12
CA SER K 17 -3.42 -37.48 -2.55
C SER K 17 -2.17 -37.96 -1.83
N LEU K 18 -1.03 -37.77 -2.48
CA LEU K 18 0.24 -38.21 -1.93
C LEU K 18 1.36 -37.38 -2.55
N ARG K 19 2.35 -37.03 -1.74
CA ARG K 19 3.46 -36.19 -2.18
C ARG K 19 4.76 -36.95 -1.98
N LEU K 20 5.50 -37.14 -3.06
CA LEU K 20 6.79 -37.82 -3.01
C LEU K 20 7.93 -36.79 -3.00
N SER K 21 8.99 -37.12 -2.29
CA SER K 21 10.17 -36.27 -2.17
C SER K 21 11.39 -36.99 -2.72
N CYS K 22 12.35 -36.21 -3.21
CA CYS K 22 13.56 -36.75 -3.82
C CYS K 22 14.74 -35.86 -3.39
N ALA K 23 15.39 -36.26 -2.30
CA ALA K 23 16.51 -35.49 -1.76
C ALA K 23 17.78 -35.83 -2.54
N ALA K 24 18.39 -34.81 -3.13
CA ALA K 24 19.58 -34.98 -3.95
C ALA K 24 20.81 -34.43 -3.24
N SER K 25 21.94 -35.09 -3.47
CA SER K 25 23.25 -34.61 -3.03
C SER K 25 24.25 -34.92 -4.13
N GLY K 26 25.03 -33.92 -4.53
CA GLY K 26 25.94 -34.07 -5.65
C GLY K 26 25.35 -33.50 -6.92
N VAL K 27 24.12 -33.89 -7.24
CA VAL K 27 23.41 -33.36 -8.39
C VAL K 27 22.51 -32.22 -7.91
N THR K 28 22.59 -31.08 -8.59
CA THR K 28 21.75 -29.93 -8.28
C THR K 28 20.45 -30.04 -9.08
N VAL K 29 19.32 -30.13 -8.37
CA VAL K 29 18.05 -30.43 -9.01
C VAL K 29 17.63 -29.30 -9.96
N SER K 30 17.82 -28.04 -9.54
CA SER K 30 17.41 -26.93 -10.37
C SER K 30 18.30 -26.71 -11.59
N SER K 31 19.35 -27.52 -11.76
CA SER K 31 20.26 -27.35 -12.88
C SER K 31 20.20 -28.49 -13.88
N ASN K 32 19.34 -29.49 -13.67
CA ASN K 32 19.31 -30.67 -14.50
C ASN K 32 17.90 -30.93 -15.01
N TYR K 33 17.80 -31.88 -15.93
CA TYR K 33 16.53 -32.49 -16.30
C TYR K 33 16.21 -33.55 -15.26
N MET K 34 15.17 -33.32 -14.47
CA MET K 34 14.78 -34.23 -13.40
C MET K 34 13.47 -34.90 -13.77
N SER K 35 13.46 -36.24 -13.72
CA SER K 35 12.32 -37.03 -14.16
C SER K 35 11.86 -37.98 -13.06
N TRP K 36 10.58 -38.31 -13.10
CA TRP K 36 9.99 -39.36 -12.29
C TRP K 36 9.67 -40.55 -13.17
N VAL K 37 10.14 -41.73 -12.79
CA VAL K 37 9.84 -42.97 -13.50
C VAL K 37 9.25 -43.96 -12.51
N ARG K 38 8.18 -44.64 -12.91
CA ARG K 38 7.52 -45.62 -12.07
C ARG K 38 7.51 -46.98 -12.75
N GLN K 39 7.34 -48.03 -11.94
CA GLN K 39 7.39 -49.40 -12.43
C GLN K 39 6.38 -50.22 -11.63
N ALA K 40 5.24 -50.53 -12.26
CA ALA K 40 4.24 -51.36 -11.62
C ALA K 40 4.79 -52.78 -11.39
N PRO K 41 4.19 -53.52 -10.46
CA PRO K 41 4.69 -54.88 -10.17
C PRO K 41 4.69 -55.76 -11.41
N GLY K 42 5.87 -56.25 -11.78
CA GLY K 42 6.02 -57.15 -12.90
C GLY K 42 6.02 -56.50 -14.27
N LYS K 43 5.84 -55.20 -14.35
CA LYS K 43 5.79 -54.48 -15.62
C LYS K 43 7.08 -53.70 -15.83
N GLY K 44 7.15 -53.02 -16.96
CA GLY K 44 8.33 -52.25 -17.32
C GLY K 44 8.34 -50.88 -16.69
N LEU K 45 9.34 -50.09 -17.06
CA LEU K 45 9.47 -48.73 -16.58
C LEU K 45 8.56 -47.80 -17.36
N GLU K 46 7.88 -46.90 -16.65
CA GLU K 46 6.97 -45.94 -17.25
C GLU K 46 7.39 -44.54 -16.84
N TRP K 47 7.71 -43.70 -17.83
CA TRP K 47 8.04 -42.32 -17.54
C TRP K 47 6.79 -41.56 -17.10
N VAL K 48 6.96 -40.70 -16.10
CA VAL K 48 5.82 -39.98 -15.53
C VAL K 48 5.90 -38.49 -15.89
N SER K 49 6.89 -37.79 -15.34
CA SER K 49 7.00 -36.35 -15.52
C SER K 49 8.47 -35.95 -15.61
N ILE K 50 8.69 -34.74 -16.13
CA ILE K 50 10.02 -34.15 -16.20
C ILE K 50 9.90 -32.65 -15.94
N ILE K 51 10.95 -32.07 -15.37
CA ILE K 51 11.05 -30.63 -15.18
C ILE K 51 12.40 -30.17 -15.70
N TYR K 52 12.38 -29.26 -16.67
CA TYR K 52 13.62 -28.72 -17.20
C TYR K 52 14.28 -27.80 -16.17
N SER K 53 15.58 -27.57 -16.35
CA SER K 53 16.28 -26.63 -15.48
C SER K 53 15.74 -25.22 -15.62
N GLY K 54 15.12 -24.89 -16.75
CA GLY K 54 14.51 -23.60 -16.97
C GLY K 54 13.08 -23.47 -16.51
N GLY K 55 12.47 -24.53 -15.99
CA GLY K 55 11.13 -24.48 -15.47
C GLY K 55 10.09 -25.20 -16.29
N THR K 56 10.42 -25.59 -17.53
CA THR K 56 9.46 -26.28 -18.38
C THR K 56 9.16 -27.67 -17.83
N THR K 57 7.88 -28.00 -17.71
CA THR K 57 7.44 -29.28 -17.21
C THR K 57 6.66 -30.04 -18.28
N TYR K 58 6.67 -31.36 -18.17
CA TYR K 58 5.98 -32.23 -19.10
C TYR K 58 5.43 -33.43 -18.33
N TYR K 59 4.29 -33.95 -18.78
CA TYR K 59 3.60 -35.03 -18.09
C TYR K 59 3.13 -36.07 -19.09
N ALA K 60 3.09 -37.32 -18.64
CA ALA K 60 2.48 -38.38 -19.43
C ALA K 60 0.97 -38.21 -19.46
N ASP K 61 0.35 -38.74 -20.52
CA ASP K 61 -1.09 -38.58 -20.70
C ASP K 61 -1.87 -39.19 -19.53
N SER K 62 -1.39 -40.32 -19.01
CA SER K 62 -2.10 -41.01 -17.94
C SER K 62 -2.09 -40.22 -16.63
N VAL K 63 -1.21 -39.22 -16.50
CA VAL K 63 -1.06 -38.48 -15.25
C VAL K 63 -1.31 -36.99 -15.42
N LYS K 64 -1.70 -36.54 -16.61
CA LYS K 64 -1.99 -35.12 -16.81
C LYS K 64 -3.19 -34.70 -16.00
N GLY K 65 -3.13 -33.48 -15.45
CA GLY K 65 -4.18 -32.97 -14.60
C GLY K 65 -4.24 -33.57 -13.21
N ARG K 66 -3.49 -34.65 -12.96
CA ARG K 66 -3.46 -35.29 -11.65
C ARG K 66 -2.12 -35.19 -10.96
N PHE K 67 -1.02 -35.30 -11.69
CA PHE K 67 0.31 -35.18 -11.12
C PHE K 67 0.90 -33.83 -11.48
N THR K 68 1.66 -33.25 -10.55
CA THR K 68 2.33 -31.97 -10.76
C THR K 68 3.73 -32.06 -10.17
N ILE K 69 4.73 -31.88 -11.02
CA ILE K 69 6.13 -31.96 -10.61
C ILE K 69 6.59 -30.58 -10.18
N SER K 70 7.46 -30.55 -9.18
CA SER K 70 7.94 -29.29 -8.61
C SER K 70 9.31 -29.53 -7.98
N ARG K 71 9.90 -28.45 -7.48
CA ARG K 71 11.20 -28.54 -6.84
C ARG K 71 11.36 -27.36 -5.89
N ASP K 72 12.24 -27.54 -4.91
CA ASP K 72 12.61 -26.49 -3.97
C ASP K 72 14.13 -26.37 -4.04
N SER K 73 14.62 -25.29 -4.66
CA SER K 73 16.05 -25.14 -4.88
C SER K 73 16.81 -25.06 -3.56
N SER K 74 16.23 -24.39 -2.56
CA SER K 74 16.90 -24.25 -1.27
C SER K 74 17.07 -25.59 -0.58
N MET K 75 16.16 -26.54 -0.81
CA MET K 75 16.26 -27.87 -0.25
C MET K 75 17.02 -28.84 -1.13
N ASN K 76 17.25 -28.49 -2.39
CA ASN K 76 17.80 -29.40 -3.40
C ASN K 76 16.99 -30.70 -3.42
N THR K 77 15.68 -30.54 -3.64
CA THR K 77 14.74 -31.64 -3.54
C THR K 77 13.76 -31.58 -4.70
N LEU K 78 13.45 -32.74 -5.27
CA LEU K 78 12.43 -32.87 -6.29
C LEU K 78 11.16 -33.43 -5.66
N TYR K 79 10.01 -32.95 -6.14
CA TYR K 79 8.72 -33.37 -5.60
C TYR K 79 7.83 -33.87 -6.73
N LEU K 80 6.87 -34.72 -6.35
CA LEU K 80 5.82 -35.18 -7.27
C LEU K 80 4.51 -35.22 -6.49
N GLN K 81 3.65 -34.23 -6.73
CA GLN K 81 2.34 -34.17 -6.09
C GLN K 81 1.36 -35.03 -6.88
N MET K 82 0.85 -36.09 -6.26
CA MET K 82 -0.05 -37.04 -6.91
C MET K 82 -1.44 -36.85 -6.32
N ASN K 83 -2.36 -36.35 -7.14
CA ASN K 83 -3.75 -36.16 -6.76
C ASN K 83 -4.66 -37.08 -7.57
N SER K 84 -5.83 -37.37 -7.00
CA SER K 84 -6.81 -38.26 -7.62
C SER K 84 -6.18 -39.59 -8.02
N LEU K 85 -5.42 -40.16 -7.08
CA LEU K 85 -4.71 -41.40 -7.34
C LEU K 85 -5.68 -42.53 -7.68
N ARG K 86 -5.23 -43.43 -8.55
CA ARG K 86 -6.01 -44.58 -8.99
C ARG K 86 -5.24 -45.86 -8.69
N ALA K 87 -5.93 -46.99 -8.84
CA ALA K 87 -5.31 -48.28 -8.55
C ALA K 87 -4.12 -48.54 -9.46
N GLU K 88 -4.22 -48.17 -10.73
CA GLU K 88 -3.14 -48.41 -11.68
C GLU K 88 -1.90 -47.56 -11.38
N ASP K 89 -2.01 -46.57 -10.49
CA ASP K 89 -0.84 -45.80 -10.07
C ASP K 89 0.02 -46.54 -9.07
N THR K 90 -0.37 -47.74 -8.65
CA THR K 90 0.43 -48.53 -7.74
C THR K 90 1.73 -48.94 -8.42
N ALA K 91 2.85 -48.43 -7.91
CA ALA K 91 4.15 -48.70 -8.51
C ALA K 91 5.24 -48.21 -7.58
N VAL K 92 6.45 -48.69 -7.83
CA VAL K 92 7.65 -48.10 -7.25
C VAL K 92 8.02 -46.88 -8.08
N TYR K 93 8.21 -45.74 -7.41
CA TYR K 93 8.46 -44.48 -8.08
C TYR K 93 9.93 -44.10 -7.91
N TYR K 94 10.61 -43.89 -9.03
CA TYR K 94 12.00 -43.46 -9.05
C TYR K 94 12.08 -42.00 -9.50
N CYS K 95 12.92 -41.23 -8.81
CA CYS K 95 13.35 -39.93 -9.32
C CYS K 95 14.76 -40.09 -9.90
N ALA K 96 15.02 -39.38 -10.98
CA ALA K 96 16.26 -39.62 -11.71
C ALA K 96 16.71 -38.33 -12.38
N ARG K 97 18.01 -38.29 -12.69
CA ARG K 97 18.63 -37.16 -13.37
C ARG K 97 18.78 -37.51 -14.84
N ASP K 98 18.08 -36.78 -15.70
CA ASP K 98 18.09 -37.04 -17.13
C ASP K 98 19.14 -36.19 -17.82
N LEU K 99 19.97 -36.82 -18.65
CA LEU K 99 20.96 -36.12 -19.45
C LEU K 99 20.59 -36.12 -20.93
N MET K 100 19.29 -36.24 -21.23
CA MET K 100 18.77 -36.21 -22.59
C MET K 100 19.44 -37.24 -23.49
N VAL K 101 20.43 -36.79 -24.27
CA VAL K 101 21.10 -37.69 -25.20
C VAL K 101 22.13 -38.57 -24.50
N TYR K 102 22.60 -38.19 -23.31
CA TYR K 102 23.57 -38.97 -22.56
C TYR K 102 22.92 -39.99 -21.64
N GLY K 103 21.60 -40.12 -21.69
CA GLY K 103 20.91 -41.12 -20.90
C GLY K 103 20.44 -40.60 -19.56
N ILE K 104 20.00 -41.55 -18.74
CA ILE K 104 19.60 -41.31 -17.36
C ILE K 104 20.61 -42.04 -16.50
N ASP K 105 21.55 -41.29 -15.91
CA ASP K 105 22.68 -41.90 -15.21
C ASP K 105 22.45 -42.10 -13.72
N VAL K 106 21.72 -41.19 -13.08
CA VAL K 106 21.54 -41.20 -11.63
C VAL K 106 20.10 -41.59 -11.31
N TRP K 107 19.92 -42.69 -10.61
CA TRP K 107 18.61 -43.15 -10.17
C TRP K 107 18.56 -43.22 -8.65
N GLY K 108 17.37 -43.00 -8.10
CA GLY K 108 17.16 -43.20 -6.68
C GLY K 108 16.79 -44.64 -6.36
N GLN K 109 16.72 -44.95 -5.06
CA GLN K 109 16.39 -46.30 -4.66
C GLN K 109 14.92 -46.64 -4.82
N GLY K 110 14.06 -45.63 -4.96
CA GLY K 110 12.65 -45.87 -5.18
C GLY K 110 11.82 -45.91 -3.91
N THR K 111 10.62 -45.33 -3.97
CA THR K 111 9.66 -45.38 -2.87
C THR K 111 8.36 -45.99 -3.39
N THR K 112 7.76 -46.87 -2.59
CA THR K 112 6.63 -47.67 -3.04
C THR K 112 5.32 -46.95 -2.73
N VAL K 113 4.43 -46.91 -3.73
CA VAL K 113 3.10 -46.35 -3.58
C VAL K 113 2.09 -47.45 -3.90
N THR K 114 1.14 -47.65 -3.00
CA THR K 114 0.10 -48.65 -3.17
C THR K 114 -1.26 -47.98 -3.03
N VAL K 115 -2.07 -48.05 -4.09
CA VAL K 115 -3.38 -47.42 -4.12
C VAL K 115 -4.42 -48.53 -4.18
N SER K 116 -5.20 -48.69 -3.12
CA SER K 116 -6.20 -49.74 -3.04
C SER K 116 -7.30 -49.31 -2.08
N SER K 117 -8.49 -49.85 -2.30
CA SER K 117 -9.65 -49.56 -1.46
C SER K 117 -9.87 -50.63 -0.38
N SER K 119 -9.61 -52.34 3.55
CA SER K 119 -9.39 -52.16 4.98
C SER K 119 -8.36 -53.17 5.48
N THR K 120 -7.60 -52.76 6.49
CA THR K 120 -6.55 -53.62 7.03
C THR K 120 -7.16 -54.90 7.60
N LYS K 121 -6.59 -56.04 7.22
CA LYS K 121 -7.12 -57.32 7.64
C LYS K 121 -5.99 -58.33 7.81
N GLY K 122 -6.04 -59.08 8.90
CA GLY K 122 -5.15 -60.19 9.10
C GLY K 122 -5.52 -61.35 8.21
N PRO K 123 -4.57 -62.24 7.94
CA PRO K 123 -4.81 -63.33 7.01
C PRO K 123 -5.40 -64.57 7.68
N SER K 124 -6.18 -65.31 6.89
CA SER K 124 -6.60 -66.66 7.25
C SER K 124 -5.59 -67.65 6.71
N VAL K 125 -5.12 -68.55 7.56
CA VAL K 125 -4.09 -69.51 7.20
C VAL K 125 -4.74 -70.89 7.14
N PHE K 126 -4.78 -71.47 5.93
CA PHE K 126 -5.36 -72.78 5.73
C PHE K 126 -4.30 -73.79 5.34
N PRO K 127 -4.40 -75.03 5.84
CA PRO K 127 -3.37 -76.02 5.55
C PRO K 127 -3.51 -76.60 4.14
N LEU K 128 -2.37 -76.78 3.49
CA LEU K 128 -2.29 -77.51 2.22
C LEU K 128 -1.77 -78.90 2.57
N ALA K 129 -2.69 -79.82 2.85
CA ALA K 129 -2.36 -81.11 3.44
C ALA K 129 -1.72 -82.02 2.40
N PRO K 130 -0.73 -82.82 2.80
CA PRO K 130 -0.15 -83.80 1.87
C PRO K 130 -1.16 -84.89 1.55
N SER K 131 -1.10 -85.37 0.31
CA SER K 131 -2.06 -86.36 -0.16
C SER K 131 -1.77 -87.73 0.48
N SER K 132 -2.76 -88.61 0.37
CA SER K 132 -2.60 -89.97 0.89
C SER K 132 -1.77 -90.84 -0.05
N LYS K 133 -1.76 -90.53 -1.34
CA LYS K 133 -0.99 -91.31 -2.31
C LYS K 133 0.50 -90.99 -2.19
N GLY K 138 8.38 -90.59 -3.34
CA GLY K 138 9.36 -90.59 -2.29
C GLY K 138 9.35 -89.31 -1.47
N THR K 139 8.95 -88.21 -2.12
CA THR K 139 8.86 -86.91 -1.47
C THR K 139 7.45 -86.37 -1.62
N ALA K 140 6.93 -85.81 -0.53
CA ALA K 140 5.59 -85.23 -0.49
C ALA K 140 5.68 -83.73 -0.31
N ALA K 141 4.62 -83.05 -0.74
CA ALA K 141 4.52 -81.60 -0.67
C ALA K 141 3.39 -81.21 0.26
N LEU K 142 3.65 -80.25 1.15
CA LEU K 142 2.65 -79.69 2.03
C LEU K 142 2.91 -78.19 2.14
N GLY K 143 1.92 -77.45 2.61
CA GLY K 143 2.09 -76.02 2.70
C GLY K 143 0.96 -75.34 3.42
N CYS K 144 1.00 -74.02 3.40
CA CYS K 144 0.01 -73.17 4.04
C CYS K 144 -0.55 -72.19 3.03
N LEU K 145 -1.86 -71.96 3.08
CA LEU K 145 -2.52 -70.96 2.25
C LEU K 145 -2.79 -69.72 3.10
N VAL K 146 -2.00 -68.68 2.89
CA VAL K 146 -2.18 -67.40 3.57
C VAL K 146 -3.10 -66.56 2.68
N LYS K 147 -4.37 -66.47 3.05
CA LYS K 147 -5.39 -65.91 2.19
C LYS K 147 -6.03 -64.67 2.83
N ASP K 148 -6.34 -63.68 1.99
CA ASP K 148 -7.12 -62.52 2.37
C ASP K 148 -6.46 -61.70 3.47
N TYR K 149 -5.51 -60.85 3.09
CA TYR K 149 -4.88 -59.93 4.04
C TYR K 149 -4.57 -58.63 3.32
N PHE K 150 -4.31 -57.59 4.11
CA PHE K 150 -4.00 -56.27 3.59
C PHE K 150 -3.44 -55.38 4.68
N PRO K 151 -2.37 -54.63 4.43
CA PRO K 151 -1.65 -54.63 3.15
C PRO K 151 -0.46 -55.59 3.16
N GLU K 152 0.47 -55.39 2.23
CA GLU K 152 1.71 -56.13 2.24
C GLU K 152 2.58 -55.64 3.40
N PRO K 153 3.50 -56.49 3.90
CA PRO K 153 3.72 -57.89 3.54
C PRO K 153 3.39 -58.88 4.65
N VAL K 154 3.61 -60.15 4.38
CA VAL K 154 3.59 -61.20 5.40
C VAL K 154 4.89 -61.97 5.29
N THR K 155 5.31 -62.55 6.41
CA THR K 155 6.50 -63.39 6.47
C THR K 155 6.12 -64.77 6.99
N VAL K 156 6.66 -65.81 6.35
CA VAL K 156 6.33 -67.19 6.67
C VAL K 156 7.60 -67.97 6.94
N SER K 157 7.63 -68.68 8.05
CA SER K 157 8.71 -69.62 8.38
C SER K 157 8.08 -70.97 8.68
N TRP K 158 8.92 -72.00 8.77
CA TRP K 158 8.47 -73.36 9.01
C TRP K 158 9.19 -73.95 10.22
N ASN K 159 8.40 -74.45 11.18
CA ASN K 159 8.92 -75.02 12.41
C ASN K 159 9.85 -74.03 13.13
N SER K 160 9.39 -72.78 13.21
CA SER K 160 10.12 -71.69 13.87
C SER K 160 11.51 -71.51 13.28
N GLY K 161 11.65 -71.76 11.97
CA GLY K 161 12.92 -71.61 11.29
C GLY K 161 13.77 -72.85 11.21
N ALA K 162 13.37 -73.94 11.86
CA ALA K 162 14.16 -75.17 11.82
C ALA K 162 14.11 -75.83 10.44
N LEU K 163 13.04 -75.60 9.68
CA LEU K 163 12.86 -76.18 8.36
C LEU K 163 13.01 -75.07 7.33
N THR K 164 14.06 -75.14 6.52
CA THR K 164 14.32 -74.14 5.49
C THR K 164 14.58 -74.80 4.14
N SER K 165 15.16 -75.98 4.15
CA SER K 165 15.46 -76.69 2.92
C SER K 165 14.17 -77.13 2.22
N GLY K 166 14.02 -76.73 0.96
CA GLY K 166 12.85 -77.10 0.19
C GLY K 166 11.64 -76.22 0.38
N VAL K 167 11.80 -75.05 1.00
CA VAL K 167 10.68 -74.14 1.24
C VAL K 167 10.57 -73.16 0.08
N HIS K 168 9.35 -72.98 -0.43
CA HIS K 168 9.06 -72.00 -1.46
C HIS K 168 7.89 -71.14 -1.00
N THR K 169 8.17 -69.89 -0.64
CA THR K 169 7.15 -68.92 -0.28
C THR K 169 6.93 -68.00 -1.47
N PHE K 170 5.82 -68.20 -2.18
CA PHE K 170 5.59 -67.49 -3.42
C PHE K 170 5.26 -66.02 -3.17
N PRO K 171 5.57 -65.14 -4.12
CA PRO K 171 5.10 -63.75 -4.02
C PRO K 171 3.59 -63.70 -4.06
N ALA K 172 3.04 -62.72 -3.34
CA ALA K 172 1.59 -62.61 -3.21
C ALA K 172 0.95 -62.16 -4.51
N VAL K 173 -0.31 -62.57 -4.71
CA VAL K 173 -1.12 -62.11 -5.82
C VAL K 173 -2.25 -61.25 -5.26
N LEU K 174 -2.62 -60.23 -6.01
CA LEU K 174 -3.72 -59.35 -5.62
C LEU K 174 -5.02 -59.89 -6.21
N GLN K 175 -5.97 -60.21 -5.35
CA GLN K 175 -7.24 -60.76 -5.80
C GLN K 175 -8.20 -59.64 -6.21
N SER K 176 -9.29 -60.03 -6.86
CA SER K 176 -10.29 -59.05 -7.29
C SER K 176 -10.96 -58.36 -6.11
N SER K 177 -10.96 -59.00 -4.93
CA SER K 177 -11.54 -58.39 -3.74
C SER K 177 -10.71 -57.25 -3.19
N GLY K 178 -9.50 -57.05 -3.69
CA GLY K 178 -8.59 -56.06 -3.14
C GLY K 178 -7.68 -56.58 -2.05
N LEU K 179 -7.78 -57.85 -1.70
CA LEU K 179 -6.97 -58.46 -0.66
C LEU K 179 -5.92 -59.38 -1.27
N TYR K 180 -4.79 -59.50 -0.60
CA TYR K 180 -3.68 -60.29 -1.09
C TYR K 180 -3.81 -61.75 -0.66
N SER K 181 -3.31 -62.65 -1.50
CA SER K 181 -3.28 -64.08 -1.22
C SER K 181 -1.87 -64.61 -1.49
N LEU K 182 -1.48 -65.62 -0.73
CA LEU K 182 -0.12 -66.13 -0.78
C LEU K 182 -0.10 -67.57 -0.27
N SER K 183 0.85 -68.35 -0.78
CA SER K 183 1.02 -69.74 -0.37
C SER K 183 2.50 -70.04 -0.19
N SER K 184 2.82 -70.81 0.85
CA SER K 184 4.19 -71.23 1.13
C SER K 184 4.21 -72.74 1.30
N VAL K 185 4.95 -73.42 0.44
CA VAL K 185 4.98 -74.88 0.42
C VAL K 185 6.39 -75.36 0.76
N VAL K 186 6.48 -76.65 1.09
CA VAL K 186 7.74 -77.30 1.37
C VAL K 186 7.62 -78.77 1.00
N THR K 187 8.70 -79.33 0.48
CA THR K 187 8.75 -80.74 0.10
C THR K 187 9.59 -81.52 1.10
N VAL K 188 9.06 -82.65 1.56
CA VAL K 188 9.70 -83.46 2.59
C VAL K 188 9.62 -84.92 2.18
N PRO K 189 10.47 -85.77 2.76
CA PRO K 189 10.34 -87.21 2.50
C PRO K 189 9.02 -87.76 3.02
N SER K 190 8.44 -88.69 2.26
CA SER K 190 7.14 -89.24 2.61
C SER K 190 7.19 -90.01 3.92
N SER K 191 8.37 -90.52 4.29
CA SER K 191 8.52 -91.30 5.51
C SER K 191 8.40 -90.46 6.78
N SER K 192 8.37 -89.14 6.66
CA SER K 192 8.38 -88.25 7.81
C SER K 192 7.01 -87.66 8.15
N LEU K 193 5.99 -87.89 7.32
CA LEU K 193 4.69 -87.27 7.55
C LEU K 193 4.02 -87.76 8.83
N GLY K 194 4.40 -88.93 9.33
CA GLY K 194 3.80 -89.45 10.54
C GLY K 194 4.63 -89.23 11.78
N THR K 195 5.89 -88.83 11.60
CA THR K 195 6.82 -88.70 12.70
C THR K 195 7.33 -87.28 12.94
N GLN K 196 7.08 -86.35 12.01
CA GLN K 196 7.57 -84.99 12.13
C GLN K 196 6.41 -84.02 12.01
N THR K 197 6.23 -83.17 13.02
CA THR K 197 5.20 -82.14 12.97
C THR K 197 5.67 -80.96 12.14
N TYR K 198 4.78 -80.43 11.32
CA TYR K 198 5.08 -79.30 10.44
C TYR K 198 4.11 -78.16 10.73
N ILE K 199 4.64 -77.07 11.27
CA ILE K 199 3.85 -75.87 11.56
C ILE K 199 4.45 -74.71 10.79
N CYS K 200 3.60 -73.98 10.08
CA CYS K 200 4.01 -72.76 9.40
C CYS K 200 3.68 -71.56 10.29
N ASN K 201 4.60 -70.60 10.33
CA ASN K 201 4.48 -69.43 11.20
C ASN K 201 4.23 -68.21 10.32
N VAL K 202 3.03 -67.65 10.41
CA VAL K 202 2.61 -66.54 9.57
C VAL K 202 2.60 -65.27 10.42
N ASN K 203 3.36 -64.27 9.98
CA ASN K 203 3.48 -63.00 10.69
C ASN K 203 3.00 -61.88 9.78
N HIS K 204 2.01 -61.11 10.24
CA HIS K 204 1.46 -59.98 9.50
C HIS K 204 1.43 -58.78 10.45
N LYS K 205 2.53 -58.03 10.47
CA LYS K 205 2.65 -56.90 11.39
C LYS K 205 1.55 -55.85 11.24
N PRO K 206 1.10 -55.46 10.04
CA PRO K 206 0.07 -54.42 9.95
C PRO K 206 -1.19 -54.71 10.74
N SER K 207 -1.51 -55.98 10.97
CA SER K 207 -2.70 -56.35 11.73
C SER K 207 -2.37 -56.92 13.10
N ASN K 208 -1.09 -56.91 13.49
CA ASN K 208 -0.63 -57.48 14.76
C ASN K 208 -1.09 -58.93 14.88
N THR K 209 -0.87 -59.69 13.82
CA THR K 209 -1.35 -61.06 13.70
C THR K 209 -0.15 -62.00 13.53
N LYS K 210 0.00 -62.93 14.46
CA LYS K 210 0.94 -64.03 14.34
C LYS K 210 0.17 -65.34 14.51
N VAL K 211 0.23 -66.19 13.50
CA VAL K 211 -0.55 -67.43 13.47
C VAL K 211 0.39 -68.59 13.20
N ASP K 212 0.24 -69.66 13.99
CA ASP K 212 0.98 -70.91 13.80
C ASP K 212 -0.03 -71.99 13.45
N LYS K 213 0.11 -72.56 12.25
CA LYS K 213 -0.85 -73.54 11.73
C LYS K 213 -0.15 -74.87 11.54
N LYS K 214 -0.67 -75.91 12.21
CA LYS K 214 -0.12 -77.25 12.10
C LYS K 214 -0.67 -77.94 10.86
N VAL K 215 0.21 -78.36 9.96
CA VAL K 215 -0.16 -79.02 8.72
C VAL K 215 0.01 -80.53 8.92
N GLU K 216 -1.08 -81.27 8.83
CA GLU K 216 -1.10 -82.70 9.03
C GLU K 216 -1.67 -83.41 7.81
N PRO K 217 -1.30 -84.66 7.57
CA PRO K 217 -1.98 -85.44 6.52
C PRO K 217 -3.44 -85.64 6.87
N LYS K 218 -4.30 -85.50 5.85
CA LYS K 218 -5.74 -85.55 6.08
C LYS K 218 -6.17 -86.96 6.47
N SER K 219 -7.15 -87.04 7.36
CA SER K 219 -7.66 -88.30 7.87
C SER K 219 -9.02 -88.58 7.23
N CYS K 220 -9.06 -89.61 6.38
CA CYS K 220 -10.31 -89.99 5.72
C CYS K 220 -11.23 -90.73 6.69
N GLU L 1 2.33 -42.01 -31.01
CA GLU L 1 3.28 -42.59 -30.07
C GLU L 1 4.19 -43.60 -30.76
N ILE L 2 5.42 -43.73 -30.27
CA ILE L 2 6.37 -44.71 -30.78
C ILE L 2 6.29 -45.96 -29.91
N VAL L 3 6.27 -47.11 -30.56
CA VAL L 3 6.15 -48.41 -29.89
C VAL L 3 7.48 -49.12 -30.01
N MET L 4 8.12 -49.40 -28.86
CA MET L 4 9.41 -50.08 -28.81
C MET L 4 9.17 -51.56 -28.58
N THR L 5 9.34 -52.36 -29.62
CA THR L 5 9.17 -53.80 -29.55
C THR L 5 10.51 -54.46 -29.27
N GLN L 6 10.62 -55.10 -28.11
CA GLN L 6 11.86 -55.70 -27.65
C GLN L 6 11.69 -57.22 -27.61
N SER L 7 12.68 -57.94 -28.15
CA SER L 7 12.61 -59.39 -28.24
C SER L 7 14.00 -59.97 -28.05
N PRO L 8 14.11 -61.14 -27.42
CA PRO L 8 12.99 -61.92 -26.88
C PRO L 8 12.52 -61.41 -25.51
N SER L 9 11.36 -61.87 -25.05
CA SER L 9 10.91 -61.51 -23.71
C SER L 9 11.84 -62.08 -22.65
N SER L 10 12.39 -63.26 -22.89
CA SER L 10 13.35 -63.87 -21.97
C SER L 10 14.30 -64.75 -22.78
N LEU L 11 15.50 -64.93 -22.25
CA LEU L 11 16.49 -65.80 -22.87
C LEU L 11 17.37 -66.40 -21.78
N SER L 12 17.83 -67.62 -22.03
CA SER L 12 18.65 -68.36 -21.08
C SER L 12 20.08 -68.47 -21.62
N ALA L 13 21.05 -68.18 -20.77
CA ALA L 13 22.45 -68.17 -21.20
C ALA L 13 23.33 -68.64 -20.06
N SER L 14 24.42 -69.31 -20.42
CA SER L 14 25.44 -69.73 -19.46
C SER L 14 26.55 -68.69 -19.42
N VAL L 15 27.37 -68.76 -18.36
CA VAL L 15 28.47 -67.83 -18.21
C VAL L 15 29.45 -68.01 -19.37
N GLY L 16 29.79 -66.90 -20.03
CA GLY L 16 30.66 -66.93 -21.18
C GLY L 16 29.95 -66.89 -22.51
N ASP L 17 28.62 -66.97 -22.52
CA ASP L 17 27.86 -66.93 -23.76
C ASP L 17 27.83 -65.50 -24.31
N ARG L 18 27.60 -65.41 -25.62
CA ARG L 18 27.42 -64.14 -26.31
C ARG L 18 25.92 -63.88 -26.43
N VAL L 19 25.41 -62.91 -25.68
CA VAL L 19 23.99 -62.61 -25.60
C VAL L 19 23.67 -61.44 -26.53
N THR L 20 22.52 -61.52 -27.20
CA THR L 20 22.08 -60.47 -28.11
C THR L 20 20.61 -60.20 -27.87
N ILE L 21 20.29 -58.94 -27.59
CA ILE L 21 18.90 -58.50 -27.35
C ILE L 21 18.55 -57.45 -28.40
N THR L 22 17.36 -57.57 -28.97
CA THR L 22 16.93 -56.74 -30.09
C THR L 22 15.81 -55.80 -29.68
N CYS L 23 15.90 -54.55 -30.12
CA CYS L 23 14.90 -53.52 -29.87
C CYS L 23 14.50 -52.91 -31.21
N ARG L 24 13.20 -52.84 -31.48
CA ARG L 24 12.69 -52.33 -32.75
C ARG L 24 11.71 -51.19 -32.48
N ALA L 25 11.95 -50.06 -33.13
CA ALA L 25 11.12 -48.88 -32.96
C ALA L 25 10.01 -48.84 -34.00
N SER L 26 8.88 -48.24 -33.61
CA SER L 26 7.75 -48.15 -34.54
C SER L 26 8.08 -47.24 -35.71
N GLN L 27 8.81 -46.16 -35.46
CA GLN L 27 9.27 -45.24 -36.48
C GLN L 27 10.76 -44.99 -36.28
N GLY L 28 11.37 -44.35 -37.28
CA GLY L 28 12.79 -44.04 -37.17
C GLY L 28 13.06 -43.09 -36.01
N ILE L 29 14.11 -43.38 -35.25
CA ILE L 29 14.51 -42.54 -34.13
C ILE L 29 16.01 -42.31 -34.19
N SER L 30 16.59 -42.48 -35.39
CA SER L 30 18.03 -42.35 -35.61
C SER L 30 18.83 -43.09 -34.55
N SER L 31 19.68 -42.38 -33.82
CA SER L 31 20.49 -42.96 -32.76
C SER L 31 19.96 -42.64 -31.38
N TYR L 32 18.76 -42.07 -31.28
CA TYR L 32 18.18 -41.73 -29.99
C TYR L 32 17.66 -43.01 -29.32
N LEU L 33 18.58 -43.76 -28.73
CA LEU L 33 18.23 -44.97 -27.99
C LEU L 33 19.24 -45.21 -26.89
N ALA L 34 18.78 -45.81 -25.80
CA ALA L 34 19.63 -46.17 -24.68
C ALA L 34 19.25 -47.56 -24.17
N TRP L 35 20.21 -48.22 -23.52
CA TRP L 35 20.00 -49.54 -22.94
C TRP L 35 20.22 -49.47 -21.43
N TYR L 36 19.37 -50.19 -20.68
CA TYR L 36 19.42 -50.18 -19.23
C TYR L 36 19.47 -51.60 -18.70
N GLN L 37 20.02 -51.74 -17.50
CA GLN L 37 20.03 -52.99 -16.76
C GLN L 37 19.35 -52.78 -15.42
N GLN L 38 18.49 -53.73 -15.04
CA GLN L 38 17.79 -53.64 -13.76
C GLN L 38 17.72 -55.02 -13.12
N LYS L 39 18.01 -55.07 -11.82
CA LYS L 39 17.92 -56.27 -11.01
C LYS L 39 16.79 -56.12 -9.98
N PRO L 40 16.20 -57.22 -9.55
CA PRO L 40 14.99 -57.13 -8.70
C PRO L 40 15.26 -56.32 -7.44
N GLY L 41 14.44 -55.28 -7.24
CA GLY L 41 14.54 -54.43 -6.07
C GLY L 41 15.50 -53.28 -6.19
N LYS L 42 16.17 -53.12 -7.32
CA LYS L 42 17.14 -52.07 -7.53
C LYS L 42 16.64 -51.08 -8.59
N ALA L 43 17.31 -49.93 -8.66
CA ALA L 43 17.03 -48.95 -9.68
C ALA L 43 17.71 -49.34 -11.00
N PRO L 44 17.20 -48.85 -12.13
CA PRO L 44 17.85 -49.13 -13.41
C PRO L 44 19.26 -48.56 -13.45
N LYS L 45 20.08 -49.14 -14.32
CA LYS L 45 21.47 -48.76 -14.49
C LYS L 45 21.72 -48.51 -15.97
N LEU L 46 22.15 -47.29 -16.31
CA LEU L 46 22.39 -46.94 -17.69
C LEU L 46 23.63 -47.65 -18.22
N LEU L 47 23.46 -48.35 -19.34
CA LEU L 47 24.55 -49.09 -19.96
C LEU L 47 25.07 -48.38 -21.21
N ILE L 48 24.20 -48.18 -22.20
CA ILE L 48 24.56 -47.57 -23.47
C ILE L 48 23.66 -46.36 -23.68
N TYR L 49 24.25 -45.27 -24.18
CA TYR L 49 23.47 -44.13 -24.65
C TYR L 49 23.85 -43.83 -26.09
N ALA L 50 22.98 -43.09 -26.77
CA ALA L 50 23.15 -42.79 -28.19
C ALA L 50 23.36 -44.06 -29.00
N ALA L 51 22.61 -45.10 -28.64
CA ALA L 51 22.53 -46.38 -29.34
C ALA L 51 23.80 -47.21 -29.22
N SER L 52 24.98 -46.59 -29.29
CA SER L 52 26.21 -47.37 -29.38
C SER L 52 27.34 -46.85 -28.50
N THR L 53 27.10 -45.88 -27.63
CA THR L 53 28.15 -45.31 -26.79
C THR L 53 28.09 -45.91 -25.40
N LEU L 54 29.24 -46.41 -24.92
CA LEU L 54 29.30 -47.11 -23.63
C LEU L 54 29.39 -46.10 -22.49
N GLN L 55 28.45 -46.18 -21.55
CA GLN L 55 28.45 -45.30 -20.40
C GLN L 55 29.70 -45.56 -19.54
N SER L 56 30.21 -44.48 -18.93
CA SER L 56 31.40 -44.58 -18.09
C SER L 56 31.16 -45.54 -16.93
N GLY L 57 32.13 -46.44 -16.71
CA GLY L 57 32.05 -47.42 -15.65
C GLY L 57 31.47 -48.76 -16.05
N VAL L 58 30.81 -48.84 -17.20
CA VAL L 58 30.20 -50.08 -17.66
C VAL L 58 31.26 -50.97 -18.29
N PRO L 59 31.30 -52.26 -17.98
CA PRO L 59 32.32 -53.14 -18.55
C PRO L 59 32.26 -53.16 -20.07
N SER L 60 33.43 -53.38 -20.69
CA SER L 60 33.56 -53.29 -22.14
C SER L 60 32.89 -54.44 -22.88
N ARG L 61 32.49 -55.50 -22.18
CA ARG L 61 31.78 -56.59 -22.85
C ARG L 61 30.40 -56.16 -23.34
N PHE L 62 29.88 -55.06 -22.83
CA PHE L 62 28.62 -54.49 -23.32
C PHE L 62 28.88 -53.60 -24.52
N SER L 63 28.00 -53.70 -25.52
CA SER L 63 28.11 -52.87 -26.70
C SER L 63 26.75 -52.77 -27.38
N GLY L 64 26.41 -51.58 -27.84
CA GLY L 64 25.18 -51.33 -28.56
C GLY L 64 25.50 -51.05 -30.02
N SER L 65 24.53 -51.31 -30.90
CA SER L 65 24.72 -51.10 -32.32
C SER L 65 23.37 -50.91 -32.98
N GLY L 66 23.39 -50.29 -34.15
CA GLY L 66 22.19 -50.06 -34.93
C GLY L 66 21.81 -48.59 -34.96
N SER L 67 21.03 -48.23 -35.98
CA SER L 67 20.54 -46.87 -36.14
C SER L 67 19.29 -46.91 -37.00
N GLY L 68 18.34 -46.05 -36.67
CA GLY L 68 17.09 -45.98 -37.42
C GLY L 68 15.94 -46.66 -36.71
N THR L 69 15.76 -47.95 -36.97
CA THR L 69 14.68 -48.72 -36.36
C THR L 69 15.15 -49.95 -35.60
N ASP L 70 16.20 -50.62 -36.07
CA ASP L 70 16.67 -51.86 -35.46
C ASP L 70 17.93 -51.59 -34.64
N PHE L 71 17.91 -52.04 -33.39
CA PHE L 71 19.02 -51.86 -32.46
C PHE L 71 19.27 -53.17 -31.73
N THR L 72 20.53 -53.40 -31.34
CA THR L 72 20.89 -54.62 -30.64
C THR L 72 21.85 -54.31 -29.50
N LEU L 73 21.57 -54.89 -28.33
CA LEU L 73 22.50 -54.90 -27.21
C LEU L 73 23.25 -56.23 -27.19
N THR L 74 24.56 -56.17 -26.96
CA THR L 74 25.42 -57.33 -27.09
C THR L 74 26.30 -57.47 -25.85
N ILE L 75 26.22 -58.61 -25.19
CA ILE L 75 27.11 -58.99 -24.11
C ILE L 75 28.05 -60.05 -24.66
N SER L 76 29.28 -59.66 -24.99
CA SER L 76 30.19 -60.54 -25.70
C SER L 76 30.57 -61.77 -24.89
N SER L 77 30.72 -61.63 -23.57
CA SER L 77 31.07 -62.75 -22.69
C SER L 77 30.31 -62.56 -21.38
N LEU L 78 29.18 -63.26 -21.25
CA LEU L 78 28.30 -63.07 -20.10
C LEU L 78 29.02 -63.44 -18.80
N GLN L 79 28.88 -62.58 -17.80
CA GLN L 79 29.46 -62.78 -16.48
C GLN L 79 28.36 -63.02 -15.45
N PRO L 80 28.71 -63.58 -14.29
CA PRO L 80 27.67 -63.90 -13.30
C PRO L 80 26.83 -62.70 -12.85
N GLU L 81 27.42 -61.51 -12.80
CA GLU L 81 26.68 -60.32 -12.38
C GLU L 81 25.87 -59.69 -13.50
N ASP L 82 25.69 -60.38 -14.62
CA ASP L 82 24.95 -59.85 -15.76
C ASP L 82 23.57 -60.47 -15.93
N PHE L 83 23.20 -61.42 -15.07
CA PHE L 83 21.85 -61.99 -15.10
C PHE L 83 20.87 -60.98 -14.52
N ALA L 84 20.19 -60.26 -15.40
CA ALA L 84 19.26 -59.22 -14.97
C ALA L 84 18.19 -59.08 -16.04
N THR L 85 17.48 -57.96 -16.02
CA THR L 85 16.48 -57.62 -17.03
C THR L 85 16.90 -56.33 -17.72
N TYR L 86 16.89 -56.33 -19.04
CA TYR L 86 17.42 -55.23 -19.84
C TYR L 86 16.30 -54.54 -20.61
N TYR L 87 16.38 -53.21 -20.68
CA TYR L 87 15.39 -52.40 -21.36
C TYR L 87 16.08 -51.47 -22.35
N CYS L 88 15.39 -51.18 -23.46
CA CYS L 88 15.77 -50.11 -24.36
C CYS L 88 14.83 -48.94 -24.20
N GLN L 89 15.34 -47.73 -24.44
CA GLN L 89 14.55 -46.53 -24.27
C GLN L 89 14.72 -45.62 -25.47
N GLN L 90 13.61 -45.02 -25.91
CA GLN L 90 13.60 -43.98 -26.94
C GLN L 90 13.83 -42.65 -26.24
N LEU L 91 15.10 -42.30 -26.01
CA LEU L 91 15.41 -41.06 -25.30
C LEU L 91 15.44 -39.87 -26.28
N ASP L 92 14.29 -39.66 -26.91
CA ASP L 92 14.13 -38.62 -27.93
C ASP L 92 12.94 -37.73 -27.55
N SER L 93 13.06 -36.45 -27.87
CA SER L 93 12.04 -35.48 -27.45
C SER L 93 10.71 -35.74 -28.14
N TYR L 94 10.69 -35.86 -29.47
CA TYR L 94 9.43 -36.07 -30.15
C TYR L 94 9.31 -37.51 -30.62
N PRO L 95 8.15 -38.17 -30.44
CA PRO L 95 6.93 -37.70 -29.79
C PRO L 95 6.87 -38.03 -28.29
N PRO L 96 6.59 -36.99 -27.45
CA PRO L 96 6.82 -37.05 -26.00
C PRO L 96 7.24 -38.39 -25.41
N GLY L 97 6.42 -38.94 -24.51
CA GLY L 97 6.56 -40.31 -24.02
C GLY L 97 7.87 -40.78 -23.41
N TYR L 98 8.95 -40.80 -24.20
CA TYR L 98 10.16 -41.53 -23.83
C TYR L 98 9.80 -42.96 -23.47
N THR L 99 9.52 -43.79 -24.47
CA THR L 99 9.00 -45.13 -24.22
C THR L 99 10.14 -46.11 -23.96
N PHE L 100 9.84 -47.12 -23.13
CA PHE L 100 10.76 -48.20 -22.84
C PHE L 100 10.33 -49.48 -23.55
N GLY L 101 11.28 -50.35 -23.79
CA GLY L 101 10.96 -51.67 -24.32
C GLY L 101 10.28 -52.55 -23.28
N GLN L 102 9.71 -53.65 -23.77
CA GLN L 102 9.02 -54.58 -22.88
C GLN L 102 9.98 -55.25 -21.90
N GLY L 103 11.26 -55.31 -22.22
CA GLY L 103 12.24 -55.87 -21.31
C GLY L 103 12.58 -57.31 -21.66
N THR L 104 13.83 -57.69 -21.36
CA THR L 104 14.31 -59.03 -21.63
C THR L 104 14.99 -59.57 -20.37
N LYS L 105 14.43 -60.64 -19.83
CA LYS L 105 15.00 -61.30 -18.65
C LYS L 105 16.03 -62.33 -19.10
N VAL L 106 17.23 -62.25 -18.54
CA VAL L 106 18.32 -63.15 -18.86
C VAL L 106 18.57 -64.02 -17.64
N ASP L 107 18.04 -65.23 -17.65
CA ASP L 107 18.18 -66.15 -16.53
C ASP L 107 19.31 -67.15 -16.77
N ILE L 108 19.59 -67.95 -15.75
CA ILE L 108 20.70 -68.89 -15.79
C ILE L 108 20.27 -70.16 -16.51
N LYS L 109 21.06 -70.56 -17.51
CA LYS L 109 20.75 -71.74 -18.28
C LYS L 109 21.25 -72.99 -17.56
N ARG L 110 20.19 -73.65 -17.87
CA ARG L 110 20.54 -74.97 -17.34
C ARG L 110 19.78 -76.02 -18.14
N THR L 111 20.02 -77.28 -17.81
CA THR L 111 19.33 -78.37 -18.49
C THR L 111 17.84 -78.33 -18.18
N VAL L 112 17.04 -78.87 -19.11
CA VAL L 112 15.60 -78.87 -18.96
C VAL L 112 15.23 -79.74 -17.77
N ALA L 113 14.34 -79.23 -16.91
CA ALA L 113 13.86 -79.95 -15.74
C ALA L 113 12.34 -79.91 -15.72
N ALA L 114 11.72 -81.08 -15.70
CA ALA L 114 10.27 -81.18 -15.67
C ALA L 114 9.75 -80.91 -14.26
N PRO L 115 8.57 -80.31 -14.15
CA PRO L 115 8.03 -79.97 -12.83
C PRO L 115 7.36 -81.16 -12.14
N SER L 116 7.39 -81.13 -10.82
CA SER L 116 6.62 -82.05 -9.99
C SER L 116 5.27 -81.41 -9.71
N VAL L 117 4.20 -82.07 -10.11
CA VAL L 117 2.85 -81.51 -10.06
C VAL L 117 2.11 -82.10 -8.87
N PHE L 118 1.55 -81.23 -8.04
CA PHE L 118 0.74 -81.62 -6.89
C PHE L 118 -0.53 -80.80 -6.88
N ILE L 119 -1.65 -81.44 -6.57
CA ILE L 119 -2.94 -80.77 -6.43
C ILE L 119 -3.38 -80.89 -4.98
N PHE L 120 -3.95 -79.80 -4.46
CA PHE L 120 -4.39 -79.75 -3.06
C PHE L 120 -5.86 -79.37 -3.01
N PRO L 121 -6.71 -80.22 -2.47
CA PRO L 121 -8.12 -79.86 -2.31
C PRO L 121 -8.28 -78.76 -1.26
N PRO L 122 -9.39 -78.02 -1.28
CA PRO L 122 -9.63 -77.07 -0.21
C PRO L 122 -9.77 -77.79 1.13
N SER L 123 -9.33 -77.12 2.18
CA SER L 123 -9.40 -77.70 3.51
C SER L 123 -10.83 -77.69 4.04
N ASP L 124 -11.12 -78.66 4.92
CA ASP L 124 -12.43 -78.67 5.58
C ASP L 124 -12.66 -77.41 6.39
N GLU L 125 -11.59 -76.84 6.96
CA GLU L 125 -11.72 -75.61 7.74
C GLU L 125 -12.16 -74.45 6.86
N GLN L 126 -11.65 -74.39 5.64
CA GLN L 126 -11.98 -73.28 4.75
C GLN L 126 -13.38 -73.45 4.14
N LEU L 127 -13.76 -74.68 3.83
CA LEU L 127 -15.11 -74.93 3.33
C LEU L 127 -16.16 -74.50 4.34
N LYS L 128 -15.83 -74.54 5.63
CA LYS L 128 -16.74 -74.06 6.66
C LYS L 128 -16.97 -72.56 6.57
N SER L 129 -16.05 -71.82 5.95
CA SER L 129 -16.19 -70.38 5.79
C SER L 129 -17.03 -69.98 4.59
N GLY L 130 -17.09 -70.83 3.56
CA GLY L 130 -17.89 -70.55 2.37
C GLY L 130 -17.09 -70.41 1.08
N THR L 131 -15.77 -70.54 1.11
CA THR L 131 -14.94 -70.40 -0.08
C THR L 131 -14.03 -71.61 -0.21
N ALA L 132 -13.86 -72.08 -1.44
CA ALA L 132 -13.03 -73.25 -1.74
C ALA L 132 -11.86 -72.80 -2.59
N SER L 133 -10.64 -73.00 -2.07
CA SER L 133 -9.41 -72.66 -2.79
C SER L 133 -8.66 -73.95 -3.11
N VAL L 134 -8.58 -74.28 -4.39
CA VAL L 134 -7.82 -75.43 -4.87
C VAL L 134 -6.49 -74.93 -5.42
N VAL L 135 -5.40 -75.55 -5.00
CA VAL L 135 -4.05 -75.10 -5.31
C VAL L 135 -3.33 -76.18 -6.09
N CYS L 136 -2.67 -75.79 -7.17
CA CYS L 136 -1.86 -76.67 -8.00
C CYS L 136 -0.41 -76.20 -7.93
N LEU L 137 0.50 -77.12 -7.64
CA LEU L 137 1.90 -76.80 -7.42
C LEU L 137 2.76 -77.36 -8.54
N LEU L 138 3.63 -76.52 -9.11
CA LEU L 138 4.64 -76.94 -10.07
C LEU L 138 6.00 -76.70 -9.41
N ASN L 139 6.67 -77.77 -9.03
CA ASN L 139 7.86 -77.68 -8.18
C ASN L 139 9.13 -77.90 -9.00
N ASN L 140 10.06 -76.95 -8.90
CA ASN L 140 11.41 -77.07 -9.44
C ASN L 140 11.43 -77.50 -10.90
N PHE L 141 11.14 -76.57 -11.81
CA PHE L 141 11.17 -76.85 -13.24
C PHE L 141 12.04 -75.81 -13.94
N TYR L 142 12.31 -76.07 -15.22
CA TYR L 142 13.05 -75.16 -16.08
C TYR L 142 12.83 -75.57 -17.53
N PRO L 143 12.59 -74.63 -18.45
CA PRO L 143 12.58 -73.17 -18.23
C PRO L 143 11.33 -72.63 -17.55
N ARG L 144 11.23 -71.30 -17.49
CA ARG L 144 10.12 -70.66 -16.77
C ARG L 144 8.79 -70.90 -17.47
N GLU L 145 8.78 -70.93 -18.80
CA GLU L 145 7.54 -71.06 -19.55
C GLU L 145 6.80 -72.34 -19.19
N ALA L 146 5.60 -72.20 -18.64
CA ALA L 146 4.78 -73.34 -18.25
C ALA L 146 3.31 -72.94 -18.34
N LYS L 147 2.47 -73.87 -18.80
CA LYS L 147 1.05 -73.63 -19.01
C LYS L 147 0.25 -74.54 -18.10
N VAL L 148 -0.62 -73.95 -17.29
CA VAL L 148 -1.45 -74.67 -16.33
C VAL L 148 -2.91 -74.47 -16.71
N GLN L 149 -3.64 -75.57 -16.89
CA GLN L 149 -5.03 -75.54 -17.29
C GLN L 149 -5.86 -76.30 -16.26
N TRP L 150 -6.76 -75.59 -15.58
CA TRP L 150 -7.68 -76.23 -14.65
C TRP L 150 -8.84 -76.87 -15.40
N LYS L 151 -9.29 -78.02 -14.91
CA LYS L 151 -10.44 -78.71 -15.46
C LYS L 151 -11.35 -79.11 -14.31
N VAL L 152 -12.63 -78.76 -14.43
CA VAL L 152 -13.64 -79.08 -13.43
C VAL L 152 -14.70 -79.92 -14.11
N ASP L 153 -14.72 -81.22 -13.82
CA ASP L 153 -15.57 -82.18 -14.53
C ASP L 153 -15.32 -82.11 -16.03
N ASN L 154 -14.04 -82.05 -16.40
CA ASN L 154 -13.54 -81.94 -17.77
C ASN L 154 -13.89 -80.62 -18.45
N ALA L 155 -14.38 -79.63 -17.70
CA ALA L 155 -14.69 -78.32 -18.24
C ALA L 155 -13.50 -77.40 -17.98
N LEU L 156 -12.92 -76.87 -19.06
CA LEU L 156 -11.73 -76.02 -18.94
C LEU L 156 -12.09 -74.69 -18.28
N GLN L 157 -11.46 -74.41 -17.15
CA GLN L 157 -11.78 -73.25 -16.33
C GLN L 157 -10.80 -72.12 -16.62
N SER L 158 -11.34 -70.93 -16.90
CA SER L 158 -10.52 -69.74 -17.10
C SER L 158 -11.22 -68.54 -16.48
N GLY L 159 -10.42 -67.65 -15.88
CA GLY L 159 -10.94 -66.44 -15.29
C GLY L 159 -11.09 -66.49 -13.78
N ASN L 160 -11.05 -67.67 -13.17
CA ASN L 160 -11.19 -67.82 -11.73
C ASN L 160 -9.94 -68.42 -11.09
N SER L 161 -8.78 -68.20 -11.72
CA SER L 161 -7.53 -68.71 -11.19
C SER L 161 -6.46 -67.62 -11.29
N GLN L 162 -5.52 -67.66 -10.34
CA GLN L 162 -4.38 -66.77 -10.33
C GLN L 162 -3.11 -67.59 -10.12
N GLU L 163 -1.99 -67.06 -10.62
CA GLU L 163 -0.72 -67.76 -10.55
C GLU L 163 0.33 -66.90 -9.86
N SER L 164 1.38 -67.57 -9.39
CA SER L 164 2.50 -66.91 -8.73
C SER L 164 3.75 -67.75 -8.99
N VAL L 165 4.85 -67.08 -9.35
CA VAL L 165 6.09 -67.75 -9.70
CA VAL L 165 6.09 -67.75 -9.70
C VAL L 165 7.20 -67.24 -8.78
N THR L 166 8.02 -68.17 -8.29
CA THR L 166 9.18 -67.81 -7.50
C THR L 166 10.30 -67.35 -8.42
N GLU L 167 11.25 -66.60 -7.85
CA GLU L 167 12.44 -66.25 -8.60
C GLU L 167 13.33 -67.47 -8.78
N GLN L 168 14.20 -67.41 -9.78
CA GLN L 168 15.07 -68.54 -10.11
C GLN L 168 15.89 -68.94 -8.91
N ASP L 169 15.74 -70.20 -8.49
CA ASP L 169 16.36 -70.68 -7.26
C ASP L 169 17.88 -70.52 -7.32
N SER L 170 18.45 -70.02 -6.23
CA SER L 170 19.87 -69.68 -6.18
C SER L 170 20.78 -70.90 -6.14
N LYS L 171 20.24 -72.12 -6.13
CA LYS L 171 21.06 -73.31 -6.01
C LYS L 171 20.92 -74.26 -7.19
N ASP L 172 19.71 -74.50 -7.69
CA ASP L 172 19.51 -75.39 -8.83
C ASP L 172 18.94 -74.68 -10.05
N SER L 173 18.78 -73.35 -10.01
CA SER L 173 18.34 -72.55 -11.15
C SER L 173 16.98 -73.00 -11.69
N THR L 174 16.11 -73.47 -10.80
CA THR L 174 14.77 -73.89 -11.19
C THR L 174 13.73 -72.88 -10.71
N TYR L 175 12.54 -72.99 -11.32
CA TYR L 175 11.39 -72.18 -10.94
C TYR L 175 10.33 -73.05 -10.27
N SER L 176 9.46 -72.40 -9.52
CA SER L 176 8.32 -73.06 -8.88
C SER L 176 7.10 -72.16 -9.01
N LEU L 177 5.98 -72.75 -9.39
CA LEU L 177 4.75 -72.01 -9.67
C LEU L 177 3.59 -72.57 -8.87
N SER L 178 2.73 -71.68 -8.41
CA SER L 178 1.49 -72.04 -7.72
C SER L 178 0.32 -71.43 -8.47
N SER L 179 -0.78 -72.18 -8.55
CA SER L 179 -2.00 -71.74 -9.21
C SER L 179 -3.17 -72.03 -8.28
N THR L 180 -3.96 -70.99 -7.99
CA THR L 180 -5.05 -71.08 -7.02
C THR L 180 -6.38 -70.91 -7.74
N LEU L 181 -7.19 -71.97 -7.73
CA LEU L 181 -8.54 -71.96 -8.28
C LEU L 181 -9.51 -71.68 -7.14
N THR L 182 -10.26 -70.59 -7.24
CA THR L 182 -11.16 -70.15 -6.19
C THR L 182 -12.61 -70.28 -6.65
N LEU L 183 -13.43 -70.92 -5.82
CA LEU L 183 -14.85 -71.08 -6.07
C LEU L 183 -15.62 -70.78 -4.80
N SER L 184 -16.92 -70.57 -4.95
CA SER L 184 -17.79 -70.57 -3.78
C SER L 184 -18.02 -72.01 -3.32
N LYS L 185 -18.39 -72.15 -2.04
CA LYS L 185 -18.65 -73.48 -1.50
C LYS L 185 -19.78 -74.16 -2.26
N ALA L 186 -20.82 -73.40 -2.62
CA ALA L 186 -21.94 -73.96 -3.36
C ALA L 186 -21.49 -74.46 -4.73
N ASP L 187 -20.68 -73.66 -5.44
CA ASP L 187 -20.19 -74.09 -6.75
C ASP L 187 -19.23 -75.26 -6.63
N TYR L 188 -18.41 -75.27 -5.58
CA TYR L 188 -17.46 -76.36 -5.40
C TYR L 188 -18.17 -77.69 -5.18
N GLU L 189 -19.31 -77.67 -4.50
CA GLU L 189 -20.07 -78.89 -4.25
C GLU L 189 -20.94 -79.31 -5.43
N LYS L 190 -20.89 -78.57 -6.54
CA LYS L 190 -21.65 -78.94 -7.73
C LYS L 190 -20.88 -79.85 -8.67
N HIS L 191 -19.60 -80.09 -8.42
CA HIS L 191 -18.76 -80.86 -9.32
C HIS L 191 -17.94 -81.86 -8.53
N LYS L 192 -17.36 -82.83 -9.25
CA LYS L 192 -16.68 -83.96 -8.64
C LYS L 192 -15.19 -83.99 -8.94
N VAL L 193 -14.81 -84.02 -10.22
CA VAL L 193 -13.42 -84.22 -10.62
C VAL L 193 -12.75 -82.86 -10.77
N TYR L 194 -11.70 -82.62 -9.99
CA TYR L 194 -10.91 -81.40 -10.04
C TYR L 194 -9.49 -81.75 -10.42
N ALA L 195 -8.99 -81.12 -11.49
CA ALA L 195 -7.66 -81.43 -12.00
C ALA L 195 -7.00 -80.18 -12.54
N CYS L 196 -5.67 -80.17 -12.50
CA CYS L 196 -4.86 -79.18 -13.20
C CYS L 196 -3.95 -79.91 -14.19
N GLU L 197 -3.99 -79.50 -15.44
CA GLU L 197 -3.19 -80.09 -16.50
C GLU L 197 -1.96 -79.21 -16.72
N VAL L 198 -0.78 -79.80 -16.62
CA VAL L 198 0.48 -79.07 -16.74
C VAL L 198 1.18 -79.49 -18.01
N THR L 199 1.47 -78.52 -18.87
CA THR L 199 2.29 -78.73 -20.06
C THR L 199 3.61 -78.01 -19.89
N HIS L 200 4.70 -78.68 -20.25
CA HIS L 200 6.03 -78.12 -20.06
C HIS L 200 6.98 -78.81 -21.02
N GLN L 201 8.08 -78.12 -21.33
CA GLN L 201 9.06 -78.67 -22.28
C GLN L 201 9.67 -79.96 -21.77
N GLY L 202 9.81 -80.11 -20.45
CA GLY L 202 10.36 -81.32 -19.88
C GLY L 202 9.41 -82.50 -19.83
N LEU L 203 8.17 -82.31 -20.23
CA LEU L 203 7.16 -83.36 -20.22
C LEU L 203 6.83 -83.75 -21.65
N SER L 204 6.93 -85.05 -21.96
CA SER L 204 6.63 -85.53 -23.30
C SER L 204 5.16 -85.34 -23.65
N SER L 205 4.29 -85.32 -22.64
CA SER L 205 2.86 -85.10 -22.83
C SER L 205 2.33 -84.39 -21.59
N PRO L 206 1.20 -83.71 -21.70
CA PRO L 206 0.65 -82.99 -20.54
C PRO L 206 0.41 -83.93 -19.36
N VAL L 207 0.88 -83.51 -18.19
CA VAL L 207 0.71 -84.24 -16.94
C VAL L 207 -0.50 -83.68 -16.20
N THR L 208 -1.35 -84.56 -15.69
CA THR L 208 -2.58 -84.17 -15.01
C THR L 208 -2.63 -84.81 -13.64
N LYS L 209 -2.84 -84.00 -12.61
CA LYS L 209 -3.06 -84.46 -11.24
C LYS L 209 -4.45 -84.06 -10.81
N SER L 210 -5.19 -85.01 -10.24
CA SER L 210 -6.61 -84.79 -9.96
C SER L 210 -7.00 -85.42 -8.64
N PHE L 211 -8.14 -84.98 -8.13
CA PHE L 211 -8.80 -85.60 -6.98
C PHE L 211 -10.30 -85.55 -7.22
N ASN L 212 -11.02 -86.38 -6.47
CA ASN L 212 -12.48 -86.40 -6.49
C ASN L 212 -13.00 -85.83 -5.19
N ARG L 213 -13.97 -84.92 -5.28
CA ARG L 213 -14.49 -84.22 -4.12
C ARG L 213 -15.12 -85.19 -3.12
N GLY L 214 -14.46 -85.36 -1.97
CA GLY L 214 -14.98 -86.21 -0.92
C GLY L 214 -14.41 -87.62 -0.87
N GLU L 215 -13.29 -87.88 -1.52
CA GLU L 215 -12.69 -89.21 -1.50
C GLU L 215 -11.32 -89.18 -0.84
N GLN M 1 -37.17 30.97 4.56
CA GLN M 1 -38.48 31.44 4.10
C GLN M 1 -38.86 30.84 2.75
N VAL M 2 -39.65 29.76 2.78
CA VAL M 2 -40.14 29.11 1.59
C VAL M 2 -41.61 29.49 1.43
N GLN M 3 -41.91 30.31 0.42
CA GLN M 3 -43.27 30.81 0.26
C GLN M 3 -43.49 31.25 -1.18
N LEU M 4 -44.76 31.30 -1.56
CA LEU M 4 -45.20 31.85 -2.84
C LEU M 4 -46.18 32.98 -2.57
N VAL M 5 -45.95 34.14 -3.18
CA VAL M 5 -46.75 35.34 -2.94
C VAL M 5 -47.39 35.76 -4.25
N GLU M 6 -48.72 35.65 -4.33
CA GLU M 6 -49.45 36.05 -5.51
C GLU M 6 -49.84 37.52 -5.44
N SER M 7 -49.98 38.12 -6.62
CA SER M 7 -50.49 39.48 -6.75
C SER M 7 -51.01 39.65 -8.17
N GLY M 8 -51.64 40.80 -8.41
CA GLY M 8 -52.15 41.14 -9.72
C GLY M 8 -53.64 40.92 -9.92
N GLY M 9 -54.31 40.21 -9.01
CA GLY M 9 -55.73 39.99 -9.15
C GLY M 9 -56.53 41.26 -8.95
N GLY M 10 -57.82 41.16 -9.21
CA GLY M 10 -58.71 42.30 -9.04
C GLY M 10 -59.97 42.14 -9.89
N LEU M 11 -60.67 43.26 -10.05
CA LEU M 11 -61.90 43.30 -10.82
C LEU M 11 -61.61 43.72 -12.24
N ILE M 12 -62.28 43.07 -13.20
CA ILE M 12 -62.07 43.35 -14.61
C ILE M 12 -63.32 42.92 -15.37
N GLN M 13 -63.61 43.62 -16.46
CA GLN M 13 -64.78 43.33 -17.28
C GLN M 13 -64.51 42.16 -18.21
N PRO M 14 -65.56 41.46 -18.65
CA PRO M 14 -65.36 40.34 -19.57
C PRO M 14 -64.74 40.79 -20.88
N GLY M 15 -63.83 39.98 -21.41
CA GLY M 15 -63.05 40.32 -22.57
C GLY M 15 -61.72 40.97 -22.28
N GLY M 16 -61.54 41.51 -21.07
CA GLY M 16 -60.34 42.22 -20.72
C GLY M 16 -59.17 41.30 -20.44
N SER M 17 -58.06 41.92 -20.02
CA SER M 17 -56.82 41.21 -19.78
C SER M 17 -56.32 41.48 -18.37
N LEU M 18 -55.58 40.51 -17.83
CA LEU M 18 -55.07 40.61 -16.46
C LEU M 18 -53.84 39.73 -16.35
N ARG M 19 -52.84 40.22 -15.61
CA ARG M 19 -51.57 39.51 -15.43
C ARG M 19 -51.34 39.24 -13.96
N LEU M 20 -51.20 37.97 -13.60
CA LEU M 20 -50.93 37.58 -12.23
C LEU M 20 -49.45 37.31 -12.03
N SER M 21 -48.96 37.63 -10.85
CA SER M 21 -47.56 37.43 -10.49
C SER M 21 -47.47 36.49 -9.29
N CYS M 22 -46.34 35.78 -9.21
CA CYS M 22 -46.11 34.79 -8.16
C CYS M 22 -44.65 34.90 -7.73
N ALA M 23 -44.40 35.70 -6.70
CA ALA M 23 -43.04 35.90 -6.22
C ALA M 23 -42.64 34.75 -5.30
N ALA M 24 -41.56 34.06 -5.64
CA ALA M 24 -41.09 32.91 -4.90
C ALA M 24 -39.81 33.24 -4.14
N SER M 25 -39.68 32.62 -2.96
CA SER M 25 -38.44 32.67 -2.19
C SER M 25 -38.23 31.30 -1.57
N GLY M 26 -37.03 30.75 -1.73
CA GLY M 26 -36.77 29.39 -1.29
C GLY M 26 -36.86 28.41 -2.42
N VAL M 27 -37.96 28.45 -3.17
CA VAL M 27 -38.14 27.63 -4.36
C VAL M 27 -37.73 28.43 -5.58
N THR M 28 -36.89 27.83 -6.43
CA THR M 28 -36.46 28.46 -7.67
C THR M 28 -37.45 28.10 -8.77
N VAL M 29 -38.10 29.11 -9.34
CA VAL M 29 -39.20 28.88 -10.28
C VAL M 29 -38.71 28.19 -11.54
N SER M 30 -37.56 28.60 -12.06
CA SER M 30 -37.05 28.02 -13.30
C SER M 30 -36.52 26.60 -13.12
N SER M 31 -36.53 26.06 -11.90
CA SER M 31 -36.00 24.73 -11.64
C SER M 31 -37.09 23.72 -11.26
N ASN M 32 -38.35 24.13 -11.22
CA ASN M 32 -39.42 23.27 -10.73
C ASN M 32 -40.55 23.20 -11.75
N TYR M 33 -41.49 22.30 -11.49
CA TYR M 33 -42.78 22.30 -12.15
C TYR M 33 -43.66 23.32 -11.43
N MET M 34 -43.99 24.42 -12.11
CA MET M 34 -44.79 25.49 -11.53
C MET M 34 -46.17 25.50 -12.17
N SER M 35 -47.22 25.47 -11.34
CA SER M 35 -48.58 25.34 -11.81
C SER M 35 -49.44 26.46 -11.24
N TRP M 36 -50.49 26.81 -11.99
CA TRP M 36 -51.54 27.70 -11.53
C TRP M 36 -52.80 26.87 -11.28
N VAL M 37 -53.39 27.01 -10.10
CA VAL M 37 -54.64 26.35 -9.74
C VAL M 37 -55.63 27.41 -9.28
N ARG M 38 -56.86 27.32 -9.76
CA ARG M 38 -57.90 28.26 -9.39
C ARG M 38 -59.07 27.52 -8.75
N GLN M 39 -59.87 28.28 -7.99
CA GLN M 39 -61.00 27.71 -7.25
C GLN M 39 -62.13 28.72 -7.24
N ALA M 40 -63.15 28.47 -8.06
CA ALA M 40 -64.32 29.32 -8.11
C ALA M 40 -65.05 29.28 -6.77
N PRO M 41 -65.87 30.30 -6.47
CA PRO M 41 -66.58 30.33 -5.18
C PRO M 41 -67.45 29.09 -4.98
N GLY M 42 -67.17 28.35 -3.92
CA GLY M 42 -67.95 27.18 -3.56
C GLY M 42 -67.64 25.93 -4.36
N LYS M 43 -66.74 25.99 -5.33
CA LYS M 43 -66.39 24.85 -6.16
C LYS M 43 -65.03 24.30 -5.75
N GLY M 44 -64.61 23.24 -6.45
CA GLY M 44 -63.36 22.59 -6.16
C GLY M 44 -62.18 23.28 -6.83
N LEU M 45 -61.01 22.67 -6.69
CA LEU M 45 -59.80 23.17 -7.31
C LEU M 45 -59.75 22.77 -8.78
N GLU M 46 -59.35 23.72 -9.63
CA GLU M 46 -59.24 23.49 -11.06
C GLU M 46 -57.83 23.84 -11.51
N TRP M 47 -57.12 22.86 -12.07
CA TRP M 47 -55.80 23.12 -12.61
C TRP M 47 -55.91 23.97 -13.87
N VAL M 48 -54.99 24.93 -14.01
CA VAL M 48 -55.03 25.87 -15.12
C VAL M 48 -53.88 25.59 -16.08
N SER M 49 -52.65 25.85 -15.63
CA SER M 49 -51.48 25.74 -16.50
C SER M 49 -50.29 25.23 -15.71
N ILE M 50 -49.28 24.75 -16.43
CA ILE M 50 -48.03 24.31 -15.85
C ILE M 50 -46.89 24.69 -16.80
N ILE M 51 -45.72 24.94 -16.23
CA ILE M 51 -44.51 25.18 -17.01
C ILE M 51 -43.40 24.30 -16.44
N TYR M 52 -42.84 23.45 -17.29
CA TYR M 52 -41.74 22.60 -16.86
C TYR M 52 -40.48 23.43 -16.68
N SER M 53 -39.53 22.86 -15.91
CA SER M 53 -38.24 23.53 -15.74
C SER M 53 -37.49 23.66 -17.06
N GLY M 54 -37.78 22.81 -18.03
CA GLY M 54 -37.17 22.87 -19.33
C GLY M 54 -37.87 23.76 -20.34
N GLY M 55 -38.99 24.37 -19.97
CA GLY M 55 -39.69 25.29 -20.83
C GLY M 55 -41.01 24.78 -21.39
N THR M 56 -41.29 23.49 -21.25
CA THR M 56 -42.54 22.93 -21.76
C THR M 56 -43.72 23.46 -20.96
N THR M 57 -44.74 23.93 -21.67
CA THR M 57 -45.94 24.47 -21.05
C THR M 57 -47.15 23.64 -21.45
N TYR M 58 -48.16 23.66 -20.59
CA TYR M 58 -49.41 22.94 -20.82
C TYR M 58 -50.57 23.76 -20.26
N TYR M 59 -51.72 23.65 -20.90
CA TYR M 59 -52.88 24.45 -20.53
C TYR M 59 -54.13 23.58 -20.52
N ALA M 60 -55.06 23.94 -19.64
CA ALA M 60 -56.38 23.30 -19.65
C ALA M 60 -57.17 23.76 -20.88
N ASP M 61 -58.11 22.90 -21.30
CA ASP M 61 -58.88 23.20 -22.50
C ASP M 61 -59.66 24.50 -22.35
N SER M 62 -60.18 24.78 -21.15
CA SER M 62 -60.99 25.97 -20.95
C SER M 62 -60.18 27.26 -21.05
N VAL M 63 -58.86 27.17 -21.01
CA VAL M 63 -58.00 28.36 -21.01
C VAL M 63 -57.01 28.38 -22.16
N LYS M 64 -57.06 27.40 -23.07
CA LYS M 64 -56.16 27.39 -24.21
C LYS M 64 -56.45 28.57 -25.13
N GLY M 65 -55.38 29.14 -25.68
CA GLY M 65 -55.49 30.30 -26.52
C GLY M 65 -55.80 31.59 -25.81
N ARG M 66 -56.15 31.54 -24.52
CA ARG M 66 -56.45 32.73 -23.73
C ARG M 66 -55.44 32.97 -22.62
N PHE M 67 -54.97 31.93 -21.95
CA PHE M 67 -53.99 32.07 -20.89
C PHE M 67 -52.62 31.62 -21.39
N THR M 68 -51.59 32.32 -20.94
CA THR M 68 -50.21 31.99 -21.30
C THR M 68 -49.35 32.11 -20.06
N ILE M 69 -48.72 31.00 -19.67
CA ILE M 69 -47.87 30.96 -18.48
C ILE M 69 -46.45 31.31 -18.89
N SER M 70 -45.75 31.99 -17.98
CA SER M 70 -44.40 32.47 -18.26
C SER M 70 -43.66 32.62 -16.94
N ARG M 71 -42.38 32.99 -17.02
CA ARG M 71 -41.57 33.18 -15.84
C ARG M 71 -40.42 34.12 -16.18
N ASP M 72 -39.89 34.77 -15.16
CA ASP M 72 -38.69 35.60 -15.27
C ASP M 72 -37.68 35.08 -14.25
N SER M 73 -36.65 34.40 -14.74
CA SER M 73 -35.69 33.76 -13.85
C SER M 73 -34.97 34.78 -12.97
N SER M 74 -34.66 35.96 -13.53
CA SER M 74 -33.95 36.98 -12.75
C SER M 74 -34.80 37.50 -11.61
N MET M 75 -36.12 37.50 -11.76
CA MET M 75 -37.03 37.92 -10.70
C MET M 75 -37.44 36.78 -9.78
N ASN M 76 -37.21 35.53 -10.19
CA ASN M 76 -37.74 34.36 -9.50
C ASN M 76 -39.25 34.49 -9.30
N THR M 77 -39.94 34.71 -10.41
CA THR M 77 -41.36 35.02 -10.41
C THR M 77 -42.08 34.24 -11.48
N LEU M 78 -43.25 33.70 -11.14
CA LEU M 78 -44.13 33.04 -12.09
C LEU M 78 -45.25 34.00 -12.50
N TYR M 79 -45.64 33.93 -13.77
CA TYR M 79 -46.67 34.81 -14.31
C TYR M 79 -47.77 33.99 -14.97
N LEU M 80 -48.96 34.59 -15.03
CA LEU M 80 -50.08 34.02 -15.77
C LEU M 80 -50.80 35.16 -16.49
N GLN M 81 -50.60 35.26 -17.80
CA GLN M 81 -51.24 36.28 -18.61
C GLN M 81 -52.62 35.77 -19.02
N MET M 82 -53.67 36.45 -18.55
CA MET M 82 -55.05 36.05 -18.81
C MET M 82 -55.67 37.05 -19.78
N ASN M 83 -55.96 36.59 -21.00
CA ASN M 83 -56.60 37.40 -22.02
C ASN M 83 -57.98 36.85 -22.34
N SER M 84 -58.83 37.73 -22.86
CA SER M 84 -60.21 37.39 -23.20
C SER M 84 -60.92 36.74 -22.02
N LEU M 85 -60.78 37.36 -20.85
CA LEU M 85 -61.37 36.81 -19.64
C LEU M 85 -62.88 36.71 -19.74
N ARG M 86 -63.44 35.69 -19.09
CA ARG M 86 -64.86 35.45 -19.07
C ARG M 86 -65.35 35.39 -17.63
N ALA M 87 -66.67 35.40 -17.48
CA ALA M 87 -67.27 35.40 -16.14
C ALA M 87 -66.88 34.14 -15.36
N GLU M 88 -66.83 33.00 -16.03
CA GLU M 88 -66.50 31.75 -15.35
C GLU M 88 -65.05 31.69 -14.90
N ASP M 89 -64.20 32.64 -15.33
CA ASP M 89 -62.84 32.73 -14.84
C ASP M 89 -62.75 33.37 -13.47
N THR M 90 -63.86 33.80 -12.89
CA THR M 90 -63.86 34.37 -11.55
C THR M 90 -63.48 33.29 -10.55
N ALA M 91 -62.33 33.47 -9.90
CA ALA M 91 -61.85 32.47 -8.95
C ALA M 91 -60.67 33.05 -8.19
N VAL M 92 -60.34 32.40 -7.07
CA VAL M 92 -59.06 32.62 -6.40
C VAL M 92 -58.00 31.81 -7.13
N TYR M 93 -56.91 32.46 -7.50
CA TYR M 93 -55.86 31.82 -8.29
C TYR M 93 -54.65 31.56 -7.41
N TYR M 94 -54.24 30.29 -7.36
CA TYR M 94 -53.05 29.87 -6.61
C TYR M 94 -51.93 29.52 -7.58
N CYS M 95 -50.72 29.96 -7.25
CA CYS M 95 -49.53 29.43 -7.89
C CYS M 95 -48.88 28.43 -6.93
N ALA M 96 -48.32 27.36 -7.48
CA ALA M 96 -47.86 26.28 -6.64
C ALA M 96 -46.68 25.58 -7.29
N ARG M 97 -45.89 24.90 -6.45
CA ARG M 97 -44.74 24.13 -6.89
C ARG M 97 -45.13 22.66 -6.98
N ASP M 98 -45.10 22.12 -8.18
CA ASP M 98 -45.52 20.73 -8.42
C ASP M 98 -44.31 19.81 -8.37
N LEU M 99 -44.42 18.73 -7.60
CA LEU M 99 -43.38 17.70 -7.54
C LEU M 99 -43.83 16.42 -8.23
N MET M 100 -44.76 16.54 -9.18
CA MET M 100 -45.25 15.41 -9.97
C MET M 100 -45.77 14.28 -9.09
N VAL M 101 -44.93 13.26 -8.87
CA VAL M 101 -45.36 12.11 -8.07
C VAL M 101 -45.32 12.39 -6.58
N TYR M 102 -44.57 13.41 -6.14
CA TYR M 102 -44.48 13.77 -4.74
C TYR M 102 -45.54 14.77 -4.33
N GLY M 103 -46.46 15.13 -5.22
CA GLY M 103 -47.54 16.03 -4.88
C GLY M 103 -47.22 17.47 -5.17
N ILE M 104 -48.12 18.32 -4.67
CA ILE M 104 -47.97 19.77 -4.73
C ILE M 104 -47.79 20.23 -3.28
N ASP M 105 -46.56 20.55 -2.90
CA ASP M 105 -46.25 20.82 -1.50
C ASP M 105 -46.32 22.30 -1.14
N VAL M 106 -45.96 23.19 -2.05
CA VAL M 106 -45.88 24.62 -1.75
C VAL M 106 -47.00 25.34 -2.48
N TRP M 107 -47.87 25.99 -1.73
CA TRP M 107 -48.97 26.79 -2.28
C TRP M 107 -48.83 28.23 -1.84
N GLY M 108 -49.30 29.15 -2.70
CA GLY M 108 -49.39 30.54 -2.33
C GLY M 108 -50.68 30.86 -1.61
N GLN M 109 -50.78 32.10 -1.12
CA GLN M 109 -51.97 32.49 -0.39
C GLN M 109 -53.16 32.77 -1.31
N GLY M 110 -52.91 32.98 -2.61
CA GLY M 110 -53.98 33.19 -3.55
C GLY M 110 -54.34 34.64 -3.78
N THR M 111 -54.62 35.00 -5.03
CA THR M 111 -55.09 36.33 -5.39
C THR M 111 -56.42 36.20 -6.12
N THR M 112 -57.36 37.08 -5.77
CA THR M 112 -58.74 36.96 -6.23
C THR M 112 -58.93 37.71 -7.54
N VAL M 113 -59.58 37.04 -8.50
CA VAL M 113 -59.93 37.62 -9.79
C VAL M 113 -61.45 37.57 -9.93
N THR M 114 -62.06 38.71 -10.26
CA THR M 114 -63.50 38.80 -10.44
C THR M 114 -63.77 39.40 -11.82
N VAL M 115 -64.47 38.65 -12.65
CA VAL M 115 -64.79 39.07 -14.01
C VAL M 115 -66.30 39.24 -14.11
N SER M 116 -66.73 40.49 -14.29
CA SER M 116 -68.15 40.80 -14.34
C SER M 116 -68.34 42.08 -15.13
N SER M 117 -69.52 42.22 -15.73
CA SER M 117 -69.87 43.38 -16.52
C SER M 117 -70.69 44.40 -15.73
N SER M 119 -71.64 46.65 -12.75
CA SER M 119 -71.25 47.95 -12.24
C SER M 119 -71.42 47.98 -10.72
N THR M 120 -70.55 48.74 -10.06
CA THR M 120 -70.58 48.83 -8.61
C THR M 120 -71.92 49.38 -8.12
N LYS M 121 -72.53 48.69 -7.16
CA LYS M 121 -73.84 49.07 -6.67
C LYS M 121 -73.96 48.76 -5.20
N GLY M 122 -74.51 49.70 -4.44
CA GLY M 122 -74.85 49.47 -3.05
C GLY M 122 -76.07 48.59 -2.94
N PRO M 123 -76.24 47.92 -1.80
CA PRO M 123 -77.34 46.97 -1.66
C PRO M 123 -78.62 47.61 -1.15
N SER M 124 -79.74 47.02 -1.55
CA SER M 124 -81.03 47.32 -0.98
C SER M 124 -81.27 46.36 0.18
N VAL M 125 -81.66 46.89 1.33
CA VAL M 125 -81.85 46.12 2.55
C VAL M 125 -83.34 46.06 2.84
N PHE M 126 -83.93 44.87 2.76
CA PHE M 126 -85.34 44.68 3.02
C PHE M 126 -85.55 43.86 4.28
N PRO M 127 -86.57 44.19 5.09
CA PRO M 127 -86.77 43.47 6.34
C PRO M 127 -87.44 42.12 6.11
N LEU M 128 -86.96 41.12 6.85
CA LEU M 128 -87.60 39.81 6.93
C LEU M 128 -88.37 39.78 8.24
N ALA M 129 -89.63 40.22 8.18
CA ALA M 129 -90.42 40.50 9.36
C ALA M 129 -90.86 39.20 10.04
N PRO M 130 -90.87 39.16 11.38
CA PRO M 130 -91.40 37.98 12.08
C PRO M 130 -92.90 37.83 11.86
N SER M 131 -93.35 36.59 11.77
CA SER M 131 -94.74 36.32 11.49
C SER M 131 -95.62 36.65 12.70
N SER M 132 -96.92 36.73 12.45
CA SER M 132 -97.87 36.99 13.53
C SER M 132 -98.15 35.75 14.35
N LYS M 133 -98.01 34.56 13.76
CA LYS M 133 -98.25 33.31 14.47
C LYS M 133 -97.10 33.00 15.42
N GLY M 138 -92.21 29.53 20.67
CA GLY M 138 -91.53 30.22 21.76
C GLY M 138 -90.46 31.17 21.27
N THR M 139 -89.87 30.83 20.13
CA THR M 139 -88.83 31.64 19.51
C THR M 139 -89.23 32.01 18.09
N ALA M 140 -89.01 33.27 17.73
CA ALA M 140 -89.33 33.80 16.42
C ALA M 140 -88.06 34.15 15.66
N ALA M 141 -88.18 34.15 14.34
CA ALA M 141 -87.07 34.44 13.45
C ALA M 141 -87.36 35.71 12.67
N LEU M 142 -86.37 36.60 12.61
CA LEU M 142 -86.43 37.81 11.81
C LEU M 142 -85.06 38.03 11.17
N GLY M 143 -85.02 38.88 10.16
CA GLY M 143 -83.76 39.10 9.48
C GLY M 143 -83.83 40.23 8.47
N CYS M 144 -82.75 40.37 7.72
CA CYS M 144 -82.61 41.38 6.70
C CYS M 144 -82.23 40.73 5.39
N LEU M 145 -82.81 41.22 4.29
CA LEU M 145 -82.48 40.77 2.95
C LEU M 145 -81.58 41.82 2.29
N VAL M 146 -80.29 41.53 2.21
CA VAL M 146 -79.32 42.39 1.56
C VAL M 146 -79.26 41.94 0.10
N LYS M 147 -79.91 42.69 -0.78
CA LYS M 147 -80.14 42.27 -2.16
C LYS M 147 -79.48 43.23 -3.14
N ASP M 148 -78.93 42.67 -4.22
CA ASP M 148 -78.43 43.42 -5.37
C ASP M 148 -77.29 44.37 -4.99
N TYR M 149 -76.07 43.83 -4.90
CA TYR M 149 -74.90 44.65 -4.66
C TYR M 149 -73.72 44.05 -5.42
N PHE M 150 -72.67 44.85 -5.57
CA PHE M 150 -71.47 44.43 -6.28
C PHE M 150 -70.34 45.42 -6.03
N PRO M 151 -69.12 44.94 -5.76
CA PRO M 151 -68.80 43.52 -5.63
C PRO M 151 -68.87 43.03 -4.18
N GLU M 152 -68.24 41.89 -3.91
CA GLU M 152 -68.09 41.43 -2.55
C GLU M 152 -67.08 42.31 -1.81
N PRO M 153 -67.18 42.40 -0.48
CA PRO M 153 -68.20 41.80 0.39
C PRO M 153 -69.10 42.82 1.08
N VAL M 154 -70.02 42.32 1.91
CA VAL M 154 -70.78 43.14 2.83
C VAL M 154 -70.63 42.54 4.22
N THR M 155 -70.77 43.40 5.23
CA THR M 155 -70.72 42.97 6.62
C THR M 155 -72.01 43.40 7.31
N VAL M 156 -72.57 42.48 8.12
CA VAL M 156 -73.86 42.71 8.77
C VAL M 156 -73.70 42.46 10.27
N SER M 157 -74.17 43.41 11.07
CA SER M 157 -74.26 43.27 12.51
C SER M 157 -75.69 43.55 12.94
N TRP M 158 -76.00 43.25 14.20
CA TRP M 158 -77.34 43.43 14.73
C TRP M 158 -77.29 44.27 15.99
N ASN M 159 -78.08 45.35 16.02
CA ASN M 159 -78.13 46.28 17.14
C ASN M 159 -76.73 46.80 17.48
N SER M 160 -75.99 47.18 16.44
CA SER M 160 -74.63 47.71 16.57
C SER M 160 -73.71 46.75 17.30
N GLY M 161 -73.93 45.45 17.14
CA GLY M 161 -73.12 44.44 17.76
C GLY M 161 -73.61 43.94 19.10
N ALA M 162 -74.69 44.53 19.64
CA ALA M 162 -75.20 44.09 20.94
C ALA M 162 -75.87 42.72 20.83
N LEU M 163 -76.38 42.37 19.66
CA LEU M 163 -77.05 41.09 19.43
C LEU M 163 -76.16 40.22 18.56
N THR M 164 -75.66 39.12 19.13
CA THR M 164 -74.79 38.21 18.39
C THR M 164 -75.27 36.77 18.52
N SER M 165 -75.88 36.44 19.65
CA SER M 165 -76.36 35.09 19.89
C SER M 165 -77.53 34.77 18.95
N GLY M 166 -77.41 33.69 18.20
CA GLY M 166 -78.45 33.27 17.29
C GLY M 166 -78.45 33.94 15.94
N VAL M 167 -77.37 34.62 15.58
CA VAL M 167 -77.29 35.33 14.30
C VAL M 167 -76.66 34.40 13.27
N HIS M 168 -77.27 34.32 12.09
CA HIS M 168 -76.74 33.56 10.97
C HIS M 168 -76.71 34.47 9.74
N THR M 169 -75.51 34.89 9.34
CA THR M 169 -75.32 35.67 8.13
C THR M 169 -74.81 34.74 7.04
N PHE M 170 -75.68 34.39 6.10
CA PHE M 170 -75.36 33.39 5.10
C PHE M 170 -74.35 33.93 4.10
N PRO M 171 -73.55 33.05 3.50
CA PRO M 171 -72.70 33.48 2.38
C PRO M 171 -73.54 33.91 1.19
N ALA M 172 -73.04 34.88 0.45
CA ALA M 172 -73.80 35.47 -0.64
C ALA M 172 -73.92 34.50 -1.81
N VAL M 173 -75.00 34.65 -2.56
CA VAL M 173 -75.21 33.92 -3.80
C VAL M 173 -75.14 34.90 -4.96
N LEU M 174 -74.60 34.45 -6.09
CA LEU M 174 -74.52 35.27 -7.28
C LEU M 174 -75.78 35.04 -8.12
N GLN M 175 -76.53 36.11 -8.37
CA GLN M 175 -77.75 36.01 -9.13
C GLN M 175 -77.45 36.06 -10.63
N SER M 176 -78.47 35.73 -11.44
CA SER M 176 -78.30 35.77 -12.89
C SER M 176 -78.05 37.18 -13.40
N SER M 177 -78.47 38.20 -12.64
CA SER M 177 -78.24 39.58 -13.04
C SER M 177 -76.78 40.00 -12.91
N GLY M 178 -75.94 39.18 -12.29
CA GLY M 178 -74.57 39.54 -12.02
C GLY M 178 -74.35 40.22 -10.67
N LEU M 179 -75.41 40.42 -9.89
CA LEU M 179 -75.33 41.06 -8.60
C LEU M 179 -75.49 40.04 -7.49
N TYR M 180 -74.87 40.31 -6.35
CA TYR M 180 -74.89 39.40 -5.22
C TYR M 180 -76.09 39.65 -4.32
N SER M 181 -76.59 38.58 -3.71
CA SER M 181 -77.69 38.65 -2.75
C SER M 181 -77.30 37.89 -1.49
N LEU M 182 -77.82 38.36 -0.37
CA LEU M 182 -77.43 37.81 0.93
C LEU M 182 -78.53 38.10 1.95
N SER M 183 -78.64 37.22 2.95
CA SER M 183 -79.61 37.37 4.02
C SER M 183 -78.97 37.05 5.35
N SER M 184 -79.30 37.82 6.37
CA SER M 184 -78.81 37.62 7.73
C SER M 184 -80.00 37.56 8.67
N VAL M 185 -80.17 36.43 9.36
CA VAL M 185 -81.32 36.20 10.21
C VAL M 185 -80.85 36.05 11.65
N VAL M 186 -81.81 36.15 12.58
CA VAL M 186 -81.54 35.93 14.00
C VAL M 186 -82.83 35.45 14.64
N THR M 187 -82.68 34.53 15.60
CA THR M 187 -83.81 33.97 16.34
C THR M 187 -83.86 34.56 17.75
N VAL M 188 -85.03 35.01 18.15
CA VAL M 188 -85.23 35.66 19.45
C VAL M 188 -86.49 35.11 20.10
N PRO M 189 -86.62 35.27 21.42
CA PRO M 189 -87.87 34.88 22.08
C PRO M 189 -89.04 35.71 21.58
N SER M 190 -90.19 35.04 21.44
CA SER M 190 -91.38 35.71 20.91
C SER M 190 -91.86 36.82 21.83
N SER M 191 -91.54 36.74 23.12
CA SER M 191 -91.99 37.75 24.08
C SER M 191 -91.27 39.08 23.92
N SER M 192 -90.24 39.15 23.08
CA SER M 192 -89.43 40.36 22.94
C SER M 192 -89.74 41.18 21.70
N LEU M 193 -90.59 40.68 20.80
CA LEU M 193 -90.85 41.37 19.55
C LEU M 193 -91.54 42.72 19.75
N GLY M 194 -92.21 42.92 20.89
CA GLY M 194 -92.88 44.17 21.13
C GLY M 194 -92.12 45.12 22.03
N THR M 195 -91.06 44.62 22.68
CA THR M 195 -90.31 45.38 23.66
C THR M 195 -88.86 45.63 23.28
N GLN M 196 -88.34 44.97 22.25
CA GLN M 196 -86.93 45.11 21.86
C GLN M 196 -86.86 45.48 20.38
N THR M 197 -86.21 46.60 20.09
CA THR M 197 -85.99 47.01 18.71
C THR M 197 -84.83 46.23 18.10
N TYR M 198 -85.00 45.81 16.85
CA TYR M 198 -84.00 45.03 16.13
C TYR M 198 -83.63 45.75 14.85
N ILE M 199 -82.40 46.25 14.77
CA ILE M 199 -81.89 46.93 13.60
C ILE M 199 -80.66 46.17 13.10
N CYS M 200 -80.63 45.86 11.81
CA CYS M 200 -79.47 45.25 11.19
C CYS M 200 -78.64 46.35 10.53
N ASN M 201 -77.31 46.24 10.67
CA ASN M 201 -76.38 47.25 10.18
C ASN M 201 -75.62 46.65 9.00
N VAL M 202 -75.87 47.18 7.80
CA VAL M 202 -75.30 46.67 6.57
C VAL M 202 -74.22 47.64 6.11
N ASN M 203 -73.00 47.13 5.93
CA ASN M 203 -71.86 47.93 5.51
C ASN M 203 -71.32 47.36 4.22
N HIS M 204 -71.25 48.20 3.18
CA HIS M 204 -70.73 47.83 1.86
C HIS M 204 -69.72 48.89 1.46
N LYS M 205 -68.46 48.67 1.85
CA LYS M 205 -67.41 49.65 1.57
C LYS M 205 -67.22 49.99 0.10
N PRO M 206 -67.28 49.04 -0.85
CA PRO M 206 -67.05 49.43 -2.26
C PRO M 206 -67.97 50.52 -2.78
N SER M 207 -69.17 50.66 -2.19
CA SER M 207 -70.11 51.70 -2.62
C SER M 207 -70.27 52.80 -1.58
N ASN M 208 -69.46 52.79 -0.52
CA ASN M 208 -69.54 53.77 0.56
C ASN M 208 -70.96 53.83 1.12
N THR M 209 -71.53 52.65 1.37
CA THR M 209 -72.92 52.51 1.79
C THR M 209 -72.98 51.85 3.16
N LYS M 210 -73.56 52.57 4.12
CA LYS M 210 -73.90 52.01 5.42
C LYS M 210 -75.38 52.24 5.66
N VAL M 211 -76.12 51.15 5.88
CA VAL M 211 -77.56 51.20 6.01
C VAL M 211 -77.97 50.51 7.30
N ASP M 212 -78.85 51.15 8.07
CA ASP M 212 -79.43 50.58 9.28
C ASP M 212 -80.92 50.41 9.05
N LYS M 213 -81.40 49.18 9.09
CA LYS M 213 -82.78 48.84 8.78
C LYS M 213 -83.46 48.28 10.02
N LYS M 214 -84.55 48.92 10.45
CA LYS M 214 -85.30 48.48 11.61
C LYS M 214 -86.28 47.39 11.20
N VAL M 215 -86.16 46.22 11.80
CA VAL M 215 -87.02 45.07 11.51
C VAL M 215 -88.11 45.00 12.58
N GLU M 216 -89.35 45.15 12.17
CA GLU M 216 -90.50 45.16 13.06
C GLU M 216 -91.51 44.10 12.65
N PRO M 217 -92.31 43.59 13.58
CA PRO M 217 -93.42 42.71 13.19
C PRO M 217 -94.42 43.46 12.33
N LYS M 218 -94.89 42.79 11.27
CA LYS M 218 -95.76 43.44 10.31
C LYS M 218 -97.12 43.75 10.93
N SER M 219 -97.70 44.88 10.53
CA SER M 219 -98.97 45.35 11.06
C SER M 219 -100.05 45.12 10.01
N CYS M 220 -100.97 44.20 10.29
CA CYS M 220 -102.06 43.92 9.38
C CYS M 220 -103.12 45.02 9.43
N GLU N 1 -59.96 12.60 -21.87
CA GLU N 1 -59.75 13.07 -20.51
C GLU N 1 -60.10 12.00 -19.49
N ILE N 2 -59.41 12.02 -18.36
CA ILE N 2 -59.69 11.10 -17.27
C ILE N 2 -60.63 11.78 -16.29
N VAL N 3 -61.64 11.03 -15.84
CA VAL N 3 -62.66 11.54 -14.92
C VAL N 3 -62.44 10.88 -13.57
N MET N 4 -62.16 11.69 -12.55
CA MET N 4 -61.92 11.21 -11.19
C MET N 4 -63.23 11.32 -10.41
N THR N 5 -63.88 10.19 -10.18
CA THR N 5 -65.13 10.15 -9.43
C THR N 5 -64.82 9.86 -7.96
N GLN N 6 -65.12 10.82 -7.09
CA GLN N 6 -64.82 10.74 -5.67
C GLN N 6 -66.12 10.65 -4.88
N SER N 7 -66.18 9.73 -3.94
CA SER N 7 -67.38 9.49 -3.16
C SER N 7 -67.00 9.11 -1.74
N PRO N 8 -67.80 9.51 -0.73
CA PRO N 8 -69.01 10.31 -0.91
C PRO N 8 -68.72 11.80 -1.06
N SER N 9 -69.72 12.58 -1.47
CA SER N 9 -69.56 14.03 -1.55
C SER N 9 -69.33 14.62 -0.17
N SER N 10 -69.97 14.06 0.85
CA SER N 10 -69.78 14.50 2.22
C SER N 10 -70.01 13.32 3.15
N LEU N 11 -69.39 13.37 4.32
CA LEU N 11 -69.56 12.34 5.33
C LEU N 11 -69.38 12.97 6.71
N SER N 12 -70.12 12.43 7.69
CA SER N 12 -70.11 12.93 9.05
C SER N 12 -69.41 11.92 9.95
N ALA N 13 -68.51 12.41 10.80
CA ALA N 13 -67.73 11.53 11.65
C ALA N 13 -67.44 12.22 12.97
N SER N 14 -67.37 11.43 14.03
CA SER N 14 -66.98 11.91 15.35
C SER N 14 -65.49 11.70 15.56
N VAL N 15 -64.94 12.38 16.56
CA VAL N 15 -63.52 12.25 16.86
C VAL N 15 -63.23 10.82 17.28
N GLY N 16 -62.22 10.22 16.64
CA GLY N 16 -61.85 8.84 16.88
C GLY N 16 -62.41 7.85 15.87
N ASP N 17 -63.26 8.30 14.96
CA ASP N 17 -63.81 7.41 13.95
C ASP N 17 -62.77 7.09 12.88
N ARG N 18 -62.99 5.96 12.21
CA ARG N 18 -62.16 5.54 11.09
C ARG N 18 -62.86 5.98 9.80
N VAL N 19 -62.30 6.98 9.13
CA VAL N 19 -62.89 7.58 7.93
C VAL N 19 -62.26 6.97 6.70
N THR N 20 -63.08 6.75 5.67
CA THR N 20 -62.61 6.17 4.41
C THR N 20 -63.24 6.94 3.25
N ILE N 21 -62.40 7.47 2.38
CA ILE N 21 -62.83 8.23 1.20
C ILE N 21 -62.34 7.50 -0.04
N THR N 22 -63.20 7.37 -1.04
CA THR N 22 -62.93 6.59 -2.23
C THR N 22 -62.80 7.48 -3.45
N CYS N 23 -61.80 7.18 -4.29
CA CYS N 23 -61.55 7.88 -5.54
C CYS N 23 -61.45 6.86 -6.66
N ARG N 24 -62.20 7.07 -7.73
CA ARG N 24 -62.24 6.14 -8.85
C ARG N 24 -61.89 6.86 -10.15
N ALA N 25 -60.91 6.31 -10.86
CA ALA N 25 -60.45 6.90 -12.11
C ALA N 25 -61.20 6.32 -13.30
N SER N 26 -61.35 7.16 -14.34
CA SER N 26 -62.05 6.70 -15.54
C SER N 26 -61.26 5.60 -16.26
N GLN N 27 -59.94 5.71 -16.26
CA GLN N 27 -59.05 4.71 -16.84
C GLN N 27 -57.95 4.41 -15.84
N GLY N 28 -57.19 3.35 -16.12
CA GLY N 28 -56.09 3.00 -15.23
C GLY N 28 -55.04 4.10 -15.20
N ILE N 29 -54.57 4.40 -14.00
CA ILE N 29 -53.52 5.40 -13.81
C ILE N 29 -52.45 4.85 -12.88
N SER N 30 -52.39 3.52 -12.77
CA SER N 30 -51.46 2.83 -11.88
C SER N 30 -51.45 3.45 -10.50
N SER N 31 -50.29 3.91 -10.04
CA SER N 31 -50.15 4.54 -8.74
C SER N 31 -50.05 6.05 -8.83
N TYR N 32 -50.30 6.63 -10.00
CA TYR N 32 -50.23 8.09 -10.18
C TYR N 32 -51.47 8.73 -9.57
N LEU N 33 -51.45 8.86 -8.24
CA LEU N 33 -52.54 9.53 -7.53
C LEU N 33 -51.99 10.16 -6.26
N ALA N 34 -52.62 11.26 -5.86
CA ALA N 34 -52.28 11.97 -4.63
C ALA N 34 -53.54 12.40 -3.91
N TRP N 35 -53.43 12.59 -2.60
CA TRP N 35 -54.53 13.04 -1.77
C TRP N 35 -54.17 14.38 -1.12
N TYR N 36 -55.15 15.27 -1.05
CA TYR N 36 -54.95 16.61 -0.51
C TYR N 36 -56.00 16.91 0.55
N GLN N 37 -55.64 17.82 1.45
CA GLN N 37 -56.54 18.36 2.47
C GLN N 37 -56.62 19.86 2.31
N GLN N 38 -57.83 20.40 2.40
CA GLN N 38 -58.03 21.84 2.27
C GLN N 38 -59.10 22.29 3.26
N LYS N 39 -58.82 23.38 3.95
CA LYS N 39 -59.73 24.03 4.87
C LYS N 39 -60.15 25.39 4.34
N PRO N 40 -61.34 25.87 4.70
CA PRO N 40 -61.88 27.09 4.08
C PRO N 40 -60.93 28.28 4.23
N GLY N 41 -60.57 28.87 3.09
CA GLY N 41 -59.69 30.02 3.07
C GLY N 41 -58.21 29.72 3.05
N LYS N 42 -57.83 28.45 3.03
CA LYS N 42 -56.43 28.05 3.04
C LYS N 42 -56.07 27.35 1.74
N ALA N 43 -54.77 27.20 1.51
CA ALA N 43 -54.26 26.47 0.37
C ALA N 43 -54.33 24.98 0.63
N PRO N 44 -54.38 24.16 -0.42
CA PRO N 44 -54.36 22.70 -0.24
C PRO N 44 -53.08 22.24 0.43
N LYS N 45 -53.17 21.08 1.07
CA LYS N 45 -52.05 20.47 1.79
C LYS N 45 -51.87 19.05 1.31
N LEU N 46 -50.69 18.73 0.79
CA LEU N 46 -50.43 17.41 0.26
C LEU N 46 -50.32 16.39 1.39
N LEU N 47 -51.11 15.33 1.31
CA LEU N 47 -51.13 14.27 2.31
C LEU N 47 -50.40 13.03 1.84
N ILE N 48 -50.87 12.43 0.74
CA ILE N 48 -50.32 11.21 0.19
C ILE N 48 -49.91 11.47 -1.25
N TYR N 49 -48.76 10.94 -1.65
CA TYR N 49 -48.38 10.91 -3.05
C TYR N 49 -48.08 9.47 -3.45
N ALA N 50 -48.08 9.23 -4.76
CA ALA N 50 -47.90 7.89 -5.31
C ALA N 50 -48.89 6.91 -4.68
N ALA N 51 -50.12 7.38 -4.49
CA ALA N 51 -51.27 6.59 -4.03
C ALA N 51 -51.17 6.16 -2.58
N SER N 52 -49.98 5.76 -2.12
CA SER N 52 -49.87 5.15 -0.79
C SER N 52 -48.69 5.64 0.03
N THR N 53 -47.96 6.66 -0.41
CA THR N 53 -46.78 7.14 0.31
C THR N 53 -47.13 8.39 1.10
N LEU N 54 -46.80 8.37 2.39
CA LEU N 54 -47.16 9.46 3.30
C LEU N 54 -46.17 10.60 3.18
N GLN N 55 -46.68 11.79 2.87
CA GLN N 55 -45.85 12.98 2.76
C GLN N 55 -45.21 13.31 4.11
N SER N 56 -43.99 13.83 4.06
CA SER N 56 -43.26 14.18 5.26
C SER N 56 -44.02 15.22 6.07
N GLY N 57 -44.14 14.99 7.38
CA GLY N 57 -44.84 15.89 8.28
C GLY N 57 -46.30 15.54 8.51
N VAL N 58 -46.89 14.69 7.68
CA VAL N 58 -48.30 14.33 7.80
C VAL N 58 -48.44 13.26 8.88
N PRO N 59 -49.42 13.39 9.79
CA PRO N 59 -49.58 12.40 10.85
C PRO N 59 -49.81 10.99 10.28
N SER N 60 -49.36 10.00 11.04
CA SER N 60 -49.38 8.61 10.59
C SER N 60 -50.79 8.02 10.51
N ARG N 61 -51.79 8.67 11.10
CA ARG N 61 -53.16 8.16 10.99
C ARG N 61 -53.69 8.24 9.57
N PHE N 62 -53.06 9.04 8.71
CA PHE N 62 -53.41 9.09 7.30
C PHE N 62 -52.69 7.98 6.53
N SER N 63 -53.41 7.36 5.60
CA SER N 63 -52.82 6.31 4.77
C SER N 63 -53.63 6.18 3.49
N GLY N 64 -52.92 6.01 2.38
CA GLY N 64 -53.55 5.78 1.09
C GLY N 64 -53.30 4.36 0.64
N SER N 65 -54.20 3.85 -0.20
CA SER N 65 -54.09 2.49 -0.69
C SER N 65 -54.81 2.37 -2.02
N GLY N 66 -54.43 1.35 -2.78
CA GLY N 66 -55.05 1.07 -4.06
C GLY N 66 -54.11 1.35 -5.22
N SER N 67 -54.42 0.73 -6.36
CA SER N 67 -53.64 0.91 -7.57
C SER N 67 -54.51 0.54 -8.75
N GLY N 68 -54.35 1.28 -9.85
CA GLY N 68 -55.12 1.03 -11.04
C GLY N 68 -56.26 2.01 -11.24
N THR N 69 -57.43 1.68 -10.70
CA THR N 69 -58.61 2.52 -10.81
C THR N 69 -59.23 2.91 -9.48
N ASP N 70 -59.19 2.03 -8.48
CA ASP N 70 -59.83 2.27 -7.19
C ASP N 70 -58.76 2.64 -6.15
N PHE N 71 -58.99 3.76 -5.45
CA PHE N 71 -58.08 4.26 -4.44
C PHE N 71 -58.89 4.69 -3.23
N THR N 72 -58.28 4.58 -2.04
CA THR N 72 -58.96 4.95 -0.80
C THR N 72 -58.01 5.73 0.11
N LEU N 73 -58.50 6.83 0.66
CA LEU N 73 -57.82 7.55 1.73
C LEU N 73 -58.44 7.14 3.06
N THR N 74 -57.58 6.91 4.06
CA THR N 74 -58.01 6.34 5.33
C THR N 74 -57.45 7.16 6.48
N ILE N 75 -58.34 7.67 7.34
CA ILE N 75 -57.97 8.33 8.58
C ILE N 75 -58.34 7.35 9.70
N SER N 76 -57.33 6.68 10.25
CA SER N 76 -57.58 5.58 11.18
C SER N 76 -58.24 6.06 12.46
N SER N 77 -57.89 7.25 12.94
CA SER N 77 -58.46 7.80 14.18
C SER N 77 -58.60 9.30 13.97
N LEU N 78 -59.82 9.74 13.62
CA LEU N 78 -60.06 11.13 13.27
C LEU N 78 -59.78 12.04 14.46
N GLN N 79 -59.05 13.13 14.20
CA GLN N 79 -58.71 14.12 15.20
C GLN N 79 -59.44 15.44 14.90
N PRO N 80 -59.55 16.33 15.89
CA PRO N 80 -60.29 17.58 15.68
C PRO N 80 -59.78 18.42 14.52
N GLU N 81 -58.48 18.42 14.25
CA GLU N 81 -57.92 19.21 13.16
C GLU N 81 -58.03 18.52 11.81
N ASP N 82 -58.82 17.46 11.70
CA ASP N 82 -58.97 16.72 10.45
C ASP N 82 -60.30 16.98 9.76
N PHE N 83 -61.18 17.79 10.34
CA PHE N 83 -62.44 18.16 9.71
C PHE N 83 -62.14 19.16 8.59
N ALA N 84 -62.08 18.67 7.36
CA ALA N 84 -61.74 19.51 6.21
C ALA N 84 -62.40 18.92 4.97
N THR N 85 -61.92 19.32 3.80
CA THR N 85 -62.36 18.78 2.53
C THR N 85 -61.16 18.14 1.83
N TYR N 86 -61.33 16.91 1.36
CA TYR N 86 -60.23 16.12 0.81
C TYR N 86 -60.43 15.88 -0.68
N TYR N 87 -59.34 15.96 -1.43
CA TYR N 87 -59.36 15.76 -2.88
C TYR N 87 -58.33 14.71 -3.26
N CYS N 88 -58.64 13.98 -4.32
CA CYS N 88 -57.67 13.11 -4.99
C CYS N 88 -57.27 13.75 -6.32
N GLN N 89 -56.04 13.48 -6.74
CA GLN N 89 -55.52 14.06 -7.97
C GLN N 89 -54.83 13.01 -8.81
N GLN N 90 -55.07 13.05 -10.11
CA GLN N 90 -54.37 12.23 -11.09
C GLN N 90 -53.10 12.96 -11.47
N LEU N 91 -52.04 12.78 -10.67
CA LEU N 91 -50.77 13.47 -10.94
C LEU N 91 -49.94 12.71 -11.97
N ASP N 92 -50.51 12.53 -13.15
CA ASP N 92 -49.89 11.78 -14.23
C ASP N 92 -49.86 12.65 -15.49
N SER N 93 -48.79 12.48 -16.27
CA SER N 93 -48.57 13.33 -17.45
C SER N 93 -49.66 13.14 -18.50
N TYR N 94 -49.92 11.89 -18.91
CA TYR N 94 -50.92 11.67 -19.94
C TYR N 94 -52.18 11.10 -19.33
N PRO N 95 -53.37 11.59 -19.72
CA PRO N 95 -53.66 12.68 -20.66
C PRO N 95 -53.77 14.05 -19.99
N PRO N 96 -53.02 15.04 -20.50
CA PRO N 96 -52.76 16.31 -19.80
C PRO N 96 -53.51 16.55 -18.50
N GLY N 97 -54.32 17.61 -18.45
CA GLY N 97 -55.27 17.85 -17.37
C GLY N 97 -54.80 17.89 -15.92
N TYR N 98 -54.27 16.79 -15.40
CA TYR N 98 -54.09 16.62 -13.96
C TYR N 98 -55.40 16.91 -13.24
N THR N 99 -56.35 15.97 -13.31
CA THR N 99 -57.69 16.22 -12.81
C THR N 99 -57.77 15.95 -11.31
N PHE N 100 -58.65 16.70 -10.64
CA PHE N 100 -58.93 16.51 -9.22
C PHE N 100 -60.29 15.86 -9.04
N GLY N 101 -60.46 15.18 -7.91
CA GLY N 101 -61.74 14.64 -7.55
C GLY N 101 -62.72 15.73 -7.16
N GLN N 102 -64.00 15.35 -7.10
CA GLN N 102 -65.05 16.31 -6.73
C GLN N 102 -64.90 16.79 -5.30
N GLY N 103 -64.23 16.05 -4.45
CA GLY N 103 -64.00 16.48 -3.09
C GLY N 103 -64.97 15.86 -2.11
N THR N 104 -64.50 15.66 -0.87
CA THR N 104 -65.31 15.07 0.19
C THR N 104 -65.19 15.94 1.43
N LYS N 105 -66.32 16.52 1.85
CA LYS N 105 -66.36 17.33 3.06
C LYS N 105 -66.62 16.43 4.26
N VAL N 106 -65.79 16.55 5.29
CA VAL N 106 -65.89 15.75 6.50
C VAL N 106 -66.29 16.69 7.63
N ASP N 107 -67.58 16.71 7.95
CA ASP N 107 -68.10 17.60 8.98
C ASP N 107 -68.24 16.86 10.31
N ILE N 108 -68.59 17.61 11.35
CA ILE N 108 -68.69 17.08 12.70
C ILE N 108 -70.04 16.40 12.88
N LYS N 109 -70.01 15.15 13.35
CA LYS N 109 -71.24 14.39 13.55
C LYS N 109 -71.77 14.70 15.03
N ARG N 110 -73.09 14.66 15.28
CA ARG N 110 -73.85 14.87 16.61
C ARG N 110 -75.20 14.23 16.38
N THR N 111 -76.07 14.31 17.39
CA THR N 111 -77.40 13.73 17.27
C THR N 111 -78.20 14.47 16.22
N VAL N 112 -79.17 13.77 15.63
CA VAL N 112 -80.01 14.36 14.60
C VAL N 112 -80.84 15.49 15.20
N ALA N 113 -80.88 16.62 14.49
CA ALA N 113 -81.64 17.79 14.92
C ALA N 113 -82.50 18.26 13.76
N ALA N 114 -83.80 18.32 13.97
CA ALA N 114 -84.73 18.78 12.94
C ALA N 114 -84.70 20.31 12.84
N PRO N 115 -84.89 20.85 11.64
CA PRO N 115 -84.83 22.30 11.47
C PRO N 115 -86.12 22.99 11.85
N SER N 116 -85.97 24.24 12.28
CA SER N 116 -87.11 25.14 12.49
C SER N 116 -87.35 25.89 11.20
N VAL N 117 -88.55 25.75 10.64
CA VAL N 117 -88.85 26.28 9.31
C VAL N 117 -89.68 27.55 9.47
N PHE N 118 -89.23 28.62 8.81
CA PHE N 118 -89.92 29.90 8.79
C PHE N 118 -90.00 30.41 7.36
N ILE N 119 -91.15 30.95 6.99
CA ILE N 119 -91.35 31.55 5.67
C ILE N 119 -91.59 33.04 5.86
N PHE N 120 -91.00 33.85 4.98
CA PHE N 120 -91.10 35.30 5.05
C PHE N 120 -91.65 35.85 3.76
N PRO N 121 -92.79 36.51 3.76
CA PRO N 121 -93.31 37.13 2.54
C PRO N 121 -92.42 38.30 2.13
N PRO N 122 -92.48 38.72 0.86
CA PRO N 122 -91.76 39.93 0.47
C PRO N 122 -92.32 41.14 1.20
N SER N 123 -91.43 42.09 1.50
CA SER N 123 -91.85 43.29 2.20
C SER N 123 -92.63 44.22 1.28
N ASP N 124 -93.51 45.02 1.89
CA ASP N 124 -94.23 46.04 1.13
C ASP N 124 -93.27 47.03 0.48
N GLU N 125 -92.15 47.33 1.15
CA GLU N 125 -91.17 48.26 0.59
C GLU N 125 -90.55 47.70 -0.68
N GLN N 126 -90.29 46.39 -0.72
CA GLN N 126 -89.67 45.79 -1.89
C GLN N 126 -90.67 45.63 -3.04
N LEU N 127 -91.92 45.28 -2.73
CA LEU N 127 -92.93 45.19 -3.78
C LEU N 127 -93.11 46.52 -4.49
N LYS N 128 -92.85 47.63 -3.80
CA LYS N 128 -92.92 48.95 -4.43
C LYS N 128 -91.85 49.11 -5.51
N SER N 129 -90.76 48.34 -5.43
CA SER N 129 -89.68 48.42 -6.40
C SER N 129 -89.95 47.58 -7.65
N GLY N 130 -90.74 46.53 -7.54
CA GLY N 130 -91.08 45.68 -8.67
C GLY N 130 -90.61 44.25 -8.57
N THR N 131 -89.95 43.85 -7.48
CA THR N 131 -89.43 42.50 -7.32
C THR N 131 -89.91 41.94 -5.98
N ALA N 132 -90.28 40.66 -5.97
CA ALA N 132 -90.75 39.99 -4.77
C ALA N 132 -89.77 38.88 -4.41
N SER N 133 -89.20 38.98 -3.21
CA SER N 133 -88.26 37.98 -2.70
C SER N 133 -88.90 37.29 -1.51
N VAL N 134 -89.21 36.01 -1.66
CA VAL N 134 -89.74 35.17 -0.58
C VAL N 134 -88.60 34.32 -0.04
N VAL N 135 -88.44 34.32 1.28
CA VAL N 135 -87.31 33.67 1.93
C VAL N 135 -87.83 32.57 2.85
N CYS N 136 -87.21 31.40 2.78
CA CYS N 136 -87.52 30.27 3.64
C CYS N 136 -86.30 29.95 4.48
N LEU N 137 -86.49 29.84 5.79
CA LEU N 137 -85.39 29.66 6.74
C LEU N 137 -85.44 28.27 7.35
N LEU N 138 -84.30 27.58 7.35
CA LEU N 138 -84.12 26.31 8.04
C LEU N 138 -83.09 26.55 9.13
N ASN N 139 -83.53 26.58 10.38
CA ASN N 139 -82.70 27.02 11.49
C ASN N 139 -82.21 25.84 12.32
N ASN N 140 -80.89 25.77 12.51
CA ASN N 140 -80.25 24.84 13.44
C ASN N 140 -80.70 23.40 13.23
N PHE N 141 -80.18 22.75 12.18
CA PHE N 141 -80.49 21.35 11.91
C PHE N 141 -79.21 20.56 11.75
N TYR N 142 -79.36 19.23 11.71
CA TYR N 142 -78.26 18.31 11.46
C TYR N 142 -78.84 16.96 11.07
N PRO N 143 -78.28 16.28 10.06
CA PRO N 143 -77.09 16.66 9.28
C PRO N 143 -77.33 17.77 8.25
N ARG N 144 -76.31 18.02 7.42
CA ARG N 144 -76.37 19.11 6.45
C ARG N 144 -77.40 18.83 5.36
N GLU N 145 -77.54 17.58 4.95
CA GLU N 145 -78.42 17.22 3.84
C GLU N 145 -79.85 17.62 4.14
N ALA N 146 -80.40 18.52 3.32
CA ALA N 146 -81.77 19.00 3.47
C ALA N 146 -82.31 19.41 2.11
N LYS N 147 -83.58 19.10 1.87
CA LYS N 147 -84.23 19.36 0.59
C LYS N 147 -85.36 20.35 0.80
N VAL N 148 -85.32 21.45 0.05
CA VAL N 148 -86.31 22.52 0.15
C VAL N 148 -87.03 22.62 -1.19
N GLN N 149 -88.36 22.54 -1.17
CA GLN N 149 -89.18 22.59 -2.36
C GLN N 149 -90.20 23.72 -2.22
N TRP N 150 -90.09 24.72 -3.09
CA TRP N 150 -91.07 25.80 -3.13
C TRP N 150 -92.32 25.35 -3.87
N LYS N 151 -93.47 25.81 -3.40
CA LYS N 151 -94.75 25.55 -4.05
C LYS N 151 -95.52 26.87 -4.14
N VAL N 152 -95.99 27.19 -5.34
CA VAL N 152 -96.75 28.40 -5.60
C VAL N 152 -98.11 27.97 -6.15
N ASP N 153 -99.14 28.09 -5.33
CA ASP N 153 -100.48 27.55 -5.64
C ASP N 153 -100.38 26.06 -5.97
N ASN N 154 -99.62 25.32 -5.15
CA ASN N 154 -99.35 23.89 -5.27
C ASN N 154 -98.53 23.53 -6.51
N ALA N 155 -97.97 24.52 -7.21
CA ALA N 155 -97.12 24.27 -8.36
C ALA N 155 -95.66 24.26 -7.92
N LEU N 156 -94.98 23.14 -8.12
CA LEU N 156 -93.60 22.99 -7.67
C LEU N 156 -92.68 23.89 -8.49
N GLN N 157 -91.99 24.80 -7.82
CA GLN N 157 -91.17 25.82 -8.48
C GLN N 157 -89.71 25.39 -8.47
N SER N 158 -89.09 25.44 -9.64
CA SER N 158 -87.66 25.15 -9.77
C SER N 158 -87.05 26.11 -10.79
N GLY N 159 -85.82 26.54 -10.51
CA GLY N 159 -85.10 27.42 -11.40
C GLY N 159 -85.10 28.88 -11.01
N ASN N 160 -85.99 29.29 -10.10
CA ASN N 160 -86.08 30.68 -9.67
C ASN N 160 -85.79 30.82 -8.18
N SER N 161 -84.98 29.92 -7.63
CA SER N 161 -84.62 29.96 -6.22
C SER N 161 -83.13 29.69 -6.07
N GLN N 162 -82.54 30.29 -5.04
CA GLN N 162 -81.15 30.07 -4.68
C GLN N 162 -81.06 29.78 -3.19
N GLU N 163 -80.03 29.04 -2.80
CA GLU N 163 -79.85 28.63 -1.42
C GLU N 163 -78.48 29.08 -0.90
N SER N 164 -78.38 29.11 0.43
CA SER N 164 -77.14 29.49 1.11
C SER N 164 -77.11 28.75 2.44
N VAL N 165 -75.96 28.17 2.77
CA VAL N 165 -75.80 27.38 3.99
CA VAL N 165 -75.80 27.38 3.99
C VAL N 165 -74.69 27.97 4.82
N THR N 166 -74.92 28.07 6.13
CA THR N 166 -73.89 28.52 7.05
C THR N 166 -72.93 27.37 7.35
N GLU N 167 -71.74 27.72 7.81
CA GLU N 167 -70.82 26.68 8.27
C GLU N 167 -71.32 26.09 9.59
N GLN N 168 -70.82 24.90 9.89
CA GLN N 168 -71.26 24.17 11.07
C GLN N 168 -71.01 25.01 12.32
N ASP N 169 -72.09 25.29 13.06
CA ASP N 169 -72.02 26.21 14.19
C ASP N 169 -71.01 25.71 15.23
N SER N 170 -70.19 26.63 15.72
CA SER N 170 -69.09 26.29 16.62
C SER N 170 -69.53 25.90 18.02
N LYS N 171 -70.84 25.92 18.31
CA LYS N 171 -71.32 25.63 19.66
C LYS N 171 -72.26 24.43 19.71
N ASP N 172 -73.20 24.31 18.78
CA ASP N 172 -74.12 23.18 18.77
C ASP N 172 -73.97 22.29 17.55
N SER N 173 -73.00 22.55 16.68
CA SER N 173 -72.70 21.69 15.53
C SER N 173 -73.88 21.54 14.59
N THR N 174 -74.70 22.58 14.47
CA THR N 174 -75.85 22.57 13.58
C THR N 174 -75.61 23.46 12.38
N TYR N 175 -76.43 23.25 11.35
CA TYR N 175 -76.41 24.04 10.13
C TYR N 175 -77.68 24.88 10.04
N SER N 176 -77.60 25.95 9.24
CA SER N 176 -78.74 26.80 8.97
C SER N 176 -78.74 27.17 7.50
N LEU N 177 -79.91 27.08 6.87
CA LEU N 177 -80.03 27.27 5.43
C LEU N 177 -81.10 28.31 5.13
N SER N 178 -80.84 29.13 4.11
CA SER N 178 -81.81 30.09 3.60
C SER N 178 -82.05 29.81 2.13
N SER N 179 -83.31 29.98 1.70
CA SER N 179 -83.71 29.79 0.33
C SER N 179 -84.55 30.98 -0.11
N THR N 180 -84.15 31.62 -1.21
CA THR N 180 -84.77 32.86 -1.67
C THR N 180 -85.47 32.60 -3.00
N LEU N 181 -86.80 32.72 -2.99
CA LEU N 181 -87.61 32.62 -4.20
C LEU N 181 -87.88 34.01 -4.73
N THR N 182 -87.42 34.29 -5.95
CA THR N 182 -87.51 35.61 -6.55
C THR N 182 -88.50 35.59 -7.71
N LEU N 183 -89.42 36.55 -7.71
CA LEU N 183 -90.41 36.71 -8.77
C LEU N 183 -90.51 38.20 -9.11
N SER N 184 -91.11 38.48 -10.26
CA SER N 184 -91.52 39.84 -10.55
C SER N 184 -92.78 40.16 -9.74
N LYS N 185 -93.01 41.46 -9.54
CA LYS N 185 -94.20 41.88 -8.80
C LYS N 185 -95.47 41.42 -9.51
N ALA N 186 -95.48 41.50 -10.84
CA ALA N 186 -96.65 41.06 -11.61
C ALA N 186 -96.90 39.57 -11.42
N ASP N 187 -95.84 38.76 -11.48
CA ASP N 187 -96.00 37.32 -11.30
C ASP N 187 -96.38 36.99 -9.86
N TYR N 188 -95.83 37.73 -8.90
CA TYR N 188 -96.15 37.48 -7.49
C TYR N 188 -97.62 37.73 -7.19
N GLU N 189 -98.21 38.73 -7.86
CA GLU N 189 -99.62 39.04 -7.65
C GLU N 189 -100.56 38.14 -8.44
N LYS N 190 -100.03 37.16 -9.19
CA LYS N 190 -100.85 36.21 -9.93
C LYS N 190 -101.22 34.98 -9.12
N HIS N 191 -100.64 34.81 -7.93
CA HIS N 191 -100.84 33.60 -7.14
C HIS N 191 -101.12 33.97 -5.69
N LYS N 192 -101.63 32.99 -4.94
CA LYS N 192 -102.11 33.23 -3.58
C LYS N 192 -101.28 32.48 -2.54
N VAL N 193 -101.18 31.17 -2.64
CA VAL N 193 -100.57 30.34 -1.60
C VAL N 193 -99.08 30.16 -1.92
N TYR N 194 -98.22 30.61 -1.02
CA TYR N 194 -96.78 30.48 -1.15
C TYR N 194 -96.26 29.64 0.01
N ALA N 195 -95.54 28.56 -0.31
CA ALA N 195 -95.07 27.65 0.72
C ALA N 195 -93.71 27.08 0.32
N CYS N 196 -92.93 26.72 1.33
CA CYS N 196 -91.71 25.94 1.15
C CYS N 196 -91.85 24.65 1.95
N GLU N 197 -91.64 23.52 1.28
CA GLU N 197 -91.73 22.20 1.89
C GLU N 197 -90.32 21.74 2.24
N VAL N 198 -90.10 21.40 3.50
CA VAL N 198 -88.79 21.01 4.00
C VAL N 198 -88.83 19.53 4.36
N THR N 199 -87.94 18.74 3.75
CA THR N 199 -87.73 17.35 4.11
C THR N 199 -86.36 17.21 4.75
N HIS N 200 -86.29 16.46 5.84
CA HIS N 200 -85.05 16.30 6.59
C HIS N 200 -85.14 15.02 7.40
N GLN N 201 -83.96 14.48 7.74
CA GLN N 201 -83.91 13.22 8.48
C GLN N 201 -84.56 13.35 9.84
N GLY N 202 -84.50 14.54 10.46
CA GLY N 202 -85.11 14.76 11.74
C GLY N 202 -86.61 14.93 11.73
N LEU N 203 -87.22 14.97 10.55
CA LEU N 203 -88.65 15.14 10.39
C LEU N 203 -89.28 13.84 9.91
N SER N 204 -90.29 13.37 10.63
CA SER N 204 -90.96 12.13 10.26
C SER N 204 -91.69 12.26 8.92
N SER N 205 -92.10 13.48 8.58
CA SER N 205 -92.77 13.76 7.32
C SER N 205 -92.41 15.18 6.91
N PRO N 206 -92.52 15.51 5.62
CA PRO N 206 -92.17 16.86 5.17
C PRO N 206 -92.97 17.93 5.90
N VAL N 207 -92.27 18.95 6.38
CA VAL N 207 -92.87 20.08 7.08
C VAL N 207 -93.05 21.21 6.07
N THR N 208 -94.22 21.85 6.10
CA THR N 208 -94.56 22.91 5.16
C THR N 208 -95.01 24.15 5.93
N LYS N 209 -94.39 25.28 5.62
CA LYS N 209 -94.78 26.58 6.17
C LYS N 209 -95.24 27.46 5.02
N SER N 210 -96.39 28.11 5.19
CA SER N 210 -97.02 28.82 4.09
C SER N 210 -97.65 30.11 4.57
N PHE N 211 -97.92 30.99 3.61
CA PHE N 211 -98.71 32.19 3.84
C PHE N 211 -99.56 32.44 2.60
N ASN N 212 -100.59 33.25 2.76
CA ASN N 212 -101.46 33.66 1.67
C ASN N 212 -101.20 35.13 1.37
N ARG N 213 -101.04 35.45 0.08
CA ARG N 213 -100.69 36.80 -0.34
C ARG N 213 -101.75 37.81 0.06
N GLY N 214 -101.42 38.68 1.01
CA GLY N 214 -102.33 39.72 1.46
C GLY N 214 -103.13 39.43 2.69
N GLU N 215 -102.74 38.43 3.49
CA GLU N 215 -103.47 38.09 4.71
C GLU N 215 -102.59 38.32 5.94
N VAL O 2 55.90 -13.43 13.98
CA VAL O 2 55.11 -14.58 13.56
C VAL O 2 54.57 -14.29 12.17
N GLN O 3 55.10 -14.99 11.17
CA GLN O 3 54.70 -14.71 9.79
C GLN O 3 54.97 -15.92 8.92
N LEU O 4 54.29 -15.96 7.78
CA LEU O 4 54.51 -16.94 6.73
C LEU O 4 54.84 -16.20 5.45
N VAL O 5 55.93 -16.60 4.79
CA VAL O 5 56.43 -15.91 3.61
C VAL O 5 56.44 -16.90 2.45
N GLU O 6 55.58 -16.67 1.47
CA GLU O 6 55.51 -17.53 0.29
C GLU O 6 56.46 -17.06 -0.78
N SER O 7 56.91 -18.01 -1.61
CA SER O 7 57.72 -17.71 -2.78
C SER O 7 57.60 -18.89 -3.74
N GLY O 8 58.16 -18.72 -4.93
CA GLY O 8 58.18 -19.77 -5.94
C GLY O 8 57.14 -19.64 -7.03
N GLY O 9 56.15 -18.77 -6.87
CA GLY O 9 55.14 -18.59 -7.89
C GLY O 9 55.70 -17.93 -9.14
N GLY O 10 54.86 -17.89 -10.17
CA GLY O 10 55.26 -17.27 -11.42
C GLY O 10 54.42 -17.79 -12.57
N LEU O 11 54.93 -17.54 -13.78
CA LEU O 11 54.27 -17.95 -15.00
C LEU O 11 54.82 -19.28 -15.47
N ILE O 12 53.93 -20.16 -15.94
CA ILE O 12 54.32 -21.49 -16.39
C ILE O 12 53.27 -21.98 -17.37
N GLN O 13 53.71 -22.79 -18.33
CA GLN O 13 52.81 -23.35 -19.34
C GLN O 13 52.04 -24.55 -18.78
N PRO O 14 50.87 -24.85 -19.36
CA PRO O 14 50.10 -26.01 -18.89
C PRO O 14 50.88 -27.31 -19.09
N GLY O 15 50.76 -28.20 -18.10
CA GLY O 15 51.54 -29.42 -18.07
C GLY O 15 52.84 -29.32 -17.30
N GLY O 16 53.35 -28.11 -17.07
CA GLY O 16 54.61 -27.92 -16.41
C GLY O 16 54.54 -28.15 -14.91
N SER O 17 55.67 -27.89 -14.26
CA SER O 17 55.81 -28.12 -12.83
C SER O 17 56.28 -26.85 -12.14
N LEU O 18 55.92 -26.73 -10.87
CA LEU O 18 56.25 -25.54 -10.09
C LEU O 18 56.26 -25.92 -8.61
N ARG O 19 57.21 -25.36 -7.87
CA ARG O 19 57.38 -25.67 -6.45
C ARG O 19 57.25 -24.38 -5.65
N LEU O 20 56.30 -24.34 -4.72
CA LEU O 20 56.08 -23.19 -3.86
C LEU O 20 56.73 -23.43 -2.50
N SER O 21 57.24 -22.35 -1.91
CA SER O 21 57.89 -22.40 -0.61
C SER O 21 57.15 -21.50 0.36
N CYS O 22 57.22 -21.85 1.65
CA CYS O 22 56.52 -21.13 2.72
C CYS O 22 57.45 -21.06 3.92
N ALA O 23 58.22 -19.98 4.00
CA ALA O 23 59.16 -19.80 5.10
C ALA O 23 58.43 -19.27 6.33
N ALA O 24 58.52 -20.01 7.43
CA ALA O 24 57.84 -19.67 8.67
C ALA O 24 58.83 -19.19 9.72
N SER O 25 58.38 -18.24 10.55
CA SER O 25 59.11 -17.81 11.73
C SER O 25 58.10 -17.56 12.83
N GLY O 26 58.36 -18.13 14.01
CA GLY O 26 57.40 -18.06 15.09
C GLY O 26 56.58 -19.34 15.19
N VAL O 27 56.00 -19.76 14.07
CA VAL O 27 55.25 -21.01 14.00
C VAL O 27 56.18 -22.09 13.49
N THR O 28 56.22 -23.22 14.19
CA THR O 28 57.02 -24.37 13.78
C THR O 28 56.18 -25.25 12.86
N VAL O 29 56.64 -25.41 11.62
CA VAL O 29 55.84 -26.07 10.59
C VAL O 29 55.60 -27.54 10.94
N SER O 30 56.63 -28.22 11.43
CA SER O 30 56.49 -29.65 11.74
C SER O 30 55.65 -29.91 12.99
N SER O 31 55.16 -28.87 13.66
CA SER O 31 54.38 -29.03 14.88
C SER O 31 52.93 -28.62 14.72
N ASN O 32 52.51 -28.19 13.53
CA ASN O 32 51.18 -27.65 13.33
C ASN O 32 50.49 -28.35 12.17
N TYR O 33 49.20 -28.06 12.02
CA TYR O 33 48.47 -28.38 10.80
C TYR O 33 48.76 -27.26 9.80
N MET O 34 49.47 -27.59 8.72
CA MET O 34 49.85 -26.62 7.71
C MET O 34 49.07 -26.88 6.43
N SER O 35 48.42 -25.85 5.91
CA SER O 35 47.54 -25.98 4.77
C SER O 35 47.92 -24.99 3.68
N TRP O 36 47.61 -25.37 2.43
CA TRP O 36 47.70 -24.49 1.29
C TRP O 36 46.29 -24.13 0.84
N VAL O 37 46.02 -22.83 0.69
CA VAL O 37 44.75 -22.32 0.21
C VAL O 37 45.02 -21.42 -0.98
N ARG O 38 44.23 -21.59 -2.04
CA ARG O 38 44.37 -20.79 -3.24
C ARG O 38 43.07 -20.05 -3.54
N GLN O 39 43.19 -18.98 -4.33
CA GLN O 39 42.05 -18.12 -4.64
C GLN O 39 42.21 -17.62 -6.07
N ALA O 40 41.43 -18.19 -6.98
CA ALA O 40 41.44 -17.77 -8.38
C ALA O 40 40.94 -16.32 -8.49
N PRO O 41 41.28 -15.63 -9.57
CA PRO O 41 40.84 -14.23 -9.72
C PRO O 41 39.33 -14.10 -9.66
N GLY O 42 38.85 -13.31 -8.69
CA GLY O 42 37.45 -13.04 -8.53
C GLY O 42 36.64 -14.13 -7.87
N LYS O 43 37.24 -15.26 -7.53
CA LYS O 43 36.54 -16.37 -6.91
C LYS O 43 36.87 -16.44 -5.42
N GLY O 44 36.29 -17.42 -4.75
CA GLY O 44 36.49 -17.60 -3.33
C GLY O 44 37.76 -18.37 -3.01
N LEU O 45 37.93 -18.66 -1.73
CA LEU O 45 39.07 -19.42 -1.26
C LEU O 45 38.83 -20.92 -1.48
N GLU O 46 39.85 -21.61 -1.97
CA GLU O 46 39.77 -23.05 -2.22
C GLU O 46 40.90 -23.74 -1.46
N TRP O 47 40.53 -24.66 -0.57
CA TRP O 47 41.53 -25.43 0.14
C TRP O 47 42.20 -26.43 -0.81
N VAL O 48 43.52 -26.57 -0.66
CA VAL O 48 44.29 -27.42 -1.56
C VAL O 48 44.77 -28.67 -0.84
N SER O 49 45.68 -28.49 0.11
CA SER O 49 46.30 -29.62 0.79
C SER O 49 46.56 -29.27 2.25
N ILE O 50 46.78 -30.31 3.05
CA ILE O 50 47.14 -30.16 4.46
C ILE O 50 48.14 -31.26 4.82
N ILE O 51 49.01 -30.95 5.78
CA ILE O 51 49.95 -31.92 6.32
C ILE O 51 49.86 -31.85 7.84
N TYR O 52 49.52 -32.98 8.47
CA TYR O 52 49.46 -33.02 9.91
C TYR O 52 50.87 -32.98 10.51
N SER O 53 50.95 -32.62 11.79
CA SER O 53 52.23 -32.61 12.48
C SER O 53 52.82 -34.02 12.57
N GLY O 54 51.99 -35.05 12.49
CA GLY O 54 52.43 -36.43 12.51
C GLY O 54 52.79 -37.01 11.16
N GLY O 55 52.61 -36.26 10.07
CA GLY O 55 52.96 -36.71 8.74
C GLY O 55 51.80 -37.01 7.84
N THR O 56 50.58 -37.09 8.37
CA THR O 56 49.42 -37.39 7.54
C THR O 56 49.13 -36.22 6.60
N THR O 57 48.94 -36.54 5.32
CA THR O 57 48.66 -35.55 4.30
C THR O 57 47.29 -35.81 3.68
N TYR O 58 46.68 -34.74 3.17
CA TYR O 58 45.38 -34.80 2.53
C TYR O 58 45.35 -33.82 1.38
N TYR O 59 44.60 -34.16 0.33
CA TYR O 59 44.56 -33.36 -0.89
C TYR O 59 43.13 -33.23 -1.37
N ALA O 60 42.84 -32.10 -2.01
CA ALA O 60 41.56 -31.92 -2.68
C ALA O 60 41.50 -32.78 -3.93
N ASP O 61 40.27 -33.13 -4.33
CA ASP O 61 40.10 -34.02 -5.48
C ASP O 61 40.70 -33.41 -6.75
N SER O 62 40.57 -32.09 -6.92
CA SER O 62 41.06 -31.44 -8.12
C SER O 62 42.58 -31.47 -8.24
N VAL O 63 43.29 -31.76 -7.15
CA VAL O 63 44.75 -31.72 -7.13
C VAL O 63 45.37 -33.05 -6.74
N LYS O 64 44.57 -34.11 -6.55
CA LYS O 64 45.13 -35.40 -6.21
C LYS O 64 45.95 -35.96 -7.37
N GLY O 65 47.06 -36.62 -7.04
CA GLY O 65 47.97 -37.14 -8.04
C GLY O 65 48.81 -36.11 -8.75
N ARG O 66 48.52 -34.83 -8.58
CA ARG O 66 49.28 -33.75 -9.20
C ARG O 66 50.04 -32.90 -8.19
N PHE O 67 49.45 -32.59 -7.05
CA PHE O 67 50.10 -31.80 -6.02
C PHE O 67 50.55 -32.72 -4.89
N THR O 68 51.71 -32.39 -4.31
CA THR O 68 52.27 -33.14 -3.19
C THR O 68 52.82 -32.15 -2.18
N ILE O 69 52.28 -32.18 -0.96
CA ILE O 69 52.70 -31.27 0.09
C ILE O 69 53.83 -31.92 0.87
N SER O 70 54.77 -31.10 1.34
CA SER O 70 55.96 -31.59 2.03
C SER O 70 56.46 -30.48 2.94
N ARG O 71 57.51 -30.81 3.71
CA ARG O 71 58.12 -29.84 4.61
C ARG O 71 59.55 -30.25 4.88
N ASP O 72 60.35 -29.27 5.27
CA ASP O 72 61.73 -29.49 5.70
C ASP O 72 61.87 -28.90 7.09
N SER O 73 61.94 -29.75 8.11
CA SER O 73 61.96 -29.28 9.48
C SER O 73 63.18 -28.41 9.76
N SER O 74 64.33 -28.76 9.18
CA SER O 74 65.55 -28.00 9.42
C SER O 74 65.44 -26.59 8.85
N MET O 75 64.67 -26.41 7.79
CA MET O 75 64.45 -25.08 7.21
C MET O 75 63.26 -24.36 7.79
N ASN O 76 62.39 -25.07 8.52
CA ASN O 76 61.10 -24.54 8.98
C ASN O 76 60.33 -23.95 7.81
N THR O 77 60.13 -24.79 6.79
CA THR O 77 59.55 -24.36 5.53
C THR O 77 58.53 -25.38 5.06
N LEU O 78 57.41 -24.87 4.55
CA LEU O 78 56.38 -25.69 3.92
C LEU O 78 56.52 -25.61 2.40
N TYR O 79 56.28 -26.73 1.73
CA TYR O 79 56.40 -26.80 0.28
C TYR O 79 55.12 -27.32 -0.34
N LEU O 80 54.91 -26.97 -1.60
CA LEU O 80 53.82 -27.51 -2.41
C LEU O 80 54.34 -27.77 -3.82
N GLN O 81 54.58 -29.04 -4.13
CA GLN O 81 55.04 -29.43 -5.46
C GLN O 81 53.84 -29.59 -6.38
N MET O 82 53.77 -28.74 -7.40
CA MET O 82 52.64 -28.73 -8.34
C MET O 82 53.12 -29.29 -9.68
N ASN O 83 52.62 -30.46 -10.04
CA ASN O 83 52.93 -31.11 -11.30
C ASN O 83 51.68 -31.19 -12.18
N SER O 84 51.92 -31.28 -13.49
CA SER O 84 50.84 -31.33 -14.48
C SER O 84 49.85 -30.19 -14.29
N LEU O 85 50.41 -28.98 -14.14
CA LEU O 85 49.58 -27.80 -13.89
C LEU O 85 48.63 -27.56 -15.05
N ARG O 86 47.46 -27.02 -14.71
CA ARG O 86 46.42 -26.70 -15.68
C ARG O 86 46.05 -25.23 -15.56
N ALA O 87 45.28 -24.76 -16.54
CA ALA O 87 44.89 -23.35 -16.56
C ALA O 87 44.08 -22.98 -15.33
N GLU O 88 43.19 -23.87 -14.88
CA GLU O 88 42.35 -23.56 -13.72
C GLU O 88 43.15 -23.51 -12.42
N ASP O 89 44.42 -23.92 -12.43
CA ASP O 89 45.28 -23.78 -11.25
C ASP O 89 45.81 -22.36 -11.09
N THR O 90 45.49 -21.46 -12.02
CA THR O 90 45.90 -20.07 -11.89
C THR O 90 45.23 -19.43 -10.68
N ALA O 91 46.01 -19.06 -9.67
CA ALA O 91 45.46 -18.51 -8.45
C ALA O 91 46.60 -17.95 -7.61
N VAL O 92 46.23 -17.11 -6.64
CA VAL O 92 47.14 -16.75 -5.55
C VAL O 92 47.12 -17.86 -4.53
N TYR O 93 48.30 -18.34 -4.16
CA TYR O 93 48.43 -19.49 -3.26
C TYR O 93 48.87 -19.00 -1.89
N TYR O 94 48.10 -19.32 -0.86
CA TYR O 94 48.43 -19.01 0.51
C TYR O 94 48.82 -20.27 1.26
N CYS O 95 49.88 -20.17 2.07
CA CYS O 95 50.17 -21.16 3.08
C CYS O 95 49.72 -20.63 4.43
N ALA O 96 49.19 -21.52 5.27
CA ALA O 96 48.55 -21.06 6.49
C ALA O 96 48.71 -22.12 7.58
N ARG O 97 48.58 -21.66 8.83
CA ARG O 97 48.65 -22.52 10.00
C ARG O 97 47.23 -22.82 10.46
N ASP O 98 46.83 -24.09 10.40
CA ASP O 98 45.48 -24.50 10.74
C ASP O 98 45.45 -24.95 12.20
N LEU O 99 44.48 -24.43 12.95
CA LEU O 99 44.25 -24.84 14.33
C LEU O 99 42.97 -25.66 14.47
N MET O 100 42.55 -26.31 13.39
CA MET O 100 41.37 -27.18 13.36
C MET O 100 40.13 -26.45 13.86
N VAL O 101 39.77 -26.67 15.13
CA VAL O 101 38.57 -26.05 15.69
C VAL O 101 38.79 -24.59 16.05
N TYR O 102 40.03 -24.15 16.22
CA TYR O 102 40.33 -22.77 16.54
C TYR O 102 40.51 -21.90 15.31
N GLY O 103 40.30 -22.44 14.12
CA GLY O 103 40.38 -21.67 12.91
C GLY O 103 41.75 -21.70 12.26
N ILE O 104 41.90 -20.84 11.26
CA ILE O 104 43.16 -20.61 10.57
C ILE O 104 43.59 -19.20 10.92
N ASP O 105 44.56 -19.07 11.83
CA ASP O 105 44.92 -17.76 12.37
C ASP O 105 46.06 -17.08 11.64
N VAL O 106 47.03 -17.84 11.12
CA VAL O 106 48.22 -17.28 10.51
C VAL O 106 48.16 -17.55 9.01
N TRP O 107 48.16 -16.48 8.22
CA TRP O 107 48.18 -16.56 6.77
C TRP O 107 49.43 -15.88 6.23
N GLY O 108 49.91 -16.38 5.09
CA GLY O 108 50.98 -15.71 4.38
C GLY O 108 50.47 -14.65 3.43
N GLN O 109 51.39 -13.89 2.85
CA GLN O 109 50.99 -12.82 1.94
C GLN O 109 50.56 -13.34 0.58
N GLY O 110 50.91 -14.58 0.24
CA GLY O 110 50.48 -15.18 -1.02
C GLY O 110 51.45 -14.99 -2.15
N THR O 111 51.62 -16.02 -2.98
CA THR O 111 52.43 -15.97 -4.18
C THR O 111 51.58 -16.36 -5.37
N THR O 112 51.73 -15.61 -6.47
CA THR O 112 50.84 -15.73 -7.62
C THR O 112 51.37 -16.78 -8.60
N VAL O 113 50.48 -17.65 -9.04
CA VAL O 113 50.78 -18.67 -10.05
C VAL O 113 49.86 -18.45 -11.24
N THR O 114 50.44 -18.36 -12.43
CA THR O 114 49.68 -18.16 -13.67
C THR O 114 50.04 -19.26 -14.64
N VAL O 115 49.04 -20.04 -15.04
CA VAL O 115 49.24 -21.17 -15.96
C VAL O 115 48.51 -20.84 -17.25
N SER O 116 49.27 -20.64 -18.32
CA SER O 116 48.69 -20.28 -19.61
C SER O 116 49.64 -20.71 -20.71
N SER O 117 49.08 -20.96 -21.89
CA SER O 117 49.84 -21.37 -23.06
C SER O 117 50.17 -20.21 -23.99
N SER O 119 51.09 -17.54 -25.15
CA SER O 119 52.39 -16.98 -25.48
C SER O 119 52.40 -15.48 -25.19
N THR O 120 53.57 -14.97 -24.81
CA THR O 120 53.70 -13.56 -24.47
C THR O 120 53.35 -12.68 -25.66
N LYS O 121 52.49 -11.69 -25.44
CA LYS O 121 52.02 -10.84 -26.52
C LYS O 121 51.78 -9.43 -26.00
N GLY O 122 52.24 -8.44 -26.76
CA GLY O 122 51.93 -7.07 -26.49
C GLY O 122 50.50 -6.75 -26.86
N PRO O 123 49.93 -5.71 -26.26
CA PRO O 123 48.52 -5.40 -26.48
C PRO O 123 48.28 -4.50 -27.69
N SER O 124 47.10 -4.69 -28.29
CA SER O 124 46.59 -3.75 -29.27
C SER O 124 45.75 -2.71 -28.55
N VAL O 125 46.01 -1.44 -28.84
CA VAL O 125 45.34 -0.33 -28.18
C VAL O 125 44.41 0.33 -29.19
N PHE O 126 43.10 0.25 -28.93
CA PHE O 126 42.12 0.84 -29.81
C PHE O 126 41.41 1.99 -29.13
N PRO O 127 41.10 3.07 -29.86
CA PRO O 127 40.47 4.23 -29.23
C PRO O 127 38.99 4.01 -28.99
N LEU O 128 38.52 4.47 -27.83
CA LEU O 128 37.10 4.54 -27.50
C LEU O 128 36.68 5.99 -27.71
N ALA O 129 36.27 6.31 -28.93
CA ALA O 129 36.07 7.68 -29.35
C ALA O 129 34.81 8.28 -28.72
N PRO O 130 34.85 9.56 -28.33
CA PRO O 130 33.63 10.20 -27.82
C PRO O 130 32.60 10.36 -28.93
N SER O 131 31.34 10.23 -28.55
CA SER O 131 30.26 10.29 -29.52
C SER O 131 30.05 11.72 -30.03
N SER O 132 29.31 11.83 -31.13
CA SER O 132 29.01 13.13 -31.70
C SER O 132 27.89 13.84 -30.93
N LYS O 133 27.02 13.08 -30.29
CA LYS O 133 25.91 13.66 -29.52
C LYS O 133 26.41 14.24 -28.20
N GLY O 138 26.92 17.55 -20.97
CA GLY O 138 27.94 18.51 -20.58
C GLY O 138 29.32 17.88 -20.47
N THR O 139 29.35 16.59 -20.15
CA THR O 139 30.58 15.84 -20.01
C THR O 139 30.55 14.64 -20.94
N ALA O 140 31.67 14.39 -21.62
CA ALA O 140 31.80 13.30 -22.56
C ALA O 140 32.81 12.28 -22.03
N ALA O 141 32.67 11.05 -22.49
CA ALA O 141 33.53 9.94 -22.07
C ALA O 141 34.32 9.44 -23.27
N LEU O 142 35.62 9.24 -23.07
CA LEU O 142 36.50 8.65 -24.07
C LEU O 142 37.46 7.71 -23.35
N GLY O 143 38.11 6.84 -24.11
CA GLY O 143 39.01 5.89 -23.48
C GLY O 143 39.79 5.10 -24.49
N CYS O 144 40.52 4.12 -23.97
CA CYS O 144 41.36 3.23 -24.76
C CYS O 144 41.00 1.79 -24.46
N LEU O 145 40.97 0.96 -25.50
CA LEU O 145 40.74 -0.48 -25.35
C LEU O 145 42.08 -1.19 -25.49
N VAL O 146 42.62 -1.64 -24.37
CA VAL O 146 43.86 -2.41 -24.33
C VAL O 146 43.46 -3.88 -24.44
N LYS O 147 43.62 -4.46 -25.63
CA LYS O 147 43.07 -5.77 -25.93
C LYS O 147 44.17 -6.76 -26.29
N ASP O 148 43.99 -8.00 -25.85
CA ASP O 148 44.83 -9.13 -26.24
C ASP O 148 46.29 -8.95 -25.85
N TYR O 149 46.61 -9.24 -24.59
CA TYR O 149 47.98 -9.22 -24.11
C TYR O 149 48.18 -10.32 -23.09
N PHE O 150 49.44 -10.63 -22.82
CA PHE O 150 49.80 -11.68 -21.86
C PHE O 150 51.29 -11.60 -21.53
N PRO O 151 51.67 -11.72 -20.25
CA PRO O 151 50.74 -11.85 -19.13
C PRO O 151 50.38 -10.52 -18.48
N GLU O 152 49.88 -10.58 -17.25
CA GLU O 152 49.68 -9.37 -16.47
C GLU O 152 51.03 -8.80 -16.03
N PRO O 153 51.11 -7.49 -15.78
CA PRO O 153 50.06 -6.48 -15.95
C PRO O 153 50.37 -5.45 -17.03
N VAL O 154 49.46 -4.49 -17.20
CA VAL O 154 49.71 -3.30 -18.00
C VAL O 154 49.40 -2.08 -17.14
N THR O 155 50.05 -0.97 -17.46
CA THR O 155 49.81 0.29 -16.78
C THR O 155 49.40 1.34 -17.81
N VAL O 156 48.39 2.14 -17.47
CA VAL O 156 47.82 3.13 -18.37
C VAL O 156 47.80 4.48 -17.69
N SER O 157 48.33 5.50 -18.37
CA SER O 157 48.23 6.88 -17.95
C SER O 157 47.62 7.70 -19.08
N TRP O 158 47.26 8.94 -18.77
CA TRP O 158 46.62 9.83 -19.74
C TRP O 158 47.39 11.13 -19.84
N ASN O 159 47.77 11.50 -21.06
CA ASN O 159 48.54 12.70 -21.34
C ASN O 159 49.82 12.75 -20.50
N SER O 160 50.51 11.61 -20.47
CA SER O 160 51.77 11.45 -19.73
C SER O 160 51.61 11.79 -18.26
N GLY O 161 50.43 11.51 -17.69
CA GLY O 161 50.16 11.77 -16.30
C GLY O 161 49.54 13.12 -16.00
N ALA O 162 49.38 13.99 -17.01
CA ALA O 162 48.79 15.30 -16.76
C ALA O 162 47.31 15.19 -16.47
N LEU O 163 46.64 14.16 -16.98
CA LEU O 163 45.21 13.95 -16.80
C LEU O 163 45.00 12.77 -15.85
N THR O 164 44.48 13.04 -14.67
CA THR O 164 44.23 11.99 -13.68
C THR O 164 42.81 12.06 -13.14
N SER O 165 42.24 13.27 -13.09
CA SER O 165 40.89 13.43 -12.58
C SER O 165 39.89 12.80 -13.54
N GLY O 166 39.05 11.90 -13.02
CA GLY O 166 38.03 11.26 -13.81
C GLY O 166 38.49 10.05 -14.59
N VAL O 167 39.67 9.50 -14.29
CA VAL O 167 40.21 8.35 -15.00
C VAL O 167 39.79 7.08 -14.27
N HIS O 168 39.29 6.10 -15.02
CA HIS O 168 38.95 4.80 -14.49
C HIS O 168 39.62 3.73 -15.35
N THR O 169 40.66 3.08 -14.81
CA THR O 169 41.33 1.98 -15.47
C THR O 169 40.84 0.69 -14.84
N PHE O 170 39.97 -0.03 -15.55
CA PHE O 170 39.32 -1.20 -15.00
C PHE O 170 40.30 -2.36 -14.85
N PRO O 171 40.06 -3.25 -13.89
CA PRO O 171 40.85 -4.49 -13.82
C PRO O 171 40.61 -5.35 -15.05
N ALA O 172 41.65 -6.07 -15.46
CA ALA O 172 41.59 -6.83 -16.69
C ALA O 172 40.69 -8.04 -16.53
N VAL O 173 40.11 -8.47 -17.65
CA VAL O 173 39.32 -9.70 -17.73
C VAL O 173 40.08 -10.70 -18.59
N LEU O 174 39.99 -11.97 -18.23
CA LEU O 174 40.62 -13.03 -19.00
C LEU O 174 39.63 -13.54 -20.05
N GLN O 175 40.01 -13.45 -21.31
CA GLN O 175 39.15 -13.88 -22.39
C GLN O 175 39.29 -15.38 -22.62
N SER O 176 38.36 -15.93 -23.41
CA SER O 176 38.41 -17.36 -23.72
C SER O 176 39.65 -17.73 -24.52
N SER O 177 40.26 -16.76 -25.22
CA SER O 177 41.47 -17.03 -25.99
C SER O 177 42.69 -17.23 -25.10
N GLY O 178 42.58 -16.96 -23.80
CA GLY O 178 43.73 -17.00 -22.91
C GLY O 178 44.46 -15.69 -22.77
N LEU O 179 44.02 -14.64 -23.47
CA LEU O 179 44.66 -13.34 -23.42
C LEU O 179 43.80 -12.36 -22.63
N TYR O 180 44.46 -11.40 -21.99
CA TYR O 180 43.79 -10.44 -21.14
C TYR O 180 43.32 -9.23 -21.94
N SER O 181 42.20 -8.65 -21.51
CA SER O 181 41.65 -7.44 -22.10
C SER O 181 41.34 -6.44 -21.01
N LEU O 182 41.46 -5.15 -21.36
CA LEU O 182 41.35 -4.08 -20.38
C LEU O 182 40.96 -2.80 -21.08
N SER O 183 40.26 -1.92 -20.36
CA SER O 183 39.84 -0.63 -20.88
C SER O 183 40.06 0.44 -19.82
N SER O 184 40.52 1.61 -20.25
CA SER O 184 40.73 2.76 -19.37
C SER O 184 40.03 3.96 -19.96
N VAL O 185 39.06 4.51 -19.23
CA VAL O 185 38.23 5.60 -19.72
C VAL O 185 38.47 6.83 -18.85
N VAL O 186 38.03 7.98 -19.38
CA VAL O 186 38.10 9.25 -18.65
C VAL O 186 36.95 10.12 -19.14
N THR O 187 36.37 10.89 -18.22
CA THR O 187 35.29 11.81 -18.53
C THR O 187 35.80 13.24 -18.50
N VAL O 188 35.47 14.00 -19.55
CA VAL O 188 35.95 15.37 -19.72
C VAL O 188 34.78 16.25 -20.15
N PRO O 189 34.90 17.57 -19.97
CA PRO O 189 33.88 18.47 -20.49
C PRO O 189 33.79 18.40 -22.01
N SER O 190 32.56 18.48 -22.52
CA SER O 190 32.34 18.37 -23.96
C SER O 190 32.98 19.52 -24.73
N SER O 191 33.18 20.66 -24.07
CA SER O 191 33.77 21.83 -24.73
C SER O 191 35.25 21.65 -25.03
N SER O 192 35.89 20.60 -24.54
CA SER O 192 37.33 20.42 -24.67
C SER O 192 37.72 19.41 -25.76
N LEU O 193 36.75 18.70 -26.34
CA LEU O 193 37.08 17.66 -27.32
C LEU O 193 37.74 18.20 -28.57
N GLY O 194 37.56 19.49 -28.87
CA GLY O 194 38.15 20.06 -30.06
C GLY O 194 39.42 20.84 -29.79
N THR O 195 39.70 21.13 -28.52
CA THR O 195 40.82 21.97 -28.14
C THR O 195 41.87 21.27 -27.29
N GLN O 196 41.60 20.06 -26.79
CA GLN O 196 42.54 19.34 -25.94
C GLN O 196 42.80 17.96 -26.52
N THR O 197 44.07 17.65 -26.77
CA THR O 197 44.44 16.33 -27.25
C THR O 197 44.50 15.35 -26.09
N TYR O 198 43.99 14.14 -26.32
CA TYR O 198 43.94 13.10 -25.29
C TYR O 198 44.66 11.86 -25.83
N ILE O 199 45.80 11.54 -25.21
CA ILE O 199 46.59 10.36 -25.56
C ILE O 199 46.69 9.48 -24.32
N CYS O 200 46.39 8.20 -24.48
CA CYS O 200 46.58 7.22 -23.43
C CYS O 200 47.92 6.52 -23.64
N ASN O 201 48.65 6.30 -22.53
CA ASN O 201 49.98 5.72 -22.57
C ASN O 201 49.91 4.31 -21.98
N VAL O 202 50.11 3.31 -22.82
CA VAL O 202 49.98 1.90 -22.44
C VAL O 202 51.37 1.32 -22.33
N ASN O 203 51.70 0.77 -21.16
CA ASN O 203 53.00 0.17 -20.90
C ASN O 203 52.81 -1.29 -20.52
N HIS O 204 53.46 -2.18 -21.27
CA HIS O 204 53.40 -3.63 -21.03
C HIS O 204 54.84 -4.15 -21.01
N LYS O 205 55.44 -4.11 -19.82
CA LYS O 205 56.84 -4.53 -19.69
C LYS O 205 57.13 -5.94 -20.17
N PRO O 206 56.30 -6.97 -19.92
CA PRO O 206 56.67 -8.32 -20.37
C PRO O 206 56.94 -8.43 -21.86
N SER O 207 56.37 -7.55 -22.68
CA SER O 207 56.60 -7.58 -24.13
C SER O 207 57.44 -6.40 -24.61
N ASN O 208 57.97 -5.60 -23.69
CA ASN O 208 58.77 -4.41 -24.03
C ASN O 208 57.98 -3.51 -24.98
N THR O 209 56.71 -3.27 -24.63
CA THR O 209 55.78 -2.53 -25.47
C THR O 209 55.31 -1.29 -24.75
N LYS O 210 55.57 -0.12 -25.33
CA LYS O 210 55.00 1.14 -24.88
C LYS O 210 54.30 1.78 -26.06
N VAL O 211 52.99 2.04 -25.91
CA VAL O 211 52.17 2.54 -27.00
C VAL O 211 51.44 3.79 -26.52
N ASP O 212 51.47 4.83 -27.35
CA ASP O 212 50.73 6.07 -27.10
C ASP O 212 49.68 6.23 -28.20
N LYS O 213 48.41 6.22 -27.80
CA LYS O 213 47.28 6.24 -28.74
C LYS O 213 46.50 7.52 -28.56
N LYS O 214 46.38 8.29 -29.64
CA LYS O 214 45.63 9.54 -29.61
C LYS O 214 44.15 9.27 -29.82
N VAL O 215 43.32 9.67 -28.86
CA VAL O 215 41.88 9.46 -28.91
C VAL O 215 41.23 10.75 -29.38
N GLU O 216 40.57 10.69 -30.53
CA GLU O 216 39.93 11.85 -31.14
C GLU O 216 38.45 11.57 -31.39
N PRO O 217 37.62 12.61 -31.42
CA PRO O 217 36.22 12.41 -31.85
C PRO O 217 36.16 11.94 -33.29
N LYS O 218 35.29 10.96 -33.54
CA LYS O 218 35.22 10.35 -34.86
C LYS O 218 34.68 11.34 -35.88
N SER O 219 35.21 11.25 -37.10
CA SER O 219 34.83 12.14 -38.20
C SER O 219 33.94 11.39 -39.17
N CYS O 220 32.67 11.77 -39.24
CA CYS O 220 31.73 11.15 -40.15
C CYS O 220 31.96 11.62 -41.58
N GLU P 1 29.27 -34.32 0.49
CA GLU P 1 29.85 -33.02 0.77
C GLU P 1 28.84 -32.10 1.46
N ILE P 2 29.35 -31.20 2.29
CA ILE P 2 28.52 -30.21 2.97
C ILE P 2 28.53 -28.93 2.16
N VAL P 3 27.35 -28.34 1.99
CA VAL P 3 27.17 -27.12 1.21
C VAL P 3 26.87 -25.98 2.17
N MET P 4 27.74 -24.98 2.19
CA MET P 4 27.59 -23.81 3.05
C MET P 4 26.92 -22.69 2.26
N THR P 5 25.63 -22.46 2.53
CA THR P 5 24.88 -21.42 1.86
C THR P 5 24.93 -20.14 2.70
N GLN P 6 25.55 -19.10 2.15
CA GLN P 6 25.75 -17.83 2.84
C GLN P 6 24.93 -16.75 2.17
N SER P 7 24.22 -15.96 2.97
CA SER P 7 23.33 -14.93 2.46
C SER P 7 23.36 -13.74 3.39
N PRO P 8 23.25 -12.51 2.85
CA PRO P 8 23.11 -12.24 1.42
C PRO P 8 24.45 -12.25 0.70
N SER P 9 24.41 -12.26 -0.64
CA SER P 9 25.65 -12.18 -1.41
C SER P 9 26.34 -10.84 -1.19
N SER P 10 25.56 -9.77 -1.02
CA SER P 10 26.10 -8.45 -0.75
C SER P 10 25.09 -7.67 0.07
N LEU P 11 25.58 -6.72 0.86
CA LEU P 11 24.73 -5.85 1.65
C LEU P 11 25.41 -4.50 1.81
N SER P 12 24.59 -3.45 1.89
CA SER P 12 25.07 -2.08 1.99
C SER P 12 24.76 -1.55 3.38
N ALA P 13 25.76 -0.92 4.01
CA ALA P 13 25.59 -0.44 5.37
C ALA P 13 26.40 0.84 5.56
N SER P 14 25.87 1.72 6.41
CA SER P 14 26.56 2.93 6.79
C SER P 14 27.34 2.71 8.09
N VAL P 15 28.27 3.62 8.38
CA VAL P 15 29.06 3.50 9.60
C VAL P 15 28.14 3.62 10.81
N GLY P 16 28.25 2.65 11.72
CA GLY P 16 27.41 2.59 12.89
C GLY P 16 26.24 1.65 12.79
N ASP P 17 26.01 1.07 11.61
CA ASP P 17 24.92 0.13 11.44
C ASP P 17 25.24 -1.22 12.09
N ARG P 18 24.18 -1.96 12.40
CA ARG P 18 24.30 -3.31 12.94
C ARG P 18 24.13 -4.30 11.77
N VAL P 19 25.23 -4.95 11.39
CA VAL P 19 25.27 -5.83 10.23
C VAL P 19 25.11 -7.27 10.70
N THR P 20 24.36 -8.07 9.93
CA THR P 20 24.12 -9.47 10.24
C THR P 20 24.28 -10.29 8.97
N ILE P 21 25.16 -11.28 9.00
CA ILE P 21 25.41 -12.17 7.88
C ILE P 21 25.08 -13.59 8.32
N THR P 22 24.39 -14.33 7.45
CA THR P 22 23.87 -15.65 7.77
C THR P 22 24.58 -16.73 6.97
N CYS P 23 24.91 -17.83 7.64
CA CYS P 23 25.55 -18.99 7.03
C CYS P 23 24.73 -20.23 7.39
N ARG P 24 24.37 -21.02 6.39
CA ARG P 24 23.54 -22.21 6.59
C ARG P 24 24.25 -23.43 6.03
N ALA P 25 24.39 -24.46 6.86
CA ALA P 25 25.07 -25.69 6.48
C ALA P 25 24.09 -26.71 5.92
N SER P 26 24.58 -27.53 5.00
CA SER P 26 23.72 -28.56 4.41
C SER P 26 23.30 -29.60 5.44
N GLN P 27 24.21 -29.95 6.34
CA GLN P 27 23.94 -30.88 7.42
C GLN P 27 24.44 -30.26 8.73
N GLY P 28 24.05 -30.87 9.84
CA GLY P 28 24.51 -30.38 11.13
C GLY P 28 26.03 -30.48 11.25
N ILE P 29 26.62 -29.41 11.78
CA ILE P 29 28.07 -29.37 11.99
C ILE P 29 28.35 -28.86 13.40
N SER P 30 27.35 -28.95 14.28
CA SER P 30 27.44 -28.46 15.64
C SER P 30 28.01 -27.05 15.70
N SER P 31 29.11 -26.87 16.41
CA SER P 31 29.77 -25.57 16.52
C SER P 31 31.01 -25.47 15.65
N TYR P 32 31.25 -26.44 14.78
CA TYR P 32 32.42 -26.43 13.90
C TYR P 32 32.20 -25.42 12.77
N LEU P 33 32.40 -24.14 13.10
CA LEU P 33 32.28 -23.08 12.11
C LEU P 33 33.19 -21.93 12.50
N ALA P 34 33.69 -21.22 11.49
CA ALA P 34 34.52 -20.04 11.68
C ALA P 34 34.12 -18.96 10.70
N TRP P 35 34.42 -17.71 11.06
CA TRP P 35 34.14 -16.55 10.22
C TRP P 35 35.45 -15.85 9.87
N TYR P 36 35.55 -15.39 8.63
CA TYR P 36 36.76 -14.75 8.13
C TYR P 36 36.41 -13.41 7.49
N GLN P 37 37.40 -12.52 7.48
CA GLN P 37 37.31 -11.23 6.79
C GLN P 37 38.44 -11.15 5.77
N GLN P 38 38.12 -10.67 4.58
CA GLN P 38 39.11 -10.54 3.52
C GLN P 38 38.87 -9.24 2.76
N LYS P 39 39.94 -8.51 2.50
CA LYS P 39 39.94 -7.28 1.72
C LYS P 39 40.72 -7.50 0.42
N PRO P 40 40.37 -6.76 -0.64
CA PRO P 40 40.97 -7.04 -1.96
C PRO P 40 42.49 -6.99 -1.93
N GLY P 41 43.12 -8.08 -2.36
CA GLY P 41 44.56 -8.19 -2.42
C GLY P 41 45.23 -8.64 -1.15
N LYS P 42 44.47 -8.93 -0.09
CA LYS P 42 45.02 -9.35 1.19
C LYS P 42 44.62 -10.80 1.48
N ALA P 43 45.30 -11.38 2.46
CA ALA P 43 44.96 -12.71 2.94
C ALA P 43 43.76 -12.65 3.88
N PRO P 44 43.03 -13.75 4.02
CA PRO P 44 41.91 -13.78 4.97
C PRO P 44 42.38 -13.56 6.39
N LYS P 45 41.45 -13.09 7.22
CA LYS P 45 41.72 -12.78 8.62
C LYS P 45 40.67 -13.50 9.48
N LEU P 46 41.14 -14.36 10.38
CA LEU P 46 40.22 -15.11 11.22
C LEU P 46 39.55 -14.21 12.25
N LEU P 47 38.23 -14.23 12.28
CA LEU P 47 37.45 -13.41 13.21
C LEU P 47 36.89 -14.24 14.35
N ILE P 48 36.08 -15.24 14.04
CA ILE P 48 35.42 -16.09 15.02
C ILE P 48 35.80 -17.53 14.75
N TYR P 49 36.06 -18.29 15.79
CA TYR P 49 36.20 -19.73 15.69
C TYR P 49 35.23 -20.39 16.65
N ALA P 50 34.96 -21.68 16.41
CA ALA P 50 33.99 -22.44 17.19
C ALA P 50 32.64 -21.71 17.23
N ALA P 51 32.26 -21.13 16.09
CA ALA P 51 30.97 -20.51 15.86
C ALA P 51 30.78 -19.20 16.62
N SER P 52 31.22 -19.14 17.89
CA SER P 52 30.89 -17.99 18.72
C SER P 52 32.05 -17.45 19.55
N THR P 53 33.28 -17.93 19.34
CA THR P 53 34.42 -17.50 20.13
C THR P 53 35.23 -16.47 19.36
N LEU P 54 35.50 -15.33 20.00
CA LEU P 54 36.17 -14.22 19.35
C LEU P 54 37.69 -14.44 19.35
N GLN P 55 38.28 -14.43 18.16
CA GLN P 55 39.72 -14.58 18.03
C GLN P 55 40.45 -13.42 18.70
N SER P 56 41.61 -13.73 19.27
CA SER P 56 42.41 -12.72 19.96
C SER P 56 42.81 -11.61 19.01
N GLY P 57 42.62 -10.36 19.45
CA GLY P 57 42.95 -9.19 18.65
C GLY P 57 41.79 -8.62 17.85
N VAL P 58 40.71 -9.37 17.68
CA VAL P 58 39.56 -8.94 16.89
C VAL P 58 38.71 -8.02 17.75
N PRO P 59 38.25 -6.88 17.23
CA PRO P 59 37.43 -5.96 18.03
C PRO P 59 36.16 -6.63 18.53
N SER P 60 35.69 -6.17 19.69
CA SER P 60 34.57 -6.79 20.38
C SER P 60 33.23 -6.57 19.68
N ARG P 61 33.16 -5.65 18.71
CA ARG P 61 31.91 -5.46 17.99
C ARG P 61 31.56 -6.66 17.12
N PHE P 62 32.52 -7.54 16.86
CA PHE P 62 32.27 -8.78 16.13
C PHE P 62 31.80 -9.85 17.10
N SER P 63 30.81 -10.64 16.68
CA SER P 63 30.31 -11.73 17.50
C SER P 63 29.63 -12.75 16.60
N GLY P 64 29.86 -14.02 16.89
CA GLY P 64 29.22 -15.11 16.18
C GLY P 64 28.23 -15.82 17.09
N SER P 65 27.24 -16.45 16.48
CA SER P 65 26.20 -17.14 17.26
C SER P 65 25.59 -18.22 16.39
N GLY P 66 24.97 -19.19 17.05
CA GLY P 66 24.30 -20.29 16.38
C GLY P 66 25.03 -21.60 16.57
N SER P 67 24.29 -22.69 16.39
CA SER P 67 24.85 -24.03 16.48
C SER P 67 23.94 -24.98 15.71
N GLY P 68 24.56 -25.97 15.06
CA GLY P 68 23.81 -26.93 14.28
C GLY P 68 23.86 -26.67 12.79
N THR P 69 22.91 -25.88 12.29
CA THR P 69 22.84 -25.56 10.87
C THR P 69 22.84 -24.07 10.58
N ASP P 70 22.23 -23.25 11.44
CA ASP P 70 22.12 -21.81 11.20
C ASP P 70 23.11 -21.06 12.07
N PHE P 71 23.89 -20.18 11.44
CA PHE P 71 24.90 -19.38 12.11
C PHE P 71 24.81 -17.95 11.62
N THR P 72 25.17 -16.99 12.48
CA THR P 72 25.12 -15.58 12.13
C THR P 72 26.36 -14.87 12.63
N LEU P 73 26.97 -14.05 11.77
CA LEU P 73 28.01 -13.11 12.16
C LEU P 73 27.39 -11.73 12.34
N THR P 74 27.79 -11.05 13.41
CA THR P 74 27.16 -9.80 13.81
C THR P 74 28.21 -8.73 14.07
N ILE P 75 28.11 -7.62 13.35
CA ILE P 75 28.92 -6.44 13.60
C ILE P 75 28.00 -5.41 14.25
N SER P 76 28.12 -5.25 15.58
CA SER P 76 27.16 -4.45 16.33
C SER P 76 27.21 -2.98 15.94
N SER P 77 28.39 -2.45 15.62
CA SER P 77 28.54 -1.05 15.23
C SER P 77 29.61 -0.99 14.15
N LEU P 78 29.19 -0.95 12.89
CA LEU P 78 30.12 -1.02 11.77
C LEU P 78 31.07 0.17 11.77
N GLN P 79 32.36 -0.12 11.58
CA GLN P 79 33.40 0.89 11.53
C GLN P 79 33.97 0.99 10.11
N PRO P 80 34.66 2.08 9.79
CA PRO P 80 35.17 2.24 8.41
C PRO P 80 36.07 1.12 7.93
N GLU P 81 36.86 0.52 8.82
CA GLU P 81 37.76 -0.56 8.43
C GLU P 81 37.07 -1.91 8.36
N ASP P 82 35.74 -1.95 8.38
CA ASP P 82 35.00 -3.21 8.34
C ASP P 82 34.34 -3.47 7.00
N PHE P 83 34.47 -2.56 6.04
CA PHE P 83 33.95 -2.79 4.69
C PHE P 83 34.85 -3.79 3.98
N ALA P 84 34.44 -5.05 3.96
CA ALA P 84 35.24 -6.11 3.36
C ALA P 84 34.29 -7.19 2.86
N THR P 85 34.83 -8.38 2.63
CA THR P 85 34.05 -9.56 2.25
C THR P 85 34.25 -10.63 3.31
N TYR P 86 33.16 -11.21 3.78
CA TYR P 86 33.19 -12.14 4.92
C TYR P 86 32.78 -13.54 4.46
N TYR P 87 33.48 -14.53 5.01
CA TYR P 87 33.23 -15.93 4.68
C TYR P 87 33.02 -16.74 5.96
N CYS P 88 32.19 -17.76 5.86
CA CYS P 88 32.07 -18.78 6.90
C CYS P 88 32.73 -20.06 6.41
N GLN P 89 33.27 -20.83 7.36
CA GLN P 89 33.97 -22.06 7.03
C GLN P 89 33.52 -23.19 7.93
N GLN P 90 33.33 -24.37 7.32
CA GLN P 90 33.06 -25.60 8.06
C GLN P 90 34.41 -26.21 8.44
N LEU P 91 34.96 -25.76 9.57
CA LEU P 91 36.27 -26.25 10.02
C LEU P 91 36.13 -27.56 10.79
N ASP P 92 35.57 -28.56 10.11
CA ASP P 92 35.30 -29.86 10.69
C ASP P 92 35.91 -30.95 9.83
N SER P 93 36.40 -32.00 10.49
CA SER P 93 37.13 -33.07 9.79
C SER P 93 36.25 -33.80 8.79
N TYR P 94 35.09 -34.29 9.23
CA TYR P 94 34.23 -35.04 8.32
C TYR P 94 33.04 -34.20 7.91
N PRO P 95 32.66 -34.18 6.61
CA PRO P 95 33.29 -34.85 5.47
C PRO P 95 34.33 -33.99 4.75
N PRO P 96 35.55 -34.54 4.55
CA PRO P 96 36.75 -33.75 4.19
C PRO P 96 36.55 -32.28 3.88
N GLY P 97 36.87 -31.87 2.65
CA GLY P 97 36.54 -30.55 2.13
C GLY P 97 36.96 -29.29 2.88
N TYR P 98 36.44 -29.10 4.09
CA TYR P 98 36.51 -27.80 4.76
C TYR P 98 35.96 -26.71 3.83
N THR P 99 34.64 -26.66 3.67
CA THR P 99 34.03 -25.78 2.68
C THR P 99 33.86 -24.38 3.23
N PHE P 100 33.94 -23.40 2.33
CA PHE P 100 33.71 -21.99 2.65
C PHE P 100 32.37 -21.55 2.10
N GLY P 101 31.80 -20.52 2.72
CA GLY P 101 30.60 -19.91 2.20
C GLY P 101 30.88 -19.11 0.93
N GLN P 102 29.79 -18.77 0.24
CA GLN P 102 29.92 -18.01 -1.00
C GLN P 102 30.48 -16.61 -0.76
N GLY P 103 30.36 -16.09 0.44
CA GLY P 103 30.92 -14.79 0.76
C GLY P 103 29.88 -13.68 0.70
N THR P 104 30.09 -12.66 1.54
CA THR P 104 29.19 -11.51 1.61
C THR P 104 30.02 -10.24 1.54
N LYS P 105 29.80 -9.46 0.49
CA LYS P 105 30.48 -8.17 0.32
C LYS P 105 29.68 -7.09 1.03
N VAL P 106 30.35 -6.32 1.88
CA VAL P 106 29.73 -5.25 2.65
C VAL P 106 30.29 -3.94 2.12
N ASP P 107 29.53 -3.27 1.25
CA ASP P 107 29.98 -2.02 0.64
C ASP P 107 29.38 -0.83 1.37
N ILE P 108 29.81 0.36 0.96
CA ILE P 108 29.42 1.60 1.62
C ILE P 108 28.05 2.04 1.09
N LYS P 109 27.12 2.30 2.00
CA LYS P 109 25.78 2.72 1.62
C LYS P 109 25.76 4.22 1.36
N THR P 111 23.31 7.20 -0.99
CA THR P 111 22.08 7.36 -1.73
C THR P 111 22.21 6.71 -3.11
N VAL P 112 21.07 6.32 -3.67
CA VAL P 112 21.06 5.67 -4.98
C VAL P 112 21.51 6.66 -6.04
N ALA P 113 22.41 6.19 -6.90
CA ALA P 113 22.95 7.00 -7.99
C ALA P 113 22.84 6.22 -9.29
N ALA P 114 22.14 6.80 -10.27
CA ALA P 114 21.98 6.16 -11.56
C ALA P 114 23.24 6.31 -12.40
N PRO P 115 23.55 5.33 -13.24
CA PRO P 115 24.77 5.39 -14.03
C PRO P 115 24.62 6.23 -15.29
N SER P 116 25.75 6.80 -15.71
CA SER P 116 25.85 7.47 -17.00
C SER P 116 26.30 6.44 -18.02
N VAL P 117 25.49 6.22 -19.06
CA VAL P 117 25.72 5.15 -20.02
C VAL P 117 26.30 5.74 -21.29
N PHE P 118 27.42 5.17 -21.75
CA PHE P 118 28.07 5.56 -22.98
C PHE P 118 28.42 4.31 -23.77
N ILE P 119 28.20 4.37 -25.09
CA ILE P 119 28.55 3.29 -25.99
C ILE P 119 29.65 3.78 -26.92
N PHE P 120 30.63 2.92 -27.20
CA PHE P 120 31.76 3.26 -28.03
C PHE P 120 31.88 2.27 -29.18
N PRO P 121 31.77 2.71 -30.43
CA PRO P 121 31.96 1.80 -31.57
C PRO P 121 33.42 1.36 -31.65
N PRO P 122 33.69 0.25 -32.32
CA PRO P 122 35.10 -0.12 -32.56
C PRO P 122 35.79 0.93 -33.40
N SER P 123 37.08 1.12 -33.15
CA SER P 123 37.85 2.10 -33.89
C SER P 123 38.15 1.61 -35.30
N ASP P 124 38.32 2.57 -36.22
CA ASP P 124 38.74 2.21 -37.58
C ASP P 124 40.08 1.50 -37.59
N GLU P 125 40.97 1.87 -36.66
CA GLU P 125 42.27 1.22 -36.59
C GLU P 125 42.16 -0.25 -36.22
N GLN P 126 41.21 -0.57 -35.32
CA GLN P 126 41.05 -1.96 -34.89
C GLN P 126 40.33 -2.79 -35.95
N LEU P 127 39.34 -2.20 -36.63
CA LEU P 127 38.66 -2.92 -37.70
C LEU P 127 39.64 -3.32 -38.81
N LYS P 128 40.72 -2.56 -38.98
CA LYS P 128 41.74 -2.93 -39.95
C LYS P 128 42.47 -4.20 -39.56
N SER P 129 42.45 -4.57 -38.28
CA SER P 129 43.10 -5.78 -37.80
C SER P 129 42.24 -7.02 -37.95
N GLY P 130 40.92 -6.87 -37.97
CA GLY P 130 40.00 -7.99 -38.13
C GLY P 130 39.09 -8.26 -36.96
N THR P 131 39.17 -7.48 -35.87
CA THR P 131 38.35 -7.71 -34.69
C THR P 131 37.66 -6.40 -34.31
N ALA P 132 36.39 -6.50 -33.92
CA ALA P 132 35.59 -5.34 -33.52
C ALA P 132 35.24 -5.46 -32.05
N SER P 133 35.68 -4.48 -31.25
CA SER P 133 35.40 -4.42 -29.83
C SER P 133 34.50 -3.22 -29.55
N VAL P 134 33.27 -3.50 -29.14
CA VAL P 134 32.31 -2.47 -28.75
C VAL P 134 32.26 -2.42 -27.24
N VAL P 135 32.38 -1.22 -26.68
CA VAL P 135 32.50 -1.03 -25.23
C VAL P 135 31.33 -0.19 -24.75
N CYS P 136 30.71 -0.63 -23.66
CA CYS P 136 29.61 0.07 -23.00
C CYS P 136 30.08 0.47 -21.60
N LEU P 137 29.91 1.75 -21.26
CA LEU P 137 30.41 2.30 -20.01
C LEU P 137 29.25 2.67 -19.09
N LEU P 138 29.32 2.23 -17.84
CA LEU P 138 28.40 2.62 -16.78
C LEU P 138 29.21 3.41 -15.75
N ASN P 139 29.01 4.72 -15.70
CA ASN P 139 29.87 5.61 -14.94
C ASN P 139 29.20 6.05 -13.66
N ASN P 140 29.90 5.85 -12.53
CA ASN P 140 29.51 6.39 -11.23
C ASN P 140 28.07 6.07 -10.86
N PHE P 141 27.80 4.84 -10.45
CA PHE P 141 26.47 4.43 -10.02
C PHE P 141 26.54 3.79 -8.65
N TYR P 142 25.37 3.57 -8.07
CA TYR P 142 25.23 2.87 -6.79
C TYR P 142 23.77 2.44 -6.63
N PRO P 143 23.51 1.21 -6.16
CA PRO P 143 24.49 0.21 -5.69
C PRO P 143 25.23 -0.52 -6.82
N ARG P 144 26.00 -1.54 -6.44
CA ARG P 144 26.83 -2.26 -7.39
C ARG P 144 26.00 -3.04 -8.39
N GLU P 145 24.87 -3.61 -7.95
CA GLU P 145 24.06 -4.47 -8.80
C GLU P 145 23.58 -3.72 -10.03
N ALA P 146 23.99 -4.19 -11.21
CA ALA P 146 23.61 -3.57 -12.47
C ALA P 146 23.61 -4.64 -13.56
N LYS P 147 22.64 -4.56 -14.46
CA LYS P 147 22.44 -5.55 -15.51
C LYS P 147 22.63 -4.88 -16.86
N VAL P 148 23.54 -5.41 -17.68
CA VAL P 148 23.86 -4.86 -19.00
C VAL P 148 23.50 -5.91 -20.04
N GLN P 149 22.67 -5.52 -21.01
CA GLN P 149 22.23 -6.41 -22.07
C GLN P 149 22.58 -5.81 -23.42
N TRP P 150 23.44 -6.49 -24.17
CA TRP P 150 23.77 -6.07 -25.51
C TRP P 150 22.69 -6.51 -26.48
N LYS P 151 22.41 -5.66 -27.47
CA LYS P 151 21.46 -5.94 -28.53
C LYS P 151 22.10 -5.60 -29.87
N VAL P 152 22.07 -6.55 -30.79
CA VAL P 152 22.63 -6.38 -32.14
C VAL P 152 21.49 -6.60 -33.12
N ASP P 153 21.02 -5.51 -33.73
CA ASP P 153 19.81 -5.52 -34.57
C ASP P 153 18.63 -6.11 -33.79
N ASN P 154 18.49 -5.66 -32.54
CA ASN P 154 17.45 -6.10 -31.59
C ASN P 154 17.60 -7.55 -31.16
N ALA P 155 18.71 -8.21 -31.49
CA ALA P 155 18.96 -9.58 -31.07
C ALA P 155 19.80 -9.56 -29.80
N LEU P 156 19.25 -10.14 -28.72
CA LEU P 156 19.93 -10.12 -27.43
C LEU P 156 21.17 -11.01 -27.48
N GLN P 157 22.33 -10.42 -27.23
CA GLN P 157 23.61 -11.09 -27.35
C GLN P 157 24.09 -11.57 -25.99
N SER P 158 24.47 -12.85 -25.91
CA SER P 158 25.03 -13.43 -24.70
C SER P 158 26.14 -14.40 -25.07
N GLY P 159 27.20 -14.40 -24.26
CA GLY P 159 28.31 -15.30 -24.47
C GLY P 159 29.52 -14.68 -25.15
N ASN P 160 29.38 -13.51 -25.75
CA ASN P 160 30.48 -12.84 -26.44
C ASN P 160 30.80 -11.49 -25.81
N SER P 161 30.53 -11.34 -24.51
CA SER P 161 30.80 -10.11 -23.80
C SER P 161 31.42 -10.43 -22.44
N GLN P 162 32.27 -9.52 -21.99
CA GLN P 162 32.88 -9.61 -20.67
C GLN P 162 32.74 -8.27 -19.96
N GLU P 163 32.72 -8.32 -18.63
CA GLU P 163 32.52 -7.13 -17.82
C GLU P 163 33.67 -6.95 -16.83
N SER P 164 33.80 -5.72 -16.34
CA SER P 164 34.82 -5.37 -15.36
C SER P 164 34.26 -4.23 -14.51
N VAL P 165 34.44 -4.34 -13.19
CA VAL P 165 33.91 -3.36 -12.25
CA VAL P 165 33.91 -3.36 -12.25
C VAL P 165 35.05 -2.79 -11.43
N THR P 166 35.04 -1.47 -11.24
CA THR P 166 36.00 -0.81 -10.38
C THR P 166 35.61 -1.00 -8.93
N GLU P 167 36.58 -0.83 -8.04
CA GLU P 167 36.27 -0.83 -6.62
C GLU P 167 35.53 0.46 -6.24
N GLN P 168 34.83 0.40 -5.11
CA GLN P 168 34.01 1.53 -4.68
C GLN P 168 34.87 2.78 -4.54
N ASP P 169 34.51 3.82 -5.28
CA ASP P 169 35.34 5.03 -5.36
C ASP P 169 35.52 5.64 -3.97
N SER P 170 36.75 6.03 -3.67
CA SER P 170 37.12 6.51 -2.34
C SER P 170 36.57 7.89 -2.02
N LYS P 171 35.87 8.54 -2.95
CA LYS P 171 35.38 9.89 -2.72
C LYS P 171 33.86 10.02 -2.78
N ASP P 172 33.21 9.38 -3.75
CA ASP P 172 31.75 9.44 -3.85
C ASP P 172 31.07 8.09 -3.65
N SER P 173 31.82 7.04 -3.31
CA SER P 173 31.26 5.72 -2.99
C SER P 173 30.44 5.14 -4.13
N THR P 174 30.83 5.44 -5.37
CA THR P 174 30.15 4.92 -6.55
C THR P 174 30.98 3.85 -7.23
N TYR P 175 30.33 3.07 -8.08
CA TYR P 175 30.96 2.06 -8.90
C TYR P 175 30.93 2.47 -10.37
N SER P 176 31.84 1.87 -11.14
CA SER P 176 31.88 2.07 -12.59
C SER P 176 32.15 0.74 -13.27
N LEU P 177 31.40 0.46 -14.32
CA LEU P 177 31.45 -0.83 -14.99
C LEU P 177 31.69 -0.64 -16.48
N SER P 178 32.49 -1.55 -17.05
CA SER P 178 32.73 -1.59 -18.49
C SER P 178 32.32 -2.96 -19.02
N SER P 179 31.74 -2.98 -20.21
CA SER P 179 31.32 -4.21 -20.86
C SER P 179 31.81 -4.18 -22.30
N THR P 180 32.54 -5.23 -22.70
CA THR P 180 33.19 -5.27 -24.00
C THR P 180 32.56 -6.38 -24.84
N LEU P 181 31.90 -5.99 -25.93
CA LEU P 181 31.33 -6.92 -26.89
C LEU P 181 32.32 -7.10 -28.03
N THR P 182 32.76 -8.35 -28.23
CA THR P 182 33.79 -8.67 -29.21
C THR P 182 33.20 -9.50 -30.34
N LEU P 183 33.45 -9.06 -31.58
CA LEU P 183 33.01 -9.76 -32.77
C LEU P 183 34.15 -9.82 -33.77
N SER P 184 34.01 -10.69 -34.76
CA SER P 184 34.89 -10.61 -35.91
C SER P 184 34.47 -9.45 -36.80
N LYS P 185 35.42 -8.97 -37.62
CA LYS P 185 35.10 -7.88 -38.52
C LYS P 185 33.99 -8.27 -39.49
N ALA P 186 34.02 -9.51 -39.98
CA ALA P 186 32.97 -9.97 -40.89
C ALA P 186 31.61 -9.98 -40.20
N ASP P 187 31.54 -10.47 -38.97
CA ASP P 187 30.27 -10.49 -38.25
C ASP P 187 29.81 -9.08 -37.90
N TYR P 188 30.75 -8.19 -37.56
CA TYR P 188 30.41 -6.83 -37.21
C TYR P 188 29.79 -6.09 -38.39
N GLU P 189 30.25 -6.38 -39.61
CA GLU P 189 29.71 -5.74 -40.80
C GLU P 189 28.42 -6.38 -41.29
N LYS P 190 27.91 -7.39 -40.59
CA LYS P 190 26.64 -8.01 -40.97
C LYS P 190 25.44 -7.36 -40.31
N HIS P 191 25.64 -6.42 -39.38
CA HIS P 191 24.55 -5.82 -38.63
C HIS P 191 24.74 -4.32 -38.57
N LYS P 192 23.65 -3.62 -38.19
CA LYS P 192 23.61 -2.17 -38.25
C LYS P 192 23.49 -1.53 -36.86
N VAL P 193 22.45 -1.89 -36.10
CA VAL P 193 22.16 -1.20 -34.84
C VAL P 193 22.84 -1.95 -33.69
N TYR P 194 23.73 -1.27 -32.98
CA TYR P 194 24.43 -1.81 -31.83
C TYR P 194 24.07 -1.01 -30.60
N ALA P 195 23.57 -1.69 -29.57
CA ALA P 195 23.11 -1.01 -28.36
C ALA P 195 23.42 -1.86 -27.14
N CYS P 196 23.59 -1.19 -26.01
CA CYS P 196 23.62 -1.83 -24.70
C CYS P 196 22.51 -1.25 -23.84
N GLU P 197 21.68 -2.13 -23.29
CA GLU P 197 20.56 -1.74 -22.44
C GLU P 197 20.99 -1.89 -20.98
N VAL P 198 20.86 -0.81 -20.22
CA VAL P 198 21.29 -0.78 -18.82
C VAL P 198 20.06 -0.67 -17.94
N THR P 199 19.91 -1.63 -17.03
CA THR P 199 18.89 -1.58 -15.99
C THR P 199 19.57 -1.39 -14.64
N HIS P 200 19.00 -0.49 -13.83
CA HIS P 200 19.60 -0.16 -12.55
C HIS P 200 18.52 0.41 -11.64
N GLN P 201 18.75 0.30 -10.33
CA GLN P 201 17.76 0.79 -9.37
C GLN P 201 17.53 2.29 -9.49
N GLY P 202 18.56 3.04 -9.90
CA GLY P 202 18.41 4.47 -10.07
C GLY P 202 17.71 4.90 -11.33
N LEU P 203 17.36 3.96 -12.20
CA LEU P 203 16.70 4.25 -13.46
C LEU P 203 15.26 3.75 -13.40
N SER P 204 14.30 4.63 -13.68
CA SER P 204 12.90 4.26 -13.64
C SER P 204 12.57 3.24 -14.72
N SER P 205 13.33 3.22 -15.82
CA SER P 205 13.15 2.26 -16.90
C SER P 205 14.51 2.01 -17.53
N PRO P 206 14.68 0.88 -18.20
CA PRO P 206 15.99 0.58 -18.81
C PRO P 206 16.43 1.67 -19.78
N VAL P 207 17.68 2.10 -19.62
CA VAL P 207 18.29 3.12 -20.48
C VAL P 207 19.09 2.41 -21.57
N THR P 208 18.95 2.88 -22.81
CA THR P 208 19.61 2.25 -23.95
C THR P 208 20.39 3.32 -24.72
N LYS P 209 21.67 3.05 -24.96
CA LYS P 209 22.52 3.88 -25.78
C LYS P 209 22.96 3.08 -26.99
N SER P 210 22.84 3.66 -28.19
CA SER P 210 23.05 2.92 -29.41
C SER P 210 23.77 3.77 -30.45
N PHE P 211 24.32 3.09 -31.45
CA PHE P 211 24.87 3.72 -32.64
C PHE P 211 24.56 2.83 -33.83
N ASN P 212 24.64 3.42 -35.02
CA ASN P 212 24.47 2.69 -36.27
C ASN P 212 25.81 2.58 -36.97
N ARG P 213 26.13 1.38 -37.43
CA ARG P 213 27.44 1.10 -38.03
C ARG P 213 27.67 1.95 -39.27
N GLY P 214 28.59 2.90 -39.18
CA GLY P 214 28.95 3.74 -40.30
C GLY P 214 28.27 5.10 -40.36
N GLU P 215 27.69 5.56 -39.26
CA GLU P 215 27.04 6.86 -39.24
C GLU P 215 27.74 7.83 -38.29
N GLN Q 1 2.38 43.32 16.04
CA GLN Q 1 2.00 42.09 15.36
C GLN Q 1 0.52 41.77 15.56
N VAL Q 2 -0.30 42.15 14.58
CA VAL Q 2 -1.73 41.88 14.59
C VAL Q 2 -1.99 40.74 13.62
N GLN Q 3 -2.32 39.57 14.14
CA GLN Q 3 -2.49 38.40 13.28
C GLN Q 3 -3.38 37.37 13.97
N LEU Q 4 -3.94 36.48 13.15
CA LEU Q 4 -4.69 35.33 13.61
C LEU Q 4 -4.05 34.08 13.02
N VAL Q 5 -3.77 33.10 13.87
CA VAL Q 5 -3.05 31.89 13.46
C VAL Q 5 -3.95 30.69 13.74
N GLU Q 6 -4.41 30.03 12.69
CA GLU Q 6 -5.25 28.86 12.82
C GLU Q 6 -4.41 27.59 12.91
N SER Q 7 -4.97 26.59 13.57
CA SER Q 7 -4.37 25.26 13.65
C SER Q 7 -5.47 24.27 14.00
N GLY Q 8 -5.12 22.99 13.95
CA GLY Q 8 -6.04 21.92 14.32
C GLY Q 8 -6.70 21.21 13.17
N GLY Q 9 -6.61 21.74 11.95
CA GLY Q 9 -7.20 21.09 10.80
C GLY Q 9 -6.48 19.80 10.44
N GLY Q 10 -7.07 19.07 9.51
CA GLY Q 10 -6.48 17.83 9.05
C GLY Q 10 -7.53 16.94 8.42
N LEU Q 11 -7.15 15.67 8.27
CA LEU Q 11 -8.01 14.66 7.68
C LEU Q 11 -8.77 13.92 8.77
N ILE Q 12 -10.06 13.64 8.52
CA ILE Q 12 -10.90 12.97 9.49
C ILE Q 12 -12.05 12.30 8.75
N GLN Q 13 -12.53 11.18 9.28
CA GLN Q 13 -13.61 10.44 8.67
C GLN Q 13 -14.95 11.07 9.01
N PRO Q 14 -15.97 10.83 8.18
CA PRO Q 14 -17.30 11.38 8.47
C PRO Q 14 -17.87 10.84 9.77
N GLY Q 15 -18.52 11.72 10.53
CA GLY Q 15 -18.99 11.41 11.86
C GLY Q 15 -18.04 11.75 12.97
N GLY Q 16 -16.76 11.95 12.66
CA GLY Q 16 -15.75 12.22 13.67
C GLY Q 16 -15.82 13.64 14.19
N SER Q 17 -14.84 13.95 15.05
CA SER Q 17 -14.78 15.24 15.72
C SER Q 17 -13.42 15.88 15.47
N LEU Q 18 -13.40 17.22 15.50
CA LEU Q 18 -12.19 17.98 15.25
C LEU Q 18 -12.32 19.34 15.92
N ARG Q 19 -11.23 19.82 16.50
CA ARG Q 19 -11.20 21.09 17.21
C ARG Q 19 -10.19 22.01 16.57
N LEU Q 20 -10.63 23.17 16.12
CA LEU Q 20 -9.78 24.17 15.51
C LEU Q 20 -9.42 25.25 16.53
N SER Q 21 -8.19 25.76 16.41
CA SER Q 21 -7.69 26.80 17.29
C SER Q 21 -7.34 28.04 16.49
N CYS Q 22 -7.43 29.21 17.13
CA CYS Q 22 -7.17 30.50 16.48
C CYS Q 22 -6.41 31.37 17.47
N ALA Q 23 -5.09 31.33 17.39
CA ALA Q 23 -4.25 32.11 18.29
C ALA Q 23 -4.16 33.54 17.80
N ALA Q 24 -4.55 34.49 18.65
CA ALA Q 24 -4.56 35.90 18.29
C ALA Q 24 -3.47 36.65 19.03
N SER Q 25 -2.92 37.67 18.36
CA SER Q 25 -2.00 38.62 18.98
C SER Q 25 -2.31 39.99 18.41
N GLY Q 26 -2.46 40.98 19.29
CA GLY Q 26 -2.87 42.30 18.87
C GLY Q 26 -4.36 42.50 19.08
N VAL Q 27 -5.18 41.57 18.59
CA VAL Q 27 -6.61 41.59 18.80
C VAL Q 27 -6.95 40.73 20.00
N THR Q 28 -7.73 41.28 20.92
CA THR Q 28 -8.19 40.53 22.09
C THR Q 28 -9.49 39.82 21.75
N VAL Q 29 -9.47 38.48 21.82
CA VAL Q 29 -10.59 37.68 21.34
C VAL Q 29 -11.85 37.94 22.17
N SER Q 30 -11.70 38.04 23.50
CA SER Q 30 -12.86 38.23 24.35
C SER Q 30 -13.45 39.63 24.27
N SER Q 31 -12.86 40.53 23.47
CA SER Q 31 -13.33 41.89 23.36
C SER Q 31 -13.93 42.21 21.99
N ASN Q 32 -13.96 41.25 21.07
CA ASN Q 32 -14.39 41.51 19.71
C ASN Q 32 -15.49 40.54 19.29
N TYR Q 33 -16.07 40.81 18.14
CA TYR Q 33 -16.89 39.84 17.43
C TYR Q 33 -15.96 38.92 16.66
N MET Q 34 -15.89 37.65 17.07
CA MET Q 34 -15.01 36.67 16.46
C MET Q 34 -15.84 35.66 15.67
N SER Q 35 -15.48 35.46 14.40
CA SER Q 35 -16.26 34.63 13.51
C SER Q 35 -15.37 33.58 12.86
N TRP Q 36 -15.99 32.45 12.50
CA TRP Q 36 -15.38 31.42 11.68
C TRP Q 36 -16.01 31.45 10.30
N VAL Q 37 -15.17 31.52 9.27
CA VAL Q 37 -15.62 31.49 7.88
C VAL Q 37 -14.88 30.37 7.17
N ARG Q 38 -15.61 29.58 6.39
CA ARG Q 38 -15.03 28.48 5.65
C ARG Q 38 -15.28 28.66 4.16
N GLN Q 39 -14.46 27.97 3.35
CA GLN Q 39 -14.52 28.11 1.90
C GLN Q 39 -14.19 26.75 1.29
N ALA Q 40 -15.22 26.05 0.79
CA ALA Q 40 -15.03 24.77 0.14
C ALA Q 40 -14.23 24.96 -1.15
N PRO Q 41 -13.59 23.90 -1.65
CA PRO Q 41 -12.78 24.03 -2.87
C PRO Q 41 -13.60 24.55 -4.04
N GLY Q 42 -13.17 25.69 -4.58
CA GLY Q 42 -13.81 26.28 -5.74
C GLY Q 42 -15.09 27.03 -5.47
N LYS Q 43 -15.55 27.08 -4.23
CA LYS Q 43 -16.79 27.76 -3.88
C LYS Q 43 -16.47 29.07 -3.15
N GLY Q 44 -17.53 29.78 -2.78
CA GLY Q 44 -17.39 31.06 -2.11
C GLY Q 44 -17.18 30.90 -0.61
N LEU Q 45 -17.15 32.04 0.06
CA LEU Q 45 -17.01 32.07 1.51
C LEU Q 45 -18.34 31.79 2.19
N GLU Q 46 -18.31 30.94 3.22
CA GLU Q 46 -19.51 30.59 3.98
C GLU Q 46 -19.28 30.90 5.45
N TRP Q 47 -20.11 31.77 6.00
CA TRP Q 47 -20.03 32.07 7.43
C TRP Q 47 -20.49 30.87 8.24
N VAL Q 48 -19.79 30.60 9.34
CA VAL Q 48 -20.07 29.43 10.16
C VAL Q 48 -20.67 29.85 11.49
N SER Q 49 -19.87 30.50 12.34
CA SER Q 49 -20.30 30.85 13.68
C SER Q 49 -19.70 32.19 14.08
N ILE Q 50 -20.29 32.79 15.12
CA ILE Q 50 -19.80 34.03 15.70
C ILE Q 50 -20.00 33.97 17.21
N ILE Q 51 -19.12 34.65 17.95
CA ILE Q 51 -19.25 34.79 19.38
C ILE Q 51 -19.08 36.27 19.73
N TYR Q 52 -20.10 36.85 20.36
CA TYR Q 52 -20.02 38.24 20.77
C TYR Q 52 -19.04 38.38 21.94
N SER Q 53 -18.58 39.62 22.14
CA SER Q 53 -17.72 39.89 23.29
C SER Q 53 -18.43 39.66 24.61
N GLY Q 54 -19.77 39.73 24.61
CA GLY Q 54 -20.56 39.48 25.79
C GLY Q 54 -20.95 38.03 26.01
N GLY Q 55 -20.59 37.14 25.10
CA GLY Q 55 -20.87 35.72 25.26
C GLY Q 55 -21.93 35.17 24.32
N THR Q 56 -22.67 36.03 23.64
CA THR Q 56 -23.72 35.56 22.73
C THR Q 56 -23.09 34.87 21.52
N THR Q 57 -23.59 33.68 21.20
CA THR Q 57 -23.10 32.90 20.08
C THR Q 57 -24.22 32.68 19.06
N TYR Q 58 -23.80 32.49 17.81
CA TYR Q 58 -24.73 32.26 16.71
C TYR Q 58 -24.10 31.27 15.75
N TYR Q 59 -24.95 30.46 15.10
CA TYR Q 59 -24.47 29.40 14.22
C TYR Q 59 -25.31 29.38 12.95
N ALA Q 60 -24.66 28.97 11.86
CA ALA Q 60 -25.39 28.73 10.62
C ALA Q 60 -26.24 27.48 10.73
N ASP Q 61 -27.31 27.42 9.94
CA ASP Q 61 -28.23 26.30 10.01
C ASP Q 61 -27.54 24.98 9.70
N SER Q 62 -26.60 24.99 8.75
CA SER Q 62 -25.91 23.76 8.35
C SER Q 62 -25.02 23.20 9.44
N VAL Q 63 -24.69 23.99 10.47
CA VAL Q 63 -23.76 23.57 11.52
C VAL Q 63 -24.38 23.63 12.90
N LYS Q 64 -25.66 23.95 13.03
CA LYS Q 64 -26.30 23.97 14.34
C LYS Q 64 -26.36 22.57 14.94
N GLY Q 65 -26.17 22.48 16.25
CA GLY Q 65 -26.13 21.22 16.94
C GLY Q 65 -24.88 20.40 16.71
N ARG Q 66 -24.03 20.78 15.76
CA ARG Q 66 -22.79 20.07 15.47
C ARG Q 66 -21.55 20.88 15.79
N PHE Q 67 -21.55 22.18 15.51
CA PHE Q 67 -20.42 23.04 15.80
C PHE Q 67 -20.72 23.89 17.03
N THR Q 68 -19.70 24.13 17.84
CA THR Q 68 -19.82 24.95 19.04
C THR Q 68 -18.59 25.84 19.14
N ILE Q 69 -18.81 27.16 19.11
CA ILE Q 69 -17.74 28.12 19.17
C ILE Q 69 -17.46 28.46 20.63
N SER Q 70 -16.19 28.71 20.94
CA SER Q 70 -15.77 28.97 22.31
C SER Q 70 -14.50 29.80 22.27
N ARG Q 71 -14.02 30.17 23.46
CA ARG Q 71 -12.79 30.95 23.57
C ARG Q 71 -12.20 30.74 24.96
N ASP Q 72 -10.89 30.97 25.05
CA ASP Q 72 -10.18 30.94 26.32
C ASP Q 72 -9.47 32.28 26.46
N SER Q 73 -10.00 33.14 27.35
CA SER Q 73 -9.46 34.49 27.47
C SER Q 73 -7.99 34.48 27.91
N SER Q 74 -7.63 33.55 28.79
CA SER Q 74 -6.25 33.50 29.28
C SER Q 74 -5.28 33.14 28.18
N MET Q 75 -5.73 32.37 27.18
CA MET Q 75 -4.90 32.00 26.04
C MET Q 75 -5.01 33.00 24.89
N ASN Q 76 -6.01 33.88 24.91
CA ASN Q 76 -6.34 34.74 23.77
C ASN Q 76 -6.48 33.92 22.51
N THR Q 77 -7.36 32.93 22.58
CA THR Q 77 -7.53 31.94 21.52
C THR Q 77 -9.01 31.69 21.26
N LEU Q 78 -9.36 31.59 19.98
CA LEU Q 78 -10.69 31.22 19.55
C LEU Q 78 -10.71 29.75 19.16
N TYR Q 79 -11.81 29.07 19.47
CA TYR Q 79 -11.95 27.65 19.17
C TYR Q 79 -13.22 27.39 18.38
N LEU Q 80 -13.20 26.28 17.64
CA LEU Q 80 -14.39 25.80 16.93
C LEU Q 80 -14.42 24.28 17.06
N GLN Q 81 -15.30 23.77 17.93
CA GLN Q 81 -15.47 22.35 18.12
C GLN Q 81 -16.42 21.81 17.07
N MET Q 82 -15.93 20.94 16.19
CA MET Q 82 -16.71 20.39 15.09
C MET Q 82 -17.00 18.92 15.40
N ASN Q 83 -18.27 18.61 15.64
CA ASN Q 83 -18.71 17.25 15.90
C ASN Q 83 -19.64 16.78 14.78
N SER Q 84 -19.72 15.45 14.61
CA SER Q 84 -20.53 14.83 13.58
C SER Q 84 -20.21 15.42 12.21
N LEU Q 85 -18.92 15.51 11.91
CA LEU Q 85 -18.48 16.12 10.65
C LEU Q 85 -19.00 15.33 9.46
N ARG Q 86 -19.26 16.04 8.38
CA ARG Q 86 -19.76 15.47 7.13
C ARG Q 86 -18.82 15.84 6.00
N ALA Q 87 -19.04 15.19 4.85
CA ALA Q 87 -18.17 15.42 3.69
C ALA Q 87 -18.25 16.87 3.23
N GLU Q 88 -19.44 17.47 3.26
CA GLU Q 88 -19.60 18.84 2.81
C GLU Q 88 -18.91 19.85 3.74
N ASP Q 89 -18.46 19.43 4.91
CA ASP Q 89 -17.69 20.30 5.80
C ASP Q 89 -16.24 20.44 5.36
N THR Q 90 -15.83 19.75 4.30
CA THR Q 90 -14.47 19.89 3.79
C THR Q 90 -14.26 21.29 3.25
N ALA Q 91 -13.38 22.05 3.90
CA ALA Q 91 -13.14 23.44 3.51
C ALA Q 91 -11.91 23.96 4.25
N VAL Q 92 -11.38 25.07 3.74
CA VAL Q 92 -10.43 25.86 4.50
C VAL Q 92 -11.20 26.74 5.47
N TYR Q 93 -10.80 26.69 6.75
CA TYR Q 93 -11.52 27.39 7.80
C TYR Q 93 -10.72 28.60 8.24
N TYR Q 94 -11.34 29.78 8.17
CA TYR Q 94 -10.73 31.03 8.61
C TYR Q 94 -11.39 31.49 9.90
N CYS Q 95 -10.57 31.95 10.84
CA CYS Q 95 -11.06 32.72 11.98
C CYS Q 95 -10.78 34.19 11.70
N ALA Q 96 -11.70 35.06 12.12
CA ALA Q 96 -11.61 36.45 11.73
C ALA Q 96 -12.21 37.33 12.80
N ARG Q 97 -11.80 38.60 12.80
CA ARG Q 97 -12.30 39.60 13.73
C ARG Q 97 -13.36 40.44 13.01
N ASP Q 98 -14.59 40.37 13.48
CA ASP Q 98 -15.71 41.05 12.85
C ASP Q 98 -15.92 42.40 13.53
N LEU Q 99 -16.03 43.46 12.71
CA LEU Q 99 -16.34 44.79 13.20
C LEU Q 99 -17.74 45.23 12.81
N MET Q 100 -18.64 44.25 12.59
CA MET Q 100 -20.03 44.50 12.26
C MET Q 100 -20.18 45.41 11.05
N VAL Q 101 -20.43 46.71 11.29
CA VAL Q 101 -20.62 47.65 10.20
C VAL Q 101 -19.31 48.08 9.56
N TYR Q 102 -18.18 47.91 10.25
CA TYR Q 102 -16.88 48.27 9.72
C TYR Q 102 -16.23 47.13 8.95
N GLY Q 103 -16.92 46.02 8.78
CA GLY Q 103 -16.39 44.90 8.01
C GLY Q 103 -15.65 43.88 8.84
N ILE Q 104 -14.99 42.99 8.12
CA ILE Q 104 -14.12 41.97 8.71
C ILE Q 104 -12.71 42.32 8.25
N ASP Q 105 -11.91 42.91 9.14
CA ASP Q 105 -10.62 43.45 8.75
C ASP Q 105 -9.47 42.47 8.96
N VAL Q 106 -9.52 41.63 9.98
CA VAL Q 106 -8.42 40.75 10.34
C VAL Q 106 -8.82 39.32 10.02
N TRP Q 107 -8.08 38.67 9.12
CA TRP Q 107 -8.29 37.27 8.76
C TRP Q 107 -7.05 36.45 9.10
N GLY Q 108 -7.26 35.18 9.42
CA GLY Q 108 -6.16 34.26 9.59
C GLY Q 108 -5.75 33.62 8.27
N GLN Q 109 -4.65 32.87 8.32
CA GLN Q 109 -4.17 32.23 7.10
C GLN Q 109 -4.99 31.01 6.70
N GLY Q 110 -5.79 30.47 7.62
CA GLY Q 110 -6.65 29.34 7.31
C GLY Q 110 -6.02 27.99 7.57
N THR Q 111 -6.83 27.05 8.08
CA THR Q 111 -6.41 25.68 8.29
C THR Q 111 -7.37 24.76 7.55
N THR Q 112 -6.82 23.75 6.89
CA THR Q 112 -7.59 22.91 5.98
C THR Q 112 -8.18 21.71 6.72
N VAL Q 113 -9.47 21.47 6.49
CA VAL Q 113 -10.18 20.31 7.04
C VAL Q 113 -10.70 19.50 5.87
N THR Q 114 -10.41 18.19 5.89
CA THR Q 114 -10.85 17.27 4.85
C THR Q 114 -11.61 16.12 5.51
N VAL Q 115 -12.87 15.96 5.15
CA VAL Q 115 -13.73 14.92 5.71
C VAL Q 115 -14.06 13.94 4.59
N SER Q 116 -13.56 12.72 4.71
CA SER Q 116 -13.77 11.70 3.69
C SER Q 116 -13.64 10.32 4.33
N SER Q 117 -14.32 9.35 3.72
CA SER Q 117 -14.30 7.97 4.20
C SER Q 117 -13.28 7.11 3.44
N SER Q 119 -10.49 5.62 2.47
CA SER Q 119 -9.28 5.03 3.02
C SER Q 119 -8.07 5.49 2.21
N THR Q 120 -6.93 5.59 2.88
CA THR Q 120 -5.72 6.06 2.23
C THR Q 120 -5.32 5.11 1.11
N LYS Q 121 -5.03 5.67 -0.07
CA LYS Q 121 -4.72 4.86 -1.23
C LYS Q 121 -3.72 5.58 -2.10
N GLY Q 122 -2.70 4.85 -2.57
CA GLY Q 122 -1.78 5.36 -3.55
C GLY Q 122 -2.43 5.42 -4.92
N PRO Q 123 -1.91 6.26 -5.80
CA PRO Q 123 -2.53 6.45 -7.10
C PRO Q 123 -2.06 5.47 -8.16
N SER Q 124 -2.95 5.19 -9.10
CA SER Q 124 -2.60 4.49 -10.33
C SER Q 124 -2.23 5.51 -11.38
N VAL Q 125 -1.08 5.33 -12.03
CA VAL Q 125 -0.57 6.27 -13.00
C VAL Q 125 -0.68 5.63 -14.37
N PHE Q 126 -1.52 6.21 -15.23
CA PHE Q 126 -1.71 5.68 -16.58
C PHE Q 126 -1.19 6.67 -17.61
N PRO Q 127 -0.57 6.17 -18.69
CA PRO Q 127 0.00 7.08 -19.69
C PRO Q 127 -1.05 7.67 -20.59
N LEU Q 128 -0.88 8.96 -20.89
CA LEU Q 128 -1.67 9.66 -21.91
C LEU Q 128 -0.80 9.75 -23.15
N ALA Q 129 -0.89 8.73 -24.00
CA ALA Q 129 0.07 8.53 -25.09
C ALA Q 129 -0.18 9.54 -26.21
N PRO Q 130 0.87 10.05 -26.84
CA PRO Q 130 0.69 10.93 -28.00
C PRO Q 130 0.11 10.17 -29.18
N SER Q 131 -0.74 10.85 -29.94
CA SER Q 131 -1.41 10.21 -31.05
C SER Q 131 -0.44 9.95 -32.21
N SER Q 132 -0.88 9.09 -33.13
CA SER Q 132 -0.08 8.79 -34.31
C SER Q 132 -0.14 9.89 -35.35
N LYS Q 133 -1.23 10.66 -35.38
CA LYS Q 133 -1.39 11.75 -36.33
C LYS Q 133 -0.53 12.95 -35.93
N GLY Q 138 2.91 20.13 -35.52
CA GLY Q 138 4.31 20.35 -35.21
C GLY Q 138 4.65 20.03 -33.78
N THR Q 139 3.67 20.18 -32.88
CA THR Q 139 3.83 19.88 -31.48
C THR Q 139 2.80 18.86 -31.04
N ALA Q 140 3.24 17.88 -30.25
CA ALA Q 140 2.39 16.82 -29.74
C ALA Q 140 2.23 16.95 -28.23
N ALA Q 141 1.14 16.40 -27.73
CA ALA Q 141 0.82 16.44 -26.31
C ALA Q 141 0.82 15.03 -25.75
N LEU Q 142 1.46 14.85 -24.59
CA LEU Q 142 1.46 13.60 -23.87
C LEU Q 142 1.34 13.92 -22.38
N GLY Q 143 0.99 12.92 -21.58
CA GLY Q 143 0.83 13.17 -20.18
C GLY Q 143 0.61 11.90 -19.39
N CYS Q 144 0.32 12.09 -18.10
CA CYS Q 144 0.07 11.01 -17.17
C CYS Q 144 -1.27 11.22 -16.48
N LEU Q 145 -2.01 10.13 -16.30
CA LEU Q 145 -3.28 10.16 -15.57
C LEU Q 145 -3.04 9.60 -14.18
N VAL Q 146 -3.00 10.48 -13.18
CA VAL Q 146 -2.85 10.09 -11.78
C VAL Q 146 -4.26 9.92 -11.23
N LYS Q 147 -4.71 8.68 -11.11
CA LYS Q 147 -6.10 8.37 -10.81
C LYS Q 147 -6.24 7.62 -9.50
N ASP Q 148 -7.30 7.95 -8.76
CA ASP Q 148 -7.71 7.22 -7.56
C ASP Q 148 -6.65 7.23 -6.47
N TYR Q 149 -6.61 8.33 -5.70
CA TYR Q 149 -5.71 8.42 -4.56
C TYR Q 149 -6.40 9.22 -3.46
N PHE Q 150 -5.86 9.11 -2.24
CA PHE Q 150 -6.41 9.80 -1.10
C PHE Q 150 -5.42 9.73 0.07
N PRO Q 151 -5.20 10.84 0.78
CA PRO Q 151 -5.79 12.16 0.48
C PRO Q 151 -4.90 13.02 -0.40
N GLU Q 152 -5.17 14.33 -0.39
CA GLU Q 152 -4.28 15.27 -1.05
C GLU Q 152 -2.98 15.40 -0.26
N PRO Q 153 -1.88 15.76 -0.91
CA PRO Q 153 -1.73 16.00 -2.35
C PRO Q 153 -0.79 15.01 -3.04
N VAL Q 154 -0.59 15.21 -4.34
CA VAL Q 154 0.44 14.51 -5.10
C VAL Q 154 1.27 15.55 -5.82
N THR Q 155 2.53 15.21 -6.09
CA THR Q 155 3.44 16.07 -6.83
C THR Q 155 3.94 15.33 -8.05
N VAL Q 156 3.99 16.01 -9.19
CA VAL Q 156 4.36 15.40 -10.46
C VAL Q 156 5.46 16.23 -11.10
N SER Q 157 6.53 15.55 -11.51
CA SER Q 157 7.61 16.15 -12.29
C SER Q 157 7.80 15.32 -13.55
N TRP Q 158 8.60 15.86 -14.48
CA TRP Q 158 8.83 15.21 -15.77
C TRP Q 158 10.32 15.07 -16.00
N ASN Q 159 10.76 13.83 -16.27
CA ASN Q 159 12.17 13.51 -16.50
C ASN Q 159 13.03 13.98 -15.33
N SER Q 160 12.55 13.69 -14.12
CA SER Q 160 13.24 14.04 -12.88
C SER Q 160 13.52 15.54 -12.79
N GLY Q 161 12.62 16.35 -13.35
CA GLY Q 161 12.75 17.80 -13.31
C GLY Q 161 13.47 18.41 -14.51
N ALA Q 162 13.99 17.59 -15.42
CA ALA Q 162 14.69 18.14 -16.58
C ALA Q 162 13.72 18.79 -17.56
N LEU Q 163 12.46 18.35 -17.57
CA LEU Q 163 11.45 18.89 -18.48
C LEU Q 163 10.45 19.70 -17.65
N THR Q 164 10.43 21.01 -17.88
CA THR Q 164 9.53 21.90 -17.15
C THR Q 164 8.75 22.79 -18.12
N SER Q 165 9.36 23.13 -19.25
CA SER Q 165 8.70 24.00 -20.22
C SER Q 165 7.53 23.27 -20.87
N GLY Q 166 6.35 23.89 -20.80
CA GLY Q 166 5.17 23.31 -21.40
C GLY Q 166 4.43 22.31 -20.55
N VAL Q 167 4.74 22.23 -19.26
CA VAL Q 167 4.10 21.26 -18.36
C VAL Q 167 2.90 21.92 -17.71
N HIS Q 168 1.77 21.22 -17.71
CA HIS Q 168 0.55 21.66 -17.04
C HIS Q 168 0.06 20.54 -16.13
N THR Q 169 0.22 20.71 -14.82
CA THR Q 169 -0.29 19.76 -13.84
C THR Q 169 -1.57 20.34 -13.25
N PHE Q 170 -2.71 19.79 -13.67
CA PHE Q 170 -3.99 20.37 -13.30
C PHE Q 170 -4.30 20.12 -11.83
N PRO Q 171 -5.09 20.99 -11.20
CA PRO Q 171 -5.59 20.71 -9.86
C PRO Q 171 -6.50 19.48 -9.86
N ALA Q 172 -6.46 18.74 -8.77
CA ALA Q 172 -7.19 17.49 -8.68
C ALA Q 172 -8.69 17.73 -8.59
N VAL Q 173 -9.47 16.76 -9.10
CA VAL Q 173 -10.91 16.75 -8.97
C VAL Q 173 -11.30 15.61 -8.05
N LEU Q 174 -12.34 15.83 -7.25
CA LEU Q 174 -12.85 14.80 -6.35
C LEU Q 174 -13.93 14.00 -7.08
N GLN Q 175 -13.71 12.70 -7.20
CA GLN Q 175 -14.65 11.85 -7.90
C GLN Q 175 -15.77 11.40 -6.96
N SER Q 176 -16.83 10.83 -7.55
CA SER Q 176 -17.95 10.35 -6.74
C SER Q 176 -17.54 9.22 -5.81
N SER Q 177 -16.46 8.50 -6.13
CA SER Q 177 -15.99 7.41 -5.28
C SER Q 177 -15.34 7.92 -4.00
N GLY Q 178 -15.10 9.22 -3.88
CA GLY Q 178 -14.38 9.77 -2.75
C GLY Q 178 -12.88 9.86 -2.93
N LEU Q 179 -12.37 9.43 -4.09
CA LEU Q 179 -10.95 9.46 -4.39
C LEU Q 179 -10.64 10.57 -5.39
N TYR Q 180 -9.44 11.12 -5.29
CA TYR Q 180 -9.02 12.22 -6.13
C TYR Q 180 -8.40 11.72 -7.44
N SER Q 181 -8.60 12.49 -8.50
CA SER Q 181 -8.02 12.21 -9.81
C SER Q 181 -7.33 13.46 -10.33
N LEU Q 182 -6.27 13.25 -11.11
CA LEU Q 182 -5.43 14.35 -11.56
C LEU Q 182 -4.69 13.93 -12.82
N SER Q 183 -4.38 14.90 -13.67
CA SER Q 183 -3.64 14.67 -14.91
C SER Q 183 -2.59 15.76 -15.08
N SER Q 184 -1.41 15.36 -15.55
CA SER Q 184 -0.32 16.29 -15.84
C SER Q 184 0.16 16.05 -17.26
N VAL Q 185 0.06 17.06 -18.11
CA VAL Q 185 0.39 16.94 -19.52
C VAL Q 185 1.58 17.85 -19.84
N VAL Q 186 2.18 17.60 -20.99
CA VAL Q 186 3.27 18.43 -21.50
C VAL Q 186 3.24 18.37 -23.02
N THR Q 187 3.56 19.49 -23.67
CA THR Q 187 3.61 19.59 -25.12
C THR Q 187 5.06 19.64 -25.57
N VAL Q 188 5.38 18.82 -26.58
CA VAL Q 188 6.74 18.70 -27.09
C VAL Q 188 6.70 18.69 -28.61
N PRO Q 189 7.83 18.99 -29.25
CA PRO Q 189 7.89 18.86 -30.72
C PRO Q 189 7.68 17.42 -31.17
N SER Q 190 6.95 17.27 -32.28
CA SER Q 190 6.63 15.93 -32.78
C SER Q 190 7.87 15.17 -33.20
N SER Q 191 8.95 15.89 -33.55
CA SER Q 191 10.17 15.24 -34.00
C SER Q 191 10.92 14.53 -32.87
N SER Q 192 10.50 14.72 -31.62
CA SER Q 192 11.23 14.17 -30.47
C SER Q 192 10.60 12.92 -29.88
N LEU Q 193 9.41 12.53 -30.34
CA LEU Q 193 8.71 11.40 -29.74
C LEU Q 193 9.46 10.08 -29.93
N GLY Q 194 10.34 9.99 -30.91
CA GLY Q 194 11.08 8.76 -31.15
C GLY Q 194 12.49 8.78 -30.59
N THR Q 195 12.96 9.96 -30.20
CA THR Q 195 14.33 10.13 -29.75
C THR Q 195 14.48 10.58 -28.31
N GLN Q 196 13.40 10.98 -27.64
CA GLN Q 196 13.46 11.47 -26.27
C GLN Q 196 12.48 10.68 -25.41
N THR Q 197 12.99 10.07 -24.34
CA THR Q 197 12.14 9.36 -23.41
C THR Q 197 11.47 10.34 -22.45
N TYR Q 198 10.20 10.11 -22.17
CA TYR Q 198 9.41 10.97 -21.30
C TYR Q 198 8.84 10.14 -20.17
N ILE Q 199 9.31 10.39 -18.95
CA ILE Q 199 8.83 9.71 -17.75
C ILE Q 199 8.29 10.76 -16.79
N CYS Q 200 7.08 10.53 -16.29
CA CYS Q 200 6.49 11.38 -15.26
C CYS Q 200 6.74 10.74 -13.90
N ASN Q 201 7.07 11.58 -12.92
CA ASN Q 201 7.42 11.12 -11.57
C ASN Q 201 6.30 11.54 -10.63
N VAL Q 202 5.56 10.56 -10.11
CA VAL Q 202 4.41 10.81 -9.26
C VAL Q 202 4.80 10.47 -7.83
N ASN Q 203 4.64 11.44 -6.93
CA ASN Q 203 4.98 11.28 -5.53
C ASN Q 203 3.73 11.51 -4.69
N HIS Q 204 3.37 10.53 -3.87
CA HIS Q 204 2.21 10.60 -2.99
C HIS Q 204 2.67 10.18 -1.59
N LYS Q 205 3.15 11.16 -0.81
CA LYS Q 205 3.69 10.87 0.52
C LYS Q 205 2.70 10.16 1.45
N PRO Q 206 1.41 10.50 1.50
CA PRO Q 206 0.52 9.81 2.46
C PRO Q 206 0.50 8.30 2.32
N SER Q 207 0.79 7.77 1.14
CA SER Q 207 0.81 6.33 0.92
C SER Q 207 2.21 5.78 0.71
N ASN Q 208 3.24 6.62 0.88
CA ASN Q 208 4.63 6.23 0.67
C ASN Q 208 4.81 5.63 -0.73
N THR Q 209 4.25 6.32 -1.72
CA THR Q 209 4.21 5.84 -3.10
C THR Q 209 4.96 6.81 -4.00
N LYS Q 210 6.00 6.32 -4.66
CA LYS Q 210 6.68 7.05 -5.72
C LYS Q 210 6.69 6.17 -6.96
N VAL Q 211 6.11 6.69 -8.05
CA VAL Q 211 5.92 5.93 -9.28
C VAL Q 211 6.51 6.73 -10.44
N ASP Q 212 7.29 6.06 -11.28
CA ASP Q 212 7.84 6.63 -12.50
C ASP Q 212 7.25 5.88 -13.68
N LYS Q 213 6.51 6.59 -14.53
CA LYS Q 213 5.77 6.00 -15.64
C LYS Q 213 6.32 6.53 -16.95
N LYS Q 214 6.78 5.61 -17.81
CA LYS Q 214 7.33 5.99 -19.11
C LYS Q 214 6.18 6.14 -20.10
N VAL Q 215 6.07 7.33 -20.70
CA VAL Q 215 5.02 7.63 -21.67
C VAL Q 215 5.62 7.51 -23.06
N GLU Q 216 5.09 6.58 -23.85
CA GLU Q 216 5.58 6.29 -25.19
C GLU Q 216 4.44 6.42 -26.20
N PRO Q 217 4.75 6.72 -27.46
CA PRO Q 217 3.72 6.66 -28.50
C PRO Q 217 3.21 5.24 -28.67
N LYS Q 218 1.89 5.11 -28.81
CA LYS Q 218 1.27 3.80 -28.87
C LYS Q 218 1.65 3.08 -30.16
N SER Q 219 1.82 1.76 -30.05
CA SER Q 219 2.23 0.92 -31.17
C SER Q 219 1.02 0.13 -31.65
N CYS Q 220 0.55 0.44 -32.85
CA CYS Q 220 -0.59 -0.26 -33.44
C CYS Q 220 -0.17 -1.63 -33.95
N GLU R 1 -34.41 35.04 3.67
CA GLU R 1 -32.99 35.26 3.41
C GLU R 1 -32.79 36.28 2.30
N ILE R 2 -31.68 37.03 2.38
CA ILE R 2 -31.32 37.99 1.36
C ILE R 2 -30.37 37.32 0.38
N VAL R 3 -30.61 37.55 -0.91
CA VAL R 3 -29.82 36.96 -1.98
C VAL R 3 -29.00 38.07 -2.63
N MET R 4 -27.67 37.93 -2.57
CA MET R 4 -26.74 38.91 -3.13
C MET R 4 -26.33 38.44 -4.52
N THR R 5 -26.86 39.08 -5.55
CA THR R 5 -26.54 38.75 -6.93
C THR R 5 -25.41 39.65 -7.41
N GLN R 6 -24.28 39.04 -7.72
CA GLN R 6 -23.07 39.76 -8.12
C GLN R 6 -22.76 39.45 -9.57
N SER R 7 -22.46 40.49 -10.34
CA SER R 7 -22.22 40.33 -11.78
C SER R 7 -21.15 41.33 -12.21
N PRO R 8 -20.30 40.95 -13.18
CA PRO R 8 -20.30 39.65 -13.84
C PRO R 8 -19.59 38.57 -13.03
N SER R 9 -19.75 37.31 -13.42
CA SER R 9 -19.03 36.23 -12.74
C SER R 9 -17.53 36.37 -12.96
N SER R 10 -17.12 36.84 -14.13
CA SER R 10 -15.72 37.07 -14.43
C SER R 10 -15.62 38.21 -15.43
N LEU R 11 -14.48 38.91 -15.40
CA LEU R 11 -14.22 39.99 -16.34
C LEU R 11 -12.72 40.06 -16.59
N SER R 12 -12.36 40.46 -17.81
CA SER R 12 -10.97 40.55 -18.22
C SER R 12 -10.58 42.01 -18.39
N ALA R 13 -9.44 42.39 -17.83
CA ALA R 13 -9.01 43.78 -17.87
C ALA R 13 -7.48 43.84 -17.97
N SER R 14 -7.01 44.88 -18.65
CA SER R 14 -5.59 45.17 -18.75
C SER R 14 -5.19 46.17 -17.66
N VAL R 15 -3.88 46.26 -17.42
CA VAL R 15 -3.38 47.19 -16.41
C VAL R 15 -3.72 48.62 -16.83
N GLY R 16 -4.33 49.37 -15.92
CA GLY R 16 -4.76 50.72 -16.20
C GLY R 16 -6.22 50.87 -16.55
N ASP R 17 -6.94 49.76 -16.71
CA ASP R 17 -8.35 49.82 -17.02
C ASP R 17 -9.17 50.22 -15.80
N ARG R 18 -10.36 50.76 -16.06
CA ARG R 18 -11.32 51.12 -15.02
C ARG R 18 -12.31 49.96 -14.90
N VAL R 19 -12.22 49.23 -13.78
CA VAL R 19 -13.03 48.04 -13.56
C VAL R 19 -14.23 48.39 -12.70
N THR R 20 -15.38 47.79 -13.00
CA THR R 20 -16.61 48.03 -12.27
C THR R 20 -17.30 46.70 -12.02
N ILE R 21 -17.56 46.40 -10.74
CA ILE R 21 -18.24 45.17 -10.34
C ILE R 21 -19.54 45.56 -9.62
N THR R 22 -20.62 44.86 -9.94
CA THR R 22 -21.95 45.20 -9.47
C THR R 22 -22.47 44.13 -8.52
N CYS R 23 -23.09 44.58 -7.42
CA CYS R 23 -23.70 43.71 -6.42
C CYS R 23 -25.14 44.18 -6.20
N ARG R 24 -26.09 43.24 -6.28
CA ARG R 24 -27.50 43.57 -6.15
C ARG R 24 -28.12 42.72 -5.04
N ALA R 25 -28.78 43.39 -4.10
CA ALA R 25 -29.39 42.72 -2.96
C ALA R 25 -30.84 42.37 -3.25
N SER R 26 -31.31 41.28 -2.65
CA SER R 26 -32.69 40.85 -2.85
C SER R 26 -33.67 41.86 -2.26
N GLN R 27 -33.33 42.45 -1.11
CA GLN R 27 -34.12 43.48 -0.47
C GLN R 27 -33.20 44.63 -0.10
N GLY R 28 -33.81 45.75 0.29
CA GLY R 28 -33.01 46.90 0.70
C GLY R 28 -32.18 46.58 1.94
N ILE R 29 -30.92 47.01 1.91
CA ILE R 29 -30.01 46.81 3.03
C ILE R 29 -29.30 48.12 3.33
N SER R 30 -29.87 49.24 2.88
CA SER R 30 -29.29 50.57 3.03
C SER R 30 -27.82 50.57 2.63
N SER R 31 -26.95 50.95 3.56
CA SER R 31 -25.51 51.00 3.32
C SER R 31 -24.79 49.83 3.96
N TYR R 32 -25.51 48.83 4.45
CA TYR R 32 -24.89 47.66 5.10
C TYR R 32 -24.34 46.75 4.01
N LEU R 33 -23.16 47.12 3.49
CA LEU R 33 -22.48 46.30 2.50
C LEU R 33 -20.97 46.52 2.61
N ALA R 34 -20.21 45.47 2.28
CA ALA R 34 -18.76 45.53 2.28
C ALA R 34 -18.23 44.80 1.06
N TRP R 35 -17.02 45.17 0.64
CA TRP R 35 -16.34 44.55 -0.49
C TRP R 35 -15.04 43.91 -0.02
N TYR R 36 -14.74 42.74 -0.56
CA TYR R 36 -13.56 41.98 -0.17
C TYR R 36 -12.75 41.59 -1.41
N GLN R 37 -11.46 41.37 -1.20
CA GLN R 37 -10.55 40.86 -2.21
C GLN R 37 -9.92 39.58 -1.70
N GLN R 38 -9.85 38.56 -2.56
CA GLN R 38 -9.26 37.28 -2.18
C GLN R 38 -8.44 36.74 -3.34
N LYS R 39 -7.24 36.27 -3.04
CA LYS R 39 -6.35 35.63 -3.99
C LYS R 39 -6.19 34.16 -3.64
N PRO R 40 -5.91 33.30 -4.63
CA PRO R 40 -5.91 31.85 -4.38
C PRO R 40 -4.96 31.45 -3.26
N GLY R 41 -5.51 30.77 -2.26
CA GLY R 41 -4.74 30.30 -1.13
C GLY R 41 -4.58 31.28 0.02
N LYS R 42 -5.16 32.47 -0.09
CA LYS R 42 -5.04 33.50 0.92
C LYS R 42 -6.40 33.76 1.56
N ALA R 43 -6.37 34.46 2.68
CA ALA R 43 -7.58 34.90 3.36
C ALA R 43 -8.16 36.14 2.68
N PRO R 44 -9.46 36.37 2.82
CA PRO R 44 -10.06 37.59 2.26
C PRO R 44 -9.45 38.85 2.88
N LYS R 45 -9.55 39.95 2.13
CA LYS R 45 -9.01 41.23 2.53
C LYS R 45 -10.10 42.28 2.42
N LEU R 46 -10.42 42.93 3.53
CA LEU R 46 -11.50 43.93 3.52
C LEU R 46 -11.05 45.17 2.77
N LEU R 47 -11.86 45.58 1.78
CA LEU R 47 -11.57 46.76 0.97
C LEU R 47 -12.46 47.94 1.36
N ILE R 48 -13.76 47.78 1.24
CA ILE R 48 -14.72 48.83 1.53
C ILE R 48 -15.69 48.32 2.59
N TYR R 49 -16.03 49.18 3.54
CA TYR R 49 -17.12 48.91 4.47
C TYR R 49 -18.13 50.05 4.41
N ALA R 50 -19.33 49.76 4.89
CA ALA R 50 -20.44 50.72 4.83
C ALA R 50 -20.65 51.21 3.39
N ALA R 51 -20.53 50.27 2.45
CA ALA R 51 -20.82 50.48 1.03
C ALA R 51 -19.81 51.39 0.32
N SER R 52 -19.37 52.46 0.97
CA SER R 52 -18.57 53.46 0.27
C SER R 52 -17.37 53.96 1.07
N THR R 53 -17.04 53.38 2.21
CA THR R 53 -15.94 53.86 3.04
C THR R 53 -14.71 52.98 2.83
N LEU R 54 -13.58 53.62 2.53
CA LEU R 54 -12.36 52.90 2.20
C LEU R 54 -11.64 52.46 3.46
N GLN R 55 -11.39 51.16 3.58
CA GLN R 55 -10.69 50.61 4.73
C GLN R 55 -9.25 51.15 4.78
N SER R 56 -8.76 51.34 5.99
CA SER R 56 -7.40 51.87 6.19
C SER R 56 -6.38 50.94 5.55
N GLY R 57 -5.45 51.53 4.80
CA GLY R 57 -4.40 50.78 4.13
C GLY R 57 -4.71 50.39 2.71
N VAL R 58 -5.97 50.47 2.28
CA VAL R 58 -6.37 50.09 0.93
C VAL R 58 -6.06 51.23 -0.02
N PRO R 59 -5.47 50.96 -1.18
CA PRO R 59 -5.15 52.03 -2.13
C PRO R 59 -6.39 52.81 -2.55
N SER R 60 -6.18 54.09 -2.85
CA SER R 60 -7.28 55.01 -3.13
C SER R 60 -7.95 54.74 -4.47
N ARG R 61 -7.36 53.92 -5.35
CA ARG R 61 -8.01 53.59 -6.60
C ARG R 61 -9.27 52.76 -6.40
N PHE R 62 -9.43 52.15 -5.23
CA PHE R 62 -10.64 51.43 -4.88
C PHE R 62 -11.69 52.39 -4.33
N SER R 63 -12.94 52.19 -4.72
CA SER R 63 -14.03 53.02 -4.23
C SER R 63 -15.34 52.27 -4.39
N GLY R 64 -16.19 52.36 -3.36
CA GLY R 64 -17.51 51.76 -3.39
C GLY R 64 -18.57 52.84 -3.48
N SER R 65 -19.73 52.50 -4.02
CA SER R 65 -20.81 53.46 -4.17
C SER R 65 -22.14 52.71 -4.24
N GLY R 66 -23.20 53.43 -3.94
CA GLY R 66 -24.54 52.88 -3.99
C GLY R 66 -25.14 52.74 -2.60
N SER R 67 -26.47 52.68 -2.57
CA SER R 67 -27.20 52.49 -1.33
C SER R 67 -28.57 51.92 -1.66
N GLY R 68 -29.06 51.03 -0.79
CA GLY R 68 -30.35 50.41 -0.99
C GLY R 68 -30.26 49.00 -1.52
N THR R 69 -30.25 48.86 -2.85
CA THR R 69 -30.17 47.55 -3.49
C THR R 69 -29.01 47.41 -4.46
N ASP R 70 -28.63 48.47 -5.17
CA ASP R 70 -27.58 48.41 -6.18
C ASP R 70 -26.29 49.02 -5.62
N PHE R 71 -25.19 48.29 -5.74
CA PHE R 71 -23.89 48.72 -5.26
C PHE R 71 -22.85 48.39 -6.32
N THR R 72 -21.79 49.21 -6.37
CA THR R 72 -20.72 49.01 -7.34
C THR R 72 -19.36 49.20 -6.69
N LEU R 73 -18.45 48.28 -6.97
CA LEU R 73 -17.04 48.44 -6.63
C LEU R 73 -16.28 48.92 -7.86
N THR R 74 -15.39 49.88 -7.67
CA THR R 74 -14.72 50.57 -8.78
C THR R 74 -13.22 50.60 -8.54
N ILE R 75 -12.45 50.05 -9.48
CA ILE R 75 -11.01 50.17 -9.50
C ILE R 75 -10.67 51.14 -10.62
N SER R 76 -10.34 52.38 -10.25
CA SER R 76 -10.18 53.45 -11.25
C SER R 76 -9.02 53.18 -12.19
N SER R 77 -7.93 52.60 -11.70
CA SER R 77 -6.77 52.30 -12.54
C SER R 77 -6.18 50.98 -12.06
N LEU R 78 -6.53 49.90 -12.76
CA LEU R 78 -6.15 48.56 -12.32
C LEU R 78 -4.64 48.41 -12.31
N GLN R 79 -4.13 47.83 -11.23
CA GLN R 79 -2.71 47.57 -11.04
C GLN R 79 -2.43 46.07 -11.07
N PRO R 80 -1.18 45.66 -11.29
CA PRO R 80 -0.89 44.23 -11.39
C PRO R 80 -1.29 43.41 -10.17
N GLU R 81 -1.21 43.99 -8.97
CA GLU R 81 -1.58 43.25 -7.76
C GLU R 81 -3.09 43.27 -7.49
N ASP R 82 -3.90 43.65 -8.47
CA ASP R 82 -5.35 43.72 -8.29
C ASP R 82 -6.08 42.60 -9.01
N PHE R 83 -5.38 41.73 -9.72
CA PHE R 83 -6.00 40.57 -10.36
C PHE R 83 -6.34 39.54 -9.28
N ALA R 84 -7.59 39.53 -8.86
CA ALA R 84 -8.03 38.63 -7.79
C ALA R 84 -9.51 38.33 -8.00
N THR R 85 -10.16 37.84 -6.94
CA THR R 85 -11.60 37.60 -6.94
C THR R 85 -12.22 38.45 -5.85
N TYR R 86 -13.29 39.17 -6.21
CA TYR R 86 -13.91 40.15 -5.31
C TYR R 86 -15.30 39.71 -4.92
N TYR R 87 -15.65 39.94 -3.64
CA TYR R 87 -16.95 39.58 -3.09
C TYR R 87 -17.58 40.79 -2.42
N CYS R 88 -18.90 40.84 -2.47
CA CYS R 88 -19.68 41.77 -1.66
C CYS R 88 -20.36 41.00 -0.54
N GLN R 89 -20.56 41.68 0.59
CA GLN R 89 -21.16 41.05 1.76
C GLN R 89 -22.25 41.95 2.34
N GLN R 90 -23.36 41.32 2.73
CA GLN R 90 -24.43 41.98 3.46
C GLN R 90 -24.08 41.92 4.94
N LEU R 91 -23.28 42.88 5.41
CA LEU R 91 -22.86 42.89 6.81
C LEU R 91 -23.92 43.55 7.70
N ASP R 92 -25.11 42.97 7.67
CA ASP R 92 -26.25 43.49 8.41
C ASP R 92 -26.84 42.39 9.28
N SER R 93 -27.33 42.78 10.46
CA SER R 93 -27.82 41.81 11.45
C SER R 93 -29.03 41.04 10.94
N TYR R 94 -30.07 41.75 10.47
CA TYR R 94 -31.26 41.05 10.02
C TYR R 94 -31.33 41.07 8.51
N PRO R 95 -31.67 39.94 7.86
CA PRO R 95 -31.95 38.61 8.40
C PRO R 95 -30.71 37.72 8.48
N PRO R 96 -30.45 37.13 9.67
CA PRO R 96 -29.16 36.51 10.01
C PRO R 96 -28.12 36.41 8.89
N GLY R 97 -27.73 35.18 8.56
CA GLY R 97 -26.92 34.89 7.37
C GLY R 97 -25.60 35.60 7.14
N TYR R 98 -25.62 36.93 6.98
CA TYR R 98 -24.48 37.66 6.44
C TYR R 98 -24.03 37.03 5.13
N THR R 99 -24.78 37.25 4.06
CA THR R 99 -24.54 36.55 2.81
C THR R 99 -23.46 37.26 1.99
N PHE R 100 -22.72 36.46 1.22
CA PHE R 100 -21.71 36.96 0.31
C PHE R 100 -22.19 36.85 -1.14
N GLY R 101 -21.64 37.69 -1.99
CA GLY R 101 -21.92 37.59 -3.42
C GLY R 101 -21.25 36.37 -4.03
N GLN R 102 -21.69 36.04 -5.25
CA GLN R 102 -21.13 34.90 -5.95
C GLN R 102 -19.66 35.09 -6.29
N GLY R 103 -19.19 36.33 -6.36
CA GLY R 103 -17.78 36.59 -6.62
C GLY R 103 -17.51 36.92 -8.06
N THR R 104 -16.49 37.75 -8.28
CA THR R 104 -16.10 38.18 -9.62
C THR R 104 -14.61 38.00 -9.78
N LYS R 105 -14.21 37.12 -10.69
CA LYS R 105 -12.80 36.89 -11.00
C LYS R 105 -12.34 37.88 -12.04
N VAL R 106 -11.24 38.57 -11.76
CA VAL R 106 -10.67 39.58 -12.65
C VAL R 106 -9.35 39.03 -13.15
N ASP R 107 -9.35 38.49 -14.36
CA ASP R 107 -8.16 37.89 -14.94
C ASP R 107 -7.48 38.86 -15.90
N ILE R 108 -6.31 38.45 -16.39
CA ILE R 108 -5.49 39.30 -17.24
C ILE R 108 -5.99 39.22 -18.68
N LYS R 109 -6.25 40.37 -19.28
CA LYS R 109 -6.75 40.42 -20.65
C LYS R 109 -5.58 40.32 -21.63
N ARG R 110 -5.40 39.70 -22.77
CA ARG R 110 -4.47 39.53 -23.87
C ARG R 110 -5.26 39.20 -25.13
N THR R 111 -4.55 39.04 -26.25
CA THR R 111 -5.21 38.72 -27.50
C THR R 111 -5.83 37.33 -27.43
N VAL R 112 -6.87 37.12 -28.24
CA VAL R 112 -7.56 35.84 -28.25
C VAL R 112 -6.63 34.77 -28.76
N ALA R 113 -6.60 33.63 -28.06
CA ALA R 113 -5.76 32.49 -28.45
C ALA R 113 -6.63 31.25 -28.47
N ALA R 114 -6.66 30.56 -29.61
CA ALA R 114 -7.44 29.34 -29.74
C ALA R 114 -6.70 28.17 -29.11
N PRO R 115 -7.43 27.21 -28.54
CA PRO R 115 -6.78 26.08 -27.87
C PRO R 115 -6.34 25.00 -28.84
N SER R 116 -5.28 24.29 -28.44
CA SER R 116 -4.84 23.09 -29.12
C SER R 116 -5.54 21.90 -28.48
N VAL R 117 -6.31 21.16 -29.27
CA VAL R 117 -7.17 20.09 -28.75
C VAL R 117 -6.51 18.74 -29.02
N PHE R 118 -6.39 17.94 -27.97
CA PHE R 118 -5.85 16.59 -28.05
C PHE R 118 -6.77 15.64 -27.30
N ILE R 119 -7.01 14.47 -27.88
CA ILE R 119 -7.80 13.43 -27.24
C ILE R 119 -6.88 12.23 -26.97
N PHE R 120 -7.06 11.62 -25.80
CA PHE R 120 -6.22 10.50 -25.37
C PHE R 120 -7.11 9.31 -25.05
N PRO R 121 -6.96 8.18 -25.75
CA PRO R 121 -7.73 6.99 -25.40
C PRO R 121 -7.28 6.43 -24.07
N PRO R 122 -8.09 5.62 -23.41
CA PRO R 122 -7.62 4.95 -22.19
C PRO R 122 -6.48 4.00 -22.52
N SER R 123 -5.57 3.86 -21.57
CA SER R 123 -4.41 3.00 -21.76
C SER R 123 -4.81 1.53 -21.66
N ASP R 124 -4.05 0.68 -22.34
CA ASP R 124 -4.27 -0.77 -22.22
C ASP R 124 -4.09 -1.24 -20.79
N GLU R 125 -3.17 -0.60 -20.05
CA GLU R 125 -2.94 -0.99 -18.67
C GLU R 125 -4.15 -0.70 -17.80
N GLN R 126 -4.85 0.41 -18.06
CA GLN R 126 -6.01 0.77 -17.27
C GLN R 126 -7.23 -0.07 -17.65
N LEU R 127 -7.40 -0.37 -18.93
CA LEU R 127 -8.50 -1.23 -19.35
C LEU R 127 -8.40 -2.61 -18.69
N LYS R 128 -7.19 -3.05 -18.36
CA LYS R 128 -7.02 -4.31 -17.65
C LYS R 128 -7.59 -4.25 -16.24
N SER R 129 -7.75 -3.06 -15.67
CA SER R 129 -8.30 -2.90 -14.34
C SER R 129 -9.82 -2.87 -14.32
N GLY R 130 -10.45 -2.45 -15.42
CA GLY R 130 -11.90 -2.43 -15.52
C GLY R 130 -12.50 -1.04 -15.71
N THR R 131 -11.69 0.02 -15.79
CA THR R 131 -12.18 1.37 -15.94
C THR R 131 -11.49 2.04 -17.11
N ALA R 132 -12.23 2.80 -17.91
CA ALA R 132 -11.71 3.50 -19.06
C ALA R 132 -11.82 5.00 -18.84
N SER R 133 -10.67 5.68 -18.84
CA SER R 133 -10.62 7.13 -18.67
C SER R 133 -10.12 7.76 -19.97
N VAL R 134 -11.01 8.49 -20.64
CA VAL R 134 -10.67 9.23 -21.85
C VAL R 134 -10.47 10.69 -21.48
N VAL R 135 -9.36 11.27 -21.92
CA VAL R 135 -8.95 12.62 -21.52
C VAL R 135 -8.89 13.50 -22.76
N CYS R 136 -9.46 14.70 -22.65
CA CYS R 136 -9.43 15.71 -23.70
C CYS R 136 -8.67 16.92 -23.19
N LEU R 137 -7.69 17.38 -23.95
CA LEU R 137 -6.80 18.46 -23.53
C LEU R 137 -7.05 19.71 -24.36
N LEU R 138 -7.22 20.85 -23.68
CA LEU R 138 -7.29 22.17 -24.30
C LEU R 138 -6.07 22.95 -23.85
N ASN R 139 -5.12 23.15 -24.74
CA ASN R 139 -3.81 23.67 -24.38
C ASN R 139 -3.67 25.14 -24.77
N ASN R 140 -3.30 25.97 -23.80
CA ASN R 140 -2.92 27.36 -24.03
C ASN R 140 -3.96 28.13 -24.84
N PHE R 141 -5.06 28.52 -24.21
CA PHE R 141 -6.09 29.31 -24.86
C PHE R 141 -6.42 30.55 -24.03
N TYR R 142 -7.19 31.44 -24.64
CA TYR R 142 -7.68 32.64 -23.98
C TYR R 142 -8.84 33.21 -24.78
N PRO R 143 -9.93 33.65 -24.14
CA PRO R 143 -10.13 33.71 -22.68
C PRO R 143 -10.42 32.36 -22.01
N ARG R 144 -10.78 32.42 -20.73
CA ARG R 144 -11.01 31.21 -19.94
C ARG R 144 -12.23 30.45 -20.42
N GLU R 145 -13.28 31.18 -20.83
CA GLU R 145 -14.55 30.56 -21.19
C GLU R 145 -14.36 29.59 -22.35
N ALA R 146 -14.65 28.32 -22.10
CA ALA R 146 -14.53 27.28 -23.12
C ALA R 146 -15.53 26.17 -22.81
N LYS R 147 -16.13 25.62 -23.86
CA LYS R 147 -17.17 24.60 -23.74
C LYS R 147 -16.69 23.31 -24.39
N VAL R 148 -16.69 22.22 -23.63
CA VAL R 148 -16.23 20.92 -24.08
C VAL R 148 -17.41 19.95 -24.05
N GLN R 149 -17.68 19.32 -25.18
CA GLN R 149 -18.80 18.39 -25.32
C GLN R 149 -18.28 17.04 -25.78
N TRP R 150 -18.43 16.02 -24.95
CA TRP R 150 -18.06 14.66 -25.33
C TRP R 150 -19.15 14.04 -26.19
N LYS R 151 -18.73 13.26 -27.17
CA LYS R 151 -19.65 12.52 -28.04
C LYS R 151 -19.16 11.07 -28.14
N VAL R 152 -20.07 10.14 -27.88
CA VAL R 152 -19.78 8.72 -27.94
C VAL R 152 -20.72 8.11 -28.97
N ASP R 153 -20.18 7.76 -30.14
CA ASP R 153 -20.98 7.33 -31.29
C ASP R 153 -22.03 8.38 -31.63
N ASN R 154 -21.60 9.65 -31.63
CA ASN R 154 -22.43 10.83 -31.89
C ASN R 154 -23.48 11.09 -30.81
N ALA R 155 -23.41 10.39 -29.69
CA ALA R 155 -24.34 10.61 -28.58
C ALA R 155 -23.70 11.57 -27.58
N LEU R 156 -24.33 12.71 -27.35
CA LEU R 156 -23.78 13.73 -26.47
C LEU R 156 -23.80 13.25 -25.03
N GLN R 157 -22.62 13.17 -24.41
CA GLN R 157 -22.45 12.61 -23.07
C GLN R 157 -22.40 13.72 -22.04
N SER R 158 -23.22 13.59 -20.99
CA SER R 158 -23.22 14.53 -19.89
C SER R 158 -23.42 13.77 -18.58
N GLY R 159 -22.72 14.20 -17.54
CA GLY R 159 -22.83 13.61 -16.23
C GLY R 159 -21.73 12.64 -15.86
N ASN R 160 -20.93 12.19 -16.82
CA ASN R 160 -19.84 11.26 -16.57
C ASN R 160 -18.49 11.85 -16.93
N SER R 161 -18.37 13.18 -16.84
CA SER R 161 -17.12 13.85 -17.15
C SER R 161 -16.86 14.92 -16.10
N GLN R 162 -15.58 15.17 -15.83
CA GLN R 162 -15.14 16.23 -14.93
C GLN R 162 -14.06 17.04 -15.62
N GLU R 163 -13.94 18.29 -15.22
CA GLU R 163 -12.98 19.22 -15.82
C GLU R 163 -12.07 19.81 -14.76
N SER R 164 -10.93 20.32 -15.24
CA SER R 164 -9.94 20.96 -14.38
C SER R 164 -9.24 22.04 -15.21
N VAL R 165 -9.06 23.22 -14.63
CA VAL R 165 -8.46 24.35 -15.33
CA VAL R 165 -8.46 24.35 -15.33
C VAL R 165 -7.24 24.82 -14.55
N THR R 166 -6.15 25.09 -15.27
CA THR R 166 -4.96 25.66 -14.66
C THR R 166 -5.16 27.15 -14.44
N GLU R 167 -4.36 27.71 -13.53
CA GLU R 167 -4.36 29.15 -13.36
C GLU R 167 -3.70 29.82 -14.56
N GLN R 168 -4.00 31.11 -14.73
CA GLN R 168 -3.50 31.85 -15.89
C GLN R 168 -1.97 31.81 -15.91
N ASP R 169 -1.42 31.30 -17.01
CA ASP R 169 0.01 31.05 -17.10
C ASP R 169 0.78 32.36 -16.92
N SER R 170 1.85 32.30 -16.11
CA SER R 170 2.61 33.48 -15.72
C SER R 170 3.45 34.05 -16.86
N LYS R 171 3.46 33.43 -18.04
CA LYS R 171 4.32 33.90 -19.13
C LYS R 171 3.54 34.31 -20.37
N ASP R 172 2.53 33.55 -20.78
CA ASP R 172 1.74 33.91 -21.95
C ASP R 172 0.28 34.21 -21.63
N SER R 173 -0.10 34.21 -20.35
CA SER R 173 -1.45 34.60 -19.92
C SER R 173 -2.53 33.73 -20.54
N THR R 174 -2.23 32.45 -20.77
CA THR R 174 -3.17 31.51 -21.34
C THR R 174 -3.65 30.53 -20.28
N TYR R 175 -4.76 29.86 -20.58
CA TYR R 175 -5.32 28.82 -19.74
C TYR R 175 -5.19 27.47 -20.43
N SER R 176 -5.25 26.41 -19.62
CA SER R 176 -5.24 25.04 -20.12
C SER R 176 -6.24 24.22 -19.34
N LEU R 177 -7.04 23.42 -20.05
CA LEU R 177 -8.14 22.68 -19.46
C LEU R 177 -8.03 21.21 -19.82
N SER R 178 -8.38 20.35 -18.85
CA SER R 178 -8.46 18.92 -19.06
C SER R 178 -9.87 18.45 -18.74
N SER R 179 -10.35 17.48 -19.51
CA SER R 179 -11.67 16.90 -19.30
C SER R 179 -11.55 15.39 -19.37
N THR R 180 -12.03 14.71 -18.33
CA THR R 180 -11.86 13.27 -18.17
C THR R 180 -13.21 12.59 -18.26
N LEU R 181 -13.40 11.79 -19.30
CA LEU R 181 -14.61 10.99 -19.49
C LEU R 181 -14.34 9.58 -18.95
N THR R 182 -15.11 9.17 -17.95
CA THR R 182 -14.91 7.90 -17.27
C THR R 182 -16.06 6.95 -17.57
N LEU R 183 -15.72 5.73 -17.98
CA LEU R 183 -16.68 4.68 -18.26
C LEU R 183 -16.19 3.38 -17.65
N SER R 184 -17.10 2.42 -17.54
CA SER R 184 -16.68 1.06 -17.24
C SER R 184 -16.08 0.43 -18.49
N LYS R 185 -15.25 -0.60 -18.29
CA LYS R 185 -14.65 -1.29 -19.43
C LYS R 185 -15.72 -1.88 -20.33
N ALA R 186 -16.78 -2.44 -19.73
CA ALA R 186 -17.86 -3.02 -20.53
C ALA R 186 -18.56 -1.97 -21.36
N ASP R 187 -18.85 -0.80 -20.77
CA ASP R 187 -19.49 0.27 -21.52
C ASP R 187 -18.57 0.84 -22.57
N TYR R 188 -17.27 0.94 -22.27
CA TYR R 188 -16.32 1.48 -23.23
C TYR R 188 -16.22 0.60 -24.47
N GLU R 189 -16.34 -0.71 -24.31
CA GLU R 189 -16.27 -1.64 -25.43
C GLU R 189 -17.59 -1.75 -26.19
N LYS R 190 -18.62 -1.01 -25.79
CA LYS R 190 -19.89 -1.01 -26.50
C LYS R 190 -19.97 0.02 -27.61
N HIS R 191 -18.98 0.91 -27.73
CA HIS R 191 -19.02 2.00 -28.68
C HIS R 191 -17.69 2.10 -29.40
N LYS R 192 -17.69 2.84 -30.51
CA LYS R 192 -16.54 2.92 -31.41
C LYS R 192 -15.92 4.31 -31.47
N VAL R 193 -16.70 5.33 -31.83
CA VAL R 193 -16.17 6.66 -32.08
C VAL R 193 -16.25 7.48 -30.80
N TYR R 194 -15.10 7.94 -30.31
CA TYR R 194 -15.00 8.78 -29.12
C TYR R 194 -14.40 10.12 -29.52
N ALA R 195 -15.11 11.20 -29.19
CA ALA R 195 -14.68 12.53 -29.59
C ALA R 195 -15.04 13.54 -28.51
N CYS R 196 -14.25 14.61 -28.44
CA CYS R 196 -14.59 15.79 -27.66
C CYS R 196 -14.66 16.99 -28.61
N GLU R 197 -15.78 17.70 -28.56
CA GLU R 197 -16.01 18.88 -29.39
C GLU R 197 -15.71 20.12 -28.56
N VAL R 198 -14.81 20.97 -29.06
CA VAL R 198 -14.36 22.16 -28.35
C VAL R 198 -14.86 23.39 -29.09
N THR R 199 -15.62 24.23 -28.38
CA THR R 199 -16.04 25.53 -28.89
C THR R 199 -15.33 26.62 -28.09
N HIS R 200 -14.81 27.62 -28.80
CA HIS R 200 -14.05 28.68 -28.17
C HIS R 200 -14.09 29.91 -29.07
N GLN R 201 -13.88 31.08 -28.45
CA GLN R 201 -13.94 32.33 -29.20
C GLN R 201 -12.87 32.38 -30.28
N GLY R 202 -11.73 31.75 -30.06
CA GLY R 202 -10.67 31.73 -31.04
C GLY R 202 -10.87 30.77 -32.19
N LEU R 203 -11.94 29.99 -32.17
CA LEU R 203 -12.24 29.02 -33.20
C LEU R 203 -13.46 29.49 -33.99
N SER R 204 -13.31 29.58 -35.32
CA SER R 204 -14.42 30.01 -36.16
C SER R 204 -15.58 29.02 -36.13
N SER R 205 -15.28 27.75 -35.87
CA SER R 205 -16.29 26.71 -35.75
C SER R 205 -15.81 25.67 -34.75
N PRO R 206 -16.70 24.90 -34.16
CA PRO R 206 -16.28 23.90 -33.16
C PRO R 206 -15.26 22.93 -33.75
N VAL R 207 -14.17 22.71 -33.00
CA VAL R 207 -13.11 21.78 -33.37
C VAL R 207 -13.36 20.46 -32.66
N THR R 208 -13.22 19.36 -33.40
CA THR R 208 -13.47 18.02 -32.87
C THR R 208 -12.27 17.14 -33.11
N LYS R 209 -11.79 16.50 -32.05
CA LYS R 209 -10.72 15.51 -32.12
C LYS R 209 -11.27 14.17 -31.67
N SER R 210 -11.01 13.13 -32.45
CA SER R 210 -11.65 11.84 -32.21
C SER R 210 -10.67 10.70 -32.47
N PHE R 211 -11.03 9.53 -31.93
CA PHE R 211 -10.36 8.28 -32.24
C PHE R 211 -11.41 7.17 -32.30
N ASN R 212 -11.03 6.06 -32.92
CA ASN R 212 -11.86 4.88 -33.00
C ASN R 212 -11.28 3.80 -32.11
N ARG R 213 -12.14 3.17 -31.30
CA ARG R 213 -11.68 2.19 -30.32
C ARG R 213 -11.01 0.99 -30.99
N GLY R 214 -9.70 0.87 -30.82
CA GLY R 214 -8.96 -0.25 -31.36
C GLY R 214 -8.24 0.00 -32.67
N GLU R 215 -8.06 1.26 -33.07
CA GLU R 215 -7.37 1.57 -34.31
C GLU R 215 -6.07 2.34 -34.06
N GLU S 1 44.67 -21.45 -26.63
CA GLU S 1 44.84 -21.84 -28.03
C GLU S 1 44.83 -23.36 -28.09
N VAL S 2 44.10 -23.96 -29.04
CA VAL S 2 44.04 -25.42 -29.16
C VAL S 2 45.32 -25.91 -29.84
N GLN S 3 45.92 -26.97 -29.29
CA GLN S 3 47.09 -27.61 -29.90
C GLN S 3 46.82 -29.09 -30.11
N LEU S 4 47.43 -29.60 -31.17
CA LEU S 4 47.29 -30.98 -31.63
C LEU S 4 48.66 -31.63 -31.69
N LEU S 5 48.76 -32.83 -31.11
CA LEU S 5 49.99 -33.62 -31.10
C LEU S 5 49.72 -35.05 -31.56
N GLU S 6 50.24 -35.39 -32.74
CA GLU S 6 50.21 -36.73 -33.29
C GLU S 6 51.20 -37.66 -32.58
N SER S 7 50.79 -38.92 -32.42
CA SER S 7 51.58 -40.01 -31.86
C SER S 7 51.19 -41.33 -32.51
N GLY S 8 52.12 -42.28 -32.57
CA GLY S 8 51.90 -43.60 -33.17
C GLY S 8 53.21 -44.21 -33.67
N PRO S 9 53.15 -45.37 -34.33
CA PRO S 9 54.34 -46.03 -34.84
C PRO S 9 54.91 -45.25 -36.05
N GLY S 10 56.20 -44.91 -36.01
CA GLY S 10 56.89 -44.30 -37.16
C GLY S 10 57.19 -45.31 -38.28
N LEU S 11 57.28 -46.61 -37.94
CA LEU S 11 57.54 -47.70 -38.87
C LEU S 11 56.53 -48.83 -38.61
N VAL S 12 55.91 -49.34 -39.66
CA VAL S 12 54.94 -50.45 -39.63
C VAL S 12 55.27 -51.47 -40.70
N LYS S 13 54.93 -52.74 -40.49
CA LYS S 13 55.11 -53.77 -41.52
C LYS S 13 53.89 -53.81 -42.46
N PRO S 14 54.06 -54.26 -43.71
CA PRO S 14 52.94 -54.51 -44.59
C PRO S 14 51.88 -55.41 -43.94
N SER S 15 50.62 -55.16 -44.27
CA SER S 15 49.45 -55.90 -43.76
C SER S 15 49.13 -55.72 -42.27
N GLU S 16 49.96 -55.03 -41.49
CA GLU S 16 49.64 -54.65 -40.11
C GLU S 16 48.58 -53.54 -40.07
N THR S 17 48.14 -53.20 -38.86
CA THR S 17 47.22 -52.08 -38.61
C THR S 17 47.99 -50.90 -38.03
N LEU S 18 48.03 -49.79 -38.76
CA LEU S 18 48.53 -48.52 -38.24
C LEU S 18 47.53 -47.96 -37.23
N SER S 19 48.02 -47.55 -36.06
CA SER S 19 47.23 -46.86 -35.04
C SER S 19 47.88 -45.53 -34.70
N LEU S 20 47.25 -44.44 -35.12
CA LEU S 20 47.65 -43.07 -34.79
C LEU S 20 46.70 -42.48 -33.77
N THR S 21 47.23 -41.61 -32.92
CA THR S 21 46.45 -40.86 -31.91
C THR S 21 46.87 -39.41 -31.95
N CYS S 22 45.90 -38.51 -31.98
CA CYS S 22 46.08 -37.08 -31.84
C CYS S 22 45.57 -36.63 -30.46
N THR S 23 46.45 -36.04 -29.67
CA THR S 23 46.11 -35.47 -28.35
C THR S 23 45.74 -34.01 -28.50
N VAL S 24 44.64 -33.61 -27.86
CA VAL S 24 44.09 -32.24 -27.90
C VAL S 24 44.32 -31.53 -26.57
N SER S 25 44.92 -30.35 -26.62
CA SER S 25 45.10 -29.47 -25.45
C SER S 25 44.49 -28.08 -25.69
N GLY S 26 44.21 -27.33 -24.62
CA GLY S 26 43.89 -25.90 -24.71
C GLY S 26 42.49 -25.49 -25.19
N GLY S 27 41.51 -26.40 -25.25
CA GLY S 27 40.12 -26.06 -25.61
C GLY S 27 39.08 -27.16 -25.31
N SER S 28 37.82 -26.91 -25.73
CA SER S 28 36.71 -27.86 -25.60
C SER S 28 36.63 -28.78 -26.82
N ILE S 29 36.61 -30.08 -26.60
CA ILE S 29 36.54 -31.06 -27.69
C ILE S 29 35.22 -30.98 -28.48
N SER S 30 34.15 -30.54 -27.84
CA SER S 30 32.81 -30.52 -28.43
C SER S 30 32.58 -29.41 -29.47
N ARG S 31 33.46 -28.41 -29.55
CA ARG S 31 33.30 -27.25 -30.45
C ARG S 31 34.02 -27.41 -31.79
N TYR S 32 34.62 -28.56 -32.04
CA TYR S 32 35.38 -28.81 -33.27
C TYR S 32 34.97 -30.12 -33.93
N SER S 33 35.10 -30.14 -35.25
CA SER S 33 35.22 -31.38 -36.01
C SER S 33 36.71 -31.75 -36.11
N TRP S 34 37.00 -33.05 -36.05
CA TRP S 34 38.36 -33.58 -36.00
C TRP S 34 38.63 -34.39 -37.25
N SER S 35 39.68 -34.05 -37.98
CA SER S 35 40.01 -34.71 -39.24
C SER S 35 41.42 -35.28 -39.25
N TRP S 36 41.60 -36.35 -40.03
CA TRP S 36 42.91 -36.85 -40.43
C TRP S 36 43.15 -36.56 -41.90
N ILE S 37 44.35 -36.09 -42.20
CA ILE S 37 44.83 -35.78 -43.54
C ILE S 37 46.20 -36.46 -43.69
N ARG S 38 46.50 -37.03 -44.85
CA ARG S 38 47.85 -37.53 -45.15
C ARG S 38 48.45 -36.85 -46.36
N GLN S 39 49.78 -36.81 -46.40
CA GLN S 39 50.55 -36.26 -47.50
C GLN S 39 51.63 -37.26 -47.92
N PRO S 40 51.35 -38.10 -48.92
CA PRO S 40 52.36 -38.97 -49.50
C PRO S 40 53.47 -38.14 -50.15
N ALA S 41 54.69 -38.67 -50.16
CA ALA S 41 55.83 -37.99 -50.77
C ALA S 41 55.58 -37.70 -52.27
N GLY S 42 55.84 -36.47 -52.70
CA GLY S 42 55.61 -36.04 -54.08
C GLY S 42 54.14 -35.88 -54.48
N ARG S 43 53.20 -35.97 -53.53
CA ARG S 43 51.76 -35.78 -53.76
C ARG S 43 51.20 -34.66 -52.88
N GLY S 44 50.02 -34.19 -53.24
CA GLY S 44 49.27 -33.21 -52.43
C GLY S 44 48.65 -33.82 -51.17
N LEU S 45 47.93 -32.98 -50.44
CA LEU S 45 47.17 -33.37 -49.25
C LEU S 45 45.97 -34.26 -49.65
N GLU S 46 45.74 -35.32 -48.88
CA GLU S 46 44.63 -36.24 -49.04
C GLU S 46 43.85 -36.36 -47.74
N TRP S 47 42.60 -35.91 -47.74
CA TRP S 47 41.71 -36.04 -46.59
C TRP S 47 41.30 -37.50 -46.41
N ILE S 48 41.36 -38.00 -45.18
CA ILE S 48 41.05 -39.39 -44.84
C ILE S 48 39.63 -39.50 -44.28
N GLY S 49 39.27 -38.59 -43.39
CA GLY S 49 37.98 -38.62 -42.72
C GLY S 49 37.87 -37.54 -41.65
N ARG S 50 36.64 -37.36 -41.18
CA ARG S 50 36.25 -36.42 -40.15
C ARG S 50 35.35 -37.11 -39.14
N MET S 51 35.47 -36.68 -37.90
CA MET S 51 34.58 -37.08 -36.83
C MET S 51 34.13 -35.90 -35.99
N TYR S 52 32.94 -36.06 -35.40
CA TYR S 52 32.35 -35.10 -34.49
C TYR S 52 32.29 -35.66 -33.08
N SER S 53 32.20 -34.79 -32.08
CA SER S 53 31.98 -35.21 -30.70
C SER S 53 30.66 -35.96 -30.47
N SER S 54 29.70 -35.82 -31.38
CA SER S 54 28.44 -36.59 -31.40
C SER S 54 28.62 -38.05 -31.83
N GLY S 55 29.82 -38.44 -32.30
CA GLY S 55 30.10 -39.78 -32.82
C GLY S 55 29.88 -39.94 -34.33
N GLY S 56 29.30 -38.94 -35.01
CA GLY S 56 29.17 -38.96 -36.47
C GLY S 56 30.54 -38.97 -37.15
N THR S 57 30.70 -39.80 -38.18
CA THR S 57 31.93 -39.92 -38.97
C THR S 57 31.63 -39.79 -40.45
N ASN S 58 32.59 -39.24 -41.21
CA ASN S 58 32.59 -39.23 -42.67
C ASN S 58 33.98 -39.64 -43.12
N TYR S 59 34.08 -40.48 -44.15
CA TYR S 59 35.34 -40.97 -44.66
C TYR S 59 35.53 -40.61 -46.11
N ASN S 60 36.78 -40.61 -46.55
CA ASN S 60 37.10 -40.68 -47.96
C ASN S 60 36.72 -42.08 -48.46
N PRO S 61 35.80 -42.22 -49.44
CA PRO S 61 35.32 -43.52 -49.90
C PRO S 61 36.43 -44.49 -50.34
N SER S 62 37.54 -43.95 -50.85
CA SER S 62 38.71 -44.76 -51.27
C SER S 62 39.46 -45.45 -50.11
N LEU S 63 39.26 -44.97 -48.87
CA LEU S 63 39.91 -45.46 -47.66
C LEU S 63 38.93 -46.05 -46.65
N GLU S 64 37.62 -45.85 -46.86
CA GLU S 64 36.55 -46.20 -45.92
C GLU S 64 36.59 -47.65 -45.45
N SER S 65 36.87 -48.60 -46.35
CA SER S 65 36.94 -50.03 -46.01
C SER S 65 38.11 -50.41 -45.07
N ARG S 66 39.12 -49.55 -44.95
CA ARG S 66 40.32 -49.80 -44.13
C ARG S 66 40.42 -48.89 -42.91
N VAL S 67 39.62 -47.82 -42.83
CA VAL S 67 39.75 -46.76 -41.84
C VAL S 67 38.73 -46.89 -40.72
N THR S 68 39.16 -46.66 -39.48
CA THR S 68 38.27 -46.46 -38.34
C THR S 68 38.76 -45.28 -37.52
N MET S 69 37.87 -44.33 -37.23
CA MET S 69 38.16 -43.20 -36.34
C MET S 69 37.41 -43.34 -35.02
N SER S 70 38.07 -43.01 -33.90
CA SER S 70 37.49 -43.06 -32.55
C SER S 70 37.86 -41.83 -31.73
N LEU S 71 36.96 -41.36 -30.86
CA LEU S 71 37.16 -40.21 -29.99
C LEU S 71 37.03 -40.63 -28.52
N ASP S 72 38.05 -40.34 -27.71
CA ASP S 72 38.09 -40.53 -26.27
C ASP S 72 38.12 -39.15 -25.59
N THR S 73 36.93 -38.65 -25.22
CA THR S 73 36.78 -37.32 -24.58
C THR S 73 37.41 -37.27 -23.19
N SER S 74 37.52 -38.41 -22.50
CA SER S 74 38.11 -38.51 -21.16
C SER S 74 39.63 -38.28 -21.21
N LYS S 75 40.29 -38.81 -22.24
CA LYS S 75 41.73 -38.62 -22.48
C LYS S 75 42.05 -37.42 -23.36
N LYS S 76 41.02 -36.75 -23.87
CA LYS S 76 41.14 -35.68 -24.86
C LYS S 76 41.92 -36.09 -26.11
N GLN S 77 41.57 -37.25 -26.67
CA GLN S 77 42.27 -37.85 -27.79
C GLN S 77 41.32 -38.34 -28.86
N PHE S 78 41.73 -38.27 -30.11
CA PHE S 78 41.08 -39.00 -31.20
C PHE S 78 42.11 -39.79 -32.00
N SER S 79 41.69 -40.95 -32.49
CA SER S 79 42.59 -41.93 -33.09
C SER S 79 42.11 -42.33 -34.48
N LEU S 80 43.09 -42.71 -35.31
CA LEU S 80 42.90 -43.30 -36.62
C LEU S 80 43.50 -44.70 -36.60
N LYS S 81 42.70 -45.70 -36.97
CA LYS S 81 43.18 -47.03 -37.32
C LYS S 81 43.07 -47.22 -38.82
N LEU S 82 44.15 -47.69 -39.45
CA LEU S 82 44.19 -48.05 -40.86
C LEU S 82 44.65 -49.50 -40.97
N SER S 83 43.76 -50.40 -41.38
CA SER S 83 44.04 -51.82 -41.51
C SER S 83 44.73 -52.15 -42.85
N SER S 84 45.44 -53.27 -42.87
CA SER S 84 46.09 -53.81 -44.07
C SER S 84 46.95 -52.77 -44.79
N VAL S 85 47.90 -52.17 -44.06
CA VAL S 85 48.75 -51.10 -44.59
C VAL S 85 49.65 -51.59 -45.73
N THR S 86 49.90 -50.71 -46.68
CA THR S 86 50.72 -50.94 -47.87
C THR S 86 51.77 -49.85 -48.01
N ALA S 87 52.73 -50.04 -48.93
CA ALA S 87 53.74 -49.00 -49.22
C ALA S 87 53.10 -47.65 -49.60
N ALA S 88 51.92 -47.64 -50.24
CA ALA S 88 51.19 -46.43 -50.62
C ALA S 88 50.64 -45.64 -49.43
N ASP S 89 50.58 -46.23 -48.24
CA ASP S 89 50.17 -45.57 -47.00
C ASP S 89 51.34 -44.87 -46.30
N THR S 90 52.56 -44.93 -46.86
CA THR S 90 53.71 -44.15 -46.40
C THR S 90 53.49 -42.67 -46.70
N ALA S 91 53.36 -41.87 -45.65
CA ALA S 91 53.02 -40.45 -45.74
C ALA S 91 53.29 -39.73 -44.41
N VAL S 92 53.29 -38.40 -44.46
CA VAL S 92 53.07 -37.61 -43.25
C VAL S 92 51.59 -37.56 -42.96
N TYR S 93 51.19 -37.91 -41.73
CA TYR S 93 49.82 -37.86 -41.26
C TYR S 93 49.65 -36.68 -40.32
N TYR S 94 48.66 -35.84 -40.62
CA TYR S 94 48.28 -34.67 -39.86
C TYR S 94 46.93 -34.90 -39.22
N CYS S 95 46.80 -34.51 -37.96
CA CYS S 95 45.49 -34.23 -37.40
C CYS S 95 45.17 -32.74 -37.54
N ALA S 96 43.91 -32.44 -37.86
CA ALA S 96 43.44 -31.07 -38.01
C ALA S 96 42.06 -30.90 -37.41
N ALA S 97 41.71 -29.67 -37.05
CA ALA S 97 40.42 -29.33 -36.49
C ALA S 97 39.81 -28.14 -37.21
N ALA S 98 38.47 -28.09 -37.27
CA ALA S 98 37.73 -27.00 -37.92
C ALA S 98 37.39 -25.91 -36.94
N SER S 99 37.39 -24.67 -37.41
CA SER S 99 37.08 -23.53 -36.57
C SER S 99 35.68 -23.59 -36.00
N ILE S 100 35.51 -23.08 -34.78
CA ILE S 100 34.21 -23.05 -34.13
C ILE S 100 33.41 -21.84 -34.61
N ASP S 101 32.89 -21.93 -35.83
CA ASP S 101 32.12 -20.84 -36.42
C ASP S 101 31.01 -20.36 -35.52
N GLN S 102 30.87 -19.04 -35.42
CA GLN S 102 29.83 -18.43 -34.62
C GLN S 102 28.75 -17.94 -35.57
N VAL S 103 28.91 -16.71 -36.06
CA VAL S 103 27.97 -16.14 -37.01
C VAL S 103 28.11 -16.84 -38.34
N TRP S 104 29.35 -17.20 -38.69
CA TRP S 104 29.64 -17.89 -39.93
C TRP S 104 28.78 -19.14 -40.08
N GLY S 105 28.76 -19.95 -39.03
CA GLY S 105 27.98 -21.17 -39.02
C GLY S 105 28.23 -21.98 -37.77
N THR S 106 28.90 -23.12 -37.93
CA THR S 106 29.22 -24.00 -36.81
C THR S 106 30.59 -24.60 -37.03
N TYR S 107 30.66 -25.58 -37.92
CA TYR S 107 31.90 -26.24 -38.24
C TYR S 107 32.35 -25.80 -39.63
N ARG S 108 32.72 -24.52 -39.73
CA ARG S 108 33.17 -23.94 -40.99
C ARG S 108 34.29 -24.79 -41.57
N ASP S 109 33.96 -25.54 -42.61
CA ASP S 109 34.93 -26.43 -43.23
C ASP S 109 36.21 -25.70 -43.64
N ALA S 110 37.03 -25.36 -42.64
CA ALA S 110 38.28 -24.66 -42.86
C ALA S 110 39.23 -24.99 -41.70
N PHE S 111 40.14 -25.93 -41.92
CA PHE S 111 41.09 -26.37 -40.89
C PHE S 111 42.00 -25.23 -40.41
N ASP S 112 41.63 -24.54 -39.34
CA ASP S 112 42.43 -23.47 -38.77
C ASP S 112 43.53 -23.99 -37.83
N ILE S 113 43.30 -25.17 -37.24
CA ILE S 113 44.24 -25.81 -36.32
C ILE S 113 44.79 -27.10 -36.95
N TRP S 114 46.11 -27.22 -36.98
CA TRP S 114 46.82 -28.39 -37.49
C TRP S 114 47.84 -28.87 -36.44
N GLY S 115 48.00 -30.18 -36.32
CA GLY S 115 49.16 -30.78 -35.68
C GLY S 115 50.39 -30.68 -36.59
N GLN S 116 51.58 -30.93 -36.04
CA GLN S 116 52.83 -30.80 -36.80
C GLN S 116 53.01 -31.92 -37.84
N GLY S 117 52.22 -32.98 -37.71
CA GLY S 117 52.28 -34.17 -38.54
C GLY S 117 53.31 -35.17 -38.03
N THR S 118 53.06 -36.45 -38.34
CA THR S 118 53.97 -37.55 -38.02
C THR S 118 54.27 -38.37 -39.28
N MET S 119 55.54 -38.69 -39.51
CA MET S 119 55.95 -39.55 -40.62
C MET S 119 55.65 -41.00 -40.25
N VAL S 120 54.86 -41.67 -41.09
CA VAL S 120 54.63 -43.10 -41.03
C VAL S 120 55.25 -43.74 -42.26
N THR S 121 56.14 -44.70 -42.05
CA THR S 121 56.76 -45.49 -43.11
C THR S 121 56.27 -46.93 -43.04
N VAL S 122 55.98 -47.48 -44.21
CA VAL S 122 55.56 -48.90 -44.30
C VAL S 122 56.70 -49.71 -44.94
N SER S 123 57.47 -50.46 -44.14
CA SER S 123 58.58 -51.28 -44.70
C SER S 123 58.98 -52.38 -43.69
N SER S 124 59.40 -53.55 -44.14
CA SER S 124 59.86 -54.57 -43.17
C SER S 124 61.39 -54.63 -42.91
N SER S 126 64.12 -53.15 -41.57
CA SER S 126 64.21 -52.53 -40.23
C SER S 126 64.62 -51.06 -40.36
N THR S 127 64.05 -50.20 -39.50
CA THR S 127 64.35 -48.74 -39.50
C THR S 127 65.76 -48.63 -38.91
N LYS S 128 66.53 -47.66 -39.38
CA LYS S 128 67.94 -47.54 -38.99
C LYS S 128 68.30 -46.08 -38.76
N GLY S 129 68.87 -45.76 -37.60
CA GLY S 129 69.25 -44.40 -37.28
C GLY S 129 70.54 -43.97 -37.94
N PRO S 130 70.72 -42.67 -38.07
CA PRO S 130 71.91 -42.14 -38.75
C PRO S 130 73.14 -42.11 -37.87
N SER S 131 74.29 -42.06 -38.55
CA SER S 131 75.53 -41.57 -37.98
C SER S 131 75.65 -40.09 -38.33
N VAL S 132 76.22 -39.29 -37.43
CA VAL S 132 76.37 -37.85 -37.68
C VAL S 132 77.85 -37.51 -37.64
N PHE S 133 78.37 -36.97 -38.74
CA PHE S 133 79.79 -36.64 -38.86
C PHE S 133 79.94 -35.14 -39.08
N PRO S 134 81.00 -34.53 -38.57
CA PRO S 134 81.15 -33.08 -38.74
C PRO S 134 81.66 -32.76 -40.13
N LEU S 135 81.17 -31.67 -40.70
CA LEU S 135 81.80 -31.04 -41.87
C LEU S 135 82.54 -29.84 -41.30
N ALA S 136 83.80 -30.06 -40.91
CA ALA S 136 84.52 -29.07 -40.11
C ALA S 136 84.94 -27.88 -40.96
N PRO S 137 84.82 -26.66 -40.42
CA PRO S 137 85.34 -25.50 -41.15
C PRO S 137 86.85 -25.56 -41.17
N SER S 138 87.41 -25.17 -42.32
CA SER S 138 88.84 -25.18 -42.51
C SER S 138 89.16 -24.11 -43.53
N SER S 139 90.45 -24.04 -43.91
CA SER S 139 90.84 -23.08 -44.93
C SER S 139 90.13 -23.35 -46.25
N LYS S 140 89.81 -24.62 -46.55
CA LYS S 140 89.16 -25.01 -47.80
C LYS S 140 87.64 -24.76 -47.79
N SER S 141 87.07 -24.38 -46.64
CA SER S 141 85.69 -23.96 -46.57
C SER S 141 85.57 -22.55 -45.98
N THR S 142 86.62 -21.76 -46.15
CA THR S 142 86.68 -20.39 -45.66
C THR S 142 87.19 -19.55 -46.83
N SER S 143 86.27 -18.92 -47.55
CA SER S 143 86.59 -17.98 -48.61
C SER S 143 86.51 -16.57 -48.02
N GLY S 144 87.67 -15.99 -47.70
CA GLY S 144 87.73 -14.67 -47.11
C GLY S 144 87.03 -14.56 -45.76
N GLY S 145 86.03 -13.68 -45.68
CA GLY S 145 85.32 -13.42 -44.45
C GLY S 145 84.17 -14.37 -44.14
N THR S 146 83.93 -15.36 -45.00
CA THR S 146 82.84 -16.30 -44.79
C THR S 146 83.40 -17.71 -44.72
N ALA S 147 82.94 -18.46 -43.74
CA ALA S 147 83.32 -19.85 -43.56
C ALA S 147 82.06 -20.71 -43.65
N ALA S 148 82.23 -21.95 -44.07
CA ALA S 148 81.12 -22.89 -44.09
C ALA S 148 81.45 -24.07 -43.18
N LEU S 149 80.44 -24.57 -42.48
CA LEU S 149 80.59 -25.77 -41.67
C LEU S 149 79.27 -26.52 -41.74
N GLY S 150 79.28 -27.77 -41.29
CA GLY S 150 78.04 -28.51 -41.38
C GLY S 150 78.13 -29.83 -40.66
N CYS S 151 77.06 -30.61 -40.87
CA CYS S 151 76.96 -31.98 -40.40
C CYS S 151 76.52 -32.88 -41.55
N LEU S 152 77.11 -34.06 -41.62
CA LEU S 152 76.75 -35.09 -42.58
C LEU S 152 75.95 -36.15 -41.81
N VAL S 153 74.73 -36.39 -42.23
CA VAL S 153 73.80 -37.25 -41.52
C VAL S 153 73.62 -38.46 -42.42
N LYS S 154 74.26 -39.58 -42.08
CA LYS S 154 74.52 -40.61 -43.06
C LYS S 154 73.94 -41.96 -42.62
N ASP S 155 73.45 -42.72 -43.60
CA ASP S 155 73.12 -44.15 -43.46
C ASP S 155 71.90 -44.40 -42.58
N TYR S 156 70.81 -43.66 -42.84
CA TYR S 156 69.57 -43.88 -42.10
C TYR S 156 68.45 -44.33 -43.02
N PHE S 157 67.39 -44.87 -42.39
CA PHE S 157 66.24 -45.30 -43.15
C PHE S 157 65.04 -45.42 -42.21
N PRO S 158 63.84 -45.02 -42.63
CA PRO S 158 63.47 -44.28 -43.84
C PRO S 158 63.67 -42.78 -43.61
N GLU S 159 63.29 -41.98 -44.60
CA GLU S 159 63.14 -40.55 -44.38
C GLU S 159 61.98 -40.34 -43.40
N PRO S 160 61.92 -39.17 -42.72
CA PRO S 160 62.82 -38.03 -42.82
C PRO S 160 63.72 -37.86 -41.63
N VAL S 161 64.76 -37.04 -41.78
CA VAL S 161 65.44 -36.46 -40.64
C VAL S 161 65.12 -34.98 -40.63
N THR S 162 65.21 -34.40 -39.45
CA THR S 162 65.18 -32.95 -39.29
C THR S 162 66.48 -32.51 -38.65
N VAL S 163 66.95 -31.33 -39.04
CA VAL S 163 68.18 -30.77 -38.49
C VAL S 163 67.91 -29.33 -38.10
N SER S 164 68.31 -28.95 -36.88
CA SER S 164 68.37 -27.55 -36.51
C SER S 164 69.80 -27.26 -36.07
N TRP S 165 70.09 -25.99 -35.83
CA TRP S 165 71.40 -25.59 -35.34
C TRP S 165 71.26 -24.81 -34.04
N ASN S 166 72.09 -25.16 -33.06
CA ASN S 166 72.16 -24.46 -31.78
C ASN S 166 70.77 -24.38 -31.15
N SER S 167 70.06 -25.51 -31.22
CA SER S 167 68.74 -25.67 -30.61
C SER S 167 67.74 -24.66 -31.17
N GLY S 168 67.89 -24.31 -32.45
CA GLY S 168 67.00 -23.34 -33.09
C GLY S 168 67.45 -21.90 -33.00
N ALA S 169 68.52 -21.61 -32.26
CA ALA S 169 68.99 -20.23 -32.12
C ALA S 169 69.77 -19.75 -33.33
N LEU S 170 70.22 -20.65 -34.19
CA LEU S 170 70.97 -20.30 -35.39
C LEU S 170 70.13 -20.67 -36.60
N THR S 171 69.60 -19.66 -37.29
CA THR S 171 68.86 -19.92 -38.51
C THR S 171 69.43 -19.21 -39.74
N SER S 172 70.06 -18.05 -39.58
CA SER S 172 70.58 -17.33 -40.73
C SER S 172 71.75 -18.11 -41.35
N GLY S 173 71.71 -18.27 -42.67
CA GLY S 173 72.75 -18.96 -43.39
C GLY S 173 72.68 -20.47 -43.36
N VAL S 174 71.65 -21.06 -42.74
CA VAL S 174 71.52 -22.52 -42.68
C VAL S 174 70.94 -23.04 -43.98
N HIS S 175 71.53 -24.10 -44.53
CA HIS S 175 71.00 -24.79 -45.70
C HIS S 175 70.95 -26.28 -45.38
N THR S 176 69.76 -26.84 -45.27
CA THR S 176 69.63 -28.28 -45.08
C THR S 176 69.13 -28.88 -46.39
N PHE S 177 69.90 -29.76 -46.96
CA PHE S 177 69.64 -30.23 -48.31
C PHE S 177 68.71 -31.42 -48.31
N PRO S 178 68.02 -31.64 -49.42
CA PRO S 178 67.26 -32.88 -49.59
C PRO S 178 68.16 -34.09 -49.43
N ALA S 179 67.65 -35.11 -48.77
CA ALA S 179 68.41 -36.35 -48.66
C ALA S 179 68.59 -36.99 -50.04
N VAL S 180 69.64 -37.80 -50.17
CA VAL S 180 69.84 -38.60 -51.37
C VAL S 180 69.78 -40.06 -50.94
N LEU S 181 69.19 -40.88 -51.81
CA LEU S 181 69.14 -42.32 -51.58
C LEU S 181 70.40 -42.95 -52.15
N GLN S 182 71.22 -43.54 -51.28
CA GLN S 182 72.46 -44.12 -51.72
C GLN S 182 72.22 -45.52 -52.32
N SER S 183 73.24 -46.01 -53.02
CA SER S 183 73.11 -47.33 -53.63
C SER S 183 72.96 -48.44 -52.59
N SER S 184 73.28 -48.17 -51.32
CA SER S 184 73.04 -49.12 -50.23
C SER S 184 71.57 -49.21 -49.85
N GLY S 185 70.74 -48.30 -50.34
CA GLY S 185 69.36 -48.19 -49.90
C GLY S 185 69.15 -47.41 -48.63
N LEU S 186 70.18 -46.78 -48.10
CA LEU S 186 70.11 -45.88 -46.95
C LEU S 186 70.22 -44.45 -47.47
N TYR S 187 69.64 -43.52 -46.73
CA TYR S 187 69.70 -42.11 -47.08
C TYR S 187 70.92 -41.45 -46.45
N SER S 188 71.33 -40.34 -47.06
CA SER S 188 72.34 -39.44 -46.53
C SER S 188 71.87 -38.01 -46.78
N LEU S 189 72.17 -37.12 -45.84
CA LEU S 189 71.79 -35.72 -45.98
C LEU S 189 72.89 -34.85 -45.37
N SER S 190 73.07 -33.67 -45.94
CA SER S 190 73.96 -32.68 -45.35
C SER S 190 73.17 -31.46 -44.92
N SER S 191 73.61 -30.85 -43.82
CA SER S 191 73.12 -29.53 -43.38
C SER S 191 74.34 -28.65 -43.17
N VAL S 192 74.34 -27.48 -43.78
CA VAL S 192 75.49 -26.59 -43.65
C VAL S 192 75.04 -25.22 -43.18
N VAL S 193 75.98 -24.45 -42.64
CA VAL S 193 75.76 -23.05 -42.29
C VAL S 193 76.96 -22.27 -42.75
N THR S 194 76.72 -21.08 -43.29
CA THR S 194 77.81 -20.14 -43.52
C THR S 194 77.83 -19.12 -42.40
N VAL S 195 79.04 -18.83 -41.90
CA VAL S 195 79.18 -17.99 -40.72
C VAL S 195 80.38 -17.07 -40.93
N PRO S 196 80.45 -15.97 -40.17
CA PRO S 196 81.67 -15.14 -40.19
C PRO S 196 82.88 -15.96 -39.77
N SER S 197 83.99 -15.78 -40.50
CA SER S 197 85.21 -16.48 -40.18
C SER S 197 85.71 -16.19 -38.76
N SER S 198 85.53 -14.96 -38.26
CA SER S 198 85.92 -14.63 -36.90
C SER S 198 85.14 -15.39 -35.83
N SER S 199 84.03 -16.02 -36.18
CA SER S 199 83.24 -16.74 -35.17
C SER S 199 83.70 -18.17 -34.97
N LEU S 200 84.62 -18.66 -35.79
CA LEU S 200 85.15 -20.00 -35.61
C LEU S 200 85.96 -20.09 -34.31
N GLY S 201 85.66 -21.09 -33.48
CA GLY S 201 86.25 -21.22 -32.17
C GLY S 201 85.66 -20.31 -31.12
N THR S 202 84.80 -19.38 -31.51
CA THR S 202 84.15 -18.43 -30.62
C THR S 202 82.69 -18.82 -30.37
N GLN S 203 81.92 -18.91 -31.45
CA GLN S 203 80.59 -19.46 -31.39
C GLN S 203 80.71 -20.96 -31.39
N THR S 204 80.01 -21.62 -30.47
CA THR S 204 79.87 -23.06 -30.54
C THR S 204 78.78 -23.37 -31.54
N TYR S 205 79.05 -24.32 -32.44
CA TYR S 205 78.11 -24.73 -33.47
C TYR S 205 77.76 -26.19 -33.23
N ILE S 206 76.47 -26.44 -32.99
CA ILE S 206 75.98 -27.79 -32.72
C ILE S 206 74.82 -28.05 -33.65
N CYS S 207 74.89 -29.12 -34.43
CA CYS S 207 73.72 -29.49 -35.21
C CYS S 207 72.86 -30.46 -34.41
N ASN S 208 71.57 -30.20 -34.40
CA ASN S 208 70.61 -31.05 -33.68
C ASN S 208 69.87 -31.92 -34.68
N VAL S 209 70.14 -33.22 -34.63
CA VAL S 209 69.60 -34.19 -35.59
C VAL S 209 68.53 -35.02 -34.91
N ASN S 210 67.37 -35.14 -35.56
CA ASN S 210 66.28 -35.99 -35.09
C ASN S 210 65.85 -36.90 -36.24
N HIS S 211 65.93 -38.20 -36.03
CA HIS S 211 65.38 -39.19 -36.94
C HIS S 211 64.23 -39.86 -36.19
N LYS S 212 63.03 -39.31 -36.35
CA LYS S 212 61.90 -39.81 -35.59
C LYS S 212 61.59 -41.28 -35.83
N PRO S 213 61.71 -41.85 -37.03
CA PRO S 213 61.35 -43.27 -37.19
C PRO S 213 62.14 -44.21 -36.28
N SER S 214 63.39 -43.90 -35.96
CA SER S 214 64.21 -44.75 -35.13
C SER S 214 64.37 -44.19 -33.73
N ASN S 215 63.71 -43.07 -33.45
CA ASN S 215 63.84 -42.37 -32.17
C ASN S 215 65.30 -42.05 -31.87
N THR S 216 66.06 -41.66 -32.90
CA THR S 216 67.48 -41.32 -32.74
C THR S 216 67.63 -39.80 -32.74
N LYS S 217 68.18 -39.25 -31.66
CA LYS S 217 68.49 -37.83 -31.59
C LYS S 217 69.96 -37.65 -31.23
N VAL S 218 70.64 -36.79 -31.97
CA VAL S 218 72.07 -36.56 -31.78
C VAL S 218 72.32 -35.06 -31.85
N ASP S 219 73.08 -34.52 -30.88
CA ASP S 219 73.57 -33.14 -30.94
C ASP S 219 75.08 -33.21 -31.17
N LYS S 220 75.53 -32.82 -32.36
CA LYS S 220 76.93 -32.96 -32.76
C LYS S 220 77.60 -31.59 -32.78
N ARG S 221 78.63 -31.42 -31.95
CA ARG S 221 79.42 -30.19 -32.00
C ARG S 221 80.40 -30.26 -33.17
N VAL S 222 80.47 -29.16 -33.91
CA VAL S 222 81.31 -29.06 -35.09
C VAL S 222 82.39 -28.04 -34.81
N GLU S 223 83.63 -28.49 -34.76
CA GLU S 223 84.73 -27.61 -34.44
C GLU S 223 85.69 -27.52 -35.62
N PRO S 224 86.44 -26.42 -35.73
CA PRO S 224 87.39 -26.26 -36.85
C PRO S 224 88.48 -27.31 -36.83
N LYS S 225 89.13 -27.46 -37.98
CA LYS S 225 90.32 -28.32 -38.10
C LYS S 225 89.98 -29.76 -37.81
N GLU T 1 -13.06 71.47 26.87
CA GLU T 1 -14.06 72.23 26.10
C GLU T 1 -13.75 72.04 24.63
N VAL T 2 -14.74 71.77 23.80
CA VAL T 2 -14.53 71.57 22.36
C VAL T 2 -14.34 72.92 21.69
N GLN T 3 -13.33 73.05 20.83
CA GLN T 3 -13.11 74.26 20.04
C GLN T 3 -13.06 73.92 18.56
N LEU T 4 -13.52 74.88 17.76
CA LEU T 4 -13.64 74.80 16.32
C LEU T 4 -12.85 75.93 15.67
N LEU T 5 -12.03 75.58 14.68
CA LEU T 5 -11.22 76.53 13.93
C LEU T 5 -11.39 76.31 12.43
N GLU T 6 -12.04 77.27 11.77
CA GLU T 6 -12.19 77.31 10.33
C GLU T 6 -10.88 77.72 9.63
N SER T 7 -10.65 77.11 8.47
CA SER T 7 -9.53 77.38 7.58
C SER T 7 -9.94 77.16 6.14
N GLY T 8 -9.29 77.86 5.20
CA GLY T 8 -9.59 77.78 3.77
C GLY T 8 -9.22 79.06 3.04
N PRO T 9 -9.51 79.17 1.74
CA PRO T 9 -9.19 80.37 0.97
C PRO T 9 -10.12 81.52 1.37
N GLY T 10 -9.54 82.68 1.71
CA GLY T 10 -10.31 83.90 1.96
C GLY T 10 -10.86 84.55 0.69
N LEU T 11 -10.21 84.30 -0.46
CA LEU T 11 -10.60 84.79 -1.78
C LEU T 11 -10.59 83.64 -2.79
N VAL T 12 -11.66 83.52 -3.58
CA VAL T 12 -11.83 82.50 -4.62
C VAL T 12 -12.31 83.16 -5.91
N LYS T 13 -11.98 82.58 -7.07
CA LYS T 13 -12.52 83.08 -8.35
C LYS T 13 -13.88 82.44 -8.65
N PRO T 14 -14.73 83.12 -9.43
CA PRO T 14 -15.97 82.52 -9.92
C PRO T 14 -15.71 81.17 -10.59
N SER T 15 -16.67 80.25 -10.45
CA SER T 15 -16.64 78.89 -11.01
C SER T 15 -15.58 77.94 -10.43
N GLU T 16 -14.69 78.40 -9.54
CA GLU T 16 -13.79 77.53 -8.78
C GLU T 16 -14.55 76.73 -7.70
N THR T 17 -13.83 75.83 -7.03
CA THR T 17 -14.35 75.07 -5.89
C THR T 17 -13.77 75.63 -4.60
N LEU T 18 -14.64 76.15 -3.74
CA LEU T 18 -14.27 76.53 -2.38
C LEU T 18 -14.05 75.26 -1.56
N SER T 19 -12.93 75.20 -0.83
CA SER T 19 -12.63 74.12 0.12
C SER T 19 -12.35 74.72 1.50
N LEU T 20 -13.29 74.52 2.42
CA LEU T 20 -13.14 74.91 3.83
C LEU T 20 -12.90 73.68 4.69
N THR T 21 -12.14 73.85 5.76
CA THR T 21 -11.87 72.82 6.75
C THR T 21 -12.04 73.40 8.14
N CYS T 22 -12.77 72.69 8.99
CA CYS T 22 -12.90 72.98 10.41
C CYS T 22 -12.12 71.95 11.22
N THR T 23 -11.16 72.43 12.02
CA THR T 23 -10.37 71.59 12.92
C THR T 23 -11.03 71.55 14.30
N VAL T 24 -11.13 70.34 14.87
CA VAL T 24 -11.77 70.07 16.15
C VAL T 24 -10.72 69.74 17.22
N SER T 25 -10.75 70.46 18.33
CA SER T 25 -9.91 70.18 19.51
C SER T 25 -10.74 69.96 20.77
N GLY T 26 -10.17 69.32 21.79
CA GLY T 26 -10.75 69.29 23.15
C GLY T 26 -11.94 68.34 23.41
N GLY T 27 -12.25 67.38 22.51
CA GLY T 27 -13.31 66.38 22.74
C GLY T 27 -13.30 65.19 21.78
N SER T 28 -14.32 64.33 21.90
CA SER T 28 -14.52 63.16 21.01
C SER T 28 -15.36 63.53 19.80
N ILE T 29 -14.86 63.23 18.61
CA ILE T 29 -15.57 63.56 17.36
C ILE T 29 -16.89 62.79 17.21
N SER T 30 -16.99 61.61 17.82
CA SER T 30 -18.15 60.72 17.67
C SER T 30 -19.39 61.15 18.45
N ARG T 31 -19.29 62.10 19.39
CA ARG T 31 -20.40 62.55 20.25
C ARG T 31 -21.13 63.78 19.71
N TYR T 32 -20.77 64.25 18.53
CA TYR T 32 -21.36 65.46 17.96
C TYR T 32 -21.79 65.23 16.51
N SER T 33 -22.84 65.96 16.12
CA SER T 33 -23.11 66.26 14.72
C SER T 33 -22.37 67.54 14.32
N TRP T 34 -21.86 67.59 13.10
CA TRP T 34 -21.01 68.67 12.60
C TRP T 34 -21.74 69.39 11.47
N SER T 35 -21.93 70.70 11.59
CA SER T 35 -22.65 71.49 10.60
C SER T 35 -21.83 72.64 10.05
N TRP T 36 -22.14 73.01 8.81
CA TRP T 36 -21.70 74.27 8.21
C TRP T 36 -22.90 75.21 8.08
N ILE T 37 -22.67 76.47 8.45
CA ILE T 37 -23.63 77.55 8.35
C ILE T 37 -22.92 78.72 7.66
N ARG T 38 -23.61 79.45 6.79
CA ARG T 38 -23.08 80.70 6.21
C ARG T 38 -23.96 81.88 6.54
N GLN T 39 -23.36 83.06 6.56
CA GLN T 39 -24.04 84.33 6.78
C GLN T 39 -23.62 85.33 5.70
N PRO T 40 -24.39 85.43 4.60
CA PRO T 40 -24.17 86.47 3.60
C PRO T 40 -24.38 87.86 4.22
N ALA T 41 -23.65 88.85 3.71
CA ALA T 41 -23.78 90.23 4.18
C ALA T 41 -25.22 90.75 4.03
N GLY T 42 -25.76 91.35 5.10
CA GLY T 42 -27.13 91.86 5.13
C GLY T 42 -28.23 90.78 5.17
N ARG T 43 -27.87 89.50 5.35
CA ARG T 43 -28.81 88.38 5.46
C ARG T 43 -28.62 87.64 6.79
N GLY T 44 -29.61 86.83 7.15
CA GLY T 44 -29.55 85.95 8.31
C GLY T 44 -28.64 84.73 8.09
N LEU T 45 -28.59 83.87 9.11
CA LEU T 45 -27.87 82.60 9.06
C LEU T 45 -28.56 81.62 8.09
N GLU T 46 -27.78 80.91 7.30
CA GLU T 46 -28.24 79.89 6.36
C GLU T 46 -27.49 78.59 6.63
N TRP T 47 -28.21 77.56 7.06
CA TRP T 47 -27.65 76.23 7.26
C TRP T 47 -27.35 75.58 5.91
N ILE T 48 -26.16 74.99 5.78
CA ILE T 48 -25.68 74.36 4.53
C ILE T 48 -25.88 72.85 4.59
N GLY T 49 -25.53 72.24 5.71
CA GLY T 49 -25.60 70.80 5.87
C GLY T 49 -25.02 70.35 7.21
N ARG T 50 -25.27 69.08 7.52
CA ARG T 50 -24.83 68.38 8.72
C ARG T 50 -24.26 67.04 8.34
N MET T 51 -23.26 66.61 9.10
CA MET T 51 -22.71 65.29 9.02
C MET T 51 -22.52 64.66 10.39
N TYR T 52 -22.56 63.33 10.41
CA TYR T 52 -22.33 62.51 11.58
C TYR T 52 -21.03 61.73 11.43
N SER T 53 -20.46 61.30 12.55
CA SER T 53 -19.30 60.41 12.54
C SER T 53 -19.57 59.04 11.89
N SER T 54 -20.84 58.65 11.77
CA SER T 54 -21.27 57.44 11.03
C SER T 54 -21.20 57.61 9.51
N GLY T 55 -20.91 58.82 8.99
CA GLY T 55 -20.88 59.12 7.56
C GLY T 55 -22.21 59.62 6.98
N GLY T 56 -23.30 59.56 7.75
CA GLY T 56 -24.59 60.14 7.33
C GLY T 56 -24.48 61.64 7.11
N THR T 57 -25.07 62.15 6.03
CA THR T 57 -25.10 63.58 5.70
C THR T 57 -26.52 64.04 5.40
N ASN T 58 -26.81 65.31 5.71
CA ASN T 58 -28.04 65.98 5.31
C ASN T 58 -27.64 67.35 4.79
N TYR T 59 -28.25 67.80 3.70
CA TYR T 59 -27.93 69.08 3.08
C TYR T 59 -29.15 69.97 3.01
N ASN T 60 -28.91 71.27 2.89
CA ASN T 60 -29.91 72.21 2.42
C ASN T 60 -30.18 71.91 0.94
N PRO T 61 -31.41 71.55 0.53
CA PRO T 61 -31.71 71.15 -0.86
C PRO T 61 -31.29 72.20 -1.90
N SER T 62 -31.31 73.49 -1.54
CA SER T 62 -30.89 74.59 -2.43
C SER T 62 -29.39 74.59 -2.76
N LEU T 63 -28.58 73.92 -1.95
CA LEU T 63 -27.12 73.84 -2.08
C LEU T 63 -26.60 72.43 -2.37
N GLU T 64 -27.46 71.41 -2.23
CA GLU T 64 -27.12 70.00 -2.29
C GLU T 64 -26.35 69.61 -3.56
N SER T 65 -26.73 70.14 -4.73
CA SER T 65 -26.06 69.86 -6.00
C SER T 65 -24.62 70.37 -6.10
N ARG T 66 -24.23 71.32 -5.24
CA ARG T 66 -22.90 71.95 -5.25
C ARG T 66 -22.04 71.59 -4.03
N VAL T 67 -22.64 71.00 -2.99
CA VAL T 67 -21.99 70.80 -1.69
C VAL T 67 -21.52 69.36 -1.50
N THR T 68 -20.34 69.19 -0.92
CA THR T 68 -19.86 67.91 -0.42
C THR T 68 -19.23 68.11 0.95
N MET T 69 -19.66 67.34 1.95
CA MET T 69 -19.05 67.33 3.28
C MET T 69 -18.26 66.04 3.51
N SER T 70 -17.09 66.14 4.14
CA SER T 70 -16.24 64.99 4.48
C SER T 70 -15.67 65.10 5.90
N LEU T 71 -15.49 63.97 6.58
CA LEU T 71 -14.95 63.91 7.95
C LEU T 71 -13.68 63.04 7.95
N ASP T 72 -12.58 63.59 8.46
CA ASP T 72 -11.30 62.92 8.68
C ASP T 72 -11.06 62.83 10.20
N THR T 73 -11.45 61.69 10.78
CA THR T 73 -11.32 61.43 12.23
C THR T 73 -9.86 61.34 12.67
N SER T 74 -8.94 60.95 11.77
CA SER T 74 -7.51 60.83 12.06
C SER T 74 -6.87 62.20 12.26
N LYS T 75 -7.28 63.19 11.46
CA LYS T 75 -6.82 64.59 11.57
C LYS T 75 -7.69 65.44 12.48
N LYS T 76 -8.79 64.89 12.98
CA LYS T 76 -9.82 65.59 13.73
C LYS T 76 -10.39 66.80 12.98
N GLN T 77 -10.74 66.59 11.71
CA GLN T 77 -11.18 67.66 10.81
C GLN T 77 -12.43 67.25 10.04
N PHE T 78 -13.29 68.21 9.76
CA PHE T 78 -14.35 68.06 8.75
C PHE T 78 -14.32 69.21 7.77
N SER T 79 -14.65 68.92 6.51
CA SER T 79 -14.47 69.84 5.41
C SER T 79 -15.77 70.03 4.63
N LEU T 80 -15.90 71.21 4.03
CA LEU T 80 -16.94 71.59 3.09
C LEU T 80 -16.29 71.90 1.75
N LYS T 81 -16.75 71.24 0.70
CA LYS T 81 -16.48 71.64 -0.68
C LYS T 81 -17.73 72.22 -1.29
N LEU T 82 -17.62 73.38 -1.91
CA LEU T 82 -18.70 74.04 -2.66
C LEU T 82 -18.20 74.29 -4.08
N SER T 83 -18.76 73.58 -5.05
CA SER T 83 -18.39 73.69 -6.46
C SER T 83 -19.09 74.87 -7.15
N SER T 84 -18.49 75.34 -8.24
CA SER T 84 -19.05 76.40 -9.09
C SER T 84 -19.48 77.63 -8.30
N VAL T 85 -18.55 78.20 -7.52
CA VAL T 85 -18.85 79.34 -6.65
C VAL T 85 -19.24 80.59 -7.44
N THR T 86 -20.13 81.38 -6.86
CA THR T 86 -20.66 82.61 -7.42
C THR T 86 -20.55 83.76 -6.41
N ALA T 87 -20.79 84.99 -6.84
CA ALA T 87 -20.81 86.15 -5.94
C ALA T 87 -21.76 85.97 -4.74
N ALA T 88 -22.88 85.23 -4.92
CA ALA T 88 -23.85 84.94 -3.86
C ALA T 88 -23.32 84.00 -2.76
N ASP T 89 -22.20 83.32 -3.00
CA ASP T 89 -21.53 82.47 -2.02
C ASP T 89 -20.54 83.26 -1.15
N THR T 90 -20.40 84.57 -1.36
CA THR T 90 -19.65 85.48 -0.49
C THR T 90 -20.36 85.64 0.85
N ALA T 91 -19.75 85.13 1.91
CA ALA T 91 -20.34 85.08 3.25
C ALA T 91 -19.27 84.80 4.31
N VAL T 92 -19.64 84.99 5.58
CA VAL T 92 -18.92 84.36 6.68
C VAL T 92 -19.41 82.92 6.81
N TYR T 93 -18.49 81.96 6.82
CA TYR T 93 -18.78 80.54 7.01
C TYR T 93 -18.37 80.13 8.40
N TYR T 94 -19.31 79.53 9.12
CA TYR T 94 -19.14 78.99 10.46
C TYR T 94 -19.21 77.48 10.42
N CYS T 95 -18.32 76.83 11.15
CA CYS T 95 -18.55 75.47 11.57
C CYS T 95 -19.19 75.45 12.96
N ALA T 96 -20.15 74.55 13.17
CA ALA T 96 -20.85 74.40 14.44
C ALA T 96 -21.05 72.93 14.77
N ALA T 97 -21.22 72.63 16.06
CA ALA T 97 -21.47 71.29 16.55
C ALA T 97 -22.66 71.26 17.48
N ALA T 98 -23.37 70.14 17.51
CA ALA T 98 -24.55 69.95 18.37
C ALA T 98 -24.16 69.33 19.70
N SER T 99 -24.86 69.73 20.76
CA SER T 99 -24.59 69.23 22.09
C SER T 99 -24.78 67.72 22.19
N ILE T 100 -23.97 67.08 23.03
CA ILE T 100 -24.07 65.64 23.24
C ILE T 100 -25.15 65.34 24.26
N ASP T 101 -26.41 65.44 23.84
CA ASP T 101 -27.55 65.21 24.71
C ASP T 101 -27.46 63.88 25.44
N GLN T 102 -27.77 63.90 26.73
CA GLN T 102 -27.75 62.70 27.54
C GLN T 102 -29.20 62.27 27.74
N VAL T 103 -29.83 62.81 28.78
CA VAL T 103 -31.22 62.49 29.07
C VAL T 103 -32.10 63.16 28.01
N TRP T 104 -31.69 64.34 27.57
CA TRP T 104 -32.43 65.09 26.56
C TRP T 104 -32.65 64.23 25.32
N GLY T 105 -31.59 63.61 24.84
CA GLY T 105 -31.66 62.75 23.67
C GLY T 105 -30.29 62.28 23.25
N THR T 106 -29.83 62.78 22.10
CA THR T 106 -28.52 62.41 21.58
C THR T 106 -27.89 63.63 20.94
N TYR T 107 -28.35 63.96 19.74
CA TYR T 107 -27.85 65.12 19.02
C TYR T 107 -28.90 66.21 19.06
N ARG T 108 -29.12 66.76 20.25
CA ARG T 108 -30.10 67.83 20.46
C ARG T 108 -29.83 68.95 19.48
N ASP T 109 -30.68 69.05 18.46
CA ASP T 109 -30.50 70.07 17.43
C ASP T 109 -30.40 71.47 18.02
N ALA T 110 -29.25 71.77 18.63
CA ALA T 110 -29.00 73.06 19.23
C ALA T 110 -27.47 73.30 19.24
N PHE T 111 -26.98 74.07 18.27
CA PHE T 111 -25.56 74.35 18.14
C PHE T 111 -24.99 75.07 19.37
N ASP T 112 -24.45 74.35 20.32
CA ASP T 112 -23.84 74.94 21.52
C ASP T 112 -22.38 75.37 21.28
N ILE T 113 -21.71 74.74 20.32
CA ILE T 113 -20.32 75.04 19.95
C ILE T 113 -20.27 75.63 18.55
N TRP T 114 -19.63 76.79 18.41
CA TRP T 114 -19.41 77.48 17.15
C TRP T 114 -17.92 77.82 16.99
N GLY T 115 -17.41 77.71 15.76
CA GLY T 115 -16.16 78.35 15.37
C GLY T 115 -16.35 79.85 15.20
N GLN T 116 -15.26 80.60 15.12
CA GLN T 116 -15.31 82.07 15.02
C GLN T 116 -15.81 82.55 13.66
N GLY T 117 -15.83 81.65 12.68
CA GLY T 117 -16.20 81.94 11.31
C GLY T 117 -15.02 82.45 10.49
N THR T 118 -15.09 82.21 9.18
CA THR T 118 -14.12 82.70 8.20
C THR T 118 -14.83 83.43 7.06
N MET T 119 -14.31 84.61 6.69
CA MET T 119 -14.83 85.35 5.55
C MET T 119 -14.33 84.72 4.26
N VAL T 120 -15.25 84.33 3.39
CA VAL T 120 -14.95 83.91 2.03
C VAL T 120 -15.53 84.95 1.07
N THR T 121 -14.68 85.49 0.21
CA THR T 121 -15.06 86.41 -0.86
C THR T 121 -14.89 85.75 -2.21
N VAL T 122 -15.88 85.97 -3.08
CA VAL T 122 -15.81 85.46 -4.46
C VAL T 122 -15.59 86.64 -5.41
N SER T 123 -14.37 86.82 -5.90
CA SER T 123 -14.08 87.94 -6.85
C SER T 123 -12.79 87.65 -7.63
N SER T 124 -12.66 88.08 -8.88
CA SER T 124 -11.38 87.89 -9.59
C SER T 124 -10.40 89.09 -9.57
N SER T 126 -6.05 90.26 -7.85
CA SER T 126 -4.99 89.77 -6.91
C SER T 126 -5.26 90.29 -5.49
N THR T 127 -4.98 89.46 -4.48
CA THR T 127 -5.17 89.84 -3.05
C THR T 127 -4.03 90.81 -2.75
N LYS T 128 -4.28 91.78 -1.88
CA LYS T 128 -3.31 92.84 -1.62
C LYS T 128 -3.29 93.16 -0.12
N GLY T 129 -2.09 93.15 0.48
CA GLY T 129 -1.96 93.43 1.89
C GLY T 129 -2.01 94.91 2.21
N PRO T 130 -2.33 95.23 3.45
CA PRO T 130 -2.47 96.64 3.85
C PRO T 130 -1.15 97.31 4.15
N SER T 131 -1.19 98.64 4.08
CA SER T 131 -0.23 99.51 4.74
C SER T 131 -0.82 99.89 6.09
N VAL T 132 0.03 100.03 7.11
CA VAL T 132 -0.44 100.39 8.46
C VAL T 132 0.23 101.71 8.85
N PHE T 133 -0.58 102.71 9.14
CA PHE T 133 -0.09 104.04 9.49
C PHE T 133 -0.55 104.39 10.90
N PRO T 134 0.24 105.13 11.67
CA PRO T 134 -0.16 105.46 13.04
C PRO T 134 -1.18 106.59 13.05
N LEU T 135 -2.15 106.49 13.94
CA LEU T 135 -2.98 107.65 14.31
C LEU T 135 -2.43 108.13 15.64
N ALA T 136 -1.46 109.04 15.57
CA ALA T 136 -0.65 109.36 16.74
C ALA T 136 -1.44 110.23 17.72
N PRO T 137 -1.33 109.96 19.03
CA PRO T 137 -1.96 110.84 20.01
C PRO T 137 -1.27 112.19 20.01
N SER T 138 -2.06 113.23 20.13
CA SER T 138 -1.54 114.59 20.14
C SER T 138 -2.50 115.43 20.94
N SER T 139 -2.24 116.75 20.98
CA SER T 139 -3.15 117.65 21.69
C SER T 139 -4.55 117.61 21.09
N LYS T 140 -4.66 117.38 19.77
CA LYS T 140 -5.94 117.36 19.07
C LYS T 140 -6.71 116.04 19.26
N SER T 141 -6.09 115.03 19.86
CA SER T 141 -6.78 113.80 20.24
C SER T 141 -6.64 113.53 21.73
N THR T 142 -6.47 114.59 22.50
CA THR T 142 -6.34 114.53 23.96
C THR T 142 -7.29 115.58 24.51
N SER T 143 -8.48 115.15 24.92
CA SER T 143 -9.45 116.01 25.60
C SER T 143 -9.30 115.77 27.09
N GLY T 144 -8.62 116.69 27.78
CA GLY T 144 -8.38 116.56 29.21
C GLY T 144 -7.60 115.32 29.60
N GLY T 145 -8.19 114.47 30.44
CA GLY T 145 -7.53 113.28 30.94
C GLY T 145 -7.60 112.06 30.06
N THR T 146 -8.22 112.16 28.88
CA THR T 146 -8.35 111.04 27.97
C THR T 146 -7.70 111.40 26.64
N ALA T 147 -6.90 110.47 26.12
CA ALA T 147 -6.26 110.62 24.84
C ALA T 147 -6.74 109.49 23.93
N ALA T 148 -6.74 109.75 22.63
CA ALA T 148 -7.06 108.70 21.66
C ALA T 148 -5.86 108.48 20.74
N LEU T 149 -5.62 107.22 20.39
CA LEU T 149 -4.59 106.89 19.42
C LEU T 149 -5.10 105.70 18.62
N GLY T 150 -4.44 105.41 17.51
CA GLY T 150 -4.92 104.30 16.72
C GLY T 150 -3.97 103.94 15.62
N CYS T 151 -4.47 103.04 14.75
CA CYS T 151 -3.80 102.62 13.53
C CYS T 151 -4.80 102.71 12.38
N LEU T 152 -4.30 103.16 11.24
CA LEU T 152 -5.05 103.22 10.00
C LEU T 152 -4.53 102.08 9.12
N VAL T 153 -5.41 101.19 8.73
CA VAL T 153 -5.05 99.97 8.02
C VAL T 153 -5.63 100.14 6.62
N LYS T 154 -4.78 100.46 5.65
CA LYS T 154 -5.25 101.07 4.42
C LYS T 154 -4.84 100.25 3.20
N ASP T 155 -5.74 100.22 2.21
CA ASP T 155 -5.46 99.75 0.84
C ASP T 155 -5.23 98.24 0.75
N TYR T 156 -6.12 97.47 1.37
CA TYR T 156 -6.03 96.02 1.28
C TYR T 156 -7.24 95.42 0.57
N PHE T 157 -7.08 94.15 0.16
CA PHE T 157 -8.17 93.46 -0.49
C PHE T 157 -7.91 91.96 -0.44
N PRO T 158 -8.93 91.13 -0.20
CA PRO T 158 -10.30 91.43 0.22
C PRO T 158 -10.35 91.60 1.74
N GLU T 159 -11.55 91.80 2.28
CA GLU T 159 -11.76 91.66 3.70
C GLU T 159 -11.52 90.21 4.09
N PRO T 160 -11.24 89.92 5.37
CA PRO T 160 -11.16 90.85 6.51
C PRO T 160 -9.76 91.09 6.99
N VAL T 161 -9.59 92.14 7.79
CA VAL T 161 -8.42 92.26 8.65
C VAL T 161 -8.91 92.08 10.07
N THR T 162 -7.99 91.66 10.93
CA THR T 162 -8.19 91.65 12.36
C THR T 162 -7.14 92.53 13.00
N VAL T 163 -7.52 93.22 14.07
CA VAL T 163 -6.60 94.09 14.80
C VAL T 163 -6.71 93.77 16.28
N SER T 164 -5.58 93.58 16.93
CA SER T 164 -5.55 93.59 18.40
C SER T 164 -4.58 94.65 18.84
N TRP T 165 -4.52 94.90 20.15
CA TRP T 165 -3.57 95.85 20.70
C TRP T 165 -2.71 95.18 21.75
N ASN T 166 -1.40 95.43 21.68
CA ASN T 166 -0.44 94.94 22.68
C ASN T 166 -0.58 93.43 22.84
N SER T 167 -0.71 92.74 21.69
CA SER T 167 -0.78 91.28 21.64
C SER T 167 -1.96 90.74 22.44
N GLY T 168 -3.06 91.50 22.48
CA GLY T 168 -4.25 91.09 23.23
C GLY T 168 -4.29 91.56 24.67
N ALA T 169 -3.21 92.17 25.18
CA ALA T 169 -3.18 92.62 26.57
C ALA T 169 -3.97 93.91 26.79
N LEU T 170 -4.27 94.65 25.72
CA LEU T 170 -5.01 95.90 25.81
C LEU T 170 -6.36 95.69 25.12
N THR T 171 -7.43 95.63 25.92
CA THR T 171 -8.77 95.53 25.34
C THR T 171 -9.71 96.65 25.78
N SER T 172 -9.53 97.22 26.97
CA SER T 172 -10.43 98.27 27.42
C SER T 172 -10.23 99.53 26.56
N GLY T 173 -11.34 100.10 26.09
CA GLY T 173 -11.31 101.31 25.29
C GLY T 173 -10.96 101.10 23.83
N VAL T 174 -10.79 99.87 23.36
CA VAL T 174 -10.46 99.62 21.96
C VAL T 174 -11.74 99.66 21.11
N HIS T 175 -11.68 100.37 19.98
CA HIS T 175 -12.77 100.40 19.01
C HIS T 175 -12.19 100.09 17.65
N THR T 176 -12.52 98.95 17.07
CA THR T 176 -12.10 98.64 15.72
C THR T 176 -13.31 98.76 14.80
N PHE T 177 -13.23 99.65 13.85
CA PHE T 177 -14.40 100.01 13.06
C PHE T 177 -14.55 99.10 11.87
N PRO T 178 -15.79 99.00 11.36
CA PRO T 178 -16.01 98.31 10.09
C PRO T 178 -15.17 98.94 8.99
N ALA T 179 -14.62 98.10 8.12
CA ALA T 179 -13.88 98.63 6.99
C ALA T 179 -14.83 99.38 6.04
N VAL T 180 -14.26 100.30 5.27
CA VAL T 180 -14.99 100.98 4.22
C VAL T 180 -14.33 100.62 2.90
N LEU T 181 -15.16 100.44 1.87
CA LEU T 181 -14.67 100.19 0.53
C LEU T 181 -14.42 101.52 -0.16
N GLN T 182 -13.16 101.78 -0.49
CA GLN T 182 -12.81 103.04 -1.12
C GLN T 182 -13.11 103.00 -2.63
N SER T 183 -13.12 104.19 -3.22
CA SER T 183 -13.40 104.26 -4.66
C SER T 183 -12.33 103.56 -5.50
N SER T 184 -11.16 103.26 -4.92
CA SER T 184 -10.14 102.47 -5.59
C SER T 184 -10.47 100.98 -5.65
N GLY T 185 -11.50 100.56 -4.93
CA GLY T 185 -11.80 99.15 -4.77
C GLY T 185 -10.99 98.42 -3.71
N LEU T 186 -10.20 99.13 -2.92
CA LEU T 186 -9.45 98.60 -1.80
C LEU T 186 -10.16 99.06 -0.52
N TYR T 187 -10.02 98.26 0.53
CA TYR T 187 -10.61 98.59 1.82
C TYR T 187 -9.65 99.42 2.66
N SER T 188 -10.23 100.15 3.61
CA SER T 188 -9.51 100.86 4.66
C SER T 188 -10.26 100.66 5.96
N LEU T 189 -9.54 100.56 7.06
CA LEU T 189 -10.14 100.40 8.37
C LEU T 189 -9.32 101.15 9.41
N SER T 190 -9.98 101.67 10.43
CA SER T 190 -9.28 102.25 11.56
C SER T 190 -9.57 101.44 12.82
N SER T 191 -8.56 101.36 13.68
CA SER T 191 -8.72 100.83 15.05
C SER T 191 -8.16 101.87 16.00
N VAL T 192 -8.94 102.25 17.00
CA VAL T 192 -8.49 103.27 17.94
C VAL T 192 -8.62 102.75 19.36
N VAL T 193 -7.88 103.38 20.27
CA VAL T 193 -8.01 103.13 21.70
C VAL T 193 -8.02 104.47 22.41
N THR T 194 -8.86 104.59 23.43
CA THR T 194 -8.77 105.73 24.33
C THR T 194 -8.02 105.31 25.58
N VAL T 195 -7.10 106.15 26.03
CA VAL T 195 -6.22 105.80 27.14
C VAL T 195 -6.04 107.02 28.03
N PRO T 196 -5.60 106.81 29.29
CA PRO T 196 -5.24 107.95 30.13
C PRO T 196 -4.12 108.76 29.49
N SER T 197 -4.26 110.09 29.55
CA SER T 197 -3.25 110.97 28.98
C SER T 197 -1.87 110.76 29.62
N SER T 198 -1.82 110.46 30.92
CA SER T 198 -0.55 110.20 31.59
C SER T 198 0.18 108.96 31.06
N SER T 199 -0.51 108.09 30.32
CA SER T 199 0.12 106.86 29.84
C SER T 199 0.85 107.06 28.51
N LEU T 200 0.70 108.23 27.87
CA LEU T 200 1.41 108.50 26.64
C LEU T 200 2.92 108.60 26.89
N GLY T 201 3.71 107.88 26.10
CA GLY T 201 5.14 107.77 26.32
C GLY T 201 5.55 106.83 27.43
N THR T 202 4.59 106.33 28.20
CA THR T 202 4.83 105.41 29.30
C THR T 202 4.44 103.99 28.92
N GLN T 203 3.18 103.81 28.55
CA GLN T 203 2.74 102.56 27.98
C GLN T 203 3.13 102.56 26.52
N THR T 204 3.73 101.46 26.07
CA THR T 204 3.94 101.25 24.65
C THR T 204 2.64 100.74 24.07
N TYR T 205 2.22 101.34 22.94
CA TYR T 205 0.98 100.95 22.26
C TYR T 205 1.35 100.41 20.90
N ILE T 206 1.01 99.15 20.65
CA ILE T 206 1.32 98.49 19.38
C ILE T 206 0.03 97.88 18.86
N CYS T 207 -0.35 98.23 17.65
CA CYS T 207 -1.48 97.53 17.04
C CYS T 207 -1.00 96.33 16.25
N ASN T 208 -1.65 95.20 16.46
CA ASN T 208 -1.29 93.97 15.76
C ASN T 208 -2.29 93.71 14.65
N VAL T 209 -1.82 93.83 13.41
CA VAL T 209 -2.68 93.73 12.23
C VAL T 209 -2.41 92.40 11.53
N ASN T 210 -3.49 91.68 11.21
CA ASN T 210 -3.41 90.43 10.45
C ASN T 210 -4.38 90.51 9.28
N HIS T 211 -3.87 90.40 8.07
CA HIS T 211 -4.68 90.27 6.87
C HIS T 211 -4.43 88.86 6.35
N LYS T 212 -5.26 87.92 6.80
CA LYS T 212 -5.03 86.53 6.44
C LYS T 212 -5.05 86.24 4.94
N PRO T 213 -5.88 86.88 4.12
CA PRO T 213 -5.86 86.53 2.69
C PRO T 213 -4.50 86.72 2.02
N SER T 214 -3.71 87.70 2.45
CA SER T 214 -2.42 87.97 1.85
C SER T 214 -1.27 87.49 2.73
N ASN T 215 -1.60 86.86 3.86
CA ASN T 215 -0.63 86.43 4.84
C ASN T 215 0.25 87.61 5.29
N THR T 216 -0.35 88.78 5.45
CA THR T 216 0.37 89.99 5.88
C THR T 216 0.10 90.23 7.36
N LYS T 217 1.16 90.27 8.17
CA LYS T 217 1.04 90.61 9.59
C LYS T 217 2.01 91.75 9.91
N VAL T 218 1.49 92.76 10.59
CA VAL T 218 2.27 93.94 10.93
C VAL T 218 1.99 94.31 12.38
N ASP T 219 3.05 94.56 13.16
CA ASP T 219 2.93 95.13 14.50
C ASP T 219 3.46 96.56 14.45
N LYS T 220 2.56 97.55 14.56
CA LYS T 220 2.91 98.96 14.39
C LYS T 220 2.91 99.67 15.74
N ARG T 221 4.05 100.19 16.15
CA ARG T 221 4.10 101.00 17.36
C ARG T 221 3.59 102.40 17.06
N VAL T 222 2.74 102.91 17.96
CA VAL T 222 2.11 104.20 17.81
C VAL T 222 2.62 105.09 18.92
N GLU T 223 3.34 106.13 18.53
CA GLU T 223 3.95 107.02 19.52
C GLU T 223 3.37 108.42 19.37
N PRO T 224 3.38 109.21 20.44
CA PRO T 224 2.83 110.58 20.37
C PRO T 224 3.61 111.45 19.40
N LYS T 225 2.98 112.56 19.01
CA LYS T 225 3.62 113.59 18.20
C LYS T 225 4.03 113.05 16.84
#